data_4U1W
#
_entry.id   4U1W
#
_cell.length_a   104.500
_cell.length_b   151.110
_cell.length_c   332.530
_cell.angle_alpha   90.000
_cell.angle_beta   90.000
_cell.angle_gamma   90.000
#
_symmetry.space_group_name_H-M   'P 21 21 21'
#
loop_
_entity.id
_entity.type
_entity.pdbx_description
1 polymer 'Glutamate receptor 2'
2 non-polymer 3-(CARBOXYMETHYL)-4-ISOPROPENYLPROLINE
3 non-polymer 2-acetamido-2-deoxy-beta-D-glucopyranose
4 non-polymer "N,N'-[biphenyl-4,4'-diyldi(2R)propane-2,1-diyl]dipropane-2-sulfonamide"
#
_entity_poly.entity_id   1
_entity_poly.type   'polypeptide(L)'
_entity_poly.pdbx_seq_one_letter_code
;NSIQIGGLFPRGADQEYSAFRVGMVQFSTSEFRLTPHIDNLEVANSFAVTNAFCSQFSRGVYAIFGFYDKKSVNTITSFC
GTLHVSFITPSFPTDGTHPFVIQMRPDLKGALLSLIEYYQWDKFAYLYDSDRGLSTLQAVLDSAAEKKWQVTAINVGNIN
NDKKDETYRSLFQDLELKKERRVILDCERDKVNDIVDQVITIGKHVKGYHYIIANLGFTDGDLLKIQFGGAEVSGFQIVD
YDDSLVSKFIERWSTLEEKEYPGAHTATIKYTSALTYDAVQVMTEAFRNLRKQRIEISRRGNAGDCLANPAVPWGQGVEI
ERALKQVQVEGLSGNIKFDQNGKRINYTINIMELKTNGPRKIGYWSEVDKMVVTLTEDDTSGLEQKTVVVTTILESPYVM
MKKNHEMLEGNERYEGYCVDLAAEIAKHCGFKYKLTIVGDGKYGARDADTKIWNGMVGELVYGKADIAIAPLTITLVREE
VIDFSKPFMSLGISIMIKKPQKSKPGVFSFLDPLAYEIWMAIVFAYIGVSVVLFLVSRFSPYEWHTEEFEDGRETQSSES
TNEFGIFNSLWFSLGAFFQQGADISPRSLSARIVAGVWWFFTLIIISSYTANLAAFLTVERMVSPIESAEDLSKQTEIAY
GTLDSGSTKEFFRRSKIAVFDKMWTYMRSAEPSVFVRTTAEGVARVRKSKGKYAYLLESTMNEYIEQRKPCDTMKVGGNL
DSKGYGIATPKGSSLGTPVNLAVLKLSEQGVLDKLKNKWWYDKGECGAKDSGSKEKTSALSLSNVAGVFYILVGGLGLAM
LVALIEFAYKSRAEAKRMKGLVPR
;
_entity_poly.pdbx_strand_id   A,B,C,D
#
loop_
_chem_comp.id
_chem_comp.type
_chem_comp.name
_chem_comp.formula
FWF non-polymer N,N'-[biphenyl-4,4'-diyldi(2R)propane-2,1-diyl]dipropane-2-sulfonamide 'C24 H36 N2 O4 S2'
KAI non-polymer 3-(CARBOXYMETHYL)-4-ISOPROPENYLPROLINE 'C10 H15 N O4'
NAG D-saccharide, beta linking 2-acetamido-2-deoxy-beta-D-glucopyranose 'C8 H15 N O6'
#
# COMPACT_ATOMS: atom_id res chain seq x y z
N ASN A 1 -2.18 -12.40 83.08
CA ASN A 1 -1.47 -11.78 81.96
C ASN A 1 -2.42 -11.04 81.03
N SER A 2 -3.07 -10.00 81.54
CA SER A 2 -4.03 -9.23 80.76
C SER A 2 -3.34 -8.34 79.72
N ILE A 3 -3.74 -8.52 78.45
CA ILE A 3 -3.16 -7.77 77.34
C ILE A 3 -4.11 -6.70 76.83
N GLN A 4 -3.64 -5.46 76.81
CA GLN A 4 -4.44 -4.32 76.42
C GLN A 4 -4.53 -4.17 74.91
N ILE A 5 -5.75 -4.24 74.38
CA ILE A 5 -5.97 -4.01 72.96
C ILE A 5 -7.01 -2.91 72.76
N GLY A 6 -6.81 -2.12 71.71
CA GLY A 6 -7.76 -1.09 71.37
C GLY A 6 -8.69 -1.57 70.28
N GLY A 7 -9.79 -0.87 70.10
CA GLY A 7 -10.68 -1.18 69.00
C GLY A 7 -11.50 0.01 68.54
N LEU A 8 -11.84 0.00 67.25
CA LEU A 8 -12.51 1.10 66.60
C LEU A 8 -13.67 0.57 65.77
N PHE A 9 -14.87 1.01 66.08
CA PHE A 9 -16.03 0.53 65.37
C PHE A 9 -16.80 1.66 64.73
N PRO A 10 -17.30 1.42 63.50
CA PRO A 10 -18.12 2.40 62.77
C PRO A 10 -19.45 2.56 63.46
N ARG A 11 -19.97 3.79 63.54
CA ARG A 11 -21.27 4.01 64.12
C ARG A 11 -22.29 3.20 63.32
N GLY A 12 -23.03 2.35 64.02
CA GLY A 12 -24.06 1.55 63.39
C GLY A 12 -23.62 0.21 62.84
N ALA A 13 -22.44 -0.28 63.21
CA ALA A 13 -22.06 -1.63 62.81
C ALA A 13 -22.25 -2.55 63.98
N ASP A 14 -23.35 -3.29 63.97
CA ASP A 14 -23.74 -4.15 65.08
C ASP A 14 -23.13 -5.55 65.06
N GLN A 15 -23.15 -6.16 63.89
CA GLN A 15 -22.84 -7.59 63.78
C GLN A 15 -21.35 -7.86 63.87
N GLU A 16 -20.55 -6.90 63.45
CA GLU A 16 -19.10 -7.02 63.60
C GLU A 16 -18.73 -7.05 65.08
N TYR A 17 -19.34 -6.17 65.87
CA TYR A 17 -19.11 -6.15 67.31
C TYR A 17 -19.67 -7.39 67.97
N SER A 18 -20.80 -7.88 67.45
CA SER A 18 -21.40 -9.12 67.96
C SER A 18 -20.43 -10.29 67.79
N ALA A 19 -19.90 -10.40 66.58
CA ALA A 19 -18.92 -11.43 66.26
C ALA A 19 -17.68 -11.26 67.13
N PHE A 20 -17.35 -10.01 67.45
CA PHE A 20 -16.21 -9.73 68.31
C PHE A 20 -16.44 -10.31 69.70
N ARG A 21 -17.63 -10.05 70.27
CA ARG A 21 -17.98 -10.56 71.58
C ARG A 21 -17.98 -12.09 71.61
N VAL A 22 -18.57 -12.69 70.58
CA VAL A 22 -18.60 -14.15 70.46
C VAL A 22 -17.19 -14.73 70.39
N GLY A 23 -16.33 -14.08 69.61
CA GLY A 23 -14.94 -14.48 69.50
C GLY A 23 -14.25 -14.40 70.85
N MET A 24 -14.60 -13.36 71.61
CA MET A 24 -14.08 -13.22 72.97
C MET A 24 -14.54 -14.38 73.84
N VAL A 25 -15.77 -14.83 73.63
CA VAL A 25 -16.29 -15.96 74.40
C VAL A 25 -15.56 -17.26 74.06
N GLN A 26 -15.42 -17.55 72.77
CA GLN A 26 -14.83 -18.80 72.30
C GLN A 26 -13.33 -18.91 72.55
N PHE A 27 -12.59 -17.87 72.18
CA PHE A 27 -11.12 -17.95 72.16
C PHE A 27 -10.43 -17.49 73.43
N SER A 28 -11.21 -17.14 74.45
CA SER A 28 -10.64 -16.74 75.74
C SER A 28 -9.96 -17.91 76.44
N THR A 29 -8.83 -17.64 77.10
CA THR A 29 -8.07 -18.67 77.80
C THR A 29 -7.60 -18.22 79.18
N SER A 30 -7.13 -19.19 79.98
CA SER A 30 -6.69 -18.92 81.35
C SER A 30 -5.34 -18.23 81.42
N GLU A 31 -4.45 -18.54 80.47
CA GLU A 31 -3.11 -17.96 80.44
C GLU A 31 -3.16 -16.45 80.30
N PHE A 32 -4.02 -15.96 79.41
CA PHE A 32 -4.19 -14.53 79.21
C PHE A 32 -5.60 -14.19 78.74
N ARG A 33 -6.08 -13.03 79.16
CA ARG A 33 -7.39 -12.55 78.77
C ARG A 33 -7.26 -11.21 78.05
N LEU A 34 -7.75 -11.16 76.80
CA LEU A 34 -7.67 -9.94 76.01
C LEU A 34 -8.61 -8.88 76.55
N THR A 35 -8.07 -7.70 76.85
CA THR A 35 -8.87 -6.60 77.34
C THR A 35 -9.07 -5.54 76.26
N PRO A 36 -10.29 -5.49 75.69
CA PRO A 36 -10.65 -4.53 74.64
C PRO A 36 -10.97 -3.14 75.18
N HIS A 37 -10.66 -2.12 74.38
CA HIS A 37 -11.20 -0.79 74.65
C HIS A 37 -11.99 -0.35 73.42
N ILE A 38 -13.30 -0.21 73.59
CA ILE A 38 -14.18 0.03 72.44
C ILE A 38 -14.37 1.51 72.17
N ASP A 39 -14.06 1.94 70.95
CA ASP A 39 -14.34 3.30 70.54
C ASP A 39 -15.28 3.35 69.33
N ASN A 40 -16.50 3.83 69.56
CA ASN A 40 -17.48 3.94 68.48
C ASN A 40 -17.45 5.33 67.85
N LEU A 41 -17.22 5.39 66.55
CA LEU A 41 -17.09 6.69 65.89
C LEU A 41 -17.34 6.61 64.39
N GLU A 42 -17.62 7.77 63.78
CA GLU A 42 -17.69 7.87 62.34
C GLU A 42 -16.26 7.73 61.84
N VAL A 43 -16.05 6.74 60.96
CA VAL A 43 -14.70 6.47 60.47
C VAL A 43 -14.41 7.29 59.22
N ALA A 44 -15.44 7.93 58.68
CA ALA A 44 -15.28 8.74 57.48
C ALA A 44 -14.53 10.03 57.82
N ASN A 45 -14.51 10.37 59.10
CA ASN A 45 -13.84 11.57 59.56
C ASN A 45 -12.40 11.30 59.99
N SER A 46 -11.46 11.91 59.28
CA SER A 46 -10.04 11.68 59.52
C SER A 46 -9.60 12.20 60.89
N PHE A 47 -10.11 13.37 61.25
CA PHE A 47 -9.84 13.98 62.54
C PHE A 47 -10.24 13.05 63.67
N ALA A 48 -11.44 12.48 63.55
CA ALA A 48 -11.96 11.55 64.55
C ALA A 48 -11.09 10.30 64.65
N VAL A 49 -10.58 9.84 63.51
CA VAL A 49 -9.69 8.69 63.49
C VAL A 49 -8.40 8.98 64.23
N THR A 50 -7.78 10.12 63.92
CA THR A 50 -6.56 10.55 64.59
C THR A 50 -6.79 10.62 66.10
N ASN A 51 -7.88 11.25 66.49
CA ASN A 51 -8.26 11.37 67.89
C ASN A 51 -8.39 10.01 68.59
N ALA A 52 -9.18 9.12 68.02
CA ALA A 52 -9.42 7.81 68.63
C ALA A 52 -8.16 6.97 68.72
N PHE A 53 -7.41 6.92 67.62
CA PHE A 53 -6.16 6.16 67.57
C PHE A 53 -5.14 6.68 68.58
N CYS A 54 -4.99 7.99 68.66
CA CYS A 54 -4.06 8.58 69.60
C CYS A 54 -4.52 8.34 71.03
N SER A 55 -5.84 8.30 71.21
CA SER A 55 -6.44 7.99 72.51
C SER A 55 -6.07 6.57 72.93
N GLN A 56 -6.10 5.65 71.97
CA GLN A 56 -5.70 4.27 72.24
C GLN A 56 -4.20 4.16 72.47
N PHE A 57 -3.43 5.01 71.81
CA PHE A 57 -1.98 5.00 71.97
C PHE A 57 -1.60 5.51 73.35
N SER A 58 -2.37 6.45 73.88
CA SER A 58 -2.13 6.96 75.22
C SER A 58 -2.45 5.92 76.29
N ARG A 59 -3.42 5.05 75.97
CA ARG A 59 -3.82 4.00 76.89
C ARG A 59 -2.85 2.84 76.86
N GLY A 60 -1.93 2.88 75.90
CA GLY A 60 -0.87 1.90 75.80
C GLY A 60 -1.34 0.54 75.34
N VAL A 61 -2.17 0.50 74.30
CA VAL A 61 -2.62 -0.76 73.72
C VAL A 61 -1.49 -1.39 72.91
N TYR A 62 -1.40 -2.71 72.96
CA TYR A 62 -0.35 -3.42 72.24
C TYR A 62 -0.70 -3.59 70.76
N ALA A 63 -2.00 -3.65 70.49
CA ALA A 63 -2.49 -3.73 69.11
C ALA A 63 -3.93 -3.22 69.03
N ILE A 64 -4.35 -2.84 67.83
CA ILE A 64 -5.69 -2.24 67.67
C ILE A 64 -6.49 -2.94 66.57
N PHE A 65 -7.76 -3.23 66.85
CA PHE A 65 -8.64 -3.81 65.85
C PHE A 65 -9.71 -2.82 65.39
N GLY A 66 -9.68 -2.45 64.11
CA GLY A 66 -10.59 -1.42 63.62
C GLY A 66 -10.99 -1.48 62.15
N PHE A 67 -11.78 -0.50 61.74
CA PHE A 67 -12.26 -0.38 60.37
C PHE A 67 -11.76 0.94 59.80
N TYR A 68 -11.67 1.02 58.47
CA TYR A 68 -11.34 2.28 57.81
C TYR A 68 -12.11 2.49 56.52
N ASP A 69 -12.01 3.69 55.98
CA ASP A 69 -12.69 4.05 54.74
C ASP A 69 -11.70 4.74 53.82
N LYS A 70 -12.08 4.95 52.55
CA LYS A 70 -11.20 5.55 51.55
C LYS A 70 -10.59 6.85 52.02
N LYS A 71 -11.28 7.56 52.91
CA LYS A 71 -10.78 8.82 53.44
C LYS A 71 -9.75 8.61 54.56
N SER A 72 -10.02 7.68 55.45
CA SER A 72 -9.22 7.54 56.67
C SER A 72 -8.11 6.50 56.63
N VAL A 73 -8.00 5.75 55.54
CA VAL A 73 -7.07 4.63 55.50
C VAL A 73 -5.60 5.05 55.62
N ASN A 74 -5.24 6.16 54.96
CA ASN A 74 -3.86 6.61 54.99
C ASN A 74 -3.43 7.08 56.38
N THR A 75 -4.39 7.59 57.15
CA THR A 75 -4.12 7.99 58.53
C THR A 75 -3.64 6.78 59.31
N ILE A 76 -4.44 5.72 59.25
CA ILE A 76 -4.13 4.49 59.95
C ILE A 76 -2.81 3.89 59.49
N THR A 77 -2.62 3.80 58.17
CA THR A 77 -1.38 3.23 57.64
C THR A 77 -0.15 4.01 58.09
N SER A 78 -0.20 5.34 57.94
CA SER A 78 0.94 6.19 58.25
C SER A 78 1.25 6.18 59.75
N PHE A 79 0.20 6.26 60.57
CA PHE A 79 0.40 6.30 62.02
C PHE A 79 0.84 4.97 62.60
N CYS A 80 0.30 3.88 62.09
CA CYS A 80 0.75 2.56 62.50
C CYS A 80 2.20 2.36 62.07
N GLY A 81 2.52 2.88 60.89
CA GLY A 81 3.86 2.78 60.35
C GLY A 81 4.87 3.52 61.19
N THR A 82 4.49 4.71 61.66
CA THR A 82 5.39 5.53 62.46
C THR A 82 5.52 5.01 63.89
N LEU A 83 4.38 4.71 64.52
CA LEU A 83 4.37 4.32 65.92
C LEU A 83 4.65 2.84 66.15
N HIS A 84 4.75 2.09 65.06
CA HIS A 84 5.02 0.66 65.14
C HIS A 84 3.97 -0.08 65.97
N VAL A 85 2.71 0.32 65.80
CA VAL A 85 1.60 -0.36 66.45
C VAL A 85 0.75 -1.06 65.39
N SER A 86 0.39 -2.31 65.66
CA SER A 86 -0.29 -3.15 64.67
C SER A 86 -1.79 -2.90 64.56
N PHE A 87 -2.28 -2.85 63.32
CA PHE A 87 -3.70 -2.63 63.04
C PHE A 87 -4.31 -3.86 62.36
N ILE A 88 -5.41 -4.33 62.91
CA ILE A 88 -6.09 -5.50 62.40
C ILE A 88 -7.47 -5.09 61.89
N THR A 89 -7.75 -5.39 60.63
CA THR A 89 -8.98 -4.89 60.01
C THR A 89 -9.68 -5.89 59.11
N PRO A 90 -11.02 -5.92 59.17
CA PRO A 90 -11.93 -6.58 58.24
C PRO A 90 -12.04 -5.82 56.90
N SER A 91 -11.66 -4.55 56.89
CA SER A 91 -11.88 -3.70 55.73
C SER A 91 -11.01 -4.03 54.53
N PHE A 92 -11.17 -3.27 53.46
CA PHE A 92 -10.48 -3.53 52.19
C PHE A 92 -8.97 -3.45 52.33
N PRO A 93 -8.25 -4.33 51.63
CA PRO A 93 -6.79 -4.35 51.67
C PRO A 93 -6.22 -3.06 51.10
N THR A 94 -5.11 -2.59 51.64
CA THR A 94 -4.44 -1.39 51.12
C THR A 94 -3.89 -1.63 49.73
N ASP A 95 -3.61 -0.55 49.02
CA ASP A 95 -3.11 -0.61 47.64
C ASP A 95 -1.61 -0.85 47.61
N GLY A 96 -1.02 -1.05 48.78
CA GLY A 96 0.42 -1.05 48.91
C GLY A 96 0.96 -1.89 50.05
N THR A 97 2.26 -1.73 50.30
CA THR A 97 3.02 -2.61 51.17
C THR A 97 3.00 -2.20 52.63
N HIS A 98 2.15 -1.24 52.97
CA HIS A 98 2.19 -0.55 54.28
C HIS A 98 2.33 -1.49 55.48
N PRO A 99 3.31 -1.20 56.35
CA PRO A 99 3.70 -1.99 57.52
C PRO A 99 2.77 -1.84 58.71
N PHE A 100 2.81 -2.81 59.62
CA PHE A 100 2.01 -2.81 60.84
C PHE A 100 0.51 -2.82 60.54
N VAL A 101 0.15 -3.34 59.38
CA VAL A 101 -1.25 -3.52 59.00
C VAL A 101 -1.50 -4.97 58.62
N ILE A 102 -2.46 -5.60 59.29
CA ILE A 102 -2.82 -6.99 59.01
C ILE A 102 -4.24 -7.08 58.46
N GLN A 103 -4.37 -7.40 57.17
CA GLN A 103 -5.68 -7.43 56.53
C GLN A 103 -6.34 -8.80 56.65
N MET A 104 -7.44 -8.86 57.38
CA MET A 104 -8.16 -10.11 57.57
C MET A 104 -8.88 -10.48 56.29
N ARG A 105 -9.03 -9.50 55.40
CA ARG A 105 -9.69 -9.74 54.12
C ARG A 105 -8.69 -10.08 53.02
N PRO A 106 -8.99 -11.11 52.23
CA PRO A 106 -8.21 -11.47 51.04
C PRO A 106 -8.48 -10.50 49.90
N ASP A 107 -7.53 -10.37 48.97
CA ASP A 107 -7.73 -9.52 47.80
C ASP A 107 -8.55 -10.28 46.75
N LEU A 108 -9.52 -9.59 46.16
CA LEU A 108 -10.49 -10.23 45.28
C LEU A 108 -10.16 -10.18 43.79
N LYS A 109 -9.16 -9.39 43.42
CA LYS A 109 -8.94 -9.06 42.01
C LYS A 109 -8.72 -10.25 41.08
N GLY A 110 -7.75 -11.10 41.42
CA GLY A 110 -7.44 -12.26 40.62
C GLY A 110 -8.63 -13.17 40.40
N ALA A 111 -9.41 -13.39 41.46
CA ALA A 111 -10.60 -14.22 41.39
C ALA A 111 -11.57 -13.66 40.37
N LEU A 112 -11.82 -12.35 40.46
CA LEU A 112 -12.73 -11.68 39.55
C LEU A 112 -12.26 -11.84 38.12
N LEU A 113 -11.01 -11.49 37.85
CA LEU A 113 -10.48 -11.60 36.49
C LEU A 113 -10.62 -13.02 35.95
N SER A 114 -10.29 -14.01 36.79
CA SER A 114 -10.45 -15.40 36.40
C SER A 114 -11.90 -15.68 36.03
N LEU A 115 -12.84 -15.10 36.77
CA LEU A 115 -14.25 -15.33 36.50
C LEU A 115 -14.71 -14.70 35.19
N ILE A 116 -14.24 -13.49 34.92
CA ILE A 116 -14.62 -12.79 33.69
C ILE A 116 -14.03 -13.51 32.49
N GLU A 117 -12.83 -14.06 32.69
CA GLU A 117 -12.14 -14.81 31.66
C GLU A 117 -12.84 -16.14 31.46
N TYR A 118 -13.50 -16.61 32.53
CA TYR A 118 -14.16 -17.92 32.53
C TYR A 118 -15.45 -17.92 31.73
N TYR A 119 -16.23 -16.86 31.85
CA TYR A 119 -17.48 -16.76 31.11
C TYR A 119 -17.20 -16.31 29.67
N GLN A 120 -15.93 -16.07 29.38
CA GLN A 120 -15.50 -15.64 28.05
C GLN A 120 -16.19 -14.34 27.63
N TRP A 121 -16.22 -13.38 28.55
CA TRP A 121 -16.81 -12.08 28.27
C TRP A 121 -15.89 -11.23 27.39
N ASP A 122 -16.44 -10.76 26.27
CA ASP A 122 -15.68 -9.91 25.35
C ASP A 122 -15.90 -8.44 25.71
N LYS A 123 -17.15 -7.99 25.57
CA LYS A 123 -17.53 -6.64 25.95
C LYS A 123 -18.57 -6.68 27.07
N PHE A 124 -18.37 -5.87 28.10
CA PHE A 124 -19.31 -5.85 29.23
C PHE A 124 -19.40 -4.48 29.89
N ALA A 125 -20.22 -4.38 30.93
CA ALA A 125 -20.40 -3.12 31.66
C ALA A 125 -19.98 -3.26 33.11
N TYR A 126 -19.35 -2.21 33.64
CA TYR A 126 -18.78 -2.24 34.99
C TYR A 126 -19.22 -1.04 35.81
N LEU A 127 -19.87 -1.31 36.94
CA LEU A 127 -20.35 -0.27 37.83
C LEU A 127 -19.54 -0.22 39.12
N TYR A 128 -18.77 0.86 39.30
CA TYR A 128 -17.91 0.98 40.48
C TYR A 128 -18.42 2.04 41.46
N ASP A 129 -18.37 1.71 42.74
CA ASP A 129 -18.75 2.62 43.80
C ASP A 129 -17.51 3.45 44.15
N SER A 130 -17.59 4.76 43.89
CA SER A 130 -16.43 5.64 44.06
C SER A 130 -16.07 5.80 45.53
N ASP A 131 -17.01 5.45 46.41
CA ASP A 131 -16.81 5.60 47.84
C ASP A 131 -15.96 4.48 48.43
N ARG A 132 -16.15 3.25 47.95
CA ARG A 132 -15.39 2.12 48.46
C ARG A 132 -13.92 2.16 48.01
N GLY A 133 -13.69 2.22 46.70
CA GLY A 133 -12.35 2.38 46.16
C GLY A 133 -12.24 2.15 44.66
N LEU A 134 -11.16 2.65 44.06
CA LEU A 134 -10.94 2.46 42.62
C LEU A 134 -9.97 1.34 42.27
N SER A 135 -9.46 0.64 43.28
CA SER A 135 -8.45 -0.40 43.07
C SER A 135 -8.84 -1.43 42.02
N THR A 136 -9.92 -2.16 42.28
CA THR A 136 -10.37 -3.20 41.37
C THR A 136 -10.73 -2.64 40.00
N LEU A 137 -11.19 -1.40 39.95
CA LEU A 137 -11.48 -0.74 38.68
C LEU A 137 -10.20 -0.57 37.87
N GLN A 138 -9.18 0.01 38.50
CA GLN A 138 -7.88 0.16 37.85
C GLN A 138 -7.41 -1.20 37.34
N ALA A 139 -7.59 -2.22 38.19
CA ALA A 139 -7.21 -3.57 37.82
C ALA A 139 -7.91 -4.05 36.55
N VAL A 140 -9.23 -4.00 36.53
CA VAL A 140 -10.00 -4.52 35.40
C VAL A 140 -9.77 -3.73 34.13
N LEU A 141 -9.40 -2.47 34.27
CA LEU A 141 -9.10 -1.62 33.11
C LEU A 141 -7.73 -1.92 32.51
N ASP A 142 -6.72 -2.05 33.36
CA ASP A 142 -5.38 -2.41 32.90
C ASP A 142 -5.44 -3.79 32.23
N SER A 143 -6.07 -4.73 32.93
CA SER A 143 -6.20 -6.10 32.42
C SER A 143 -7.14 -6.17 31.21
N ALA A 144 -7.98 -5.15 31.05
CA ALA A 144 -8.79 -5.06 29.84
C ALA A 144 -7.93 -4.63 28.68
N ALA A 145 -7.04 -3.67 28.93
CA ALA A 145 -6.10 -3.20 27.92
C ALA A 145 -5.22 -4.35 27.47
N GLU A 146 -4.89 -5.23 28.41
CA GLU A 146 -4.13 -6.44 28.11
C GLU A 146 -4.93 -7.45 27.30
N LYS A 147 -6.14 -7.73 27.77
CA LYS A 147 -6.92 -8.86 27.27
C LYS A 147 -7.87 -8.53 26.11
N LYS A 148 -7.80 -7.30 25.61
CA LYS A 148 -8.65 -6.84 24.50
C LYS A 148 -10.13 -6.79 24.85
N TRP A 149 -10.43 -6.41 26.09
CA TRP A 149 -11.81 -6.22 26.54
C TRP A 149 -12.36 -4.84 26.18
N GLN A 150 -13.65 -4.76 25.90
CA GLN A 150 -14.34 -3.49 25.82
C GLN A 150 -15.11 -3.29 27.12
N VAL A 151 -14.66 -2.34 27.94
CA VAL A 151 -15.28 -2.16 29.25
C VAL A 151 -15.96 -0.80 29.38
N THR A 152 -17.20 -0.80 29.84
CA THR A 152 -17.92 0.43 30.11
C THR A 152 -17.89 0.70 31.61
N ALA A 153 -17.12 1.71 32.01
CA ALA A 153 -16.95 2.02 33.42
C ALA A 153 -17.78 3.24 33.81
N ILE A 154 -18.71 3.02 34.75
CA ILE A 154 -19.57 4.09 35.22
C ILE A 154 -19.38 4.35 36.70
N ASN A 155 -19.21 5.63 37.05
CA ASN A 155 -19.17 6.02 38.45
C ASN A 155 -20.59 6.26 38.92
N VAL A 156 -21.04 5.43 39.87
CA VAL A 156 -22.37 5.56 40.42
C VAL A 156 -22.40 6.34 41.73
N GLY A 157 -21.22 6.80 42.17
CA GLY A 157 -21.09 7.56 43.40
C GLY A 157 -21.23 9.06 43.19
N ASN A 158 -21.30 9.45 41.92
CA ASN A 158 -21.45 10.84 41.51
C ASN A 158 -20.36 11.75 42.06
N LYS A 179 -24.02 -0.17 27.48
CA LYS A 179 -25.30 -0.62 26.96
C LYS A 179 -25.40 -2.14 27.00
N GLU A 180 -24.27 -2.81 27.16
CA GLU A 180 -24.21 -4.27 27.06
C GLU A 180 -25.01 -4.99 28.14
N ARG A 181 -25.40 -6.22 27.83
CA ARG A 181 -26.27 -7.01 28.70
C ARG A 181 -25.55 -7.53 29.95
N ARG A 182 -24.23 -7.57 29.90
CA ARG A 182 -23.42 -8.12 30.97
C ARG A 182 -22.90 -7.05 31.93
N VAL A 183 -23.38 -7.09 33.17
CA VAL A 183 -23.03 -6.06 34.15
C VAL A 183 -22.29 -6.58 35.39
N ILE A 184 -21.17 -5.95 35.69
CA ILE A 184 -20.41 -6.27 36.90
C ILE A 184 -20.63 -5.19 37.95
N LEU A 185 -21.14 -5.60 39.10
CA LEU A 185 -21.41 -4.67 40.19
C LEU A 185 -20.30 -4.76 41.25
N ASP A 186 -19.46 -3.73 41.33
CA ASP A 186 -18.57 -3.63 42.47
C ASP A 186 -19.16 -2.57 43.38
N CYS A 187 -19.78 -3.01 44.46
CA CYS A 187 -20.53 -2.14 45.34
C CYS A 187 -20.73 -2.81 46.69
N GLU A 188 -21.07 -2.03 47.71
CA GLU A 188 -21.55 -2.59 48.96
C GLU A 188 -22.92 -3.21 48.71
N ARG A 189 -23.29 -4.19 49.52
CA ARG A 189 -24.51 -4.97 49.33
C ARG A 189 -25.77 -4.10 49.30
N ASP A 190 -25.69 -2.92 49.90
CA ASP A 190 -26.84 -2.03 49.98
C ASP A 190 -27.22 -1.45 48.62
N LYS A 191 -26.22 -1.01 47.86
CA LYS A 191 -26.44 -0.34 46.58
C LYS A 191 -26.99 -1.28 45.51
N VAL A 192 -26.54 -2.53 45.55
CA VAL A 192 -26.95 -3.56 44.59
C VAL A 192 -28.46 -3.67 44.46
N ASN A 193 -29.15 -3.60 45.60
CA ASN A 193 -30.60 -3.66 45.63
C ASN A 193 -31.27 -2.46 44.94
N ASP A 194 -30.66 -1.29 45.12
CA ASP A 194 -31.15 -0.08 44.48
C ASP A 194 -30.99 -0.20 42.96
N ILE A 195 -29.85 -0.74 42.55
CA ILE A 195 -29.61 -1.02 41.14
C ILE A 195 -30.62 -2.03 40.59
N VAL A 196 -30.98 -3.01 41.43
CA VAL A 196 -32.01 -3.96 41.08
C VAL A 196 -33.34 -3.25 40.82
N ASP A 197 -33.68 -2.29 41.68
CA ASP A 197 -34.88 -1.48 41.48
C ASP A 197 -34.83 -0.74 40.14
N GLN A 198 -33.70 -0.08 39.89
CA GLN A 198 -33.51 0.66 38.64
C GLN A 198 -33.64 -0.24 37.40
N VAL A 199 -33.22 -1.50 37.52
CA VAL A 199 -33.41 -2.46 36.45
C VAL A 199 -34.88 -2.87 36.31
N ILE A 200 -35.55 -3.01 37.46
CA ILE A 200 -36.98 -3.31 37.50
C ILE A 200 -37.79 -2.23 36.79
N THR A 201 -37.26 -1.00 36.77
CA THR A 201 -37.91 0.10 36.06
C THR A 201 -38.30 -0.23 34.62
N ILE A 202 -37.33 -0.69 33.81
CA ILE A 202 -37.61 -1.10 32.43
C ILE A 202 -37.83 -2.63 32.33
N GLY A 203 -37.64 -3.32 33.45
CA GLY A 203 -37.95 -4.74 33.55
C GLY A 203 -37.07 -5.65 32.70
N LYS A 204 -35.76 -5.52 32.87
CA LYS A 204 -34.79 -6.33 32.14
C LYS A 204 -34.30 -7.57 32.91
N HIS A 205 -34.91 -7.84 34.06
CA HIS A 205 -34.62 -9.03 34.86
C HIS A 205 -34.76 -10.32 34.06
N VAL A 206 -35.45 -10.24 32.92
CA VAL A 206 -35.67 -11.39 32.05
C VAL A 206 -34.35 -11.94 31.52
N LYS A 207 -34.38 -13.19 31.07
CA LYS A 207 -33.18 -13.87 30.57
C LYS A 207 -32.49 -13.07 29.48
N GLY A 208 -31.16 -13.15 29.44
CA GLY A 208 -30.38 -12.34 28.54
C GLY A 208 -29.59 -11.28 29.31
N TYR A 209 -29.90 -11.13 30.59
CA TYR A 209 -29.12 -10.26 31.47
C TYR A 209 -28.31 -11.07 32.46
N HIS A 210 -27.10 -10.61 32.75
CA HIS A 210 -26.20 -11.33 33.63
C HIS A 210 -25.47 -10.37 34.58
N TYR A 211 -25.56 -10.64 35.88
CA TYR A 211 -24.91 -9.77 36.86
C TYR A 211 -23.84 -10.50 37.67
N ILE A 212 -22.68 -9.86 37.85
CA ILE A 212 -21.63 -10.41 38.68
C ILE A 212 -21.37 -9.54 39.90
N ILE A 213 -21.65 -10.07 41.08
CA ILE A 213 -21.50 -9.30 42.31
C ILE A 213 -20.07 -9.36 42.84
N ALA A 214 -19.43 -8.20 42.93
CA ALA A 214 -18.00 -8.12 43.20
C ALA A 214 -17.63 -8.03 44.68
N ASN A 215 -18.58 -8.17 45.58
CA ASN A 215 -18.24 -8.27 47.00
C ASN A 215 -18.08 -9.72 47.45
N LEU A 216 -17.75 -9.93 48.72
CA LEU A 216 -17.65 -11.28 49.27
C LEU A 216 -18.94 -11.68 49.99
N GLY A 217 -19.92 -10.79 49.95
CA GLY A 217 -21.14 -10.93 50.72
C GLY A 217 -22.32 -11.51 49.96
N PHE A 218 -22.05 -12.29 48.92
CA PHE A 218 -23.08 -12.81 48.02
C PHE A 218 -24.29 -13.44 48.72
N THR A 219 -24.06 -14.15 49.81
CA THR A 219 -25.16 -14.77 50.56
C THR A 219 -25.77 -13.83 51.60
N ASP A 220 -25.08 -12.73 51.90
CA ASP A 220 -25.54 -11.79 52.92
C ASP A 220 -26.71 -10.96 52.42
N GLY A 221 -26.56 -10.38 51.23
CA GLY A 221 -27.60 -9.60 50.61
C GLY A 221 -28.78 -10.46 50.20
N ASP A 222 -29.91 -9.83 49.92
CA ASP A 222 -31.12 -10.58 49.60
C ASP A 222 -31.12 -11.12 48.18
N LEU A 223 -31.31 -12.43 48.07
CA LEU A 223 -31.39 -13.09 46.78
C LEU A 223 -32.82 -13.29 46.31
N LEU A 224 -33.78 -12.87 47.12
CA LEU A 224 -35.20 -13.11 46.84
C LEU A 224 -35.70 -12.41 45.58
N LYS A 225 -35.29 -11.16 45.39
CA LYS A 225 -35.79 -10.33 44.30
C LYS A 225 -35.41 -10.85 42.92
N ILE A 226 -34.12 -11.13 42.74
CA ILE A 226 -33.57 -11.43 41.43
C ILE A 226 -33.45 -12.93 41.13
N GLN A 227 -33.79 -13.76 42.10
CA GLN A 227 -33.75 -15.22 41.92
C GLN A 227 -34.82 -15.64 40.92
N PHE A 228 -36.04 -15.15 41.14
CA PHE A 228 -37.14 -15.37 40.21
C PHE A 228 -37.06 -14.34 39.10
N GLY A 229 -36.07 -13.45 39.19
CA GLY A 229 -35.87 -12.38 38.23
C GLY A 229 -35.66 -12.90 36.81
N GLY A 230 -34.84 -13.93 36.68
CA GLY A 230 -34.57 -14.54 35.38
C GLY A 230 -33.18 -14.23 34.84
N ALA A 231 -32.48 -13.31 35.52
CA ALA A 231 -31.13 -12.97 35.14
C ALA A 231 -30.15 -13.89 35.86
N GLU A 232 -29.15 -14.41 35.14
CA GLU A 232 -28.13 -15.22 35.78
C GLU A 232 -27.17 -14.34 36.59
N VAL A 233 -26.97 -14.71 37.85
CA VAL A 233 -26.13 -13.94 38.74
C VAL A 233 -25.02 -14.82 39.32
N SER A 234 -23.80 -14.33 39.24
CA SER A 234 -22.67 -15.03 39.85
C SER A 234 -22.05 -14.16 40.95
N GLY A 235 -21.47 -14.81 41.95
CA GLY A 235 -20.93 -14.09 43.09
C GLY A 235 -19.78 -14.78 43.81
N PHE A 236 -19.30 -14.14 44.87
CA PHE A 236 -18.15 -14.62 45.61
C PHE A 236 -18.48 -14.75 47.09
N GLN A 237 -18.22 -15.91 47.66
CA GLN A 237 -18.51 -16.16 49.07
C GLN A 237 -17.26 -16.63 49.80
N ILE A 238 -16.85 -15.85 50.80
CA ILE A 238 -15.66 -16.18 51.59
C ILE A 238 -15.98 -17.16 52.73
N VAL A 239 -17.25 -17.26 53.10
CA VAL A 239 -17.66 -18.14 54.20
C VAL A 239 -18.50 -19.31 53.72
N ASP A 240 -17.92 -20.50 53.77
CA ASP A 240 -18.61 -21.72 53.34
C ASP A 240 -19.30 -22.39 54.52
N TYR A 241 -20.61 -22.56 54.42
CA TYR A 241 -21.42 -23.05 55.53
C TYR A 241 -21.34 -24.57 55.77
N ASP A 242 -20.65 -25.28 54.88
CA ASP A 242 -20.61 -26.73 54.95
C ASP A 242 -19.62 -27.28 55.98
N ASP A 243 -18.60 -26.50 56.29
CA ASP A 243 -17.58 -26.91 57.25
C ASP A 243 -18.17 -27.16 58.65
N SER A 244 -17.59 -28.11 59.36
CA SER A 244 -18.04 -28.46 60.71
C SER A 244 -17.85 -27.30 61.69
N LEU A 245 -16.70 -26.63 61.59
CA LEU A 245 -16.41 -25.46 62.40
C LEU A 245 -17.48 -24.42 62.11
N VAL A 246 -17.65 -24.12 60.82
CA VAL A 246 -18.64 -23.15 60.38
C VAL A 246 -20.04 -23.54 60.80
N SER A 247 -20.43 -24.79 60.59
CA SER A 247 -21.77 -25.25 60.93
C SER A 247 -22.06 -25.12 62.43
N LYS A 248 -21.11 -25.52 63.26
CA LYS A 248 -21.27 -25.41 64.71
C LYS A 248 -21.41 -23.94 65.09
N PHE A 249 -20.59 -23.10 64.48
CA PHE A 249 -20.70 -21.67 64.71
C PHE A 249 -22.05 -21.12 64.25
N ILE A 250 -22.65 -21.75 63.25
CA ILE A 250 -23.97 -21.35 62.76
C ILE A 250 -25.01 -21.68 63.80
N GLU A 251 -24.91 -22.89 64.36
CA GLU A 251 -25.82 -23.30 65.43
C GLU A 251 -25.73 -22.37 66.63
N ARG A 252 -24.50 -22.05 67.05
CA ARG A 252 -24.34 -21.13 68.18
C ARG A 252 -24.88 -19.73 67.86
N TRP A 253 -24.50 -19.22 66.69
CA TRP A 253 -24.90 -17.90 66.23
C TRP A 253 -26.41 -17.77 66.23
N SER A 254 -27.09 -18.80 65.76
CA SER A 254 -28.55 -18.82 65.73
C SER A 254 -29.12 -18.98 67.14
N THR A 255 -28.37 -19.67 68.00
CA THR A 255 -28.81 -19.89 69.39
C THR A 255 -28.87 -18.58 70.17
N LEU A 256 -27.92 -17.70 69.90
CA LEU A 256 -27.79 -16.44 70.65
C LEU A 256 -29.02 -15.54 70.54
N GLU A 257 -29.35 -14.88 71.65
CA GLU A 257 -30.44 -13.92 71.67
C GLU A 257 -30.10 -12.70 70.83
N GLU A 258 -31.05 -12.30 69.98
CA GLU A 258 -30.83 -11.16 69.07
C GLU A 258 -30.63 -9.86 69.84
N LYS A 259 -31.20 -9.80 71.05
CA LYS A 259 -31.10 -8.60 71.88
C LYS A 259 -29.68 -8.38 72.42
N GLU A 260 -29.11 -9.39 73.07
CA GLU A 260 -27.79 -9.26 73.67
C GLU A 260 -26.71 -9.16 72.59
N TYR A 261 -26.80 -10.03 71.59
CA TYR A 261 -25.90 -9.94 70.44
C TYR A 261 -26.72 -9.53 69.22
N PRO A 262 -26.56 -8.26 68.79
CA PRO A 262 -27.34 -7.69 67.68
C PRO A 262 -27.16 -8.44 66.35
N GLY A 263 -28.26 -8.75 65.68
CA GLY A 263 -28.25 -9.38 64.38
C GLY A 263 -27.66 -10.78 64.37
N ALA A 264 -27.70 -11.45 65.52
CA ALA A 264 -27.08 -12.76 65.68
C ALA A 264 -27.90 -13.94 65.17
N HIS A 265 -29.23 -13.86 65.26
CA HIS A 265 -30.06 -15.04 65.04
C HIS A 265 -30.04 -15.61 63.62
N THR A 266 -29.61 -14.80 62.65
CA THR A 266 -29.57 -15.24 61.26
C THR A 266 -28.62 -16.42 61.07
N ALA A 267 -29.00 -17.36 60.20
CA ALA A 267 -28.16 -18.51 59.89
C ALA A 267 -26.98 -18.08 59.02
N THR A 268 -27.07 -16.88 58.46
CA THR A 268 -26.00 -16.31 57.66
C THR A 268 -25.39 -15.11 58.36
N ILE A 269 -24.07 -14.99 58.28
CA ILE A 269 -23.35 -13.86 58.87
C ILE A 269 -22.60 -13.08 57.79
N LYS A 270 -22.66 -11.75 57.86
CA LYS A 270 -21.95 -10.89 56.91
C LYS A 270 -20.45 -11.19 56.95
N TYR A 271 -19.82 -11.18 55.78
CA TYR A 271 -18.43 -11.61 55.66
C TYR A 271 -17.46 -10.74 56.47
N THR A 272 -17.78 -9.45 56.60
CA THR A 272 -16.98 -8.55 57.43
C THR A 272 -17.01 -9.00 58.89
N SER A 273 -18.20 -9.32 59.39
CA SER A 273 -18.36 -9.78 60.76
C SER A 273 -17.61 -11.07 61.00
N ALA A 274 -17.69 -11.98 60.02
CA ALA A 274 -16.96 -13.24 60.10
C ALA A 274 -15.47 -12.99 60.15
N LEU A 275 -15.00 -12.04 59.35
CA LEU A 275 -13.59 -11.66 59.35
C LEU A 275 -13.16 -11.12 60.72
N THR A 276 -14.07 -10.41 61.38
CA THR A 276 -13.83 -9.96 62.75
C THR A 276 -13.66 -11.16 63.69
N TYR A 277 -14.64 -12.06 63.61
CA TYR A 277 -14.64 -13.28 64.41
C TYR A 277 -13.34 -14.08 64.27
N ASP A 278 -12.79 -14.10 63.05
CA ASP A 278 -11.51 -14.76 62.84
C ASP A 278 -10.34 -13.92 63.36
N ALA A 279 -10.47 -12.60 63.25
CA ALA A 279 -9.43 -11.68 63.70
C ALA A 279 -9.15 -11.86 65.19
N VAL A 280 -10.23 -12.05 65.96
CA VAL A 280 -10.09 -12.32 67.39
C VAL A 280 -9.14 -13.47 67.66
N GLN A 281 -9.39 -14.60 67.00
CA GLN A 281 -8.56 -15.79 67.12
C GLN A 281 -7.13 -15.51 66.66
N VAL A 282 -7.01 -14.72 65.58
CA VAL A 282 -5.69 -14.37 65.06
C VAL A 282 -4.83 -13.69 66.12
N MET A 283 -5.37 -12.63 66.71
CA MET A 283 -4.65 -11.92 67.76
C MET A 283 -4.38 -12.82 68.97
N THR A 284 -5.38 -13.63 69.32
CA THR A 284 -5.23 -14.59 70.41
C THR A 284 -3.99 -15.47 70.23
N GLU A 285 -4.01 -16.26 69.16
CA GLU A 285 -2.92 -17.17 68.83
C GLU A 285 -1.58 -16.44 68.64
N ALA A 286 -1.64 -15.19 68.19
CA ALA A 286 -0.43 -14.39 68.01
C ALA A 286 0.23 -14.10 69.36
N PHE A 287 -0.53 -13.54 70.29
CA PHE A 287 0.01 -13.24 71.60
C PHE A 287 0.44 -14.52 72.33
N ARG A 288 -0.30 -15.60 72.10
CA ARG A 288 0.08 -16.89 72.64
C ARG A 288 1.45 -17.32 72.09
N ASN A 289 1.67 -17.03 70.81
CA ASN A 289 2.94 -17.31 70.17
C ASN A 289 4.09 -16.48 70.73
N LEU A 290 3.79 -15.24 71.11
CA LEU A 290 4.79 -14.41 71.78
C LEU A 290 5.03 -14.84 73.23
N ARG A 291 4.07 -15.57 73.80
CA ARG A 291 4.25 -16.13 75.13
C ARG A 291 5.13 -17.38 75.05
N LYS A 292 4.92 -18.16 73.98
CA LYS A 292 5.67 -19.40 73.79
C LYS A 292 7.12 -19.16 73.35
N GLN A 293 7.41 -17.98 72.82
CA GLN A 293 8.77 -17.64 72.41
C GLN A 293 9.53 -16.94 73.53
N ARG A 294 8.85 -16.68 74.65
CA ARG A 294 9.44 -16.01 75.81
C ARG A 294 10.01 -14.63 75.48
N ILE A 295 9.35 -13.92 74.58
CA ILE A 295 9.76 -12.57 74.21
C ILE A 295 8.85 -11.56 74.92
N GLU A 296 9.43 -10.43 75.33
CA GLU A 296 8.71 -9.47 76.18
C GLU A 296 7.69 -8.61 75.42
N ILE A 297 6.43 -8.73 75.79
CA ILE A 297 5.36 -7.95 75.17
C ILE A 297 5.17 -6.57 75.79
N SER A 298 5.63 -6.40 77.03
CA SER A 298 5.40 -5.14 77.75
C SER A 298 6.38 -4.04 77.33
N ARG A 299 5.86 -2.83 77.26
CA ARG A 299 6.64 -1.67 76.84
C ARG A 299 7.60 -1.22 77.94
N ARG A 300 7.13 -1.32 79.19
CA ARG A 300 7.88 -0.91 80.38
C ARG A 300 8.07 0.61 80.49
N GLY A 301 7.78 1.33 79.41
CA GLY A 301 7.80 2.78 79.42
C GLY A 301 6.39 3.35 79.44
N ASN A 302 6.30 4.67 79.62
CA ASN A 302 5.01 5.35 79.57
C ASN A 302 4.51 5.48 78.13
N ALA A 303 3.22 5.27 77.94
CA ALA A 303 2.60 5.31 76.62
C ALA A 303 2.83 6.66 75.95
N GLY A 304 2.58 7.74 76.69
CA GLY A 304 2.86 9.08 76.21
C GLY A 304 2.04 9.53 75.03
N ASP A 305 2.59 10.48 74.28
CA ASP A 305 1.88 11.10 73.16
C ASP A 305 2.34 10.55 71.81
N CYS A 306 1.39 10.42 70.88
CA CYS A 306 1.67 9.93 69.55
C CYS A 306 2.30 11.01 68.66
N LEU A 307 1.98 12.27 68.96
CA LEU A 307 2.40 13.39 68.11
C LEU A 307 3.73 14.01 68.52
N ALA A 308 4.39 13.41 69.50
CA ALA A 308 5.68 13.90 69.99
C ALA A 308 6.67 14.09 68.83
N ASN A 309 7.45 15.18 68.90
CA ASN A 309 8.44 15.48 67.88
C ASN A 309 9.87 15.46 68.43
N PRO A 310 10.68 14.49 67.98
CA PRO A 310 10.28 13.37 67.12
C PRO A 310 9.59 12.26 67.92
N ALA A 311 8.72 11.50 67.26
CA ALA A 311 8.03 10.40 67.93
C ALA A 311 8.88 9.14 67.95
N VAL A 312 9.01 8.54 69.13
CA VAL A 312 9.75 7.29 69.28
C VAL A 312 8.83 6.07 69.37
N PRO A 313 8.82 5.24 68.33
CA PRO A 313 8.05 3.99 68.40
C PRO A 313 8.74 3.00 69.34
N TRP A 314 7.96 2.16 70.01
CA TRP A 314 8.51 1.18 70.93
C TRP A 314 8.95 -0.09 70.19
N GLY A 315 10.08 -0.65 70.61
CA GLY A 315 10.70 -1.76 69.91
C GLY A 315 9.91 -3.05 69.90
N GLN A 316 9.24 -3.34 71.01
CA GLN A 316 8.49 -4.59 71.16
C GLN A 316 7.36 -4.72 70.12
N GLY A 317 6.82 -3.58 69.71
CA GLY A 317 5.75 -3.54 68.74
C GLY A 317 6.13 -4.19 67.42
N VAL A 318 7.41 -4.10 67.07
CA VAL A 318 7.92 -4.75 65.87
C VAL A 318 7.78 -6.26 66.01
N GLU A 319 8.12 -6.77 67.19
CA GLU A 319 7.99 -8.19 67.48
C GLU A 319 6.53 -8.63 67.51
N ILE A 320 5.65 -7.74 67.95
CA ILE A 320 4.22 -8.01 67.89
C ILE A 320 3.75 -8.14 66.44
N GLU A 321 4.22 -7.22 65.60
CA GLU A 321 3.92 -7.24 64.17
C GLU A 321 4.37 -8.57 63.56
N ARG A 322 5.64 -8.88 63.74
CA ARG A 322 6.24 -10.11 63.24
C ARG A 322 5.44 -11.32 63.68
N ALA A 323 5.13 -11.37 64.97
CA ALA A 323 4.38 -12.48 65.56
C ALA A 323 3.01 -12.64 64.94
N LEU A 324 2.30 -11.53 64.79
CA LEU A 324 1.00 -11.54 64.14
C LEU A 324 1.09 -12.06 62.72
N LYS A 325 2.14 -11.66 62.01
CA LYS A 325 2.31 -12.04 60.61
C LYS A 325 2.68 -13.51 60.42
N GLN A 326 3.40 -14.07 61.39
CA GLN A 326 3.86 -15.45 61.30
C GLN A 326 2.78 -16.47 61.69
N VAL A 327 1.67 -15.98 62.21
CA VAL A 327 0.59 -16.85 62.69
C VAL A 327 -0.27 -17.38 61.55
N GLN A 328 -0.56 -18.68 61.60
CA GLN A 328 -1.44 -19.31 60.63
C GLN A 328 -2.53 -20.09 61.35
N VAL A 329 -3.79 -19.69 61.17
CA VAL A 329 -4.88 -20.31 61.92
C VAL A 329 -6.14 -20.57 61.10
N GLU A 330 -6.98 -21.47 61.61
CA GLU A 330 -8.21 -21.87 60.92
C GLU A 330 -9.43 -21.15 61.51
N GLY A 331 -10.33 -20.70 60.64
CA GLY A 331 -11.51 -19.96 61.04
C GLY A 331 -12.57 -19.91 59.97
N LEU A 332 -13.59 -19.07 60.16
CA LEU A 332 -14.71 -18.96 59.24
C LEU A 332 -14.31 -18.63 57.79
N SER A 333 -13.24 -17.87 57.63
CA SER A 333 -12.79 -17.46 56.30
C SER A 333 -11.89 -18.53 55.68
N GLY A 334 -11.73 -19.64 56.39
CA GLY A 334 -10.87 -20.73 55.92
C GLY A 334 -9.48 -20.63 56.49
N ASN A 335 -8.52 -21.27 55.85
CA ASN A 335 -7.13 -21.20 56.29
C ASN A 335 -6.57 -19.78 56.16
N ILE A 336 -6.02 -19.26 57.26
CA ILE A 336 -5.52 -17.89 57.28
C ILE A 336 -4.03 -17.82 57.55
N LYS A 337 -3.29 -17.33 56.56
CA LYS A 337 -1.87 -17.03 56.70
C LYS A 337 -1.60 -15.69 56.02
N PHE A 338 -0.51 -15.03 56.41
CA PHE A 338 -0.20 -13.71 55.89
C PHE A 338 1.21 -13.66 55.32
N ASP A 339 1.39 -12.88 54.26
CA ASP A 339 2.74 -12.60 53.76
C ASP A 339 3.34 -11.44 54.55
N GLN A 340 4.54 -11.02 54.17
CA GLN A 340 5.20 -9.92 54.86
C GLN A 340 4.39 -8.62 54.77
N ASN A 341 3.70 -8.41 53.66
CA ASN A 341 2.98 -7.18 53.43
C ASN A 341 1.63 -7.10 54.15
N GLY A 342 1.24 -8.20 54.79
CA GLY A 342 0.03 -8.19 55.61
C GLY A 342 -1.21 -8.77 54.95
N LYS A 343 -1.13 -9.05 53.67
CA LYS A 343 -2.27 -9.58 52.92
C LYS A 343 -2.56 -11.03 53.28
N ARG A 344 -3.78 -11.47 53.04
CA ARG A 344 -4.13 -12.87 53.19
C ARG A 344 -3.48 -13.69 52.09
N ILE A 345 -3.01 -14.88 52.43
CA ILE A 345 -2.55 -15.85 51.43
C ILE A 345 -3.13 -17.22 51.76
N ASN A 346 -3.23 -18.07 50.73
CA ASN A 346 -3.87 -19.37 50.84
C ASN A 346 -5.34 -19.29 51.27
N TYR A 347 -5.96 -18.14 51.03
CA TYR A 347 -7.39 -18.01 51.21
C TYR A 347 -8.07 -18.77 50.07
N THR A 348 -9.33 -19.12 50.24
CA THR A 348 -10.08 -19.77 49.18
C THR A 348 -11.43 -19.10 49.02
N ILE A 349 -11.79 -18.76 47.79
CA ILE A 349 -13.05 -18.05 47.57
C ILE A 349 -14.04 -18.88 46.78
N ASN A 350 -15.27 -18.99 47.26
CA ASN A 350 -16.27 -19.78 46.55
C ASN A 350 -17.01 -19.00 45.45
N ILE A 351 -16.90 -19.46 44.21
CA ILE A 351 -17.65 -18.89 43.10
C ILE A 351 -19.04 -19.52 43.03
N MET A 352 -20.06 -18.66 43.16
CA MET A 352 -21.45 -19.09 43.24
C MET A 352 -22.24 -18.62 42.02
N GLU A 353 -23.28 -19.37 41.66
CA GLU A 353 -24.22 -18.95 40.63
C GLU A 353 -25.64 -18.99 41.17
N LEU A 354 -26.51 -18.16 40.62
CA LEU A 354 -27.87 -18.06 41.10
C LEU A 354 -28.84 -18.92 40.28
N LYS A 355 -29.51 -19.85 40.95
CA LYS A 355 -30.51 -20.70 40.32
C LYS A 355 -31.84 -20.55 41.06
N THR A 356 -32.91 -21.02 40.43
CA THR A 356 -34.26 -20.90 40.99
C THR A 356 -34.37 -21.45 42.41
N ASN A 357 -33.82 -22.64 42.63
CA ASN A 357 -33.90 -23.27 43.94
C ASN A 357 -33.08 -22.56 45.02
N GLY A 358 -31.90 -22.07 44.65
CA GLY A 358 -31.05 -21.34 45.57
C GLY A 358 -29.63 -21.18 45.06
N PRO A 359 -28.82 -20.38 45.76
CA PRO A 359 -27.41 -20.21 45.41
C PRO A 359 -26.64 -21.50 45.63
N ARG A 360 -25.84 -21.90 44.64
CA ARG A 360 -25.06 -23.12 44.75
C ARG A 360 -23.59 -22.81 44.58
N LYS A 361 -22.72 -23.70 45.04
CA LYS A 361 -21.30 -23.47 44.94
C LYS A 361 -20.82 -24.09 43.64
N ILE A 362 -20.52 -23.23 42.67
CA ILE A 362 -20.09 -23.67 41.35
C ILE A 362 -18.61 -24.01 41.27
N GLY A 363 -17.79 -23.16 41.88
CA GLY A 363 -16.35 -23.33 41.75
C GLY A 363 -15.61 -22.65 42.88
N TYR A 364 -14.29 -22.60 42.76
CA TYR A 364 -13.50 -21.86 43.73
C TYR A 364 -12.24 -21.25 43.12
N TRP A 365 -11.76 -20.19 43.77
CA TRP A 365 -10.54 -19.53 43.36
C TRP A 365 -9.50 -19.55 44.47
N SER A 366 -8.33 -20.04 44.10
CA SER A 366 -7.14 -20.00 44.94
C SER A 366 -6.04 -19.35 44.11
N GLU A 367 -5.01 -18.85 44.78
CA GLU A 367 -3.93 -18.15 44.10
C GLU A 367 -3.17 -19.04 43.10
N VAL A 368 -2.91 -20.27 43.49
CA VAL A 368 -2.20 -21.22 42.62
C VAL A 368 -3.10 -21.90 41.58
N ASP A 369 -4.30 -22.28 42.01
CA ASP A 369 -5.18 -23.07 41.15
C ASP A 369 -6.05 -22.20 40.25
N LYS A 370 -6.12 -20.91 40.55
CA LYS A 370 -7.03 -19.99 39.87
C LYS A 370 -8.47 -20.50 39.92
N MET A 371 -9.14 -20.55 38.77
CA MET A 371 -10.55 -20.93 38.72
C MET A 371 -10.69 -22.45 38.54
N VAL A 372 -11.25 -23.11 39.56
CA VAL A 372 -11.47 -24.55 39.51
C VAL A 372 -12.94 -24.87 39.69
N VAL A 373 -13.52 -25.55 38.69
CA VAL A 373 -14.94 -25.85 38.71
C VAL A 373 -15.27 -27.31 39.04
N THR A 374 -15.99 -27.51 40.13
CA THR A 374 -16.62 -28.80 40.39
C THR A 374 -18.13 -28.61 40.32
N LEU A 375 -18.73 -29.10 39.24
CA LEU A 375 -20.16 -28.90 39.00
C LEU A 375 -21.07 -29.89 39.71
N THR A 376 -20.58 -31.11 39.91
CA THR A 376 -21.42 -32.24 40.32
C THR A 376 -22.57 -32.37 39.33
N GLU A 377 -22.23 -32.23 38.05
CA GLU A 377 -23.19 -32.21 36.95
C GLU A 377 -24.31 -31.18 37.14
N ASP A 378 -25.52 -31.57 36.76
CA ASP A 378 -26.67 -30.67 36.79
C ASP A 378 -27.92 -31.41 36.30
N GLU A 384 -41.68 -27.95 30.47
CA GLU A 384 -41.85 -26.49 30.52
C GLU A 384 -41.24 -25.80 29.31
N GLN A 385 -40.22 -24.97 29.56
CA GLN A 385 -39.56 -24.17 28.53
C GLN A 385 -40.48 -23.09 27.94
N LYS A 386 -41.72 -23.07 28.42
CA LYS A 386 -42.77 -22.15 27.99
C LYS A 386 -42.99 -22.14 26.47
N THR A 387 -43.26 -20.96 25.92
CA THR A 387 -43.53 -20.81 24.49
C THR A 387 -42.94 -19.50 24.01
N VAL A 388 -42.59 -19.43 22.73
CA VAL A 388 -42.07 -18.17 22.18
C VAL A 388 -42.81 -17.74 20.91
N VAL A 389 -42.63 -16.47 20.54
CA VAL A 389 -43.32 -15.93 19.37
C VAL A 389 -42.41 -15.82 18.14
N VAL A 390 -42.81 -16.52 17.08
CA VAL A 390 -42.13 -16.44 15.81
C VAL A 390 -42.74 -15.33 14.98
N THR A 391 -41.90 -14.50 14.37
CA THR A 391 -42.40 -13.49 13.44
C THR A 391 -42.07 -13.89 12.02
N THR A 392 -43.05 -13.77 11.13
CA THR A 392 -42.86 -14.09 9.73
C THR A 392 -43.71 -13.18 8.86
N ILE A 393 -43.36 -13.11 7.58
CA ILE A 393 -44.04 -12.22 6.65
C ILE A 393 -44.68 -13.07 5.54
N LEU A 394 -45.73 -12.55 4.92
CA LEU A 394 -46.39 -13.29 3.87
C LEU A 394 -45.63 -13.15 2.56
N GLU A 395 -45.07 -14.25 2.09
CA GLU A 395 -44.45 -14.33 0.77
C GLU A 395 -44.54 -15.79 0.31
N SER A 396 -44.79 -15.99 -0.98
CA SER A 396 -44.97 -17.33 -1.51
C SER A 396 -43.66 -17.97 -2.00
N PRO A 397 -43.55 -19.31 -1.87
CA PRO A 397 -44.47 -20.13 -1.07
C PRO A 397 -43.96 -20.32 0.36
N TYR A 398 -43.55 -19.24 1.01
CA TYR A 398 -43.04 -19.34 2.38
C TYR A 398 -44.11 -19.31 3.46
N VAL A 399 -45.08 -18.41 3.29
CA VAL A 399 -46.23 -18.30 4.20
C VAL A 399 -47.51 -18.11 3.41
N MET A 400 -48.46 -19.01 3.61
CA MET A 400 -49.71 -18.97 2.85
C MET A 400 -50.94 -19.23 3.72
N MET A 401 -52.03 -18.54 3.41
CA MET A 401 -53.28 -18.71 4.15
C MET A 401 -54.22 -19.67 3.43
N LYS A 402 -54.75 -20.63 4.16
CA LYS A 402 -55.84 -21.46 3.65
C LYS A 402 -57.13 -20.66 3.78
N LYS A 403 -58.12 -20.97 2.95
CA LYS A 403 -59.41 -20.31 3.06
C LYS A 403 -60.11 -20.75 4.34
N ASN A 404 -59.64 -21.87 4.89
CA ASN A 404 -60.20 -22.43 6.10
C ASN A 404 -59.59 -21.80 7.34
N HIS A 405 -58.66 -20.87 7.14
CA HIS A 405 -58.00 -20.18 8.24
C HIS A 405 -59.01 -19.39 9.07
N GLU A 406 -60.11 -19.03 8.43
CA GLU A 406 -61.20 -18.31 9.06
C GLU A 406 -61.85 -19.22 10.09
N MET A 407 -61.93 -20.50 9.77
CA MET A 407 -62.45 -21.51 10.69
C MET A 407 -61.39 -21.92 11.70
N LEU A 408 -60.18 -22.15 11.19
CA LEU A 408 -59.04 -22.63 11.98
C LEU A 408 -58.44 -21.56 12.89
N GLU A 409 -57.69 -21.98 13.90
CA GLU A 409 -57.11 -21.04 14.86
C GLU A 409 -55.59 -21.19 14.98
N GLY A 410 -54.88 -20.06 14.92
CA GLY A 410 -53.46 -20.01 15.20
C GLY A 410 -52.54 -20.73 14.23
N ASN A 411 -51.56 -21.43 14.79
CA ASN A 411 -50.50 -22.10 14.03
C ASN A 411 -51.01 -23.08 12.98
N GLU A 412 -52.22 -23.57 13.19
CA GLU A 412 -52.83 -24.55 12.29
C GLU A 412 -53.27 -23.90 10.97
N ARG A 413 -53.50 -22.59 11.00
CA ARG A 413 -54.06 -21.87 9.87
C ARG A 413 -53.02 -21.47 8.82
N TYR A 414 -51.75 -21.71 9.11
CA TYR A 414 -50.67 -21.29 8.22
C TYR A 414 -49.86 -22.49 7.71
N GLU A 415 -49.72 -22.60 6.39
CA GLU A 415 -48.85 -23.61 5.80
C GLU A 415 -47.87 -22.96 4.83
N GLY A 416 -46.67 -23.54 4.75
CA GLY A 416 -45.61 -23.02 3.91
C GLY A 416 -44.29 -23.62 4.28
N TYR A 417 -43.25 -23.29 3.52
CA TYR A 417 -41.91 -23.79 3.79
C TYR A 417 -41.43 -23.35 5.17
N CYS A 418 -41.62 -22.08 5.47
CA CYS A 418 -41.15 -21.51 6.72
C CYS A 418 -41.91 -22.05 7.94
N VAL A 419 -43.18 -22.37 7.74
CA VAL A 419 -43.99 -22.95 8.81
C VAL A 419 -43.44 -24.33 9.16
N ASP A 420 -43.15 -25.12 8.14
CA ASP A 420 -42.57 -26.44 8.31
C ASP A 420 -41.21 -26.33 8.99
N LEU A 421 -40.44 -25.31 8.60
CA LEU A 421 -39.15 -25.06 9.21
C LEU A 421 -39.29 -24.76 10.70
N ALA A 422 -40.31 -23.98 11.04
CA ALA A 422 -40.61 -23.66 12.43
C ALA A 422 -40.95 -24.93 13.20
N ALA A 423 -41.77 -25.77 12.59
CA ALA A 423 -42.19 -27.03 13.21
C ALA A 423 -41.00 -27.97 13.46
N GLU A 424 -40.07 -28.00 12.51
CA GLU A 424 -38.89 -28.85 12.64
C GLU A 424 -37.90 -28.33 13.68
N ILE A 425 -37.60 -27.03 13.61
CA ILE A 425 -36.73 -26.37 14.57
C ILE A 425 -37.26 -26.56 15.99
N ALA A 426 -38.58 -26.41 16.14
CA ALA A 426 -39.22 -26.60 17.42
C ALA A 426 -39.22 -28.08 17.81
N LYS A 427 -39.28 -28.96 16.82
CA LYS A 427 -39.23 -30.39 17.09
C LYS A 427 -37.90 -30.74 17.74
N HIS A 428 -36.81 -30.23 17.16
CA HIS A 428 -35.47 -30.52 17.64
C HIS A 428 -35.11 -29.80 18.94
N CYS A 429 -35.61 -28.58 19.12
CA CYS A 429 -35.34 -27.84 20.35
C CYS A 429 -36.41 -28.02 21.45
N GLY A 430 -37.52 -28.67 21.11
CA GLY A 430 -38.57 -28.97 22.07
C GLY A 430 -39.21 -27.78 22.75
N PHE A 431 -39.66 -26.82 21.97
CA PHE A 431 -40.30 -25.62 22.53
C PHE A 431 -41.52 -25.20 21.71
N LYS A 432 -42.58 -24.82 22.40
CA LYS A 432 -43.80 -24.38 21.74
C LYS A 432 -43.67 -22.96 21.18
N TYR A 433 -44.48 -22.68 20.15
CA TYR A 433 -44.29 -21.49 19.35
C TYR A 433 -45.60 -20.89 18.84
N LYS A 434 -45.58 -19.58 18.54
CA LYS A 434 -46.75 -18.89 18.01
C LYS A 434 -46.40 -18.02 16.79
N LEU A 435 -46.98 -18.35 15.65
CA LEU A 435 -46.71 -17.63 14.40
C LEU A 435 -47.47 -16.32 14.30
N THR A 436 -46.74 -15.23 14.12
CA THR A 436 -47.34 -13.91 13.96
C THR A 436 -46.82 -13.22 12.71
N ILE A 437 -47.70 -12.52 12.01
CA ILE A 437 -47.32 -11.80 10.80
C ILE A 437 -46.93 -10.37 11.12
N VAL A 438 -45.81 -9.91 10.57
CA VAL A 438 -45.34 -8.56 10.80
C VAL A 438 -46.25 -7.52 10.15
N GLY A 439 -46.54 -6.45 10.88
CA GLY A 439 -47.42 -5.40 10.40
C GLY A 439 -46.85 -4.60 9.24
N ASP A 440 -45.53 -4.41 9.23
CA ASP A 440 -44.87 -3.62 8.19
C ASP A 440 -45.01 -4.21 6.80
N GLY A 441 -45.03 -5.53 6.73
CA GLY A 441 -45.00 -6.21 5.44
C GLY A 441 -43.62 -6.05 4.82
N LYS A 442 -42.62 -5.84 5.67
CA LYS A 442 -41.24 -5.71 5.24
C LYS A 442 -40.38 -6.69 6.02
N TYR A 443 -39.17 -6.93 5.53
CA TYR A 443 -38.26 -7.88 6.18
C TYR A 443 -37.41 -7.19 7.25
N GLY A 444 -36.51 -6.32 6.83
CA GLY A 444 -35.84 -5.41 7.74
C GLY A 444 -34.99 -4.35 7.07
N ALA A 445 -34.84 -3.20 7.74
CA ALA A 445 -33.93 -2.13 7.27
C ALA A 445 -33.88 -0.95 8.22
N ARG A 446 -32.83 -0.13 8.11
CA ARG A 446 -32.67 1.04 8.96
C ARG A 446 -32.67 2.32 8.13
N ASP A 447 -33.59 3.23 8.43
CA ASP A 447 -33.61 4.52 7.76
C ASP A 447 -32.57 5.43 8.41
N ALA A 448 -31.89 6.22 7.60
CA ALA A 448 -30.82 7.08 8.11
C ALA A 448 -31.33 8.14 9.08
N ASP A 449 -32.49 8.70 8.76
CA ASP A 449 -33.05 9.82 9.53
C ASP A 449 -33.71 9.39 10.84
N THR A 450 -34.49 8.32 10.80
CA THR A 450 -35.25 7.88 11.98
C THR A 450 -34.38 7.10 12.97
N LYS A 451 -33.31 6.49 12.46
CA LYS A 451 -32.40 5.66 13.26
C LYS A 451 -33.14 4.50 13.94
N ILE A 452 -34.24 4.08 13.34
CA ILE A 452 -35.05 2.99 13.88
C ILE A 452 -35.22 1.88 12.84
N TRP A 453 -34.94 0.65 13.24
CA TRP A 453 -35.09 -0.50 12.36
C TRP A 453 -36.56 -0.87 12.16
N ASN A 454 -36.93 -1.16 10.91
CA ASN A 454 -38.27 -1.58 10.55
C ASN A 454 -38.21 -2.99 10.01
N GLY A 455 -39.34 -3.68 10.04
CA GLY A 455 -39.42 -5.06 9.58
C GLY A 455 -39.34 -6.04 10.74
N MET A 456 -39.05 -7.29 10.45
CA MET A 456 -38.94 -8.30 11.50
C MET A 456 -37.65 -8.14 12.28
N VAL A 457 -36.62 -7.62 11.61
CA VAL A 457 -35.36 -7.31 12.27
C VAL A 457 -35.60 -6.27 13.35
N GLY A 458 -36.40 -5.28 13.03
CA GLY A 458 -36.79 -4.27 14.00
C GLY A 458 -37.54 -4.87 15.16
N GLU A 459 -38.45 -5.80 14.86
CA GLU A 459 -39.21 -6.48 15.92
C GLU A 459 -38.30 -7.32 16.82
N LEU A 460 -37.22 -7.84 16.25
CA LEU A 460 -36.28 -8.64 17.01
C LEU A 460 -35.37 -7.78 17.90
N VAL A 461 -34.80 -6.72 17.32
CA VAL A 461 -33.92 -5.81 18.06
C VAL A 461 -34.67 -5.20 19.23
N TYR A 462 -35.91 -4.79 18.97
CA TYR A 462 -36.76 -4.18 19.99
C TYR A 462 -37.50 -5.26 20.77
N GLY A 463 -37.27 -6.51 20.42
CA GLY A 463 -37.80 -7.63 21.18
C GLY A 463 -39.31 -7.78 21.11
N LYS A 464 -39.89 -7.60 19.93
CA LYS A 464 -41.32 -7.81 19.74
C LYS A 464 -41.60 -9.27 19.43
N ALA A 465 -40.54 -10.00 19.09
CA ALA A 465 -40.63 -11.43 18.82
C ALA A 465 -39.32 -12.12 19.16
N ASP A 466 -39.39 -13.37 19.59
CA ASP A 466 -38.19 -14.10 20.01
C ASP A 466 -37.37 -14.63 18.83
N ILE A 467 -38.03 -15.13 17.81
CA ILE A 467 -37.35 -15.74 16.68
C ILE A 467 -37.99 -15.33 15.36
N ALA A 468 -37.17 -15.11 14.34
CA ALA A 468 -37.67 -14.78 13.01
C ALA A 468 -37.42 -15.92 12.03
N ILE A 469 -38.48 -16.63 11.67
CA ILE A 469 -38.39 -17.70 10.69
C ILE A 469 -39.16 -17.28 9.45
N ALA A 470 -38.44 -16.97 8.39
CA ALA A 470 -39.00 -16.36 7.20
C ALA A 470 -37.89 -16.23 6.19
N PRO A 471 -38.23 -16.01 4.90
CA PRO A 471 -37.16 -15.86 3.92
C PRO A 471 -36.37 -14.57 4.14
N LEU A 472 -35.74 -14.45 5.30
CA LEU A 472 -35.04 -13.21 5.68
C LEU A 472 -33.60 -13.25 5.18
N THR A 473 -33.27 -12.31 4.30
CA THR A 473 -31.97 -12.25 3.66
C THR A 473 -30.90 -11.69 4.60
N ILE A 474 -29.74 -12.34 4.62
CA ILE A 474 -28.64 -11.88 5.45
C ILE A 474 -27.86 -10.73 4.81
N THR A 475 -27.79 -9.62 5.53
CA THR A 475 -27.01 -8.46 5.09
C THR A 475 -26.01 -8.13 6.17
N LEU A 476 -25.00 -7.34 5.83
CA LEU A 476 -24.02 -6.91 6.82
C LEU A 476 -24.69 -6.18 7.98
N VAL A 477 -25.57 -5.25 7.64
CA VAL A 477 -26.28 -4.46 8.65
C VAL A 477 -27.16 -5.30 9.57
N ARG A 478 -27.93 -6.20 8.97
CA ARG A 478 -28.81 -7.08 9.72
C ARG A 478 -28.01 -7.96 10.68
N GLU A 479 -26.90 -8.51 10.19
CA GLU A 479 -26.05 -9.32 11.04
C GLU A 479 -25.39 -8.46 12.12
N GLU A 480 -25.20 -7.18 11.82
CA GLU A 480 -24.67 -6.25 12.81
C GLU A 480 -25.64 -6.10 13.98
N VAL A 481 -26.91 -5.83 13.68
CA VAL A 481 -27.89 -5.61 14.74
C VAL A 481 -28.41 -6.89 15.41
N ILE A 482 -28.63 -7.94 14.63
CA ILE A 482 -29.06 -9.21 15.19
C ILE A 482 -28.22 -10.37 14.68
N ASP A 483 -28.30 -11.51 15.36
CA ASP A 483 -27.48 -12.66 15.00
C ASP A 483 -28.22 -13.67 14.11
N PHE A 484 -27.53 -14.14 13.09
CA PHE A 484 -28.08 -15.13 12.15
C PHE A 484 -27.54 -16.52 12.48
N SER A 485 -28.36 -17.53 12.22
CA SER A 485 -27.89 -18.91 12.25
C SER A 485 -27.14 -19.19 10.97
N LYS A 486 -26.64 -20.40 10.82
CA LYS A 486 -26.09 -20.82 9.54
C LYS A 486 -27.21 -20.81 8.51
N PRO A 487 -26.93 -20.28 7.32
CA PRO A 487 -27.95 -20.11 6.28
C PRO A 487 -28.56 -21.46 5.89
N PHE A 488 -29.90 -21.54 5.90
CA PHE A 488 -30.57 -22.79 5.55
C PHE A 488 -30.91 -22.92 4.06
N MET A 489 -30.80 -21.81 3.34
CA MET A 489 -31.05 -21.81 1.90
C MET A 489 -30.13 -20.83 1.17
N SER A 490 -29.58 -21.27 0.04
CA SER A 490 -28.70 -20.43 -0.75
C SER A 490 -29.45 -19.80 -1.91
N LEU A 491 -29.30 -18.49 -2.08
CA LEU A 491 -29.88 -17.79 -3.22
C LEU A 491 -28.93 -16.76 -3.80
N GLY A 492 -29.27 -16.25 -4.96
CA GLY A 492 -28.53 -15.17 -5.57
C GLY A 492 -29.48 -14.28 -6.34
N ILE A 493 -29.03 -13.07 -6.65
CA ILE A 493 -29.88 -12.12 -7.36
C ILE A 493 -29.86 -12.48 -8.84
N SER A 494 -31.04 -12.78 -9.38
CA SER A 494 -31.13 -13.35 -10.72
C SER A 494 -32.08 -12.57 -11.62
N ILE A 495 -31.94 -12.81 -12.92
CA ILE A 495 -32.76 -12.15 -13.93
C ILE A 495 -33.92 -13.04 -14.39
N MET A 496 -35.11 -12.45 -14.44
CA MET A 496 -36.31 -13.14 -14.89
C MET A 496 -36.92 -12.42 -16.10
N ILE A 497 -37.18 -13.19 -17.16
CA ILE A 497 -37.79 -12.62 -18.36
C ILE A 497 -38.93 -13.51 -18.85
N LYS A 498 -39.73 -13.03 -19.79
CA LYS A 498 -40.81 -13.83 -20.35
C LYS A 498 -40.26 -14.92 -21.27
N LYS A 499 -41.15 -15.70 -21.88
CA LYS A 499 -40.75 -16.76 -22.79
C LYS A 499 -39.92 -16.21 -23.96
N PRO A 500 -38.83 -16.93 -24.32
CA PRO A 500 -37.91 -16.48 -25.37
C PRO A 500 -38.58 -16.50 -26.74
N GLN A 501 -39.56 -17.37 -26.88
CA GLN A 501 -40.32 -17.55 -28.11
C GLN A 501 -41.50 -18.38 -27.65
N LYS A 502 -42.32 -18.87 -28.56
CA LYS A 502 -43.24 -19.91 -28.16
C LYS A 502 -42.43 -21.17 -28.42
N SER A 503 -41.96 -21.78 -27.34
CA SER A 503 -41.05 -22.90 -27.43
C SER A 503 -41.83 -24.18 -27.70
N LYS A 504 -43.02 -24.25 -27.13
CA LYS A 504 -43.96 -25.28 -27.54
C LYS A 504 -44.27 -24.99 -29.00
N PRO A 505 -43.84 -25.89 -29.89
CA PRO A 505 -43.83 -25.63 -31.33
C PRO A 505 -45.22 -25.41 -31.92
N GLY A 506 -46.19 -26.26 -31.59
CA GLY A 506 -47.47 -26.22 -32.24
C GLY A 506 -47.35 -26.69 -33.67
N VAL A 507 -48.41 -26.53 -34.45
CA VAL A 507 -48.39 -26.92 -35.86
C VAL A 507 -47.70 -25.87 -36.72
N PHE A 508 -47.84 -24.60 -36.34
CA PHE A 508 -47.33 -23.48 -37.13
C PHE A 508 -45.80 -23.40 -37.19
N SER A 509 -45.14 -24.02 -36.22
CA SER A 509 -43.68 -24.03 -36.18
C SER A 509 -43.11 -24.85 -37.33
N PHE A 510 -43.90 -25.80 -37.80
CA PHE A 510 -43.52 -26.60 -38.94
C PHE A 510 -43.61 -25.73 -40.21
N LEU A 511 -44.56 -24.79 -40.20
CA LEU A 511 -44.70 -23.85 -41.29
C LEU A 511 -43.86 -22.59 -41.06
N ASP A 512 -43.08 -22.59 -39.98
CA ASP A 512 -42.22 -21.45 -39.66
C ASP A 512 -41.08 -21.18 -40.66
N PRO A 513 -40.34 -22.24 -41.08
CA PRO A 513 -39.24 -21.96 -42.02
C PRO A 513 -39.68 -21.29 -43.32
N LEU A 514 -40.80 -21.72 -43.88
CA LEU A 514 -41.29 -21.15 -45.13
C LEU A 514 -42.53 -20.30 -44.90
N ALA A 515 -42.52 -19.07 -45.40
CA ALA A 515 -43.64 -18.15 -45.25
C ALA A 515 -44.94 -18.75 -45.80
N TYR A 516 -46.05 -18.45 -45.14
CA TYR A 516 -47.36 -19.00 -45.52
C TYR A 516 -47.74 -18.62 -46.95
N GLU A 517 -47.37 -17.40 -47.34
CA GLU A 517 -47.60 -16.90 -48.69
C GLU A 517 -46.88 -17.79 -49.70
N ILE A 518 -45.72 -18.29 -49.32
CA ILE A 518 -44.94 -19.17 -50.19
C ILE A 518 -45.58 -20.57 -50.26
N TRP A 519 -46.25 -20.98 -49.19
CA TRP A 519 -47.01 -22.23 -49.21
C TRP A 519 -48.20 -22.14 -50.16
N MET A 520 -48.95 -21.07 -50.05
CA MET A 520 -50.09 -20.85 -50.94
C MET A 520 -49.60 -20.74 -52.39
N ALA A 521 -48.46 -20.09 -52.56
CA ALA A 521 -47.86 -19.92 -53.88
C ALA A 521 -47.37 -21.24 -54.48
N ILE A 522 -46.86 -22.14 -53.64
CA ILE A 522 -46.42 -23.44 -54.12
C ILE A 522 -47.64 -24.31 -54.43
N VAL A 523 -48.75 -24.03 -53.76
CA VAL A 523 -50.02 -24.68 -54.11
C VAL A 523 -50.48 -24.22 -55.49
N PHE A 524 -50.44 -22.92 -55.73
CA PHE A 524 -50.79 -22.38 -57.04
C PHE A 524 -49.86 -22.91 -58.13
N ALA A 525 -48.60 -23.12 -57.77
CA ALA A 525 -47.63 -23.69 -58.70
C ALA A 525 -48.00 -25.13 -59.01
N TYR A 526 -48.44 -25.84 -57.97
CA TYR A 526 -48.87 -27.23 -58.10
C TYR A 526 -50.04 -27.37 -59.07
N ILE A 527 -51.13 -26.68 -58.77
CA ILE A 527 -52.32 -26.79 -59.61
C ILE A 527 -52.14 -26.15 -60.99
N GLY A 528 -51.23 -25.18 -61.08
CA GLY A 528 -50.92 -24.55 -62.35
C GLY A 528 -50.17 -25.47 -63.28
N VAL A 529 -49.10 -26.08 -62.76
CA VAL A 529 -48.32 -27.04 -63.53
C VAL A 529 -49.18 -28.24 -63.91
N SER A 530 -49.98 -28.72 -62.97
CA SER A 530 -50.90 -29.81 -63.25
C SER A 530 -51.90 -29.42 -64.34
N VAL A 531 -52.30 -28.14 -64.33
CA VAL A 531 -53.19 -27.61 -65.35
C VAL A 531 -52.56 -27.60 -66.73
N VAL A 532 -51.30 -27.18 -66.81
CA VAL A 532 -50.58 -27.16 -68.09
C VAL A 532 -50.41 -28.58 -68.62
N LEU A 533 -50.03 -29.50 -67.73
CA LEU A 533 -49.89 -30.91 -68.10
C LEU A 533 -51.22 -31.48 -68.59
N PHE A 534 -52.32 -31.04 -67.98
CA PHE A 534 -53.64 -31.50 -68.40
C PHE A 534 -54.03 -30.86 -69.73
N LEU A 535 -53.44 -29.71 -70.02
CA LEU A 535 -53.67 -29.02 -71.28
C LEU A 535 -52.89 -29.67 -72.42
N VAL A 536 -51.77 -30.30 -72.08
CA VAL A 536 -51.00 -31.02 -73.08
C VAL A 536 -51.81 -32.17 -73.68
N SER A 537 -52.46 -32.93 -72.81
CA SER A 537 -53.36 -34.04 -73.16
C SER A 537 -53.02 -34.77 -74.47
N SER A 588 -43.70 -36.83 -74.67
CA SER A 588 -43.96 -35.58 -75.37
C SER A 588 -43.10 -34.45 -74.80
N LEU A 589 -42.35 -33.79 -75.68
CA LEU A 589 -41.37 -32.77 -75.30
C LEU A 589 -41.93 -31.69 -74.37
N SER A 590 -43.13 -31.21 -74.68
CA SER A 590 -43.81 -30.22 -73.85
C SER A 590 -43.91 -30.69 -72.40
N ALA A 591 -44.64 -31.78 -72.20
CA ALA A 591 -44.84 -32.38 -70.88
C ALA A 591 -43.50 -32.67 -70.18
N ARG A 592 -42.51 -33.05 -70.96
CA ARG A 592 -41.19 -33.38 -70.41
C ARG A 592 -40.47 -32.15 -69.86
N ILE A 593 -40.49 -31.04 -70.62
CA ILE A 593 -39.86 -29.82 -70.14
C ILE A 593 -40.66 -29.21 -68.99
N VAL A 594 -41.97 -29.45 -68.97
CA VAL A 594 -42.79 -29.07 -67.83
C VAL A 594 -42.30 -29.82 -66.59
N ALA A 595 -42.13 -31.13 -66.74
CA ALA A 595 -41.65 -31.97 -65.65
C ALA A 595 -40.27 -31.55 -65.17
N GLY A 596 -39.42 -31.14 -66.10
CA GLY A 596 -38.08 -30.70 -65.76
C GLY A 596 -38.10 -29.41 -64.97
N VAL A 597 -38.83 -28.41 -65.49
CA VAL A 597 -38.95 -27.12 -64.83
C VAL A 597 -39.55 -27.27 -63.43
N TRP A 598 -40.61 -28.06 -63.31
CA TRP A 598 -41.21 -28.30 -62.00
C TRP A 598 -40.25 -29.03 -61.06
N TRP A 599 -39.47 -29.96 -61.61
CA TRP A 599 -38.49 -30.70 -60.82
C TRP A 599 -37.43 -29.77 -60.24
N PHE A 600 -36.96 -28.84 -61.06
CA PHE A 600 -35.98 -27.85 -60.63
C PHE A 600 -36.60 -26.90 -59.60
N PHE A 601 -37.85 -26.55 -59.83
CA PHE A 601 -38.61 -25.66 -58.94
C PHE A 601 -38.72 -26.24 -57.53
N THR A 602 -39.28 -27.44 -57.44
CA THR A 602 -39.42 -28.13 -56.17
C THR A 602 -38.06 -28.43 -55.57
N LEU A 603 -37.06 -28.62 -56.44
CA LEU A 603 -35.69 -28.82 -55.99
C LEU A 603 -35.19 -27.63 -55.18
N ILE A 604 -35.24 -26.46 -55.79
CA ILE A 604 -34.80 -25.23 -55.14
C ILE A 604 -35.63 -24.93 -53.88
N ILE A 605 -36.92 -25.20 -53.94
CA ILE A 605 -37.76 -24.97 -52.77
C ILE A 605 -37.38 -25.86 -51.58
N ILE A 606 -37.22 -27.16 -51.84
CA ILE A 606 -36.82 -28.10 -50.79
C ILE A 606 -35.46 -27.72 -50.21
N SER A 607 -34.52 -27.40 -51.09
CA SER A 607 -33.19 -27.00 -50.67
C SER A 607 -33.27 -25.75 -49.79
N SER A 608 -34.17 -24.84 -50.16
CA SER A 608 -34.38 -23.60 -49.42
C SER A 608 -34.94 -23.87 -48.02
N TYR A 609 -35.90 -24.79 -47.94
CA TYR A 609 -36.49 -25.15 -46.66
C TYR A 609 -35.44 -25.77 -45.74
N THR A 610 -34.69 -26.72 -46.28
CA THR A 610 -33.65 -27.38 -45.50
C THR A 610 -32.63 -26.36 -45.02
N ALA A 611 -32.27 -25.44 -45.90
CA ALA A 611 -31.32 -24.38 -45.56
C ALA A 611 -31.81 -23.51 -44.41
N ASN A 612 -32.98 -22.93 -44.57
CA ASN A 612 -33.53 -22.01 -43.57
C ASN A 612 -33.82 -22.68 -42.23
N LEU A 613 -34.22 -23.94 -42.27
CA LEU A 613 -34.46 -24.70 -41.05
C LEU A 613 -33.12 -24.97 -40.37
N ALA A 614 -32.10 -25.22 -41.17
CA ALA A 614 -30.75 -25.42 -40.65
C ALA A 614 -30.25 -24.17 -39.95
N ALA A 615 -30.49 -23.01 -40.54
CA ALA A 615 -30.09 -21.74 -39.93
C ALA A 615 -30.87 -21.49 -38.64
N PHE A 616 -32.17 -21.69 -38.71
CA PHE A 616 -33.05 -21.52 -37.55
C PHE A 616 -32.57 -22.37 -36.37
N LEU A 617 -32.18 -23.61 -36.66
CA LEU A 617 -31.74 -24.51 -35.60
C LEU A 617 -30.29 -24.28 -35.17
N THR A 618 -29.50 -23.66 -36.05
CA THR A 618 -28.13 -23.31 -35.71
C THR A 618 -28.15 -22.12 -34.77
N VAL A 619 -29.14 -21.25 -34.94
CA VAL A 619 -29.32 -20.08 -34.10
C VAL A 619 -29.61 -20.42 -32.64
N GLU A 620 -30.55 -21.35 -32.44
CA GLU A 620 -31.11 -21.62 -31.12
C GLU A 620 -30.09 -22.09 -30.09
N ARG A 621 -29.05 -22.76 -30.55
CA ARG A 621 -28.07 -23.33 -29.64
C ARG A 621 -26.87 -22.40 -29.40
N MET A 622 -26.92 -21.22 -30.01
CA MET A 622 -25.97 -20.15 -29.70
C MET A 622 -26.34 -19.54 -28.35
N VAL A 623 -25.33 -19.27 -27.53
CA VAL A 623 -25.55 -18.67 -26.20
C VAL A 623 -26.30 -17.35 -26.33
N SER A 624 -27.41 -17.23 -25.62
CA SER A 624 -28.22 -16.02 -25.67
C SER A 624 -27.44 -14.83 -25.12
N PRO A 625 -27.45 -13.70 -25.85
CA PRO A 625 -26.77 -12.50 -25.38
C PRO A 625 -27.37 -12.00 -24.07
N ILE A 626 -28.69 -11.94 -24.01
CA ILE A 626 -29.41 -11.38 -22.86
C ILE A 626 -29.20 -12.20 -21.59
N GLU A 627 -28.73 -13.43 -21.73
CA GLU A 627 -28.59 -14.35 -20.60
C GLU A 627 -27.55 -13.85 -19.58
N SER A 628 -26.38 -13.46 -20.05
CA SER A 628 -25.37 -12.89 -19.16
C SER A 628 -25.84 -11.54 -18.62
N ALA A 629 -25.59 -11.30 -17.34
CA ALA A 629 -26.06 -10.08 -16.67
C ALA A 629 -25.42 -8.83 -17.27
N GLU A 630 -24.12 -8.91 -17.54
CA GLU A 630 -23.37 -7.81 -18.11
C GLU A 630 -23.97 -7.34 -19.43
N ASP A 631 -24.35 -8.30 -20.27
CA ASP A 631 -24.92 -8.00 -21.57
C ASP A 631 -26.28 -7.32 -21.41
N LEU A 632 -27.01 -7.68 -20.36
CA LEU A 632 -28.27 -7.00 -20.06
C LEU A 632 -27.98 -5.57 -19.64
N SER A 633 -26.91 -5.39 -18.88
CA SER A 633 -26.50 -4.06 -18.42
C SER A 633 -26.17 -3.19 -19.63
N LYS A 634 -25.53 -3.78 -20.62
CA LYS A 634 -25.20 -3.08 -21.85
C LYS A 634 -26.40 -2.97 -22.79
N GLN A 635 -27.47 -3.72 -22.51
CA GLN A 635 -28.65 -3.65 -23.38
C GLN A 635 -29.67 -2.62 -22.91
N THR A 636 -29.87 -1.59 -23.72
CA THR A 636 -30.79 -0.50 -23.41
C THR A 636 -32.17 -0.69 -24.03
N GLU A 637 -32.34 -1.76 -24.81
CA GLU A 637 -33.61 -2.04 -25.44
C GLU A 637 -34.64 -2.58 -24.44
N ILE A 638 -34.19 -3.50 -23.59
CA ILE A 638 -35.04 -4.05 -22.54
C ILE A 638 -34.73 -3.38 -21.21
N ALA A 639 -35.77 -2.82 -20.60
CA ALA A 639 -35.62 -2.20 -19.28
C ALA A 639 -35.60 -3.29 -18.23
N TYR A 640 -34.83 -3.07 -17.17
CA TYR A 640 -34.75 -4.02 -16.08
C TYR A 640 -34.99 -3.31 -14.74
N GLY A 641 -35.56 -4.01 -13.77
CA GLY A 641 -35.88 -3.38 -12.51
C GLY A 641 -35.84 -4.30 -11.30
N THR A 642 -36.04 -3.73 -10.12
CA THR A 642 -36.06 -4.49 -8.88
C THR A 642 -37.31 -4.17 -8.07
N LEU A 643 -37.37 -4.72 -6.86
CA LEU A 643 -38.42 -4.37 -5.90
C LEU A 643 -38.25 -2.92 -5.48
N ASP A 644 -39.33 -2.33 -4.97
CA ASP A 644 -39.26 -0.97 -4.44
C ASP A 644 -38.25 -0.93 -3.30
N SER A 645 -38.36 -1.92 -2.41
CA SER A 645 -37.46 -2.04 -1.28
C SER A 645 -36.97 -3.47 -1.17
N GLY A 646 -35.81 -3.65 -0.53
CA GLY A 646 -35.27 -4.97 -0.32
C GLY A 646 -33.76 -4.99 -0.23
N SER A 647 -33.21 -6.17 0.00
CA SER A 647 -31.75 -6.32 0.10
C SER A 647 -31.10 -6.21 -1.26
N THR A 648 -31.87 -6.52 -2.30
CA THR A 648 -31.35 -6.49 -3.67
C THR A 648 -31.13 -5.05 -4.16
N LYS A 649 -32.07 -4.16 -3.86
CA LYS A 649 -31.96 -2.77 -4.26
C LYS A 649 -30.76 -2.13 -3.58
N GLU A 650 -30.62 -2.36 -2.29
CA GLU A 650 -29.49 -1.85 -1.53
C GLU A 650 -28.18 -2.45 -2.04
N PHE A 651 -28.23 -3.71 -2.44
CA PHE A 651 -27.07 -4.36 -3.06
C PHE A 651 -26.64 -3.56 -4.27
N PHE A 652 -27.60 -3.23 -5.13
CA PHE A 652 -27.31 -2.43 -6.31
C PHE A 652 -26.78 -1.04 -5.96
N ARG A 653 -27.35 -0.42 -4.93
CA ARG A 653 -26.93 0.90 -4.50
C ARG A 653 -25.48 0.95 -4.02
N ARG A 654 -25.15 0.14 -3.02
CA ARG A 654 -23.83 0.23 -2.39
C ARG A 654 -22.75 -0.57 -3.12
N SER A 655 -23.12 -1.20 -4.23
CA SER A 655 -22.14 -1.96 -5.01
C SER A 655 -21.17 -1.01 -5.70
N LYS A 656 -19.88 -1.22 -5.42
CA LYS A 656 -18.83 -0.41 -6.01
C LYS A 656 -18.31 -1.08 -7.28
N ILE A 657 -18.85 -2.26 -7.57
CA ILE A 657 -18.50 -2.99 -8.78
C ILE A 657 -19.15 -2.32 -10.00
N ALA A 658 -18.39 -2.23 -11.09
CA ALA A 658 -18.78 -1.48 -12.28
C ALA A 658 -20.18 -1.79 -12.82
N VAL A 659 -20.38 -3.01 -13.30
CA VAL A 659 -21.61 -3.44 -13.96
C VAL A 659 -22.87 -3.13 -13.15
N PHE A 660 -22.85 -3.53 -11.89
CA PHE A 660 -24.00 -3.35 -11.01
C PHE A 660 -24.27 -1.86 -10.76
N ASP A 661 -23.20 -1.07 -10.62
CA ASP A 661 -23.31 0.36 -10.41
C ASP A 661 -23.95 1.04 -11.62
N LYS A 662 -23.51 0.61 -12.80
CA LYS A 662 -24.10 1.09 -14.06
C LYS A 662 -25.58 0.79 -14.07
N MET A 663 -25.94 -0.44 -13.71
CA MET A 663 -27.33 -0.83 -13.62
C MET A 663 -28.10 0.08 -12.65
N TRP A 664 -27.46 0.45 -11.55
CA TRP A 664 -28.09 1.31 -10.57
C TRP A 664 -28.33 2.71 -11.12
N THR A 665 -27.36 3.21 -11.88
CA THR A 665 -27.47 4.52 -12.52
C THR A 665 -28.64 4.53 -13.50
N TYR A 666 -28.71 3.48 -14.33
CA TYR A 666 -29.80 3.35 -15.29
C TYR A 666 -31.16 3.29 -14.59
N MET A 667 -31.28 2.38 -13.62
CA MET A 667 -32.55 2.19 -12.91
C MET A 667 -32.97 3.44 -12.13
N ARG A 668 -32.00 4.22 -11.69
CA ARG A 668 -32.28 5.41 -10.92
C ARG A 668 -32.69 6.57 -11.83
N SER A 669 -32.10 6.63 -13.01
CA SER A 669 -32.34 7.76 -13.93
C SER A 669 -33.45 7.50 -14.94
N ALA A 670 -34.05 6.31 -14.89
CA ALA A 670 -35.04 5.92 -15.90
C ALA A 670 -36.50 6.03 -15.44
N GLU A 671 -37.36 6.55 -16.31
CA GLU A 671 -38.80 6.56 -16.08
C GLU A 671 -39.51 6.11 -17.37
N PRO A 672 -40.69 5.48 -17.27
CA PRO A 672 -41.54 5.19 -16.10
C PRO A 672 -40.88 4.30 -15.07
N SER A 673 -41.30 4.43 -13.81
CA SER A 673 -40.66 3.73 -12.69
C SER A 673 -40.60 2.22 -12.92
N VAL A 674 -39.40 1.68 -12.75
CA VAL A 674 -39.14 0.27 -13.01
C VAL A 674 -39.29 -0.54 -11.72
N PHE A 675 -39.67 0.15 -10.65
CA PHE A 675 -39.74 -0.43 -9.32
C PHE A 675 -41.16 -0.84 -8.96
N VAL A 676 -41.29 -1.95 -8.25
CA VAL A 676 -42.59 -2.46 -7.80
C VAL A 676 -42.60 -2.69 -6.30
N ARG A 677 -43.77 -2.53 -5.69
CA ARG A 677 -43.90 -2.67 -4.24
C ARG A 677 -43.87 -4.13 -3.80
N THR A 678 -44.52 -4.99 -4.59
CA THR A 678 -44.50 -6.42 -4.32
C THR A 678 -43.92 -7.18 -5.51
N THR A 679 -43.45 -8.40 -5.26
CA THR A 679 -42.83 -9.21 -6.30
C THR A 679 -43.81 -9.67 -7.37
N ALA A 680 -45.00 -10.08 -6.94
CA ALA A 680 -46.04 -10.53 -7.85
C ALA A 680 -46.37 -9.44 -8.88
N GLU A 681 -46.35 -8.20 -8.41
CA GLU A 681 -46.55 -7.03 -9.27
C GLU A 681 -45.48 -7.00 -10.35
N GLY A 682 -44.23 -7.18 -9.94
CA GLY A 682 -43.11 -7.18 -10.86
C GLY A 682 -43.19 -8.26 -11.92
N VAL A 683 -43.46 -9.50 -11.49
CA VAL A 683 -43.56 -10.61 -12.43
C VAL A 683 -44.74 -10.43 -13.38
N ALA A 684 -45.83 -9.88 -12.86
CA ALA A 684 -46.98 -9.54 -13.69
C ALA A 684 -46.56 -8.52 -14.75
N ARG A 685 -45.69 -7.61 -14.36
CA ARG A 685 -45.14 -6.64 -15.31
C ARG A 685 -44.27 -7.32 -16.36
N VAL A 686 -43.52 -8.34 -15.96
CA VAL A 686 -42.68 -9.08 -16.91
C VAL A 686 -43.55 -9.78 -17.93
N ARG A 687 -44.67 -10.32 -17.46
CA ARG A 687 -45.57 -11.08 -18.32
C ARG A 687 -46.38 -10.17 -19.25
N LYS A 688 -46.68 -8.96 -18.80
CA LYS A 688 -47.49 -8.04 -19.58
C LYS A 688 -46.69 -7.25 -20.61
N SER A 689 -45.36 -7.24 -20.45
CA SER A 689 -44.50 -6.37 -21.25
C SER A 689 -44.05 -6.95 -22.59
N LYS A 690 -44.39 -8.21 -22.85
CA LYS A 690 -43.97 -8.92 -24.06
C LYS A 690 -42.44 -8.99 -24.18
N GLY A 691 -41.75 -8.89 -23.05
CA GLY A 691 -40.30 -8.96 -23.02
C GLY A 691 -39.60 -7.62 -22.92
N LYS A 692 -40.37 -6.55 -22.74
CA LYS A 692 -39.77 -5.22 -22.61
C LYS A 692 -39.22 -5.05 -21.20
N TYR A 693 -39.77 -5.81 -20.26
CA TYR A 693 -39.36 -5.69 -18.87
C TYR A 693 -38.70 -6.96 -18.34
N ALA A 694 -37.58 -6.78 -17.66
CA ALA A 694 -36.85 -7.86 -17.00
C ALA A 694 -36.84 -7.59 -15.50
N TYR A 695 -37.10 -8.63 -14.70
CA TYR A 695 -37.20 -8.44 -13.27
C TYR A 695 -36.09 -9.14 -12.48
N LEU A 696 -35.38 -8.35 -11.69
CA LEU A 696 -34.28 -8.84 -10.88
C LEU A 696 -34.79 -9.24 -9.51
N LEU A 697 -34.71 -10.53 -9.20
CA LEU A 697 -35.19 -11.02 -7.91
C LEU A 697 -34.37 -12.23 -7.48
N GLU A 698 -34.45 -12.55 -6.19
CA GLU A 698 -33.73 -13.68 -5.63
C GLU A 698 -34.12 -14.97 -6.34
N SER A 699 -33.13 -15.81 -6.64
CA SER A 699 -33.32 -16.99 -7.49
C SER A 699 -34.40 -17.95 -7.03
N THR A 700 -34.66 -17.97 -5.72
CA THR A 700 -35.68 -18.86 -5.16
C THR A 700 -37.07 -18.54 -5.71
N MET A 701 -37.48 -17.29 -5.56
CA MET A 701 -38.78 -16.84 -6.08
C MET A 701 -38.84 -17.04 -7.59
N ASN A 702 -37.68 -16.91 -8.25
CA ASN A 702 -37.60 -17.07 -9.70
C ASN A 702 -37.87 -18.51 -10.14
N GLU A 703 -37.26 -19.48 -9.45
CA GLU A 703 -37.50 -20.89 -9.73
C GLU A 703 -38.95 -21.21 -9.43
N TYR A 704 -39.42 -20.75 -8.28
CA TYR A 704 -40.80 -20.96 -7.86
C TYR A 704 -41.81 -20.48 -8.89
N ILE A 705 -41.56 -19.31 -9.44
CA ILE A 705 -42.48 -18.70 -10.40
C ILE A 705 -42.32 -19.30 -11.79
N GLU A 706 -41.12 -19.78 -12.10
CA GLU A 706 -40.92 -20.56 -13.31
C GLU A 706 -41.80 -21.81 -13.25
N GLN A 707 -41.93 -22.37 -12.05
CA GLN A 707 -42.74 -23.57 -11.86
C GLN A 707 -44.25 -23.31 -11.85
N ARG A 708 -44.66 -22.08 -11.55
CA ARG A 708 -46.08 -21.77 -11.39
C ARG A 708 -46.71 -21.20 -12.67
N LYS A 709 -47.91 -21.71 -13.00
CA LYS A 709 -48.68 -21.28 -14.17
C LYS A 709 -48.86 -19.76 -14.19
N PRO A 710 -48.82 -19.14 -15.38
CA PRO A 710 -48.69 -19.65 -16.76
C PRO A 710 -47.37 -20.31 -17.11
N CYS A 711 -46.35 -20.15 -16.27
CA CYS A 711 -45.01 -20.68 -16.53
C CYS A 711 -44.40 -20.03 -17.78
N ASP A 712 -44.73 -18.75 -17.97
CA ASP A 712 -44.18 -17.98 -19.07
C ASP A 712 -42.77 -17.48 -18.75
N THR A 713 -42.54 -17.18 -17.47
CA THR A 713 -41.30 -16.58 -17.02
C THR A 713 -40.18 -17.59 -16.79
N MET A 714 -38.99 -17.24 -17.24
CA MET A 714 -37.80 -18.06 -17.06
C MET A 714 -36.69 -17.26 -16.41
N LYS A 715 -35.82 -17.97 -15.69
CA LYS A 715 -34.65 -17.40 -15.05
C LYS A 715 -33.47 -17.56 -15.99
N VAL A 716 -32.79 -16.47 -16.31
CA VAL A 716 -31.67 -16.52 -17.24
C VAL A 716 -30.35 -16.11 -16.61
N GLY A 717 -29.29 -16.82 -16.97
CA GLY A 717 -27.94 -16.51 -16.50
C GLY A 717 -27.67 -16.96 -15.08
N GLY A 718 -26.40 -16.91 -14.69
CA GLY A 718 -26.03 -17.19 -13.31
C GLY A 718 -26.42 -16.02 -12.44
N ASN A 719 -26.43 -16.24 -11.12
CA ASN A 719 -26.83 -15.18 -10.20
C ASN A 719 -25.76 -14.10 -10.09
N LEU A 720 -26.20 -12.89 -9.77
CA LEU A 720 -25.31 -11.73 -9.72
C LEU A 720 -24.30 -11.86 -8.59
N ASP A 721 -24.71 -12.52 -7.52
CA ASP A 721 -23.82 -12.77 -6.39
C ASP A 721 -24.26 -14.05 -5.70
N SER A 722 -23.69 -14.33 -4.54
CA SER A 722 -24.10 -15.50 -3.78
C SER A 722 -24.40 -15.16 -2.33
N LYS A 723 -25.66 -15.32 -1.92
CA LYS A 723 -26.09 -15.04 -0.57
C LYS A 723 -26.96 -16.16 -0.02
N GLY A 724 -27.55 -15.94 1.16
CA GLY A 724 -28.43 -16.93 1.74
C GLY A 724 -29.47 -16.40 2.71
N TYR A 725 -30.57 -17.15 2.85
CA TYR A 725 -31.57 -16.89 3.88
C TYR A 725 -31.07 -17.45 5.19
N GLY A 726 -31.57 -16.92 6.29
CA GLY A 726 -31.18 -17.42 7.60
C GLY A 726 -32.22 -17.18 8.67
N ILE A 727 -32.19 -18.00 9.71
CA ILE A 727 -33.06 -17.81 10.85
C ILE A 727 -32.46 -16.75 11.77
N ALA A 728 -33.24 -15.72 12.07
CA ALA A 728 -32.73 -14.59 12.84
C ALA A 728 -33.13 -14.62 14.31
N THR A 729 -32.18 -14.27 15.17
CA THR A 729 -32.44 -14.17 16.60
C THR A 729 -31.77 -12.91 17.14
N PRO A 730 -32.27 -12.39 18.27
CA PRO A 730 -31.64 -11.19 18.85
C PRO A 730 -30.23 -11.45 19.35
N LYS A 731 -29.39 -10.42 19.34
CA LYS A 731 -28.02 -10.55 19.81
C LYS A 731 -27.99 -10.89 21.31
N GLY A 732 -27.25 -11.94 21.65
CA GLY A 732 -27.10 -12.34 23.03
C GLY A 732 -28.17 -13.32 23.49
N SER A 733 -29.02 -13.74 22.55
CA SER A 733 -30.12 -14.64 22.88
C SER A 733 -29.65 -16.07 23.13
N SER A 734 -30.45 -16.82 23.88
CA SER A 734 -30.12 -18.21 24.17
C SER A 734 -30.49 -19.15 23.03
N LEU A 735 -31.51 -18.81 22.25
CA LEU A 735 -32.06 -19.73 21.26
C LEU A 735 -31.25 -19.84 19.96
N GLY A 736 -30.47 -18.81 19.67
CA GLY A 736 -29.73 -18.72 18.42
C GLY A 736 -28.80 -19.90 18.16
N THR A 737 -27.94 -20.20 19.11
CA THR A 737 -26.98 -21.28 18.94
C THR A 737 -27.62 -22.68 18.83
N PRO A 738 -28.60 -23.02 19.70
CA PRO A 738 -29.20 -24.34 19.50
C PRO A 738 -30.04 -24.44 18.23
N VAL A 739 -30.75 -23.38 17.83
CA VAL A 739 -31.49 -23.46 16.58
C VAL A 739 -30.52 -23.54 15.40
N ASN A 740 -29.34 -22.95 15.56
CA ASN A 740 -28.27 -23.10 14.57
C ASN A 740 -27.86 -24.56 14.43
N LEU A 741 -27.59 -25.19 15.58
CA LEU A 741 -27.25 -26.62 15.61
C LEU A 741 -28.34 -27.44 14.94
N ALA A 742 -29.58 -27.00 15.14
CA ALA A 742 -30.75 -27.66 14.57
C ALA A 742 -30.77 -27.54 13.05
N VAL A 743 -30.43 -26.36 12.54
CA VAL A 743 -30.37 -26.14 11.10
C VAL A 743 -29.35 -27.08 10.50
N LEU A 744 -28.18 -27.15 11.13
CA LEU A 744 -27.13 -28.04 10.65
C LEU A 744 -27.57 -29.49 10.66
N LYS A 745 -28.22 -29.87 11.76
CA LYS A 745 -28.76 -31.22 11.92
C LYS A 745 -29.69 -31.58 10.76
N LEU A 746 -30.72 -30.77 10.57
CA LEU A 746 -31.69 -30.98 9.50
C LEU A 746 -31.02 -31.08 8.14
N SER A 747 -30.11 -30.16 7.85
CA SER A 747 -29.42 -30.15 6.57
C SER A 747 -28.59 -31.41 6.36
N GLU A 748 -27.99 -31.93 7.42
CA GLU A 748 -27.14 -33.10 7.30
C GLU A 748 -27.95 -34.38 7.07
N GLN A 749 -29.18 -34.39 7.57
CA GLN A 749 -30.06 -35.53 7.34
C GLN A 749 -30.98 -35.32 6.12
N GLY A 750 -30.77 -34.21 5.42
CA GLY A 750 -31.41 -34.00 4.14
C GLY A 750 -32.82 -33.45 4.21
N VAL A 751 -33.22 -33.00 5.39
CA VAL A 751 -34.55 -32.46 5.61
C VAL A 751 -34.83 -31.21 4.76
N LEU A 752 -33.89 -30.26 4.76
CA LEU A 752 -34.06 -29.02 4.01
C LEU A 752 -34.25 -29.27 2.51
N ASP A 753 -33.46 -30.19 1.96
CA ASP A 753 -33.55 -30.55 0.55
C ASP A 753 -34.93 -31.12 0.22
N LYS A 754 -35.38 -32.04 1.07
CA LYS A 754 -36.70 -32.63 0.96
C LYS A 754 -37.78 -31.56 0.99
N LEU A 755 -37.63 -30.57 1.88
CA LEU A 755 -38.62 -29.51 2.03
C LEU A 755 -38.69 -28.63 0.79
N LYS A 756 -37.52 -28.23 0.28
CA LYS A 756 -37.47 -27.42 -0.94
C LYS A 756 -38.09 -28.17 -2.10
N ASN A 757 -37.68 -29.42 -2.28
CA ASN A 757 -38.25 -30.25 -3.35
C ASN A 757 -39.76 -30.34 -3.22
N LYS A 758 -40.24 -30.42 -1.98
CA LYS A 758 -41.67 -30.50 -1.70
C LYS A 758 -42.42 -29.24 -2.12
N TRP A 759 -41.97 -28.09 -1.65
CA TRP A 759 -42.70 -26.84 -1.89
C TRP A 759 -42.33 -26.13 -3.20
N TRP A 760 -41.37 -26.68 -3.92
CA TRP A 760 -40.98 -26.10 -5.22
C TRP A 760 -41.40 -26.99 -6.38
N TYR A 761 -40.68 -28.09 -6.57
CA TYR A 761 -40.86 -28.92 -7.75
C TYR A 761 -41.87 -30.06 -7.60
N ASP A 762 -42.28 -30.36 -6.38
CA ASP A 762 -43.30 -31.38 -6.15
C ASP A 762 -44.71 -30.84 -6.40
N LYS A 763 -44.97 -29.63 -5.91
CA LYS A 763 -46.27 -28.99 -6.05
C LYS A 763 -46.32 -28.17 -7.34
N GLY A 764 -45.26 -28.25 -8.12
CA GLY A 764 -45.13 -27.48 -9.34
C GLY A 764 -46.24 -27.77 -10.35
N GLU A 765 -46.93 -26.70 -10.74
CA GLU A 765 -48.07 -26.82 -11.66
C GLU A 765 -47.60 -27.14 -13.06
N CYS A 766 -46.56 -26.45 -13.50
CA CYS A 766 -45.99 -26.65 -14.83
C CYS A 766 -45.43 -28.07 -14.99
N GLY A 767 -44.83 -28.58 -13.93
CA GLY A 767 -44.21 -29.90 -13.98
C GLY A 767 -42.99 -29.89 -14.88
N ALA A 768 -42.38 -31.06 -15.06
CA ALA A 768 -41.17 -31.22 -15.88
C ALA A 768 -40.07 -30.23 -15.48
N LYS A 769 -39.86 -30.09 -14.17
CA LYS A 769 -38.85 -29.18 -13.64
C LYS A 769 -37.45 -29.75 -13.81
N ASP A 770 -37.18 -30.88 -13.13
CA ASP A 770 -35.91 -31.57 -13.25
C ASP A 770 -35.68 -32.06 -14.68
N SER A 771 -36.76 -32.12 -15.45
CA SER A 771 -36.68 -32.48 -16.87
C SER A 771 -35.78 -31.51 -17.62
N GLY A 772 -36.07 -30.22 -17.51
CA GLY A 772 -35.32 -29.20 -18.25
C GLY A 772 -33.82 -29.23 -18.01
N SER A 773 -33.42 -29.85 -16.91
CA SER A 773 -32.01 -30.09 -16.62
C SER A 773 -31.56 -31.42 -17.20
N LYS A 774 -32.14 -32.51 -16.72
CA LYS A 774 -31.75 -33.86 -17.13
C LYS A 774 -32.09 -34.16 -18.59
N GLU A 775 -33.21 -33.61 -19.05
CA GLU A 775 -33.71 -33.85 -20.41
C GLU A 775 -33.22 -32.82 -21.43
N LYS A 776 -32.29 -31.93 -21.06
CA LYS A 776 -31.99 -30.92 -22.05
C LYS A 776 -30.97 -31.56 -22.98
N THR A 777 -31.50 -32.01 -24.11
CA THR A 777 -30.73 -32.66 -25.15
C THR A 777 -30.50 -31.71 -26.32
N SER A 778 -31.10 -30.52 -26.24
CA SER A 778 -31.29 -29.68 -27.42
C SER A 778 -31.95 -30.54 -28.50
N ALA A 779 -31.22 -30.73 -29.61
CA ALA A 779 -31.63 -31.67 -30.65
C ALA A 779 -33.01 -31.35 -31.20
N LEU A 780 -33.85 -32.38 -31.31
CA LEU A 780 -35.20 -32.20 -31.84
C LEU A 780 -36.23 -32.79 -30.89
N SER A 781 -37.27 -32.01 -30.62
CA SER A 781 -38.40 -32.48 -29.84
C SER A 781 -39.43 -33.15 -30.75
N LEU A 782 -40.06 -34.21 -30.25
CA LEU A 782 -41.11 -34.91 -30.99
C LEU A 782 -42.27 -33.99 -31.34
N SER A 783 -42.52 -33.02 -30.45
CA SER A 783 -43.65 -32.11 -30.57
C SER A 783 -43.72 -31.34 -31.90
N ASN A 784 -42.55 -30.94 -32.41
CA ASN A 784 -42.49 -30.22 -33.67
C ASN A 784 -42.89 -31.09 -34.87
N VAL A 785 -42.42 -32.33 -34.88
CA VAL A 785 -42.68 -33.27 -35.96
C VAL A 785 -44.10 -33.83 -35.87
N ALA A 786 -44.67 -33.69 -34.68
CA ALA A 786 -46.02 -34.20 -34.39
C ALA A 786 -47.04 -33.72 -35.42
N GLY A 787 -47.01 -32.44 -35.75
CA GLY A 787 -47.93 -31.88 -36.73
C GLY A 787 -47.85 -32.55 -38.09
N VAL A 788 -46.62 -32.80 -38.55
CA VAL A 788 -46.40 -33.52 -39.79
C VAL A 788 -46.99 -34.92 -39.69
N PHE A 789 -46.80 -35.54 -38.53
CA PHE A 789 -47.41 -36.84 -38.28
C PHE A 789 -48.94 -36.80 -38.38
N TYR A 790 -49.52 -35.69 -37.93
CA TYR A 790 -50.98 -35.52 -37.94
C TYR A 790 -51.53 -35.26 -39.34
N ILE A 791 -50.77 -34.54 -40.17
CA ILE A 791 -51.21 -34.34 -41.55
C ILE A 791 -50.99 -35.63 -42.34
N LEU A 792 -50.03 -36.45 -41.91
CA LEU A 792 -49.84 -37.77 -42.49
C LEU A 792 -51.03 -38.67 -42.16
N VAL A 793 -51.42 -38.70 -40.89
CA VAL A 793 -52.55 -39.50 -40.45
C VAL A 793 -53.86 -39.04 -41.12
N GLY A 794 -54.09 -37.73 -41.12
CA GLY A 794 -55.26 -37.16 -41.76
C GLY A 794 -55.28 -37.42 -43.25
N GLY A 795 -54.10 -37.43 -43.86
CA GLY A 795 -53.95 -37.76 -45.27
C GLY A 795 -54.27 -39.21 -45.53
N LEU A 796 -53.94 -40.07 -44.56
CA LEU A 796 -54.25 -41.49 -44.66
C LEU A 796 -55.74 -41.74 -44.46
N GLY A 797 -56.38 -40.88 -43.67
CA GLY A 797 -57.82 -40.98 -43.43
C GLY A 797 -58.60 -40.52 -44.64
N LEU A 798 -58.14 -39.42 -45.24
CA LEU A 798 -58.74 -38.95 -46.48
C LEU A 798 -58.48 -39.98 -47.58
N ALA A 799 -57.34 -40.66 -47.47
CA ALA A 799 -56.99 -41.74 -48.39
C ALA A 799 -57.93 -42.92 -48.18
N MET A 800 -58.36 -43.13 -46.94
CA MET A 800 -59.30 -44.17 -46.59
C MET A 800 -60.65 -43.85 -47.21
N LEU A 801 -61.04 -42.59 -47.09
CA LEU A 801 -62.31 -42.11 -47.63
C LEU A 801 -62.35 -42.22 -49.15
N VAL A 802 -61.28 -41.77 -49.81
CA VAL A 802 -61.16 -41.85 -51.26
C VAL A 802 -61.11 -43.31 -51.71
N ALA A 803 -60.51 -44.17 -50.88
CA ALA A 803 -60.50 -45.60 -51.16
C ALA A 803 -61.92 -46.16 -51.10
N LEU A 804 -62.73 -45.63 -50.18
CA LEU A 804 -64.13 -46.04 -50.06
C LEU A 804 -64.95 -45.59 -51.27
N ILE A 805 -64.77 -44.34 -51.69
CA ILE A 805 -65.55 -43.79 -52.80
C ILE A 805 -65.17 -44.38 -54.16
N GLU A 806 -64.05 -45.08 -54.22
CA GLU A 806 -63.62 -45.74 -55.46
C GLU A 806 -64.35 -47.06 -55.67
N SER B 2 1.43 42.29 60.98
CA SER B 2 1.92 41.28 61.92
C SER B 2 0.94 40.12 62.05
N ILE B 3 0.70 39.42 60.94
CA ILE B 3 -0.25 38.31 60.92
C ILE B 3 0.48 36.96 60.93
N GLN B 4 0.19 36.12 61.92
CA GLN B 4 0.82 34.80 61.97
C GLN B 4 0.13 33.90 60.97
N ILE B 5 0.90 33.39 60.00
CA ILE B 5 0.35 32.38 59.09
C ILE B 5 1.29 31.18 59.03
N GLY B 6 0.70 30.00 58.90
CA GLY B 6 1.48 28.79 58.80
C GLY B 6 1.63 28.37 57.35
N GLY B 7 2.63 27.52 57.09
CA GLY B 7 2.80 27.00 55.75
C GLY B 7 3.45 25.64 55.70
N LEU B 8 3.10 24.89 54.66
CA LEU B 8 3.54 23.51 54.51
C LEU B 8 4.06 23.28 53.10
N PHE B 9 5.34 22.95 53.00
CA PHE B 9 5.96 22.76 51.70
C PHE B 9 6.58 21.38 51.53
N PRO B 10 6.45 20.82 50.32
CA PRO B 10 7.14 19.59 49.94
C PRO B 10 8.63 19.84 49.87
N ARG B 11 9.42 18.91 50.40
CA ARG B 11 10.87 19.07 50.46
C ARG B 11 11.49 19.15 49.08
N GLY B 12 10.79 18.66 48.07
CA GLY B 12 11.32 18.58 46.72
C GLY B 12 11.07 19.76 45.80
N ALA B 13 10.03 20.54 46.06
CA ALA B 13 9.70 21.65 45.16
C ALA B 13 10.17 22.99 45.71
N ASP B 14 11.23 23.53 45.10
CA ASP B 14 11.80 24.80 45.54
C ASP B 14 11.15 26.06 44.96
N GLN B 15 10.86 26.05 43.67
CA GLN B 15 10.41 27.27 42.98
C GLN B 15 9.14 27.86 43.57
N GLU B 16 8.34 26.99 44.19
CA GLU B 16 7.11 27.42 44.85
C GLU B 16 7.43 28.30 46.05
N TYR B 17 8.49 27.95 46.78
CA TYR B 17 8.92 28.72 47.94
C TYR B 17 9.48 30.07 47.50
N SER B 18 10.23 30.07 46.40
CA SER B 18 10.79 31.31 45.86
C SER B 18 9.66 32.24 45.44
N ALA B 19 8.69 31.70 44.71
CA ALA B 19 7.53 32.48 44.28
C ALA B 19 6.76 32.99 45.49
N PHE B 20 6.71 32.17 46.54
CA PHE B 20 6.06 32.57 47.79
C PHE B 20 6.76 33.78 48.40
N ARG B 21 8.09 33.73 48.45
CA ARG B 21 8.88 34.82 49.02
C ARG B 21 8.74 36.10 48.20
N VAL B 22 8.70 35.94 46.88
CA VAL B 22 8.49 37.06 45.97
C VAL B 22 7.12 37.68 46.22
N GLY B 23 6.13 36.83 46.47
CA GLY B 23 4.80 37.29 46.83
C GLY B 23 4.82 38.07 48.13
N MET B 24 5.64 37.59 49.06
CA MET B 24 5.80 38.25 50.36
C MET B 24 6.37 39.66 50.20
N VAL B 25 7.41 39.78 49.39
CA VAL B 25 8.05 41.07 49.17
C VAL B 25 7.12 42.02 48.41
N GLN B 26 6.54 41.51 47.33
CA GLN B 26 5.67 42.31 46.47
C GLN B 26 4.42 42.83 47.16
N PHE B 27 3.72 41.94 47.87
CA PHE B 27 2.42 42.30 48.43
C PHE B 27 2.46 42.80 49.87
N SER B 28 3.67 42.95 50.41
CA SER B 28 3.82 43.53 51.75
C SER B 28 3.48 45.02 51.72
N THR B 29 2.85 45.50 52.79
CA THR B 29 2.39 46.89 52.84
C THR B 29 2.75 47.61 54.13
N SER B 30 2.56 48.92 54.14
CA SER B 30 2.91 49.77 55.28
C SER B 30 2.22 49.38 56.57
N GLU B 31 0.92 49.12 56.51
CA GLU B 31 0.13 48.87 57.72
C GLU B 31 0.47 47.53 58.37
N PHE B 32 0.45 46.45 57.58
CA PHE B 32 0.78 45.12 58.10
C PHE B 32 1.60 44.24 57.14
N ARG B 33 2.37 43.32 57.71
CA ARG B 33 3.19 42.41 56.92
C ARG B 33 2.99 40.98 57.40
N LEU B 34 2.62 40.09 56.49
CA LEU B 34 2.39 38.69 56.84
C LEU B 34 3.68 38.05 57.33
N THR B 35 3.57 37.31 58.42
CA THR B 35 4.70 36.56 58.96
C THR B 35 4.45 35.07 58.78
N PRO B 36 5.17 34.46 57.82
CA PRO B 36 5.10 33.03 57.55
C PRO B 36 5.88 32.20 58.56
N HIS B 37 5.37 31.02 58.88
CA HIS B 37 6.15 30.01 59.57
C HIS B 37 6.15 28.80 58.65
N ILE B 38 7.31 28.51 58.07
CA ILE B 38 7.40 27.50 57.01
C ILE B 38 7.85 26.14 57.53
N ASP B 39 7.17 25.09 57.11
CA ASP B 39 7.64 23.74 57.44
C ASP B 39 7.87 22.90 56.18
N ASN B 40 9.13 22.54 55.94
CA ASN B 40 9.48 21.65 54.83
C ASN B 40 9.42 20.20 55.27
N LEU B 41 8.61 19.40 54.57
CA LEU B 41 8.39 18.02 54.97
C LEU B 41 7.91 17.19 53.78
N GLU B 42 8.02 15.87 53.88
CA GLU B 42 7.49 15.00 52.83
C GLU B 42 5.97 15.07 52.87
N VAL B 43 5.39 15.43 51.73
CA VAL B 43 3.98 15.80 51.67
C VAL B 43 3.03 14.60 51.76
N ALA B 44 3.43 13.47 51.16
CA ALA B 44 2.56 12.30 51.10
C ALA B 44 2.36 11.63 52.44
N ASN B 45 3.14 12.01 53.45
CA ASN B 45 3.06 11.38 54.76
C ASN B 45 1.96 12.01 55.62
N SER B 46 0.99 11.20 56.01
CA SER B 46 -0.14 11.68 56.81
C SER B 46 0.32 12.12 58.19
N PHE B 47 1.26 11.38 58.77
CA PHE B 47 1.80 11.69 60.09
C PHE B 47 2.49 13.05 60.08
N ALA B 48 3.34 13.26 59.08
CA ALA B 48 4.08 14.50 58.91
C ALA B 48 3.13 15.69 58.78
N VAL B 49 2.10 15.53 57.96
CA VAL B 49 1.11 16.58 57.75
C VAL B 49 0.37 16.90 59.05
N THR B 50 -0.02 15.85 59.77
CA THR B 50 -0.70 16.00 61.05
C THR B 50 0.13 16.79 62.05
N ASN B 51 1.41 16.43 62.19
CA ASN B 51 2.30 17.12 63.13
C ASN B 51 2.64 18.55 62.71
N ALA B 52 2.78 18.76 61.41
CA ALA B 52 3.03 20.10 60.89
C ALA B 52 1.84 20.99 61.21
N PHE B 53 0.66 20.53 60.83
CA PHE B 53 -0.58 21.28 61.06
C PHE B 53 -0.79 21.54 62.55
N CYS B 54 -0.48 20.55 63.37
CA CYS B 54 -0.61 20.72 64.82
C CYS B 54 0.37 21.75 65.38
N SER B 55 1.60 21.72 64.89
CA SER B 55 2.58 22.70 65.33
C SER B 55 2.17 24.11 64.91
N GLN B 56 1.68 24.25 63.67
CA GLN B 56 1.22 25.55 63.18
C GLN B 56 0.03 26.03 64.00
N PHE B 57 -0.82 25.10 64.40
CA PHE B 57 -2.04 25.43 65.13
C PHE B 57 -1.78 25.78 66.59
N SER B 58 -0.74 25.20 67.17
CA SER B 58 -0.36 25.50 68.55
C SER B 58 0.21 26.90 68.66
N ARG B 59 0.82 27.38 67.59
CA ARG B 59 1.33 28.75 67.55
C ARG B 59 0.17 29.70 67.28
N GLY B 60 -0.96 29.12 66.88
CA GLY B 60 -2.17 29.88 66.66
C GLY B 60 -2.14 30.73 65.41
N VAL B 61 -1.67 30.15 64.31
CA VAL B 61 -1.64 30.86 63.03
C VAL B 61 -3.07 31.02 62.52
N TYR B 62 -3.33 32.17 61.89
CA TYR B 62 -4.68 32.53 61.48
C TYR B 62 -5.11 31.81 60.20
N ALA B 63 -4.15 31.45 59.36
CA ALA B 63 -4.42 30.72 58.13
C ALA B 63 -3.20 29.90 57.73
N ILE B 64 -3.41 28.89 56.90
CA ILE B 64 -2.31 28.05 56.47
C ILE B 64 -2.24 27.88 54.95
N PHE B 65 -1.10 28.24 54.37
CA PHE B 65 -0.87 27.93 52.96
C PHE B 65 -0.06 26.66 52.83
N GLY B 66 -0.54 25.72 52.02
CA GLY B 66 0.17 24.47 51.91
C GLY B 66 -0.07 23.68 50.64
N PHE B 67 0.68 22.59 50.52
CA PHE B 67 0.50 21.62 49.45
C PHE B 67 0.08 20.32 50.10
N TYR B 68 -0.77 19.56 49.41
CA TYR B 68 -1.08 18.20 49.88
C TYR B 68 -1.05 17.21 48.73
N ASP B 69 -1.03 15.93 49.09
CA ASP B 69 -0.99 14.83 48.13
C ASP B 69 -2.21 13.96 48.36
N LYS B 70 -2.54 13.11 47.39
CA LYS B 70 -3.71 12.25 47.50
C LYS B 70 -3.71 11.41 48.77
N LYS B 71 -2.52 11.11 49.28
CA LYS B 71 -2.41 10.37 50.53
C LYS B 71 -2.59 11.25 51.75
N SER B 72 -2.24 12.54 51.62
CA SER B 72 -2.32 13.47 52.73
C SER B 72 -3.56 14.38 52.78
N VAL B 73 -4.44 14.26 51.78
CA VAL B 73 -5.51 15.24 51.62
C VAL B 73 -6.62 15.20 52.68
N ASN B 74 -7.07 14.00 53.07
CA ASN B 74 -8.20 13.89 53.98
C ASN B 74 -7.89 14.34 55.40
N THR B 75 -6.64 14.14 55.82
CA THR B 75 -6.17 14.66 57.09
C THR B 75 -6.36 16.17 57.10
N ILE B 76 -5.93 16.82 56.02
CA ILE B 76 -6.07 18.26 55.87
C ILE B 76 -7.52 18.73 55.84
N THR B 77 -8.34 18.14 54.99
CA THR B 77 -9.73 18.57 54.87
C THR B 77 -10.46 18.40 56.19
N SER B 78 -10.22 17.27 56.86
CA SER B 78 -10.90 16.99 58.12
C SER B 78 -10.43 17.92 59.23
N PHE B 79 -9.12 18.12 59.33
CA PHE B 79 -8.56 19.01 60.37
C PHE B 79 -9.01 20.45 60.18
N CYS B 80 -8.86 20.98 58.97
CA CYS B 80 -9.27 22.34 58.69
C CYS B 80 -10.77 22.53 58.84
N GLY B 81 -11.54 21.53 58.43
CA GLY B 81 -12.98 21.59 58.57
C GLY B 81 -13.41 21.63 60.02
N THR B 82 -12.77 20.78 60.84
CA THR B 82 -13.14 20.64 62.23
C THR B 82 -12.68 21.81 63.09
N LEU B 83 -11.42 22.20 62.93
CA LEU B 83 -10.81 23.22 63.78
C LEU B 83 -10.96 24.63 63.22
N HIS B 84 -11.68 24.75 62.10
CA HIS B 84 -12.04 26.03 61.52
C HIS B 84 -10.87 26.87 61.04
N VAL B 85 -9.80 26.22 60.59
CA VAL B 85 -8.64 26.92 60.08
C VAL B 85 -8.66 26.95 58.55
N SER B 86 -8.44 28.12 57.97
CA SER B 86 -8.47 28.27 56.52
C SER B 86 -7.22 27.69 55.86
N PHE B 87 -7.43 26.85 54.85
CA PHE B 87 -6.33 26.26 54.11
C PHE B 87 -6.33 26.76 52.66
N ILE B 88 -5.19 27.28 52.23
CA ILE B 88 -5.04 27.78 50.86
C ILE B 88 -4.02 26.91 50.13
N THR B 89 -4.41 26.38 48.98
CA THR B 89 -3.56 25.42 48.29
C THR B 89 -3.56 25.53 46.76
N PRO B 90 -2.38 25.32 46.14
CA PRO B 90 -2.18 25.09 44.71
C PRO B 90 -2.62 23.69 44.28
N SER B 91 -2.74 22.78 45.24
CA SER B 91 -2.94 21.36 44.95
C SER B 91 -4.27 21.08 44.28
N PHE B 92 -4.38 19.91 43.66
CA PHE B 92 -5.59 19.49 42.96
C PHE B 92 -6.81 19.67 43.85
N PRO B 93 -7.86 20.30 43.30
CA PRO B 93 -9.06 20.59 44.10
C PRO B 93 -9.79 19.30 44.45
N THR B 94 -10.23 19.18 45.70
CA THR B 94 -11.02 18.03 46.11
C THR B 94 -12.39 18.10 45.45
N ASP B 95 -12.95 16.95 45.13
CA ASP B 95 -14.29 16.91 44.57
C ASP B 95 -15.27 16.74 45.72
N GLY B 96 -16.03 17.79 46.02
CA GLY B 96 -16.94 17.74 47.14
C GLY B 96 -17.18 19.07 47.83
N THR B 97 -17.71 18.97 49.04
CA THR B 97 -18.15 20.12 49.83
C THR B 97 -17.11 20.68 50.81
N HIS B 98 -15.88 20.19 50.72
CA HIS B 98 -14.90 20.40 51.80
C HIS B 98 -14.70 21.85 52.19
N PRO B 99 -15.04 22.18 53.46
CA PRO B 99 -15.01 23.50 54.07
C PRO B 99 -13.61 23.92 54.50
N PHE B 100 -13.42 25.23 54.69
CA PHE B 100 -12.17 25.80 55.20
C PHE B 100 -10.97 25.48 54.33
N VAL B 101 -11.22 25.28 53.05
CA VAL B 101 -10.14 25.07 52.09
C VAL B 101 -10.33 25.99 50.89
N ILE B 102 -9.32 26.80 50.63
CA ILE B 102 -9.34 27.67 49.45
C ILE B 102 -8.43 27.04 48.40
N GLN B 103 -9.03 26.50 47.34
CA GLN B 103 -8.24 25.85 46.31
C GLN B 103 -7.93 26.77 45.13
N MET B 104 -6.64 27.12 45.01
CA MET B 104 -6.18 28.11 44.04
C MET B 104 -6.24 27.64 42.59
N ARG B 105 -6.33 26.31 42.42
CA ARG B 105 -6.29 25.72 41.09
C ARG B 105 -7.68 25.61 40.45
N PRO B 106 -7.81 26.11 39.22
CA PRO B 106 -9.06 25.99 38.46
C PRO B 106 -9.33 24.54 38.05
N ASP B 107 -10.58 24.23 37.72
CA ASP B 107 -10.97 22.86 37.40
C ASP B 107 -10.63 22.53 35.94
N LEU B 108 -9.85 21.46 35.74
CA LEU B 108 -9.34 21.12 34.41
C LEU B 108 -10.23 20.21 33.57
N LYS B 109 -11.23 19.59 34.21
CA LYS B 109 -12.07 18.59 33.55
C LYS B 109 -12.78 19.13 32.31
N GLY B 110 -13.52 20.22 32.48
CA GLY B 110 -14.31 20.80 31.41
C GLY B 110 -13.53 21.14 30.16
N ALA B 111 -12.37 21.76 30.34
CA ALA B 111 -11.51 22.08 29.22
C ALA B 111 -11.04 20.81 28.52
N LEU B 112 -10.70 19.80 29.30
CA LEU B 112 -10.23 18.52 28.74
C LEU B 112 -11.30 17.86 27.89
N LEU B 113 -12.49 17.69 28.47
CA LEU B 113 -13.60 17.07 27.74
C LEU B 113 -13.98 17.87 26.50
N SER B 114 -14.13 19.19 26.67
CA SER B 114 -14.48 20.08 25.55
C SER B 114 -13.44 19.99 24.43
N LEU B 115 -12.18 19.81 24.81
CA LEU B 115 -11.11 19.68 23.83
C LEU B 115 -11.19 18.33 23.13
N ILE B 116 -11.51 17.29 23.88
CA ILE B 116 -11.71 15.96 23.29
C ILE B 116 -12.81 16.05 22.23
N GLU B 117 -13.84 16.83 22.53
CA GLU B 117 -14.93 17.02 21.59
C GLU B 117 -14.52 17.90 20.40
N TYR B 118 -13.59 18.81 20.63
CA TYR B 118 -13.14 19.73 19.58
C TYR B 118 -12.38 19.00 18.46
N TYR B 119 -11.57 18.01 18.84
CA TYR B 119 -10.81 17.24 17.87
C TYR B 119 -11.65 16.09 17.29
N GLN B 120 -12.86 15.92 17.83
CA GLN B 120 -13.77 14.86 17.41
C GLN B 120 -13.12 13.48 17.54
N TRP B 121 -12.38 13.28 18.64
CA TRP B 121 -11.75 11.99 18.89
C TRP B 121 -12.80 10.94 19.22
N ASP B 122 -12.66 9.76 18.62
CA ASP B 122 -13.58 8.66 18.89
C ASP B 122 -12.93 7.70 19.88
N LYS B 123 -11.82 7.10 19.47
CA LYS B 123 -11.06 6.21 20.35
C LYS B 123 -9.72 6.83 20.71
N PHE B 124 -9.42 6.86 22.02
CA PHE B 124 -8.15 7.41 22.49
C PHE B 124 -7.61 6.68 23.73
N ALA B 125 -6.33 6.92 24.03
CA ALA B 125 -5.70 6.35 25.22
C ALA B 125 -5.55 7.39 26.32
N TYR B 126 -5.75 6.97 27.56
CA TYR B 126 -5.69 7.86 28.70
C TYR B 126 -4.75 7.32 29.77
N LEU B 127 -3.64 8.00 30.00
CA LEU B 127 -2.66 7.58 30.98
C LEU B 127 -2.79 8.39 32.26
N TYR B 128 -3.25 7.75 33.33
CA TYR B 128 -3.50 8.45 34.58
C TYR B 128 -2.50 8.09 35.69
N ASP B 129 -2.04 9.13 36.39
CA ASP B 129 -1.15 8.98 37.54
C ASP B 129 -1.98 8.90 38.81
N SER B 130 -1.80 7.82 39.56
CA SER B 130 -2.57 7.56 40.78
C SER B 130 -2.48 8.68 41.84
N ASP B 131 -1.31 9.33 41.93
CA ASP B 131 -1.04 10.29 43.01
C ASP B 131 -1.72 11.65 42.83
N ARG B 132 -1.91 12.08 41.58
CA ARG B 132 -2.51 13.38 41.30
C ARG B 132 -4.03 13.34 41.50
N GLY B 133 -4.55 12.14 41.73
CA GLY B 133 -5.97 11.93 41.92
C GLY B 133 -6.65 11.36 40.69
N LEU B 134 -7.67 10.53 40.92
CA LEU B 134 -8.32 9.79 39.85
C LEU B 134 -9.61 10.43 39.35
N SER B 135 -9.92 11.62 39.87
CA SER B 135 -11.15 12.33 39.52
C SER B 135 -11.38 12.47 38.01
N THR B 136 -10.35 12.89 37.29
CA THR B 136 -10.47 13.10 35.85
C THR B 136 -10.63 11.80 35.07
N LEU B 137 -10.09 10.72 35.62
CA LEU B 137 -10.29 9.40 35.03
C LEU B 137 -11.79 9.11 35.04
N GLN B 138 -12.38 9.21 36.23
CA GLN B 138 -13.81 9.06 36.39
C GLN B 138 -14.55 9.96 35.42
N ALA B 139 -14.04 11.18 35.24
CA ALA B 139 -14.65 12.13 34.31
C ALA B 139 -14.70 11.62 32.87
N VAL B 140 -13.53 11.26 32.34
CA VAL B 140 -13.46 10.84 30.94
C VAL B 140 -14.15 9.51 30.69
N LEU B 141 -14.21 8.66 31.72
CA LEU B 141 -14.95 7.40 31.59
C LEU B 141 -16.46 7.64 31.60
N ASP B 142 -16.91 8.44 32.56
CA ASP B 142 -18.34 8.77 32.68
C ASP B 142 -18.82 9.42 31.38
N SER B 143 -18.02 10.34 30.85
CA SER B 143 -18.39 10.99 29.61
C SER B 143 -18.27 10.05 28.42
N ALA B 144 -17.33 9.10 28.48
CA ALA B 144 -17.19 8.10 27.44
C ALA B 144 -18.40 7.19 27.40
N ALA B 145 -19.07 7.04 28.52
CA ALA B 145 -20.29 6.24 28.58
C ALA B 145 -21.38 6.88 27.73
N GLU B 146 -21.52 8.20 27.83
CA GLU B 146 -22.54 8.93 27.07
C GLU B 146 -22.12 9.15 25.61
N LYS B 147 -20.83 9.31 25.36
CA LYS B 147 -20.35 9.74 24.05
C LYS B 147 -19.95 8.61 23.09
N LYS B 148 -20.16 7.36 23.50
CA LYS B 148 -19.85 6.19 22.66
C LYS B 148 -18.33 5.95 22.50
N TRP B 149 -17.52 6.84 23.06
CA TRP B 149 -16.06 6.75 23.00
C TRP B 149 -15.51 5.41 23.46
N GLN B 150 -14.55 4.88 22.70
CA GLN B 150 -13.78 3.72 23.14
C GLN B 150 -12.52 4.22 23.82
N VAL B 151 -12.40 3.97 25.11
CA VAL B 151 -11.27 4.51 25.87
C VAL B 151 -10.44 3.44 26.56
N THR B 152 -9.14 3.47 26.30
CA THR B 152 -8.21 2.57 26.95
C THR B 152 -7.50 3.36 28.06
N ALA B 153 -7.83 3.04 29.30
CA ALA B 153 -7.27 3.75 30.45
C ALA B 153 -6.21 2.91 31.13
N ILE B 154 -5.00 3.43 31.19
CA ILE B 154 -3.88 2.69 31.74
C ILE B 154 -3.26 3.42 32.93
N ASN B 155 -3.09 2.70 34.04
CA ASN B 155 -2.46 3.29 35.22
C ASN B 155 -0.94 3.28 35.05
N VAL B 156 -0.37 4.48 35.03
CA VAL B 156 1.07 4.66 34.82
C VAL B 156 1.84 4.87 36.12
N GLY B 157 1.12 4.96 37.25
CA GLY B 157 1.72 5.44 38.48
C GLY B 157 2.39 4.42 39.41
N ASN B 158 2.41 3.15 39.02
CA ASN B 158 2.96 2.10 39.87
C ASN B 158 4.45 1.80 39.62
N ILE B 159 5.09 2.58 38.76
CA ILE B 159 6.45 2.28 38.33
C ILE B 159 7.53 2.45 39.43
N ASN B 160 8.48 1.53 39.43
CA ASN B 160 9.63 1.57 40.34
C ASN B 160 10.74 2.50 39.85
N ASN B 161 11.57 2.97 40.79
CA ASN B 161 12.76 3.73 40.45
C ASN B 161 13.73 2.92 39.60
N ASP B 162 13.80 1.62 39.89
CA ASP B 162 14.69 0.69 39.19
C ASP B 162 14.25 0.46 37.74
N LYS B 163 12.98 0.15 37.55
CA LYS B 163 12.45 -0.08 36.21
C LYS B 163 11.57 1.08 35.77
N LYS B 164 12.07 1.84 34.79
CA LYS B 164 11.38 3.01 34.27
C LYS B 164 11.11 2.87 32.78
N ASP B 165 12.19 2.84 32.01
CA ASP B 165 12.11 2.77 30.55
C ASP B 165 11.44 1.48 30.07
N GLU B 166 11.62 0.40 30.83
CA GLU B 166 11.10 -0.90 30.45
C GLU B 166 9.57 -0.96 30.47
N THR B 167 8.98 -0.41 31.53
CA THR B 167 7.52 -0.39 31.66
C THR B 167 6.86 0.46 30.57
N TYR B 168 7.45 1.62 30.28
CA TYR B 168 6.93 2.52 29.26
C TYR B 168 7.10 1.94 27.86
N ARG B 169 8.23 1.26 27.65
CA ARG B 169 8.49 0.59 26.38
C ARG B 169 7.51 -0.56 26.16
N SER B 170 7.22 -1.29 27.22
CA SER B 170 6.25 -2.38 27.17
C SER B 170 4.86 -1.85 26.88
N LEU B 171 4.49 -0.78 27.58
CA LEU B 171 3.17 -0.17 27.45
C LEU B 171 2.94 0.38 26.04
N PHE B 172 3.92 1.14 25.53
CA PHE B 172 3.80 1.68 24.19
C PHE B 172 3.99 0.62 23.11
N GLN B 173 4.60 -0.51 23.46
CA GLN B 173 4.66 -1.64 22.54
C GLN B 173 3.26 -2.24 22.41
N ASP B 174 2.57 -2.32 23.55
CA ASP B 174 1.21 -2.84 23.58
C ASP B 174 0.25 -1.89 22.86
N LEU B 175 0.51 -0.59 22.98
CA LEU B 175 -0.31 0.41 22.28
C LEU B 175 0.09 0.50 20.81
N GLU B 176 1.26 -0.01 20.47
CA GLU B 176 1.70 -0.09 19.08
C GLU B 176 1.02 -1.29 18.42
N LEU B 177 0.84 -2.35 19.19
CA LEU B 177 0.10 -3.52 18.73
C LEU B 177 -1.35 -3.17 18.42
N LYS B 178 -1.93 -2.33 19.28
CA LYS B 178 -3.29 -1.85 19.05
C LYS B 178 -3.29 -0.72 18.03
N LYS B 179 -2.10 -0.19 17.74
CA LYS B 179 -1.91 0.84 16.74
C LYS B 179 -2.72 2.11 16.99
N GLU B 180 -2.88 2.47 18.26
CA GLU B 180 -3.64 3.67 18.61
C GLU B 180 -2.78 4.93 18.49
N ARG B 181 -3.24 5.89 17.70
CA ARG B 181 -2.45 7.07 17.40
C ARG B 181 -2.68 8.27 18.33
N ARG B 182 -3.67 8.17 19.21
CA ARG B 182 -4.05 9.30 20.06
C ARG B 182 -3.85 9.02 21.55
N VAL B 183 -3.04 9.85 22.19
CA VAL B 183 -2.70 9.66 23.59
C VAL B 183 -3.03 10.88 24.45
N ILE B 184 -3.70 10.63 25.57
CA ILE B 184 -3.97 11.68 26.57
C ILE B 184 -3.16 11.39 27.83
N LEU B 185 -2.41 12.41 28.25
CA LEU B 185 -1.54 12.33 29.42
C LEU B 185 -2.02 13.24 30.54
N ASP B 186 -2.60 12.63 31.57
CA ASP B 186 -2.89 13.34 32.82
C ASP B 186 -1.90 12.90 33.88
N CYS B 187 -0.92 13.76 34.08
CA CYS B 187 0.24 13.44 34.89
C CYS B 187 0.96 14.69 35.40
N GLU B 188 1.78 14.47 36.42
CA GLU B 188 2.64 15.53 36.93
C GLU B 188 3.75 15.78 35.91
N ARG B 189 4.27 17.02 35.90
CA ARG B 189 5.17 17.46 34.83
C ARG B 189 6.45 16.62 34.68
N ASP B 190 6.97 16.13 35.80
CA ASP B 190 8.18 15.31 35.78
C ASP B 190 7.92 13.99 35.05
N LYS B 191 6.83 13.33 35.43
CA LYS B 191 6.42 12.10 34.79
C LYS B 191 6.05 12.34 33.34
N VAL B 192 5.46 13.50 33.07
CA VAL B 192 5.14 13.92 31.71
C VAL B 192 6.41 13.94 30.85
N ASN B 193 7.47 14.57 31.37
CA ASN B 193 8.73 14.65 30.64
C ASN B 193 9.46 13.32 30.51
N ASP B 194 9.37 12.48 31.54
CA ASP B 194 9.98 11.15 31.47
C ASP B 194 9.29 10.31 30.40
N ILE B 195 7.97 10.28 30.44
CA ILE B 195 7.17 9.55 29.46
C ILE B 195 7.43 10.09 28.06
N VAL B 196 7.57 11.41 27.95
CA VAL B 196 7.91 12.05 26.68
C VAL B 196 9.26 11.56 26.16
N ASP B 197 10.26 11.53 27.02
CA ASP B 197 11.59 11.04 26.63
C ASP B 197 11.49 9.62 26.12
N GLN B 198 10.71 8.80 26.82
CA GLN B 198 10.52 7.42 26.42
C GLN B 198 9.82 7.30 25.07
N VAL B 199 8.84 8.16 24.83
CA VAL B 199 8.13 8.20 23.56
C VAL B 199 9.12 8.52 22.45
N ILE B 200 9.92 9.56 22.67
CA ILE B 200 10.93 9.97 21.71
C ILE B 200 11.89 8.83 21.40
N THR B 201 12.24 8.06 22.43
CA THR B 201 13.12 6.91 22.23
C THR B 201 12.42 5.82 21.40
N ILE B 202 11.13 5.61 21.65
CA ILE B 202 10.36 4.64 20.88
C ILE B 202 9.94 5.24 19.53
N GLY B 203 10.17 6.54 19.38
CA GLY B 203 9.92 7.22 18.12
C GLY B 203 8.46 7.28 17.74
N LYS B 204 7.59 7.48 18.73
CA LYS B 204 6.16 7.60 18.49
C LYS B 204 5.69 9.06 18.36
N HIS B 205 6.65 9.97 18.32
CA HIS B 205 6.36 11.39 18.11
C HIS B 205 6.35 11.75 16.62
N VAL B 206 6.44 10.73 15.78
CA VAL B 206 6.34 10.92 14.33
C VAL B 206 4.94 11.35 13.91
N LYS B 207 4.83 11.89 12.70
CA LYS B 207 3.55 12.33 12.16
C LYS B 207 2.50 11.20 12.16
N GLY B 208 1.25 11.55 12.41
CA GLY B 208 0.18 10.58 12.49
C GLY B 208 -0.28 10.33 13.91
N TYR B 209 0.46 10.90 14.86
CA TYR B 209 0.14 10.76 16.28
C TYR B 209 -0.39 12.09 16.80
N HIS B 210 -1.24 12.02 17.80
CA HIS B 210 -1.73 13.23 18.46
C HIS B 210 -1.66 13.05 19.97
N TYR B 211 -1.05 14.03 20.64
CA TYR B 211 -0.91 13.97 22.09
C TYR B 211 -1.64 15.14 22.72
N ILE B 212 -2.30 14.87 23.85
CA ILE B 212 -2.83 15.94 24.68
C ILE B 212 -2.24 15.92 26.08
N ILE B 213 -1.44 16.93 26.41
CA ILE B 213 -0.90 17.01 27.75
C ILE B 213 -1.91 17.77 28.58
N ALA B 214 -2.52 17.10 29.55
CA ALA B 214 -3.51 17.80 30.33
C ALA B 214 -2.94 18.20 31.68
N ASN B 215 -2.65 19.48 31.81
CA ASN B 215 -2.29 20.13 33.06
C ASN B 215 -2.19 21.60 32.71
N LEU B 216 -1.89 22.45 33.67
CA LEU B 216 -1.76 23.87 33.38
C LEU B 216 -0.29 24.19 33.12
N GLY B 217 0.52 23.14 33.12
CA GLY B 217 1.96 23.25 33.00
C GLY B 217 2.51 23.04 31.59
N PHE B 218 1.68 23.32 30.58
CA PHE B 218 2.03 23.08 29.19
C PHE B 218 3.42 23.58 28.78
N THR B 219 3.76 24.80 29.19
CA THR B 219 5.08 25.35 28.88
C THR B 219 6.11 25.05 29.97
N ASP B 220 5.66 24.50 31.09
CA ASP B 220 6.59 24.08 32.15
C ASP B 220 7.41 22.91 31.64
N GLY B 221 6.72 21.87 31.15
CA GLY B 221 7.39 20.74 30.55
C GLY B 221 8.07 21.16 29.27
N ASP B 222 9.09 20.41 28.86
CA ASP B 222 9.88 20.81 27.71
C ASP B 222 9.25 20.29 26.42
N LEU B 223 8.80 21.23 25.58
CA LEU B 223 8.15 20.90 24.32
C LEU B 223 9.15 20.92 23.18
N LEU B 224 10.37 21.35 23.47
CA LEU B 224 11.37 21.61 22.44
C LEU B 224 11.85 20.34 21.72
N LYS B 225 12.05 19.26 22.48
CA LYS B 225 12.54 18.01 21.89
C LYS B 225 11.47 17.30 21.05
N ILE B 226 10.20 17.55 21.36
CA ILE B 226 9.07 16.98 20.63
C ILE B 226 8.52 17.97 19.60
N GLN B 227 9.16 19.13 19.50
CA GLN B 227 8.69 20.18 18.60
C GLN B 227 8.91 19.87 17.12
N PHE B 228 10.13 19.48 16.76
CA PHE B 228 10.43 19.18 15.35
C PHE B 228 9.86 17.82 14.94
N GLY B 229 9.34 17.07 15.91
CA GLY B 229 8.80 15.74 15.68
C GLY B 229 7.67 15.67 14.66
N GLY B 230 6.71 16.59 14.78
CA GLY B 230 5.62 16.66 13.84
C GLY B 230 4.28 16.15 14.34
N ALA B 231 4.29 15.34 15.39
CA ALA B 231 3.04 14.87 15.97
C ALA B 231 2.38 16.01 16.76
N GLU B 232 1.13 16.30 16.43
CA GLU B 232 0.45 17.45 17.01
C GLU B 232 0.17 17.27 18.51
N VAL B 233 0.63 18.25 19.28
CA VAL B 233 0.49 18.23 20.74
C VAL B 233 -0.34 19.41 21.22
N SER B 234 -1.36 19.12 22.02
CA SER B 234 -2.22 20.17 22.55
C SER B 234 -2.14 20.19 24.07
N GLY B 235 -2.27 21.37 24.65
CA GLY B 235 -2.19 21.52 26.09
C GLY B 235 -2.93 22.74 26.59
N PHE B 236 -2.92 22.92 27.91
CA PHE B 236 -3.70 23.98 28.54
C PHE B 236 -2.77 24.91 29.32
N GLN B 237 -2.79 26.18 28.95
CA GLN B 237 -1.94 27.17 29.59
C GLN B 237 -2.74 28.09 30.51
N ILE B 238 -2.38 28.09 31.79
CA ILE B 238 -3.01 28.94 32.79
C ILE B 238 -2.47 30.37 32.76
N VAL B 239 -1.22 30.53 32.36
CA VAL B 239 -0.58 31.84 32.38
C VAL B 239 -0.32 32.38 30.97
N ASP B 240 -1.01 33.47 30.62
CA ASP B 240 -0.84 34.10 29.32
C ASP B 240 0.27 35.13 29.41
N TYR B 241 1.34 34.91 28.65
CA TYR B 241 2.53 35.74 28.74
C TYR B 241 2.39 37.10 28.07
N ASP B 242 1.30 37.31 27.33
CA ASP B 242 1.08 38.58 26.68
C ASP B 242 0.58 39.65 27.65
N ASP B 243 -0.17 39.23 28.67
CA ASP B 243 -0.72 40.15 29.66
C ASP B 243 0.37 40.90 30.43
N SER B 244 0.11 42.18 30.69
CA SER B 244 1.09 43.07 31.29
C SER B 244 1.56 42.66 32.69
N LEU B 245 0.64 42.19 33.53
CA LEU B 245 0.97 41.75 34.88
C LEU B 245 1.95 40.58 34.80
N VAL B 246 1.62 39.62 33.93
CA VAL B 246 2.45 38.46 33.72
C VAL B 246 3.84 38.86 33.23
N SER B 247 3.90 39.79 32.29
CA SER B 247 5.17 40.27 31.74
C SER B 247 6.03 40.93 32.81
N LYS B 248 5.40 41.73 33.66
CA LYS B 248 6.10 42.39 34.77
C LYS B 248 6.68 41.33 35.71
N PHE B 249 5.85 40.34 36.03
CA PHE B 249 6.31 39.23 36.85
C PHE B 249 7.47 38.50 36.18
N ILE B 250 7.47 38.50 34.85
CA ILE B 250 8.52 37.84 34.08
C ILE B 250 9.84 38.60 34.18
N GLU B 251 9.78 39.92 34.07
CA GLU B 251 10.98 40.72 34.25
C GLU B 251 11.54 40.56 35.66
N ARG B 252 10.66 40.67 36.66
CA ARG B 252 11.10 40.52 38.04
C ARG B 252 11.71 39.13 38.31
N TRP B 253 11.04 38.10 37.83
CA TRP B 253 11.46 36.72 38.04
C TRP B 253 12.81 36.47 37.37
N SER B 254 12.92 36.88 36.11
CA SER B 254 14.15 36.70 35.36
C SER B 254 15.32 37.51 35.92
N THR B 255 14.99 38.63 36.57
CA THR B 255 16.01 39.49 37.16
C THR B 255 16.76 38.82 38.32
N LEU B 256 16.02 38.04 39.11
CA LEU B 256 16.53 37.47 40.36
C LEU B 256 17.81 36.65 40.22
N GLU B 257 18.69 36.80 41.20
CA GLU B 257 19.87 35.96 41.30
C GLU B 257 19.44 34.54 41.60
N GLU B 258 19.95 33.59 40.81
CA GLU B 258 19.54 32.20 40.93
C GLU B 258 19.86 31.61 42.30
N LYS B 259 20.96 32.05 42.88
CA LYS B 259 21.41 31.50 44.16
C LYS B 259 20.46 31.83 45.30
N GLU B 260 20.02 33.09 45.37
CA GLU B 260 19.13 33.52 46.44
C GLU B 260 17.76 32.86 46.34
N TYR B 261 17.11 33.00 45.19
CA TYR B 261 15.85 32.32 44.93
C TYR B 261 16.09 31.16 43.96
N PRO B 262 15.99 29.93 44.46
CA PRO B 262 16.24 28.74 43.63
C PRO B 262 15.35 28.67 42.39
N GLY B 263 15.97 28.47 41.23
CA GLY B 263 15.28 28.29 39.97
C GLY B 263 14.46 29.48 39.51
N ALA B 264 14.80 30.67 40.02
CA ALA B 264 14.07 31.88 39.68
C ALA B 264 14.48 32.51 38.35
N HIS B 265 15.70 32.24 37.90
CA HIS B 265 16.26 32.92 36.74
C HIS B 265 15.50 32.65 35.44
N THR B 266 14.64 31.64 35.46
CA THR B 266 13.90 31.22 34.28
C THR B 266 13.00 32.31 33.70
N ALA B 267 12.85 32.31 32.38
CA ALA B 267 12.00 33.27 31.70
C ALA B 267 10.54 32.84 31.75
N THR B 268 10.34 31.58 32.10
CA THR B 268 9.00 31.02 32.29
C THR B 268 8.88 30.44 33.71
N ILE B 269 7.72 30.59 34.31
CA ILE B 269 7.50 30.11 35.67
C ILE B 269 6.50 28.96 35.71
N LYS B 270 6.79 27.94 36.52
CA LYS B 270 5.87 26.84 36.71
C LYS B 270 4.56 27.34 37.29
N TYR B 271 3.47 26.68 36.91
CA TYR B 271 2.13 27.16 37.25
C TYR B 271 1.81 27.02 38.75
N THR B 272 2.37 25.99 39.39
CA THR B 272 2.16 25.79 40.81
C THR B 272 2.72 26.96 41.62
N SER B 273 3.92 27.40 41.23
CA SER B 273 4.56 28.54 41.86
C SER B 273 3.75 29.81 41.62
N ALA B 274 3.21 29.95 40.41
CA ALA B 274 2.39 31.11 40.07
C ALA B 274 1.16 31.17 40.97
N LEU B 275 0.53 30.01 41.16
CA LEU B 275 -0.61 29.89 42.04
C LEU B 275 -0.23 30.20 43.49
N THR B 276 0.98 29.82 43.87
CA THR B 276 1.51 30.15 45.20
C THR B 276 1.58 31.67 45.41
N TYR B 277 2.26 32.34 44.49
CA TYR B 277 2.35 33.80 44.46
C TYR B 277 0.97 34.47 44.54
N ASP B 278 0.08 34.05 43.65
CA ASP B 278 -1.28 34.59 43.62
C ASP B 278 -2.03 34.30 44.92
N ALA B 279 -1.65 33.21 45.59
CA ALA B 279 -2.25 32.85 46.87
C ALA B 279 -1.78 33.81 47.96
N VAL B 280 -0.50 34.17 47.92
CA VAL B 280 0.02 35.19 48.82
C VAL B 280 -0.79 36.46 48.64
N GLN B 281 -0.95 36.86 47.37
CA GLN B 281 -1.76 38.03 47.03
C GLN B 281 -3.16 37.95 47.64
N VAL B 282 -3.81 36.80 47.45
CA VAL B 282 -5.16 36.59 47.92
C VAL B 282 -5.26 36.68 49.44
N MET B 283 -4.30 36.11 50.15
CA MET B 283 -4.27 36.21 51.61
C MET B 283 -4.12 37.66 52.08
N THR B 284 -3.15 38.36 51.49
CA THR B 284 -2.94 39.77 51.80
C THR B 284 -4.24 40.55 51.62
N GLU B 285 -4.83 40.44 50.44
CA GLU B 285 -6.08 41.14 50.15
C GLU B 285 -7.23 40.71 51.04
N ALA B 286 -7.19 39.47 51.51
CA ALA B 286 -8.24 38.97 52.39
C ALA B 286 -8.16 39.68 53.74
N PHE B 287 -6.95 39.81 54.27
CA PHE B 287 -6.78 40.49 55.55
C PHE B 287 -6.99 42.00 55.44
N ARG B 288 -6.69 42.56 54.27
CA ARG B 288 -7.02 43.97 54.01
C ARG B 288 -8.53 44.14 54.01
N ASN B 289 -9.21 43.18 53.38
CA ASN B 289 -10.66 43.17 53.35
C ASN B 289 -11.25 43.09 54.76
N LEU B 290 -10.65 42.24 55.60
CA LEU B 290 -11.07 42.13 56.99
C LEU B 290 -10.79 43.41 57.77
N ARG B 291 -9.76 44.14 57.34
CA ARG B 291 -9.40 45.40 57.98
C ARG B 291 -10.39 46.49 57.63
N LYS B 292 -10.88 46.49 56.39
CA LYS B 292 -11.81 47.51 55.93
C LYS B 292 -13.24 47.27 56.43
N GLN B 293 -13.47 46.10 57.03
CA GLN B 293 -14.75 45.80 57.66
C GLN B 293 -14.66 46.04 59.15
N ARG B 294 -13.49 46.52 59.58
CA ARG B 294 -13.22 46.84 60.97
C ARG B 294 -13.46 45.65 61.91
N ILE B 295 -13.25 44.44 61.39
CA ILE B 295 -13.36 43.24 62.21
C ILE B 295 -12.03 42.97 62.89
N GLU B 296 -12.08 42.60 64.17
CA GLU B 296 -10.87 42.33 64.91
C GLU B 296 -10.29 40.99 64.47
N ILE B 297 -9.05 41.01 63.99
CA ILE B 297 -8.39 39.82 63.49
C ILE B 297 -7.73 39.04 64.63
N SER B 298 -7.64 39.68 65.79
CA SER B 298 -6.96 39.10 66.93
C SER B 298 -7.76 37.99 67.61
N ARG B 299 -7.04 37.03 68.18
CA ARG B 299 -7.62 35.98 69.02
C ARG B 299 -7.23 36.25 70.48
N ARG B 300 -8.24 36.39 71.34
CA ARG B 300 -8.04 36.74 72.75
C ARG B 300 -7.14 35.77 73.53
N GLY B 301 -6.98 34.55 73.02
CA GLY B 301 -6.17 33.54 73.68
C GLY B 301 -5.57 32.55 72.70
N ASN B 302 -4.67 31.70 73.18
CA ASN B 302 -4.10 30.65 72.34
C ASN B 302 -5.07 29.51 72.06
N ALA B 303 -5.07 29.04 70.82
CA ALA B 303 -5.98 27.98 70.37
C ALA B 303 -5.71 26.67 71.11
N GLY B 304 -4.46 26.49 71.52
CA GLY B 304 -4.06 25.32 72.29
C GLY B 304 -3.82 24.09 71.45
N ASP B 305 -4.12 22.92 72.01
CA ASP B 305 -3.87 21.66 71.34
C ASP B 305 -4.92 21.39 70.28
N CYS B 306 -4.48 20.87 69.14
CA CYS B 306 -5.37 20.59 68.02
C CYS B 306 -6.14 19.29 68.26
N LEU B 307 -5.59 18.44 69.12
CA LEU B 307 -6.22 17.15 69.43
C LEU B 307 -7.07 17.19 70.69
N ALA B 308 -7.11 18.33 71.36
CA ALA B 308 -7.87 18.48 72.60
C ALA B 308 -9.33 18.05 72.40
N ASN B 309 -9.87 17.29 73.34
CA ASN B 309 -11.21 16.73 73.18
C ASN B 309 -12.15 17.14 74.32
N PRO B 310 -13.41 17.48 73.99
CA PRO B 310 -13.97 17.66 72.63
C PRO B 310 -13.30 18.82 71.91
N ALA B 311 -13.17 18.70 70.58
CA ALA B 311 -12.45 19.67 69.77
C ALA B 311 -12.93 21.10 69.99
N VAL B 312 -11.99 22.01 70.15
CA VAL B 312 -12.33 23.43 70.28
C VAL B 312 -12.07 24.15 68.96
N PRO B 313 -13.14 24.49 68.23
CA PRO B 313 -13.02 25.33 67.05
C PRO B 313 -12.82 26.77 67.49
N TRP B 314 -11.98 27.52 66.79
CA TRP B 314 -11.80 28.92 67.13
C TRP B 314 -12.68 29.80 66.24
N GLY B 315 -13.30 30.81 66.84
CA GLY B 315 -14.35 31.57 66.18
C GLY B 315 -13.94 32.40 64.97
N GLN B 316 -12.89 33.20 65.13
CA GLN B 316 -12.45 34.15 64.10
C GLN B 316 -12.15 33.50 62.76
N GLY B 317 -11.78 32.22 62.80
CA GLY B 317 -11.44 31.48 61.60
C GLY B 317 -12.55 31.48 60.57
N VAL B 318 -13.80 31.50 61.04
CA VAL B 318 -14.95 31.57 60.14
C VAL B 318 -14.90 32.85 59.32
N GLU B 319 -14.76 33.98 60.02
CA GLU B 319 -14.64 35.28 59.36
C GLU B 319 -13.46 35.31 58.40
N ILE B 320 -12.36 34.67 58.79
CA ILE B 320 -11.18 34.61 57.93
C ILE B 320 -11.52 33.88 56.63
N GLU B 321 -12.18 32.74 56.77
CA GLU B 321 -12.56 31.90 55.63
C GLU B 321 -13.48 32.67 54.68
N ARG B 322 -14.48 33.34 55.25
CA ARG B 322 -15.39 34.16 54.47
C ARG B 322 -14.61 35.22 53.69
N ALA B 323 -13.66 35.85 54.38
CA ALA B 323 -12.83 36.88 53.76
C ALA B 323 -12.08 36.32 52.56
N LEU B 324 -11.39 35.20 52.77
CA LEU B 324 -10.61 34.57 51.71
C LEU B 324 -11.46 34.14 50.52
N LYS B 325 -12.69 33.73 50.80
CA LYS B 325 -13.58 33.28 49.74
C LYS B 325 -14.21 34.44 48.95
N GLN B 326 -14.40 35.57 49.62
CA GLN B 326 -14.99 36.72 48.94
C GLN B 326 -13.99 37.49 48.09
N VAL B 327 -12.70 37.19 48.27
CA VAL B 327 -11.65 37.88 47.53
C VAL B 327 -11.78 37.69 46.03
N GLN B 328 -11.75 38.80 45.30
CA GLN B 328 -11.67 38.76 43.84
C GLN B 328 -10.51 39.62 43.40
N VAL B 329 -9.49 39.00 42.81
CA VAL B 329 -8.30 39.76 42.41
C VAL B 329 -7.75 39.43 41.03
N GLU B 330 -6.89 40.30 40.52
CA GLU B 330 -6.17 40.03 39.29
C GLU B 330 -4.80 39.45 39.62
N GLY B 331 -4.41 38.41 38.92
CA GLY B 331 -3.15 37.74 39.20
C GLY B 331 -2.60 37.00 38.00
N LEU B 332 -1.52 36.25 38.22
CA LEU B 332 -0.85 35.51 37.16
C LEU B 332 -1.80 34.54 36.46
N SER B 333 -2.75 34.01 37.21
CA SER B 333 -3.68 33.00 36.69
C SER B 333 -4.88 33.61 35.98
N GLY B 334 -4.91 34.94 35.89
CA GLY B 334 -6.06 35.64 35.33
C GLY B 334 -7.02 36.08 36.43
N ASN B 335 -8.30 36.21 36.09
CA ASN B 335 -9.30 36.59 37.07
C ASN B 335 -9.41 35.55 38.20
N ILE B 336 -9.30 36.02 39.43
CA ILE B 336 -9.34 35.14 40.58
C ILE B 336 -10.60 35.37 41.43
N LYS B 337 -11.46 34.37 41.49
CA LYS B 337 -12.73 34.42 42.23
C LYS B 337 -13.01 33.04 42.81
N PHE B 338 -13.79 32.99 43.89
CA PHE B 338 -14.09 31.73 44.54
C PHE B 338 -15.60 31.58 44.80
N ASP B 339 -16.11 30.36 44.65
CA ASP B 339 -17.43 30.04 45.18
C ASP B 339 -17.34 29.60 46.66
N GLN B 340 -18.43 29.08 47.22
CA GLN B 340 -18.45 28.70 48.63
C GLN B 340 -17.56 27.51 48.95
N ASN B 341 -17.39 26.60 47.99
CA ASN B 341 -16.62 25.37 48.22
C ASN B 341 -15.11 25.62 48.24
N GLY B 342 -14.71 26.77 47.72
CA GLY B 342 -13.30 27.12 47.67
C GLY B 342 -12.74 26.93 46.28
N LYS B 343 -13.59 26.53 45.35
CA LYS B 343 -13.16 26.32 43.96
C LYS B 343 -13.04 27.66 43.24
N ARG B 344 -12.25 27.72 42.18
CA ARG B 344 -12.13 28.92 41.39
C ARG B 344 -13.30 28.99 40.43
N ILE B 345 -13.75 30.20 40.13
CA ILE B 345 -14.80 30.39 39.13
C ILE B 345 -14.47 31.65 38.32
N ASN B 346 -15.14 31.77 37.18
CA ASN B 346 -14.91 32.82 36.20
C ASN B 346 -13.58 32.68 35.50
N TYR B 347 -12.83 31.62 35.84
CA TYR B 347 -11.50 31.42 35.31
C TYR B 347 -11.50 31.13 33.81
N THR B 348 -10.38 31.40 33.17
CA THR B 348 -10.22 31.17 31.74
C THR B 348 -8.90 30.45 31.44
N ILE B 349 -8.94 29.49 30.52
CA ILE B 349 -7.77 28.68 30.20
C ILE B 349 -7.39 28.76 28.72
N ASN B 350 -6.12 29.04 28.44
CA ASN B 350 -5.70 29.12 27.04
C ASN B 350 -5.49 27.75 26.42
N ILE B 351 -6.24 27.44 25.37
CA ILE B 351 -6.01 26.17 24.66
C ILE B 351 -4.91 26.37 23.63
N MET B 352 -3.83 25.61 23.81
CA MET B 352 -2.61 25.78 23.04
C MET B 352 -2.29 24.55 22.22
N GLU B 353 -1.83 24.77 20.98
CA GLU B 353 -1.32 23.68 20.16
C GLU B 353 0.16 23.90 19.86
N LEU B 354 0.92 22.82 19.87
CA LEU B 354 2.36 22.91 19.60
C LEU B 354 2.61 22.98 18.11
N LYS B 355 3.28 24.04 17.68
CA LYS B 355 3.55 24.28 16.29
C LYS B 355 5.04 24.43 16.06
N THR B 356 5.46 24.34 14.79
CA THR B 356 6.88 24.40 14.43
C THR B 356 7.62 25.58 15.03
N ASN B 357 7.04 26.78 14.92
CA ASN B 357 7.66 27.98 15.48
C ASN B 357 7.74 27.94 17.01
N GLY B 358 6.70 27.40 17.63
CA GLY B 358 6.63 27.32 19.07
C GLY B 358 5.20 27.17 19.56
N PRO B 359 5.01 27.25 20.89
CA PRO B 359 3.68 27.17 21.48
C PRO B 359 2.82 28.37 21.08
N ARG B 360 1.59 28.10 20.68
CA ARG B 360 0.69 29.17 20.25
C ARG B 360 -0.67 29.00 20.93
N LYS B 361 -1.47 30.06 20.92
CA LYS B 361 -2.80 30.00 21.51
C LYS B 361 -3.83 29.85 20.41
N ILE B 362 -4.38 28.65 20.27
CA ILE B 362 -5.43 28.41 19.29
C ILE B 362 -6.81 28.83 19.80
N GLY B 363 -7.02 28.77 21.11
CA GLY B 363 -8.32 29.16 21.66
C GLY B 363 -8.33 29.44 23.15
N TYR B 364 -9.53 29.54 23.72
CA TYR B 364 -9.68 29.71 25.16
C TYR B 364 -10.95 29.03 25.70
N TRP B 365 -10.96 28.74 26.99
CA TRP B 365 -12.05 28.02 27.63
C TRP B 365 -12.51 28.71 28.89
N SER B 366 -13.83 28.92 28.98
CA SER B 366 -14.45 29.42 30.18
C SER B 366 -15.60 28.49 30.55
N GLU B 367 -15.89 28.38 31.85
CA GLU B 367 -16.92 27.47 32.34
C GLU B 367 -18.29 27.79 31.73
N VAL B 368 -18.54 29.08 31.50
CA VAL B 368 -19.76 29.51 30.84
C VAL B 368 -19.66 29.39 29.32
N ASP B 369 -18.47 29.66 28.78
CA ASP B 369 -18.27 29.76 27.33
C ASP B 369 -17.83 28.48 26.62
N LYS B 370 -17.48 27.45 27.37
CA LYS B 370 -16.93 26.22 26.80
C LYS B 370 -15.71 26.46 25.91
N MET B 371 -15.64 25.77 24.78
CA MET B 371 -14.48 25.87 23.89
C MET B 371 -14.65 26.96 22.84
N VAL B 372 -13.73 27.94 22.84
CA VAL B 372 -13.82 29.05 21.91
C VAL B 372 -12.58 29.22 21.04
N VAL B 373 -12.76 29.15 19.73
CA VAL B 373 -11.65 29.29 18.79
C VAL B 373 -11.40 30.74 18.37
N THR B 374 -10.15 31.17 18.47
CA THR B 374 -9.75 32.49 17.98
C THR B 374 -8.95 32.33 16.70
N LEU B 375 -9.50 32.86 15.60
CA LEU B 375 -8.93 32.69 14.27
C LEU B 375 -7.48 33.15 14.17
N THR B 376 -6.64 32.31 13.58
CA THR B 376 -5.22 32.58 13.47
C THR B 376 -4.74 32.48 12.02
N GLU B 384 4.18 29.00 -0.14
CA GLU B 384 3.06 28.13 -0.53
C GLU B 384 3.21 27.67 -1.97
N GLN B 385 2.84 26.41 -2.21
CA GLN B 385 3.02 25.80 -3.53
C GLN B 385 2.07 26.38 -4.59
N LYS B 386 2.59 26.57 -5.79
CA LYS B 386 1.78 27.04 -6.91
C LYS B 386 0.83 25.95 -7.39
N THR B 387 -0.23 26.36 -8.07
CA THR B 387 -1.21 25.42 -8.58
C THR B 387 -1.49 25.66 -10.06
N VAL B 388 -1.37 24.60 -10.85
CA VAL B 388 -1.45 24.71 -12.31
C VAL B 388 -2.89 24.75 -12.83
N VAL B 389 -3.06 25.43 -13.96
CA VAL B 389 -4.36 25.55 -14.61
C VAL B 389 -4.44 24.68 -15.86
N VAL B 390 -5.35 23.71 -15.84
CA VAL B 390 -5.54 22.82 -16.99
C VAL B 390 -6.68 23.32 -17.86
N THR B 391 -6.40 23.52 -19.15
CA THR B 391 -7.45 23.91 -20.07
C THR B 391 -7.99 22.71 -20.84
N THR B 392 -9.32 22.59 -20.85
CA THR B 392 -9.97 21.50 -21.55
C THR B 392 -11.28 22.00 -22.15
N ILE B 393 -11.86 21.19 -23.02
CA ILE B 393 -13.10 21.55 -23.68
C ILE B 393 -14.15 20.48 -23.40
N LEU B 394 -15.42 20.83 -23.60
CA LEU B 394 -16.48 19.84 -23.41
C LEU B 394 -16.56 18.96 -24.65
N GLU B 395 -16.26 17.68 -24.48
CA GLU B 395 -16.46 16.70 -25.54
C GLU B 395 -16.69 15.34 -24.91
N SER B 396 -17.58 14.55 -25.51
CA SER B 396 -17.84 13.20 -25.02
C SER B 396 -16.97 12.15 -25.70
N PRO B 397 -16.61 11.09 -24.96
CA PRO B 397 -16.71 11.05 -23.50
C PRO B 397 -15.41 11.50 -22.87
N TYR B 398 -14.81 12.58 -23.37
CA TYR B 398 -13.53 13.04 -22.84
C TYR B 398 -13.73 13.90 -21.60
N VAL B 399 -14.69 14.82 -21.68
CA VAL B 399 -15.06 15.66 -20.53
C VAL B 399 -16.57 15.75 -20.46
N MET B 400 -17.13 15.33 -19.34
CA MET B 400 -18.58 15.35 -19.17
C MET B 400 -19.01 16.04 -17.88
N MET B 401 -20.22 16.57 -17.89
CA MET B 401 -20.81 17.17 -16.70
C MET B 401 -21.64 16.12 -15.98
N LYS B 402 -21.59 16.13 -14.66
CA LYS B 402 -22.47 15.25 -13.90
C LYS B 402 -23.85 15.87 -13.81
N LYS B 403 -24.88 15.02 -13.77
CA LYS B 403 -26.26 15.49 -13.68
C LYS B 403 -26.46 16.31 -12.40
N ASN B 404 -25.67 15.98 -11.38
CA ASN B 404 -25.77 16.61 -10.07
C ASN B 404 -24.83 17.80 -9.87
N HIS B 405 -24.13 18.19 -10.94
CA HIS B 405 -22.99 19.11 -10.85
C HIS B 405 -23.19 20.42 -10.08
N GLU B 406 -24.38 21.00 -10.13
CA GLU B 406 -24.63 22.27 -9.44
C GLU B 406 -24.37 22.20 -7.94
N MET B 407 -24.60 21.03 -7.35
CA MET B 407 -24.33 20.81 -5.93
C MET B 407 -22.84 20.57 -5.70
N LEU B 408 -22.21 19.87 -6.65
CA LEU B 408 -20.79 19.54 -6.58
C LEU B 408 -19.95 20.78 -6.89
N GLU B 409 -18.70 20.81 -6.42
CA GLU B 409 -17.85 21.99 -6.59
C GLU B 409 -16.49 21.66 -7.20
N GLY B 410 -15.93 22.63 -7.92
CA GLY B 410 -14.59 22.52 -8.47
C GLY B 410 -14.41 21.38 -9.46
N ASN B 411 -13.20 20.83 -9.50
CA ASN B 411 -12.87 19.74 -10.42
C ASN B 411 -13.77 18.51 -10.21
N GLU B 412 -14.41 18.45 -9.04
CA GLU B 412 -15.29 17.34 -8.69
C GLU B 412 -16.53 17.32 -9.57
N ARG B 413 -16.85 18.46 -10.20
CA ARG B 413 -18.08 18.53 -10.98
C ARG B 413 -17.88 18.04 -12.41
N TYR B 414 -16.62 17.82 -12.79
CA TYR B 414 -16.31 17.30 -14.11
C TYR B 414 -15.89 15.83 -14.06
N GLU B 415 -16.48 15.01 -14.91
CA GLU B 415 -16.10 13.61 -15.04
C GLU B 415 -15.78 13.31 -16.50
N GLY B 416 -14.90 12.35 -16.73
CA GLY B 416 -14.57 11.95 -18.09
C GLY B 416 -13.20 11.31 -18.21
N TYR B 417 -12.89 10.81 -19.41
CA TYR B 417 -11.59 10.19 -19.68
C TYR B 417 -10.43 11.14 -19.43
N CYS B 418 -10.54 12.36 -19.96
CA CYS B 418 -9.50 13.35 -19.80
C CYS B 418 -9.31 13.72 -18.34
N VAL B 419 -10.38 13.62 -17.56
CA VAL B 419 -10.31 13.96 -16.15
C VAL B 419 -9.52 12.91 -15.38
N ASP B 420 -9.80 11.64 -15.66
CA ASP B 420 -9.10 10.54 -15.01
C ASP B 420 -7.64 10.55 -15.40
N LEU B 421 -7.39 10.77 -16.69
CA LEU B 421 -6.02 10.85 -17.19
C LEU B 421 -5.30 12.02 -16.53
N ALA B 422 -6.03 13.11 -16.31
CA ALA B 422 -5.46 14.28 -15.67
C ALA B 422 -5.11 13.99 -14.21
N ALA B 423 -5.94 13.21 -13.54
CA ALA B 423 -5.69 12.84 -12.15
C ALA B 423 -4.47 11.93 -12.05
N GLU B 424 -4.32 11.02 -13.02
CA GLU B 424 -3.15 10.16 -13.07
C GLU B 424 -1.88 10.98 -13.33
N ILE B 425 -1.97 11.88 -14.31
CA ILE B 425 -0.87 12.77 -14.67
C ILE B 425 -0.41 13.59 -13.47
N ALA B 426 -1.38 14.18 -12.76
CA ALA B 426 -1.09 15.02 -11.60
C ALA B 426 -0.53 14.21 -10.45
N LYS B 427 -1.05 13.00 -10.26
CA LYS B 427 -0.55 12.11 -9.22
C LYS B 427 0.90 11.74 -9.50
N HIS B 428 1.25 11.62 -10.79
CA HIS B 428 2.62 11.29 -11.16
C HIS B 428 3.59 12.48 -11.08
N CYS B 429 3.14 13.65 -11.52
CA CYS B 429 4.02 14.82 -11.56
C CYS B 429 3.96 15.64 -10.26
N GLY B 430 3.02 15.29 -9.39
CA GLY B 430 2.90 15.93 -8.09
C GLY B 430 2.52 17.40 -8.12
N PHE B 431 1.41 17.74 -8.75
CA PHE B 431 0.88 19.10 -8.68
C PHE B 431 -0.62 19.16 -8.37
N LYS B 432 -1.06 20.27 -7.79
CA LYS B 432 -2.50 20.54 -7.68
C LYS B 432 -2.94 21.23 -8.96
N TYR B 433 -4.06 20.79 -9.51
CA TYR B 433 -4.51 21.27 -10.80
C TYR B 433 -5.96 21.74 -10.78
N LYS B 434 -6.32 22.56 -11.75
CA LYS B 434 -7.69 23.07 -11.84
C LYS B 434 -8.23 22.91 -13.26
N LEU B 435 -9.30 22.13 -13.41
CA LEU B 435 -9.91 21.91 -14.72
C LEU B 435 -10.78 23.10 -15.10
N THR B 436 -10.47 23.70 -16.25
CA THR B 436 -11.21 24.86 -16.74
C THR B 436 -11.60 24.69 -18.21
N ILE B 437 -12.74 25.27 -18.59
CA ILE B 437 -13.18 25.26 -19.98
C ILE B 437 -12.59 26.47 -20.72
N VAL B 438 -12.20 26.27 -21.97
CA VAL B 438 -11.69 27.37 -22.80
C VAL B 438 -12.84 28.29 -23.20
N GLY B 439 -12.56 29.59 -23.26
CA GLY B 439 -13.58 30.59 -23.51
C GLY B 439 -14.35 30.47 -24.81
N ASP B 440 -13.63 30.50 -25.93
CA ASP B 440 -14.29 30.44 -27.23
C ASP B 440 -14.91 29.07 -27.50
N GLY B 441 -14.46 28.08 -26.73
CA GLY B 441 -14.99 26.74 -26.86
C GLY B 441 -14.52 26.06 -28.13
N LYS B 442 -13.29 26.36 -28.53
CA LYS B 442 -12.70 25.72 -29.69
C LYS B 442 -11.32 25.15 -29.32
N TYR B 443 -10.88 24.12 -30.02
CA TYR B 443 -9.68 23.39 -29.64
C TYR B 443 -8.45 24.23 -29.93
N GLY B 444 -8.19 24.48 -31.21
CA GLY B 444 -7.20 25.46 -31.58
C GLY B 444 -6.99 25.59 -33.07
N ALA B 445 -6.50 26.76 -33.49
CA ALA B 445 -6.05 27.02 -34.87
C ALA B 445 -5.61 28.48 -34.98
N ARG B 446 -4.80 28.78 -35.98
CA ARG B 446 -4.28 30.14 -36.15
C ARG B 446 -5.00 30.88 -37.28
N ASP B 447 -5.35 32.13 -37.04
CA ASP B 447 -5.93 32.96 -38.09
C ASP B 447 -4.85 33.38 -39.08
N ALA B 448 -5.22 33.46 -40.35
CA ALA B 448 -4.25 33.71 -41.41
C ALA B 448 -3.83 35.18 -41.51
N ASP B 449 -4.80 36.09 -41.48
CA ASP B 449 -4.49 37.52 -41.58
C ASP B 449 -4.00 38.14 -40.27
N THR B 450 -4.64 37.77 -39.16
CA THR B 450 -4.34 38.37 -37.87
C THR B 450 -3.22 37.65 -37.13
N LYS B 451 -2.89 36.44 -37.59
CA LYS B 451 -1.88 35.60 -36.95
C LYS B 451 -2.14 35.35 -35.45
N ILE B 452 -3.40 35.36 -35.04
CA ILE B 452 -3.74 35.11 -33.64
C ILE B 452 -4.33 33.72 -33.42
N TRP B 453 -3.69 32.94 -32.56
CA TRP B 453 -4.19 31.61 -32.24
C TRP B 453 -5.48 31.72 -31.43
N ASN B 454 -6.46 30.93 -31.83
CA ASN B 454 -7.72 30.84 -31.12
C ASN B 454 -7.88 29.43 -30.59
N GLY B 455 -8.47 29.29 -29.41
CA GLY B 455 -8.62 27.99 -28.80
C GLY B 455 -7.66 27.74 -27.64
N MET B 456 -7.62 26.50 -27.19
CA MET B 456 -6.77 26.09 -26.09
C MET B 456 -5.29 26.25 -26.43
N VAL B 457 -4.96 26.05 -27.70
CA VAL B 457 -3.60 26.26 -28.16
C VAL B 457 -3.25 27.70 -27.88
N GLY B 458 -4.19 28.60 -28.19
CA GLY B 458 -4.05 30.01 -27.90
C GLY B 458 -3.85 30.27 -26.41
N GLU B 459 -4.69 29.65 -25.58
CA GLU B 459 -4.59 29.80 -24.13
C GLU B 459 -3.23 29.34 -23.61
N LEU B 460 -2.60 28.42 -24.34
CA LEU B 460 -1.27 27.97 -23.99
C LEU B 460 -0.18 28.93 -24.42
N VAL B 461 -0.26 29.38 -25.67
CA VAL B 461 0.77 30.26 -26.23
C VAL B 461 0.71 31.63 -25.56
N TYR B 462 -0.50 32.07 -25.22
CA TYR B 462 -0.72 33.37 -24.60
C TYR B 462 -0.81 33.28 -23.08
N GLY B 463 -0.61 32.07 -22.55
CA GLY B 463 -0.49 31.87 -21.13
C GLY B 463 -1.72 32.14 -20.29
N LYS B 464 -2.87 31.68 -20.76
CA LYS B 464 -4.06 31.65 -19.92
C LYS B 464 -4.24 30.30 -19.23
N ALA B 465 -3.42 29.33 -19.60
CA ALA B 465 -3.45 28.00 -18.97
C ALA B 465 -2.08 27.29 -19.02
N ASP B 466 -1.81 26.48 -18.01
CA ASP B 466 -0.53 25.78 -17.88
C ASP B 466 -0.40 24.54 -18.77
N ILE B 467 -1.51 23.85 -19.00
CA ILE B 467 -1.46 22.60 -19.76
C ILE B 467 -2.81 22.33 -20.42
N ALA B 468 -2.79 21.56 -21.50
CA ALA B 468 -4.03 21.21 -22.19
C ALA B 468 -4.25 19.69 -22.22
N ILE B 469 -5.27 19.24 -21.51
CA ILE B 469 -5.66 17.85 -21.54
C ILE B 469 -7.06 17.74 -22.11
N ALA B 470 -7.15 17.17 -23.30
CA ALA B 470 -8.38 17.16 -24.09
C ALA B 470 -8.12 16.35 -25.36
N PRO B 471 -9.17 15.92 -26.06
CA PRO B 471 -8.92 15.22 -27.31
C PRO B 471 -8.35 16.15 -28.38
N LEU B 472 -7.21 16.76 -28.08
CA LEU B 472 -6.59 17.71 -29.00
C LEU B 472 -5.65 16.97 -29.95
N THR B 473 -6.00 17.00 -31.23
CA THR B 473 -5.26 16.25 -32.23
C THR B 473 -3.91 16.90 -32.50
N ILE B 474 -2.86 16.08 -32.62
CA ILE B 474 -1.53 16.60 -32.92
C ILE B 474 -1.44 16.90 -34.40
N THR B 475 -1.18 18.17 -34.72
CA THR B 475 -0.97 18.58 -36.11
C THR B 475 0.22 19.52 -36.19
N LEU B 476 0.67 19.76 -37.42
CA LEU B 476 1.94 20.44 -37.66
C LEU B 476 2.06 21.86 -37.07
N VAL B 477 1.09 22.73 -37.34
CA VAL B 477 1.13 24.10 -36.82
C VAL B 477 1.11 24.12 -35.29
N ARG B 478 0.23 23.29 -34.72
CA ARG B 478 0.11 23.18 -33.28
C ARG B 478 1.46 22.78 -32.71
N GLU B 479 2.13 21.83 -33.36
CA GLU B 479 3.44 21.39 -32.93
C GLU B 479 4.51 22.46 -33.17
N GLU B 480 4.24 23.39 -34.08
CA GLU B 480 5.17 24.50 -34.28
C GLU B 480 5.13 25.44 -33.09
N VAL B 481 3.94 25.86 -32.69
CA VAL B 481 3.82 26.85 -31.61
C VAL B 481 3.95 26.32 -30.17
N ILE B 482 3.40 25.14 -29.91
CA ILE B 482 3.50 24.56 -28.57
C ILE B 482 4.17 23.19 -28.56
N ASP B 483 4.27 22.61 -27.37
CA ASP B 483 4.94 21.32 -27.21
C ASP B 483 3.92 20.23 -26.94
N PHE B 484 3.88 19.23 -27.81
CA PHE B 484 2.98 18.10 -27.65
C PHE B 484 3.70 16.93 -27.00
N SER B 485 3.12 16.40 -25.93
CA SER B 485 3.63 15.20 -25.29
C SER B 485 3.42 14.03 -26.24
N LYS B 486 4.13 12.93 -26.01
CA LYS B 486 3.94 11.71 -26.80
C LYS B 486 2.46 11.38 -26.79
N PRO B 487 1.94 10.94 -27.94
CA PRO B 487 0.50 10.73 -28.09
C PRO B 487 -0.04 9.66 -27.14
N PHE B 488 -1.11 9.97 -26.42
CA PHE B 488 -1.69 9.03 -25.47
C PHE B 488 -2.85 8.24 -26.06
N MET B 489 -3.23 8.56 -27.29
CA MET B 489 -4.29 7.82 -27.95
C MET B 489 -4.15 7.83 -29.46
N SER B 490 -4.53 6.72 -30.10
CA SER B 490 -4.42 6.61 -31.54
C SER B 490 -5.77 6.84 -32.21
N LEU B 491 -5.77 7.64 -33.26
CA LEU B 491 -6.99 7.85 -34.05
C LEU B 491 -6.68 8.02 -35.53
N GLY B 492 -7.73 7.96 -36.33
CA GLY B 492 -7.65 8.27 -37.74
C GLY B 492 -8.97 8.86 -38.17
N ILE B 493 -8.98 9.51 -39.33
CA ILE B 493 -10.21 10.10 -39.82
C ILE B 493 -11.03 8.98 -40.47
N SER B 494 -12.22 8.78 -39.95
CA SER B 494 -13.07 7.67 -40.37
C SER B 494 -14.46 8.14 -40.78
N ILE B 495 -15.16 7.27 -41.50
CA ILE B 495 -16.47 7.57 -42.05
C ILE B 495 -17.59 6.85 -41.29
N MET B 496 -18.48 7.64 -40.70
CA MET B 496 -19.65 7.12 -40.01
C MET B 496 -20.91 7.28 -40.86
N ILE B 497 -21.63 6.18 -41.06
CA ILE B 497 -22.88 6.21 -41.81
C ILE B 497 -23.97 5.46 -41.05
N LYS B 498 -25.21 5.62 -41.49
CA LYS B 498 -26.35 5.03 -40.83
C LYS B 498 -26.42 3.53 -41.07
N LYS B 499 -26.83 2.76 -40.05
CA LYS B 499 -26.95 1.31 -40.17
C LYS B 499 -27.96 0.97 -41.27
N PRO B 500 -27.56 0.09 -42.19
CA PRO B 500 -28.37 -0.28 -43.36
C PRO B 500 -29.63 -1.08 -43.01
N GLN B 501 -30.71 -0.79 -43.73
CA GLN B 501 -31.95 -1.54 -43.59
C GLN B 501 -31.81 -2.90 -44.24
N LYS B 502 -32.57 -3.89 -43.76
CA LYS B 502 -32.52 -5.25 -44.29
C LYS B 502 -32.92 -5.35 -45.77
N SER B 503 -33.79 -4.43 -46.19
CA SER B 503 -34.23 -4.30 -47.58
C SER B 503 -34.86 -5.57 -48.16
N LYS B 504 -34.55 -5.87 -49.42
CA LYS B 504 -35.09 -7.05 -50.08
C LYS B 504 -34.07 -7.77 -50.96
N PRO B 505 -34.10 -9.11 -50.97
CA PRO B 505 -33.17 -9.99 -51.67
C PRO B 505 -33.17 -9.85 -53.20
N GLY B 506 -34.33 -9.88 -53.83
CA GLY B 506 -34.41 -9.94 -55.28
C GLY B 506 -34.11 -11.33 -55.82
N VAL B 507 -34.10 -11.46 -57.14
CA VAL B 507 -33.81 -12.74 -57.80
C VAL B 507 -32.34 -13.09 -57.65
N PHE B 508 -31.50 -12.06 -57.67
CA PHE B 508 -30.06 -12.22 -57.60
C PHE B 508 -29.61 -12.88 -56.29
N SER B 509 -30.45 -12.80 -55.26
CA SER B 509 -30.15 -13.43 -53.99
C SER B 509 -30.47 -14.93 -54.01
N PHE B 510 -31.38 -15.33 -54.90
CA PHE B 510 -31.61 -16.74 -55.13
C PHE B 510 -30.46 -17.27 -55.96
N LEU B 511 -30.01 -16.44 -56.90
CA LEU B 511 -28.91 -16.81 -57.78
C LEU B 511 -27.55 -16.89 -57.08
N ASP B 512 -27.37 -16.08 -56.03
CA ASP B 512 -26.05 -15.90 -55.39
C ASP B 512 -25.39 -17.10 -54.70
N PRO B 513 -26.12 -17.87 -53.88
CA PRO B 513 -25.49 -18.96 -53.12
C PRO B 513 -24.68 -19.94 -53.97
N LEU B 514 -25.14 -20.23 -55.18
CA LEU B 514 -24.44 -21.17 -56.07
C LEU B 514 -23.68 -20.42 -57.16
N ILE B 518 -20.79 -21.31 -61.61
CA ILE B 518 -21.17 -22.65 -61.17
C ILE B 518 -22.48 -23.10 -61.80
N TRP B 519 -23.41 -22.16 -61.97
CA TRP B 519 -24.65 -22.43 -62.69
C TRP B 519 -24.31 -22.66 -64.17
N MET B 520 -23.33 -21.93 -64.66
CA MET B 520 -22.82 -22.12 -66.00
C MET B 520 -22.31 -23.55 -66.13
N ALA B 521 -21.70 -24.03 -65.05
CA ALA B 521 -21.14 -25.38 -65.01
C ALA B 521 -22.23 -26.46 -65.04
N ILE B 522 -23.37 -26.20 -64.41
CA ILE B 522 -24.47 -27.16 -64.45
C ILE B 522 -25.15 -27.13 -65.82
N VAL B 523 -25.12 -25.96 -66.47
CA VAL B 523 -25.60 -25.86 -67.85
C VAL B 523 -24.72 -26.70 -68.78
N PHE B 524 -23.41 -26.48 -68.68
CA PHE B 524 -22.43 -27.19 -69.50
C PHE B 524 -22.52 -28.69 -69.24
N ALA B 525 -22.78 -29.06 -68.00
CA ALA B 525 -22.95 -30.45 -67.62
C ALA B 525 -24.21 -31.03 -68.24
N TYR B 526 -25.27 -30.22 -68.30
CA TYR B 526 -26.54 -30.67 -68.88
C TYR B 526 -26.41 -30.90 -70.39
N ILE B 527 -25.75 -29.96 -71.09
CA ILE B 527 -25.52 -30.14 -72.51
C ILE B 527 -24.45 -31.21 -72.76
N GLY B 528 -23.72 -31.55 -71.70
CA GLY B 528 -22.80 -32.67 -71.75
C GLY B 528 -23.57 -33.97 -71.74
N VAL B 529 -24.59 -34.04 -70.88
CA VAL B 529 -25.49 -35.18 -70.84
C VAL B 529 -26.25 -35.28 -72.16
N SER B 530 -26.55 -34.12 -72.75
CA SER B 530 -27.17 -34.06 -74.06
C SER B 530 -26.24 -34.60 -75.14
N VAL B 531 -24.94 -34.31 -74.99
CA VAL B 531 -23.94 -34.82 -75.93
C VAL B 531 -23.82 -36.34 -75.84
N VAL B 532 -23.78 -36.86 -74.62
CA VAL B 532 -23.77 -38.30 -74.41
C VAL B 532 -25.03 -38.93 -74.99
N LEU B 533 -26.14 -38.23 -74.82
CA LEU B 533 -27.43 -38.66 -75.37
C LEU B 533 -27.34 -38.75 -76.89
N PHE B 534 -26.66 -37.78 -77.49
CA PHE B 534 -26.49 -37.74 -78.94
C PHE B 534 -25.56 -38.84 -79.44
N LEU B 535 -24.58 -39.21 -78.63
CA LEU B 535 -23.64 -40.26 -78.99
C LEU B 535 -24.24 -41.66 -78.81
N VAL B 536 -25.19 -41.79 -77.88
CA VAL B 536 -25.88 -43.05 -77.67
C VAL B 536 -26.77 -43.36 -78.87
N SER B 537 -27.45 -42.33 -79.37
CA SER B 537 -28.32 -42.47 -80.55
C SER B 537 -27.50 -42.73 -81.81
N PRO B 586 -33.27 -47.22 -73.98
CA PRO B 586 -32.34 -48.36 -74.07
C PRO B 586 -31.43 -48.42 -72.85
N ARG B 587 -30.96 -49.62 -72.51
CA ARG B 587 -30.05 -49.79 -71.38
C ARG B 587 -28.62 -50.11 -71.85
N SER B 588 -27.70 -49.19 -71.57
CA SER B 588 -26.30 -49.35 -71.96
C SER B 588 -25.40 -48.90 -70.83
N LEU B 589 -24.12 -49.25 -70.93
CA LEU B 589 -23.14 -48.92 -69.91
C LEU B 589 -22.94 -47.41 -69.77
N SER B 590 -22.84 -46.72 -70.91
CA SER B 590 -22.73 -45.26 -70.91
C SER B 590 -23.97 -44.65 -70.26
N ALA B 591 -25.14 -45.00 -70.77
CA ALA B 591 -26.39 -44.49 -70.20
C ALA B 591 -26.45 -44.74 -68.69
N ARG B 592 -26.07 -45.94 -68.29
CA ARG B 592 -26.07 -46.33 -66.88
C ARG B 592 -25.19 -45.44 -66.01
N ILE B 593 -23.88 -45.50 -66.23
CA ILE B 593 -22.93 -44.80 -65.36
C ILE B 593 -22.95 -43.29 -65.59
N VAL B 594 -23.48 -42.85 -66.73
CA VAL B 594 -23.72 -41.42 -66.93
C VAL B 594 -24.91 -40.99 -66.08
N ALA B 595 -25.95 -41.82 -66.04
CA ALA B 595 -27.09 -41.54 -65.16
C ALA B 595 -26.60 -41.47 -63.71
N GLY B 596 -25.75 -42.42 -63.33
CA GLY B 596 -25.20 -42.46 -61.99
C GLY B 596 -24.31 -41.28 -61.62
N VAL B 597 -23.34 -40.98 -62.49
CA VAL B 597 -22.39 -39.89 -62.25
C VAL B 597 -23.08 -38.53 -62.29
N TRP B 598 -24.05 -38.38 -63.20
CA TRP B 598 -24.84 -37.15 -63.29
C TRP B 598 -25.74 -36.99 -62.06
N TRP B 599 -26.29 -38.11 -61.58
CA TRP B 599 -27.08 -38.12 -60.35
C TRP B 599 -26.23 -37.73 -59.15
N PHE B 600 -24.98 -38.19 -59.15
CA PHE B 600 -24.02 -37.85 -58.12
C PHE B 600 -23.71 -36.36 -58.18
N PHE B 601 -23.56 -35.87 -59.41
CA PHE B 601 -23.21 -34.49 -59.68
C PHE B 601 -24.29 -33.53 -59.18
N THR B 602 -25.54 -33.81 -59.57
CA THR B 602 -26.66 -33.01 -59.14
C THR B 602 -26.88 -33.15 -57.63
N LEU B 603 -26.63 -34.34 -57.10
CA LEU B 603 -26.74 -34.57 -55.67
C LEU B 603 -25.82 -33.64 -54.89
N ILE B 604 -24.53 -33.72 -55.21
CA ILE B 604 -23.52 -32.90 -54.54
C ILE B 604 -23.75 -31.40 -54.78
N ILE B 605 -24.24 -31.05 -55.97
CA ILE B 605 -24.51 -29.65 -56.30
C ILE B 605 -25.67 -29.06 -55.49
N ILE B 606 -26.80 -29.76 -55.47
CA ILE B 606 -27.97 -29.27 -54.73
C ILE B 606 -27.72 -29.33 -53.24
N SER B 607 -26.91 -30.29 -52.80
CA SER B 607 -26.52 -30.38 -51.41
C SER B 607 -25.63 -29.20 -51.06
N SER B 608 -24.79 -28.80 -52.02
CA SER B 608 -23.90 -27.66 -51.84
C SER B 608 -24.69 -26.35 -51.78
N TYR B 609 -25.71 -26.24 -52.64
CA TYR B 609 -26.55 -25.06 -52.67
C TYR B 609 -27.33 -24.96 -51.36
N THR B 610 -27.78 -26.11 -50.87
CA THR B 610 -28.49 -26.18 -49.59
C THR B 610 -27.58 -25.72 -48.47
N ALA B 611 -26.35 -26.22 -48.47
CA ALA B 611 -25.36 -25.87 -47.46
C ALA B 611 -25.06 -24.37 -47.46
N ASN B 612 -24.83 -23.82 -48.65
CA ASN B 612 -24.45 -22.41 -48.76
C ASN B 612 -25.63 -21.49 -48.48
N LEU B 613 -26.84 -21.94 -48.77
CA LEU B 613 -28.01 -21.12 -48.46
C LEU B 613 -28.28 -21.13 -46.96
N ALA B 614 -28.04 -22.30 -46.34
CA ALA B 614 -28.15 -22.43 -44.89
C ALA B 614 -27.12 -21.51 -44.22
N ALA B 615 -25.95 -21.43 -44.83
CA ALA B 615 -24.89 -20.55 -44.34
C ALA B 615 -25.30 -19.09 -44.49
N PHE B 616 -25.76 -18.73 -45.68
CA PHE B 616 -26.22 -17.38 -45.99
C PHE B 616 -27.29 -16.92 -45.00
N LEU B 617 -28.17 -17.83 -44.62
CA LEU B 617 -29.24 -17.50 -43.69
C LEU B 617 -28.78 -17.48 -42.24
N THR B 618 -27.83 -18.34 -41.90
CA THR B 618 -27.30 -18.36 -40.54
C THR B 618 -26.53 -17.07 -40.23
N VAL B 619 -25.62 -16.70 -41.12
CA VAL B 619 -24.76 -15.52 -40.87
C VAL B 619 -25.41 -14.17 -41.19
N GLU B 620 -26.16 -14.09 -42.29
CA GLU B 620 -26.78 -12.83 -42.73
C GLU B 620 -25.78 -11.68 -42.77
N ARG B 621 -24.84 -11.74 -43.70
CA ARG B 621 -23.76 -10.74 -43.80
C ARG B 621 -24.31 -9.33 -44.01
N MET B 622 -23.87 -8.40 -43.17
CA MET B 622 -24.33 -7.02 -43.26
C MET B 622 -23.75 -6.35 -44.50
N VAL B 623 -24.62 -5.82 -45.35
CA VAL B 623 -24.20 -5.21 -46.60
C VAL B 623 -23.64 -3.81 -46.38
N SER B 624 -22.51 -3.53 -47.01
CA SER B 624 -21.85 -2.24 -46.88
C SER B 624 -21.95 -1.44 -48.18
N PRO B 625 -22.69 -0.32 -48.15
CA PRO B 625 -22.87 0.54 -49.33
C PRO B 625 -21.56 1.18 -49.78
N ILE B 626 -20.73 1.62 -48.84
CA ILE B 626 -19.41 2.16 -49.15
C ILE B 626 -18.32 1.49 -48.32
N GLU B 627 -17.45 0.73 -48.98
CA GLU B 627 -16.42 0.00 -48.27
C GLU B 627 -15.06 0.70 -48.26
N SER B 628 -14.94 1.83 -48.92
CA SER B 628 -13.66 2.51 -49.04
C SER B 628 -13.77 4.03 -49.03
N ALA B 629 -12.65 4.70 -48.75
CA ALA B 629 -12.59 6.15 -48.68
C ALA B 629 -12.86 6.77 -50.05
N GLU B 630 -12.38 6.10 -51.09
CA GLU B 630 -12.56 6.58 -52.46
C GLU B 630 -14.00 6.44 -52.92
N ASP B 631 -14.69 5.43 -52.39
CA ASP B 631 -16.08 5.17 -52.76
C ASP B 631 -17.00 6.34 -52.47
N LEU B 632 -16.67 7.09 -51.43
CA LEU B 632 -17.43 8.29 -51.11
C LEU B 632 -17.21 9.35 -52.18
N SER B 633 -15.96 9.49 -52.63
CA SER B 633 -15.62 10.48 -53.64
C SER B 633 -16.26 10.15 -54.98
N LYS B 634 -16.28 8.87 -55.32
CA LYS B 634 -16.81 8.40 -56.60
C LYS B 634 -18.33 8.53 -56.72
N GLN B 635 -19.02 8.46 -55.59
CA GLN B 635 -20.49 8.37 -55.59
C GLN B 635 -21.17 9.61 -55.06
N THR B 636 -21.97 10.26 -55.91
CA THR B 636 -22.57 11.55 -55.58
C THR B 636 -23.98 11.48 -54.99
N GLU B 637 -24.53 10.28 -54.86
CA GLU B 637 -25.87 10.14 -54.28
C GLU B 637 -25.84 10.35 -52.77
N ILE B 638 -24.83 9.76 -52.12
CA ILE B 638 -24.64 9.95 -50.68
C ILE B 638 -23.68 11.09 -50.43
N ALA B 639 -24.20 12.19 -49.88
CA ALA B 639 -23.40 13.35 -49.54
C ALA B 639 -22.52 13.02 -48.35
N TYR B 640 -21.43 13.78 -48.17
CA TYR B 640 -20.58 13.57 -47.01
C TYR B 640 -19.98 14.90 -46.52
N GLY B 641 -19.80 15.02 -45.20
CA GLY B 641 -19.31 16.26 -44.64
C GLY B 641 -18.50 16.12 -43.37
N THR B 642 -17.94 17.24 -42.90
CA THR B 642 -17.11 17.26 -41.70
C THR B 642 -17.57 18.30 -40.69
N LEU B 643 -16.80 18.45 -39.62
CA LEU B 643 -17.05 19.50 -38.63
C LEU B 643 -16.73 20.87 -39.21
N ASP B 644 -17.31 21.91 -38.62
CA ASP B 644 -17.10 23.28 -39.10
C ASP B 644 -15.67 23.72 -38.79
N SER B 645 -15.18 23.33 -37.63
CA SER B 645 -13.82 23.66 -37.20
C SER B 645 -13.07 22.39 -36.84
N GLY B 646 -11.75 22.51 -36.70
CA GLY B 646 -10.92 21.39 -36.31
C GLY B 646 -10.02 20.86 -37.41
N SER B 647 -9.08 20.00 -37.02
CA SER B 647 -7.98 19.61 -37.90
C SER B 647 -8.36 18.57 -38.95
N THR B 648 -9.58 18.04 -38.87
CA THR B 648 -10.07 17.12 -39.89
C THR B 648 -10.39 17.88 -41.17
N LYS B 649 -11.18 18.95 -41.02
CA LYS B 649 -11.52 19.82 -42.13
C LYS B 649 -10.24 20.38 -42.74
N GLU B 650 -9.34 20.83 -41.88
CA GLU B 650 -8.04 21.32 -42.32
C GLU B 650 -7.26 20.23 -43.06
N PHE B 651 -7.40 18.99 -42.61
CA PHE B 651 -6.77 17.87 -43.29
C PHE B 651 -7.27 17.75 -44.72
N PHE B 652 -8.60 17.73 -44.88
CA PHE B 652 -9.19 17.60 -46.21
C PHE B 652 -8.80 18.79 -47.10
N ARG B 653 -8.80 19.97 -46.51
CA ARG B 653 -8.43 21.18 -47.22
C ARG B 653 -7.00 21.17 -47.74
N ARG B 654 -6.03 20.99 -46.84
CA ARG B 654 -4.63 21.17 -47.17
C ARG B 654 -3.99 19.95 -47.83
N SER B 655 -4.79 18.90 -48.05
CA SER B 655 -4.27 17.67 -48.66
C SER B 655 -3.90 17.85 -50.13
N LYS B 656 -2.75 17.31 -50.51
CA LYS B 656 -2.29 17.34 -51.88
C LYS B 656 -2.67 16.04 -52.59
N ILE B 657 -3.35 15.16 -51.87
CA ILE B 657 -3.74 13.85 -52.38
C ILE B 657 -5.00 13.93 -53.25
N ALA B 658 -5.00 13.17 -54.35
CA ALA B 658 -6.07 13.22 -55.35
C ALA B 658 -7.48 13.08 -54.79
N VAL B 659 -7.77 11.92 -54.23
CA VAL B 659 -9.11 11.61 -53.70
C VAL B 659 -9.59 12.71 -52.76
N PHE B 660 -8.68 13.15 -51.90
CA PHE B 660 -8.98 14.17 -50.90
C PHE B 660 -9.15 15.56 -51.50
N ASP B 661 -8.42 15.83 -52.57
CA ASP B 661 -8.60 17.08 -53.30
C ASP B 661 -10.01 17.10 -53.87
N LYS B 662 -10.41 15.98 -54.47
CA LYS B 662 -11.75 15.87 -55.05
C LYS B 662 -12.83 16.03 -53.99
N MET B 663 -12.70 15.29 -52.90
CA MET B 663 -13.65 15.35 -51.80
C MET B 663 -13.77 16.77 -51.26
N TRP B 664 -12.63 17.42 -51.06
CA TRP B 664 -12.61 18.77 -50.49
C TRP B 664 -13.24 19.79 -51.41
N THR B 665 -12.97 19.68 -52.71
CA THR B 665 -13.56 20.58 -53.69
C THR B 665 -15.08 20.39 -53.68
N TYR B 666 -15.52 19.14 -53.61
CA TYR B 666 -16.94 18.84 -53.51
C TYR B 666 -17.55 19.51 -52.29
N MET B 667 -17.02 19.20 -51.11
CA MET B 667 -17.52 19.73 -49.85
C MET B 667 -17.57 21.25 -49.86
N ARG B 668 -16.57 21.86 -50.49
CA ARG B 668 -16.51 23.31 -50.58
C ARG B 668 -17.62 23.86 -51.46
N SER B 669 -17.84 23.24 -52.62
CA SER B 669 -18.81 23.76 -53.58
C SER B 669 -20.22 23.20 -53.41
N ALA B 670 -20.40 22.27 -52.47
CA ALA B 670 -21.69 21.61 -52.29
C ALA B 670 -22.69 22.43 -51.49
N GLU B 671 -23.91 22.53 -52.01
CA GLU B 671 -25.04 23.08 -51.27
C GLU B 671 -26.28 22.23 -51.51
N PRO B 672 -27.09 22.01 -50.47
CA PRO B 672 -27.02 22.52 -49.09
C PRO B 672 -25.77 22.08 -48.34
N SER B 673 -25.21 22.99 -47.54
CA SER B 673 -23.93 22.77 -46.86
C SER B 673 -23.91 21.49 -46.04
N VAL B 674 -22.83 20.72 -46.18
CA VAL B 674 -22.69 19.44 -45.52
C VAL B 674 -21.95 19.58 -44.20
N PHE B 675 -21.60 20.82 -43.86
CA PHE B 675 -20.80 21.12 -42.67
C PHE B 675 -21.67 21.27 -41.42
N VAL B 676 -21.14 20.84 -40.28
CA VAL B 676 -21.82 20.97 -39.01
C VAL B 676 -20.89 21.55 -37.95
N ARG B 677 -21.46 22.27 -36.99
CA ARG B 677 -20.67 22.94 -35.97
C ARG B 677 -20.16 21.97 -34.90
N THR B 678 -21.04 21.10 -34.43
CA THR B 678 -20.69 20.16 -33.37
C THR B 678 -20.83 18.73 -33.83
N THR B 679 -20.14 17.82 -33.15
CA THR B 679 -20.18 16.39 -33.46
C THR B 679 -21.60 15.86 -33.31
N ALA B 680 -22.27 16.28 -32.25
CA ALA B 680 -23.64 15.88 -31.97
C ALA B 680 -24.55 16.25 -33.14
N GLU B 681 -24.45 17.49 -33.59
CA GLU B 681 -25.24 17.97 -34.72
C GLU B 681 -25.07 17.10 -35.96
N GLY B 682 -23.81 16.87 -36.32
CA GLY B 682 -23.48 16.03 -37.47
C GLY B 682 -24.02 14.62 -37.39
N VAL B 683 -23.79 13.95 -36.26
CA VAL B 683 -24.25 12.57 -36.11
C VAL B 683 -25.77 12.51 -36.12
N ALA B 684 -26.40 13.50 -35.49
CA ALA B 684 -27.85 13.63 -35.51
C ALA B 684 -28.35 13.77 -36.94
N ARG B 685 -27.61 14.52 -37.75
CA ARG B 685 -27.92 14.67 -39.16
C ARG B 685 -27.78 13.34 -39.89
N VAL B 686 -26.81 12.52 -39.46
CA VAL B 686 -26.63 11.18 -40.02
C VAL B 686 -27.84 10.32 -39.69
N ARG B 687 -28.38 10.49 -38.49
CA ARG B 687 -29.53 9.71 -38.05
C ARG B 687 -30.82 10.15 -38.73
N LYS B 688 -30.93 11.44 -39.04
CA LYS B 688 -32.15 12.00 -39.64
C LYS B 688 -32.24 11.85 -41.15
N SER B 689 -31.12 11.55 -41.80
CA SER B 689 -31.04 11.61 -43.26
C SER B 689 -31.64 10.39 -43.96
N LYS B 690 -31.86 9.32 -43.19
CA LYS B 690 -32.35 8.05 -43.73
C LYS B 690 -31.39 7.50 -44.78
N GLY B 691 -30.09 7.71 -44.56
CA GLY B 691 -29.06 7.19 -45.42
C GLY B 691 -28.45 8.22 -46.35
N LYS B 692 -28.98 9.45 -46.29
CA LYS B 692 -28.57 10.51 -47.20
C LYS B 692 -27.24 11.18 -46.82
N TYR B 693 -26.91 11.16 -45.52
CA TYR B 693 -25.73 11.87 -45.05
C TYR B 693 -24.63 10.96 -44.51
N ALA B 694 -23.41 11.22 -44.94
CA ALA B 694 -22.23 10.51 -44.44
C ALA B 694 -21.33 11.47 -43.68
N TYR B 695 -20.83 11.02 -42.53
CA TYR B 695 -20.08 11.90 -41.66
C TYR B 695 -18.61 11.51 -41.60
N LEU B 696 -17.75 12.52 -41.49
CA LEU B 696 -16.32 12.28 -41.38
C LEU B 696 -15.82 12.78 -40.03
N LEU B 697 -15.28 11.89 -39.22
CA LEU B 697 -14.81 12.28 -37.89
C LEU B 697 -13.70 11.38 -37.41
N GLU B 698 -12.96 11.88 -36.43
CA GLU B 698 -11.87 11.09 -35.85
C GLU B 698 -12.43 9.77 -35.31
N SER B 699 -11.68 8.70 -35.55
CA SER B 699 -12.16 7.34 -35.31
C SER B 699 -12.73 7.12 -33.91
N THR B 700 -12.15 7.79 -32.93
CA THR B 700 -12.56 7.62 -31.54
C THR B 700 -14.03 7.97 -31.34
N MET B 701 -14.38 9.20 -31.70
CA MET B 701 -15.76 9.67 -31.61
C MET B 701 -16.69 8.75 -32.38
N ASN B 702 -16.20 8.20 -33.49
CA ASN B 702 -16.99 7.31 -34.31
C ASN B 702 -17.33 6.04 -33.54
N GLU B 703 -16.33 5.44 -32.90
CA GLU B 703 -16.55 4.24 -32.11
C GLU B 703 -17.49 4.52 -30.94
N TYR B 704 -17.23 5.62 -30.24
CA TYR B 704 -18.03 6.01 -29.10
C TYR B 704 -19.50 6.14 -29.47
N ILE B 705 -19.79 6.99 -30.46
CA ILE B 705 -21.15 7.17 -30.94
C ILE B 705 -21.76 5.84 -31.40
N GLU B 706 -20.93 5.03 -32.06
CA GLU B 706 -21.38 3.72 -32.53
C GLU B 706 -21.88 2.87 -31.38
N GLN B 707 -21.29 3.05 -30.20
CA GLN B 707 -21.71 2.30 -29.01
C GLN B 707 -22.80 3.01 -28.16
N ARG B 708 -23.20 4.21 -28.54
CA ARG B 708 -24.23 4.93 -27.78
C ARG B 708 -25.62 4.78 -28.38
N LYS B 709 -26.61 4.56 -27.53
CA LYS B 709 -28.00 4.32 -27.94
C LYS B 709 -28.56 5.47 -28.79
N PRO B 710 -29.43 5.15 -29.77
CA PRO B 710 -29.96 3.84 -30.20
C PRO B 710 -28.93 2.91 -30.85
N CYS B 711 -27.77 3.45 -31.20
CA CYS B 711 -26.72 2.72 -31.92
C CYS B 711 -27.13 2.34 -33.33
N ASP B 712 -27.77 3.26 -34.04
CA ASP B 712 -28.09 3.05 -35.45
C ASP B 712 -27.00 3.57 -36.37
N THR B 713 -25.92 4.05 -35.76
CA THR B 713 -24.78 4.59 -36.51
C THR B 713 -23.62 3.58 -36.49
N MET B 714 -22.85 3.52 -37.58
CA MET B 714 -21.72 2.62 -37.65
C MET B 714 -20.52 3.18 -38.42
N LYS B 715 -19.32 2.74 -38.04
CA LYS B 715 -18.09 3.14 -38.72
C LYS B 715 -17.76 2.17 -39.84
N VAL B 716 -17.59 2.69 -41.05
CA VAL B 716 -17.30 1.82 -42.19
C VAL B 716 -15.98 2.17 -42.87
N GLY B 717 -15.25 1.15 -43.31
CA GLY B 717 -13.99 1.35 -43.98
C GLY B 717 -12.89 1.62 -42.98
N GLY B 718 -11.66 1.74 -43.46
CA GLY B 718 -10.54 2.01 -42.60
C GLY B 718 -10.39 3.49 -42.31
N ASN B 719 -9.43 3.83 -41.45
CA ASN B 719 -9.14 5.23 -41.17
C ASN B 719 -8.42 5.86 -42.36
N LEU B 720 -8.74 7.12 -42.65
CA LEU B 720 -8.16 7.81 -43.79
C LEU B 720 -6.69 8.17 -43.54
N ASP B 721 -6.30 8.21 -42.28
CA ASP B 721 -4.96 8.62 -41.89
C ASP B 721 -4.65 8.13 -40.49
N SER B 722 -3.44 8.43 -40.01
CA SER B 722 -3.07 8.10 -38.64
C SER B 722 -2.53 9.30 -37.91
N LYS B 723 -3.27 9.74 -36.88
CA LYS B 723 -2.86 10.87 -36.05
C LYS B 723 -2.85 10.38 -34.62
N GLY B 724 -2.66 11.29 -33.67
CA GLY B 724 -2.75 10.92 -32.27
C GLY B 724 -3.16 12.08 -31.38
N TYR B 725 -3.79 11.76 -30.26
CA TYR B 725 -4.10 12.77 -29.26
C TYR B 725 -2.90 12.97 -28.37
N GLY B 726 -2.69 14.19 -27.90
CA GLY B 726 -1.57 14.45 -27.02
C GLY B 726 -1.84 15.57 -26.04
N ILE B 727 -1.12 15.56 -24.93
CA ILE B 727 -1.27 16.58 -23.91
C ILE B 727 -0.38 17.76 -24.25
N ALA B 728 -0.99 18.94 -24.34
CA ALA B 728 -0.29 20.12 -24.81
C ALA B 728 0.31 20.94 -23.67
N THR B 729 1.60 21.24 -23.80
CA THR B 729 2.30 22.10 -22.86
C THR B 729 2.91 23.27 -23.64
N PRO B 730 2.93 24.45 -23.02
CA PRO B 730 3.48 25.63 -23.70
C PRO B 730 4.96 25.48 -23.88
N LYS B 731 5.47 25.97 -25.01
CA LYS B 731 6.88 25.85 -25.34
C LYS B 731 7.73 26.52 -24.27
N GLY B 732 8.68 25.77 -23.72
CA GLY B 732 9.56 26.31 -22.70
C GLY B 732 9.09 26.14 -21.28
N SER B 733 7.94 25.48 -21.09
CA SER B 733 7.40 25.26 -19.76
C SER B 733 8.22 24.25 -18.97
N SER B 734 8.07 24.28 -17.65
CA SER B 734 8.77 23.35 -16.78
C SER B 734 8.03 22.02 -16.71
N LEU B 735 6.82 21.98 -17.26
CA LEU B 735 6.00 20.78 -17.20
C LEU B 735 6.21 19.78 -18.34
N GLY B 736 6.87 20.21 -19.41
CA GLY B 736 6.93 19.41 -20.62
C GLY B 736 7.54 18.02 -20.49
N THR B 737 8.78 17.95 -20.02
CA THR B 737 9.47 16.68 -19.92
C THR B 737 8.86 15.71 -18.88
N PRO B 738 8.49 16.20 -17.68
CA PRO B 738 7.90 15.23 -16.76
C PRO B 738 6.50 14.75 -17.16
N VAL B 739 5.71 15.56 -17.86
CA VAL B 739 4.41 15.06 -18.31
C VAL B 739 4.61 14.11 -19.48
N ASN B 740 5.66 14.36 -20.28
CA ASN B 740 6.02 13.42 -21.32
C ASN B 740 6.31 12.06 -20.70
N LEU B 741 7.23 12.05 -19.73
CA LEU B 741 7.57 10.83 -19.00
C LEU B 741 6.35 10.21 -18.33
N ALA B 742 5.41 11.05 -17.91
CA ALA B 742 4.19 10.59 -17.28
C ALA B 742 3.32 9.82 -18.28
N VAL B 743 3.16 10.37 -19.48
CA VAL B 743 2.37 9.74 -20.52
C VAL B 743 2.99 8.40 -20.91
N LEU B 744 4.31 8.38 -21.02
CA LEU B 744 4.99 7.13 -21.32
C LEU B 744 4.77 6.07 -20.24
N LYS B 745 5.08 6.45 -19.00
CA LYS B 745 4.90 5.54 -17.86
C LYS B 745 3.47 5.01 -17.79
N LEU B 746 2.51 5.87 -18.11
CA LEU B 746 1.11 5.46 -18.14
C LEU B 746 0.84 4.45 -19.23
N SER B 747 1.44 4.67 -20.40
CA SER B 747 1.21 3.78 -21.53
C SER B 747 1.76 2.39 -21.25
N GLU B 748 2.93 2.36 -20.61
CA GLU B 748 3.60 1.09 -20.35
C GLU B 748 2.90 0.23 -19.30
N GLN B 749 2.15 0.88 -18.42
CA GLN B 749 1.42 0.18 -17.36
C GLN B 749 0.01 -0.23 -17.78
N GLY B 750 -0.32 0.02 -19.04
CA GLY B 750 -1.62 -0.35 -19.59
C GLY B 750 -2.77 0.47 -19.05
N VAL B 751 -2.45 1.59 -18.39
CA VAL B 751 -3.46 2.45 -17.78
C VAL B 751 -4.37 3.08 -18.83
N LEU B 752 -3.77 3.48 -19.94
CA LEU B 752 -4.51 4.07 -21.05
C LEU B 752 -5.49 3.05 -21.61
N ASP B 753 -5.05 1.80 -21.72
CA ASP B 753 -5.89 0.72 -22.22
C ASP B 753 -7.13 0.54 -21.35
N LYS B 754 -6.91 0.37 -20.05
CA LYS B 754 -7.99 0.13 -19.10
C LYS B 754 -8.94 1.32 -19.02
N LEU B 755 -8.38 2.53 -19.07
CA LEU B 755 -9.19 3.75 -18.99
C LEU B 755 -10.04 3.93 -20.25
N LYS B 756 -9.45 3.61 -21.40
CA LYS B 756 -10.19 3.67 -22.65
C LYS B 756 -11.31 2.64 -22.67
N ASN B 757 -10.99 1.43 -22.23
CA ASN B 757 -11.98 0.37 -22.14
C ASN B 757 -13.10 0.76 -21.19
N LYS B 758 -12.74 1.54 -20.17
CA LYS B 758 -13.71 2.08 -19.23
C LYS B 758 -14.65 3.07 -19.89
N TRP B 759 -14.10 4.11 -20.51
CA TRP B 759 -14.94 5.19 -21.02
C TRP B 759 -15.62 4.90 -22.36
N TRP B 760 -15.11 3.92 -23.09
CA TRP B 760 -15.67 3.61 -24.39
C TRP B 760 -16.60 2.40 -24.37
N TYR B 761 -16.03 1.21 -24.17
CA TYR B 761 -16.79 -0.04 -24.34
C TYR B 761 -17.48 -0.57 -23.08
N ASP B 762 -17.12 -0.04 -21.92
CA ASP B 762 -17.76 -0.47 -20.69
C ASP B 762 -19.11 0.24 -20.48
N LYS B 763 -19.19 1.48 -20.96
CA LYS B 763 -20.41 2.25 -20.81
C LYS B 763 -21.30 2.14 -22.05
N GLY B 764 -20.88 1.31 -22.99
CA GLY B 764 -21.60 1.12 -24.25
C GLY B 764 -23.00 0.58 -24.07
N GLU B 765 -23.94 1.13 -24.85
CA GLU B 765 -25.36 0.78 -24.77
C GLU B 765 -25.82 -0.28 -25.78
N CYS B 766 -24.88 -0.84 -26.52
CA CYS B 766 -25.15 -2.02 -27.35
C CYS B 766 -24.04 -3.05 -27.14
N GLY B 767 -24.39 -4.25 -26.67
CA GLY B 767 -23.40 -5.23 -26.31
C GLY B 767 -22.58 -5.80 -27.46
N ALA B 768 -21.26 -5.57 -27.37
CA ALA B 768 -20.24 -6.10 -28.28
C ALA B 768 -20.53 -5.95 -29.78
N LYS B 769 -20.10 -6.96 -30.54
CA LYS B 769 -20.33 -7.04 -31.99
C LYS B 769 -21.66 -7.70 -32.41
N ASP B 770 -22.11 -8.66 -31.62
CA ASP B 770 -23.12 -9.64 -32.07
C ASP B 770 -24.56 -9.13 -32.16
N SER B 771 -24.85 -8.04 -31.45
CA SER B 771 -26.22 -7.55 -31.31
C SER B 771 -26.98 -7.33 -32.63
N GLY B 772 -26.25 -6.98 -33.68
CA GLY B 772 -26.86 -6.63 -34.96
C GLY B 772 -27.56 -7.74 -35.71
N SER B 773 -27.00 -8.95 -35.65
CA SER B 773 -27.52 -10.08 -36.44
C SER B 773 -28.96 -10.42 -36.11
N LYS B 774 -29.28 -10.43 -34.82
CA LYS B 774 -30.61 -10.78 -34.32
C LYS B 774 -31.11 -12.13 -34.86
N GLU B 775 -30.15 -13.05 -35.07
CA GLU B 775 -30.44 -14.44 -35.39
C GLU B 775 -31.06 -14.69 -36.77
N LYS B 776 -31.39 -13.63 -37.50
CA LYS B 776 -32.08 -13.76 -38.79
C LYS B 776 -33.31 -14.66 -38.64
N THR B 777 -34.12 -14.34 -37.62
CA THR B 777 -35.10 -15.28 -37.10
C THR B 777 -36.39 -15.42 -37.90
N SER B 778 -36.76 -14.41 -38.67
CA SER B 778 -38.11 -14.37 -39.21
C SER B 778 -38.28 -14.97 -40.61
N ALA B 779 -38.96 -16.11 -40.65
CA ALA B 779 -39.52 -16.69 -41.87
C ALA B 779 -38.60 -16.70 -43.08
N LEU B 780 -39.17 -16.33 -44.22
CA LEU B 780 -38.42 -16.24 -45.47
C LEU B 780 -39.10 -15.17 -46.35
N SER B 781 -38.30 -14.41 -47.08
CA SER B 781 -38.84 -13.34 -47.91
C SER B 781 -39.43 -13.90 -49.19
N LEU B 782 -40.72 -13.60 -49.42
CA LEU B 782 -41.47 -14.14 -50.55
C LEU B 782 -40.85 -13.80 -51.91
N SER B 783 -40.18 -12.66 -51.98
CA SER B 783 -39.54 -12.22 -53.22
C SER B 783 -38.35 -13.10 -53.59
N ASN B 784 -37.59 -13.49 -52.58
CA ASN B 784 -36.43 -14.36 -52.76
C ASN B 784 -36.79 -15.66 -53.49
N VAL B 785 -37.93 -16.23 -53.14
CA VAL B 785 -38.45 -17.42 -53.82
C VAL B 785 -39.15 -17.03 -55.12
N ALA B 786 -39.72 -15.83 -55.14
CA ALA B 786 -40.39 -15.30 -56.33
C ALA B 786 -39.42 -15.28 -57.49
N GLY B 787 -38.14 -15.08 -57.20
CA GLY B 787 -37.09 -15.18 -58.20
C GLY B 787 -37.14 -16.50 -58.96
N VAL B 788 -37.41 -17.59 -58.24
CA VAL B 788 -37.57 -18.90 -58.87
C VAL B 788 -38.95 -19.00 -59.52
N PHE B 789 -39.94 -18.39 -58.89
CA PHE B 789 -41.30 -18.39 -59.43
C PHE B 789 -41.38 -17.81 -60.83
N TYR B 790 -40.48 -16.86 -61.12
CA TYR B 790 -40.39 -16.28 -62.46
C TYR B 790 -39.95 -17.30 -63.51
N ILE B 791 -38.91 -18.08 -63.21
CA ILE B 791 -38.45 -19.10 -64.15
C ILE B 791 -39.47 -20.25 -64.25
N LEU B 792 -40.24 -20.45 -63.19
CA LEU B 792 -41.32 -21.43 -63.25
C LEU B 792 -42.42 -21.00 -64.21
N VAL B 793 -42.93 -19.77 -64.01
CA VAL B 793 -44.00 -19.25 -64.86
C VAL B 793 -43.55 -19.12 -66.32
N GLY B 794 -42.34 -18.59 -66.51
CA GLY B 794 -41.75 -18.49 -67.84
C GLY B 794 -41.58 -19.87 -68.45
N GLY B 795 -41.32 -20.86 -67.59
CA GLY B 795 -41.23 -22.24 -68.03
C GLY B 795 -42.58 -22.73 -68.52
N LEU B 796 -43.65 -22.30 -67.84
CA LEU B 796 -45.01 -22.67 -68.25
C LEU B 796 -45.37 -22.01 -69.57
N GLY B 797 -44.92 -20.77 -69.76
CA GLY B 797 -45.16 -20.06 -71.01
C GLY B 797 -44.43 -20.72 -72.17
N LEU B 798 -43.18 -21.09 -71.92
CA LEU B 798 -42.37 -21.80 -72.90
C LEU B 798 -43.03 -23.13 -73.24
N ALA B 799 -43.60 -23.75 -72.21
CA ALA B 799 -44.30 -25.02 -72.36
C ALA B 799 -45.50 -24.86 -73.29
N MET B 800 -46.35 -23.88 -72.98
CA MET B 800 -47.53 -23.59 -73.81
C MET B 800 -47.13 -23.31 -75.25
N LEU B 801 -46.10 -22.48 -75.41
CA LEU B 801 -45.61 -22.09 -76.73
C LEU B 801 -45.17 -23.28 -77.56
N VAL B 802 -44.21 -24.04 -77.02
CA VAL B 802 -43.63 -25.16 -77.77
C VAL B 802 -44.67 -26.27 -77.98
N ALA B 803 -45.56 -26.45 -77.02
CA ALA B 803 -46.64 -27.42 -77.15
C ALA B 803 -47.56 -27.04 -78.30
N LEU B 804 -47.88 -25.76 -78.39
CA LEU B 804 -48.77 -25.27 -79.45
C LEU B 804 -48.10 -25.33 -80.84
N ILE B 805 -46.82 -24.96 -80.91
CA ILE B 805 -46.12 -25.00 -82.19
C ILE B 805 -45.86 -26.45 -82.63
N GLU B 806 -45.85 -27.37 -81.67
CA GLU B 806 -45.73 -28.78 -81.99
C GLU B 806 -47.09 -29.35 -82.40
N PHE B 807 -48.15 -28.76 -81.83
CA PHE B 807 -49.51 -29.23 -82.04
C PHE B 807 -50.05 -28.94 -83.45
N ALA B 808 -49.78 -27.74 -83.94
CA ALA B 808 -50.34 -27.29 -85.22
C ALA B 808 -49.81 -28.06 -86.43
N TYR B 809 -48.58 -28.54 -86.35
CA TYR B 809 -47.97 -29.27 -87.46
C TYR B 809 -48.60 -30.65 -87.68
N LYS B 810 -49.32 -31.14 -86.67
CA LYS B 810 -50.00 -32.43 -86.75
C LYS B 810 -51.03 -32.44 -87.88
N ASN C 1 55.92 61.01 0.63
CA ASN C 1 55.19 60.40 1.72
C ASN C 1 55.15 58.88 1.62
N SER C 2 56.16 58.24 2.20
CA SER C 2 56.30 56.78 2.13
C SER C 2 55.39 56.05 3.11
N ILE C 3 54.51 55.20 2.57
CA ILE C 3 53.62 54.40 3.39
C ILE C 3 54.01 52.92 3.35
N GLN C 4 54.34 52.35 4.50
CA GLN C 4 54.92 51.01 4.57
C GLN C 4 53.87 49.90 4.43
N ILE C 5 54.05 49.06 3.42
CA ILE C 5 53.17 47.91 3.21
C ILE C 5 54.03 46.66 2.96
N GLY C 6 53.49 45.50 3.31
CA GLY C 6 54.19 44.25 3.06
C GLY C 6 53.62 43.48 1.89
N GLY C 7 54.34 42.45 1.45
CA GLY C 7 53.84 41.57 0.41
C GLY C 7 54.46 40.18 0.47
N LEU C 8 53.73 39.19 -0.01
CA LEU C 8 54.20 37.81 0.00
C LEU C 8 54.11 37.18 -1.39
N PHE C 9 55.26 36.88 -1.97
CA PHE C 9 55.32 36.35 -3.33
C PHE C 9 55.85 34.91 -3.43
N PRO C 10 55.04 34.02 -4.01
CA PRO C 10 55.48 32.66 -4.31
C PRO C 10 56.55 32.70 -5.39
N ARG C 11 57.60 31.90 -5.24
CA ARG C 11 58.69 31.84 -6.21
C ARG C 11 58.17 31.43 -7.59
N GLY C 12 57.10 30.64 -7.59
CA GLY C 12 56.52 30.14 -8.83
C GLY C 12 56.00 31.24 -9.75
N ALA C 13 55.45 32.30 -9.19
CA ALA C 13 54.84 33.34 -10.02
C ALA C 13 55.70 34.59 -10.09
N ASP C 14 56.35 34.77 -11.24
CA ASP C 14 57.10 35.99 -11.53
C ASP C 14 56.28 37.12 -12.15
N GLN C 15 55.40 36.78 -13.09
CA GLN C 15 54.66 37.78 -13.86
C GLN C 15 53.81 38.68 -12.97
N GLU C 16 53.29 38.07 -11.90
CA GLU C 16 52.47 38.80 -10.93
C GLU C 16 53.25 39.92 -10.28
N TYR C 17 54.55 39.70 -10.08
CA TYR C 17 55.41 40.72 -9.51
C TYR C 17 55.64 41.84 -10.53
N SER C 18 55.65 41.49 -11.80
CA SER C 18 55.80 42.47 -12.86
C SER C 18 54.58 43.38 -12.96
N ALA C 19 53.40 42.77 -13.03
CA ALA C 19 52.15 43.52 -13.02
C ALA C 19 52.04 44.34 -11.73
N PHE C 20 52.61 43.80 -10.66
CA PHE C 20 52.68 44.49 -9.38
C PHE C 20 53.46 45.80 -9.51
N ARG C 21 54.66 45.70 -10.08
CA ARG C 21 55.51 46.88 -10.28
C ARG C 21 54.86 47.90 -11.22
N VAL C 22 54.22 47.40 -12.27
CA VAL C 22 53.49 48.27 -13.21
C VAL C 22 52.34 49.00 -12.51
N GLY C 23 51.67 48.29 -11.60
CA GLY C 23 50.63 48.89 -10.78
C GLY C 23 51.18 49.98 -9.88
N MET C 24 52.35 49.71 -9.30
CA MET C 24 53.03 50.68 -8.47
C MET C 24 53.36 51.95 -9.24
N VAL C 25 53.93 51.80 -10.43
CA VAL C 25 54.27 52.94 -11.27
C VAL C 25 53.04 53.72 -11.71
N GLN C 26 52.00 53.01 -12.15
CA GLN C 26 50.80 53.64 -12.68
C GLN C 26 50.04 54.40 -11.60
N PHE C 27 49.88 53.79 -10.42
CA PHE C 27 49.03 54.35 -9.38
C PHE C 27 49.78 55.19 -8.33
N SER C 28 51.08 55.37 -8.51
CA SER C 28 51.85 56.21 -7.60
C SER C 28 51.62 57.69 -7.91
N THR C 29 51.64 58.51 -6.88
CA THR C 29 51.58 59.96 -7.07
C THR C 29 52.68 60.62 -6.27
N SER C 30 53.00 61.87 -6.61
CA SER C 30 54.04 62.60 -5.89
C SER C 30 53.62 62.86 -4.45
N GLU C 31 52.32 62.95 -4.21
CA GLU C 31 51.79 63.23 -2.88
C GLU C 31 52.00 62.07 -1.92
N PHE C 32 51.75 60.85 -2.38
CA PHE C 32 52.04 59.66 -1.58
C PHE C 32 52.42 58.46 -2.43
N ARG C 33 53.37 57.66 -1.94
CA ARG C 33 53.83 56.46 -2.64
C ARG C 33 54.02 55.30 -1.66
N LEU C 34 53.38 54.18 -1.95
CA LEU C 34 53.46 52.99 -1.10
C LEU C 34 54.86 52.37 -1.18
N THR C 35 55.40 51.96 -0.05
CA THR C 35 56.72 51.32 -0.04
C THR C 35 56.66 49.86 0.40
N PRO C 36 56.79 48.94 -0.58
CA PRO C 36 56.79 47.49 -0.35
C PRO C 36 58.12 46.94 0.17
N HIS C 37 58.05 45.91 1.01
CA HIS C 37 59.22 45.08 1.29
C HIS C 37 58.94 43.68 0.75
N ILE C 38 59.65 43.29 -0.30
CA ILE C 38 59.34 42.06 -1.02
C ILE C 38 60.00 40.81 -0.43
N ASP C 39 59.20 39.78 -0.23
CA ASP C 39 59.72 38.48 0.17
C ASP C 39 59.34 37.39 -0.85
N ASN C 40 60.34 36.88 -1.56
CA ASN C 40 60.14 35.76 -2.46
C ASN C 40 60.38 34.46 -1.70
N LEU C 41 59.34 33.66 -1.53
CA LEU C 41 59.43 32.48 -0.68
C LEU C 41 58.43 31.39 -1.03
N GLU C 42 58.66 30.21 -0.47
CA GLU C 42 57.80 29.05 -0.66
C GLU C 42 56.45 29.30 0.02
N VAL C 43 55.39 29.25 -0.77
CA VAL C 43 54.05 29.63 -0.30
C VAL C 43 53.31 28.53 0.48
N ALA C 44 53.44 27.29 0.02
CA ALA C 44 52.69 26.18 0.63
C ALA C 44 53.24 25.79 2.00
N ASN C 45 54.37 26.38 2.38
CA ASN C 45 54.98 26.07 3.66
C ASN C 45 54.49 26.97 4.77
N SER C 46 53.82 26.38 5.76
CA SER C 46 53.23 27.15 6.86
C SER C 46 54.29 27.92 7.64
N PHE C 47 55.39 27.25 7.94
CA PHE C 47 56.51 27.86 8.67
C PHE C 47 57.07 29.05 7.91
N ALA C 48 57.31 28.88 6.61
CA ALA C 48 57.83 29.95 5.78
C ALA C 48 56.89 31.15 5.78
N VAL C 49 55.59 30.87 5.68
CA VAL C 49 54.57 31.93 5.71
C VAL C 49 54.62 32.68 7.03
N THR C 50 54.77 31.94 8.13
CA THR C 50 54.89 32.55 9.45
C THR C 50 56.13 33.45 9.51
N ASN C 51 57.23 32.98 8.93
CA ASN C 51 58.45 33.77 8.85
C ASN C 51 58.24 35.08 8.10
N ALA C 52 57.63 34.99 6.92
CA ALA C 52 57.37 36.18 6.11
C ALA C 52 56.47 37.16 6.86
N PHE C 53 55.32 36.69 7.30
CA PHE C 53 54.34 37.52 7.99
C PHE C 53 54.89 38.19 9.24
N CYS C 54 55.66 37.44 10.03
CA CYS C 54 56.28 38.00 11.23
C CYS C 54 57.36 39.02 10.87
N SER C 55 58.11 38.73 9.80
CA SER C 55 59.14 39.66 9.33
C SER C 55 58.52 40.97 8.90
N GLN C 56 57.35 40.89 8.27
CA GLN C 56 56.65 42.09 7.81
C GLN C 56 56.01 42.82 8.99
N PHE C 57 55.55 42.07 9.97
CA PHE C 57 54.91 42.67 11.14
C PHE C 57 55.91 43.43 11.97
N SER C 58 57.08 42.83 12.20
CA SER C 58 58.16 43.48 12.92
C SER C 58 58.64 44.73 12.18
N ARG C 59 58.48 44.72 10.86
CA ARG C 59 58.80 45.89 10.05
C ARG C 59 57.75 46.98 10.21
N GLY C 60 56.62 46.62 10.83
CA GLY C 60 55.57 47.58 11.11
C GLY C 60 54.80 48.03 9.88
N VAL C 61 54.40 47.08 9.05
CA VAL C 61 53.61 47.37 7.87
C VAL C 61 52.13 47.55 8.24
N TYR C 62 51.46 48.44 7.53
CA TYR C 62 50.05 48.73 7.80
C TYR C 62 49.11 47.68 7.22
N ALA C 63 49.52 47.06 6.12
CA ALA C 63 48.73 46.01 5.49
C ALA C 63 49.61 45.08 4.66
N ILE C 64 49.09 43.88 4.36
CA ILE C 64 49.85 42.89 3.60
C ILE C 64 49.08 42.35 2.40
N PHE C 65 49.73 42.30 1.25
CA PHE C 65 49.16 41.70 0.05
C PHE C 65 49.95 40.47 -0.38
N GLY C 66 49.30 39.31 -0.42
CA GLY C 66 50.00 38.09 -0.77
C GLY C 66 49.12 36.96 -1.29
N PHE C 67 49.78 35.83 -1.56
CA PHE C 67 49.10 34.64 -2.07
C PHE C 67 49.12 33.58 -0.99
N TYR C 68 48.15 32.68 -1.00
CA TYR C 68 48.20 31.53 -0.10
C TYR C 68 47.68 30.22 -0.71
N ASP C 69 47.96 29.13 -0.02
CA ASP C 69 47.48 27.81 -0.42
C ASP C 69 46.65 27.24 0.73
N LYS C 70 45.86 26.20 0.44
CA LYS C 70 44.97 25.60 1.45
C LYS C 70 45.72 25.24 2.73
N LYS C 71 47.02 24.98 2.64
CA LYS C 71 47.79 24.65 3.83
C LYS C 71 48.12 25.89 4.65
N SER C 72 48.39 27.01 3.99
CA SER C 72 48.73 28.23 4.72
C SER C 72 47.56 29.21 4.98
N VAL C 73 46.39 28.91 4.43
CA VAL C 73 45.26 29.84 4.52
C VAL C 73 44.79 30.05 5.96
N ASN C 74 44.73 28.97 6.73
CA ASN C 74 44.34 29.07 8.13
C ASN C 74 45.40 29.84 8.92
N THR C 75 46.66 29.65 8.57
CA THR C 75 47.74 30.42 9.17
C THR C 75 47.47 31.90 8.96
N ILE C 76 47.25 32.28 7.70
CA ILE C 76 47.04 33.69 7.36
C ILE C 76 45.80 34.27 8.03
N THR C 77 44.68 33.58 7.91
CA THR C 77 43.42 34.07 8.50
C THR C 77 43.52 34.18 10.02
N SER C 78 44.16 33.22 10.67
CA SER C 78 44.30 33.27 12.12
C SER C 78 45.19 34.42 12.56
N PHE C 79 46.36 34.54 11.93
CA PHE C 79 47.30 35.60 12.31
C PHE C 79 46.76 36.99 12.02
N CYS C 80 46.31 37.19 10.79
CA CYS C 80 45.75 38.47 10.37
C CYS C 80 44.51 38.82 11.18
N GLY C 81 43.74 37.80 11.55
CA GLY C 81 42.56 38.00 12.37
C GLY C 81 42.90 38.40 13.79
N THR C 82 43.97 37.82 14.33
CA THR C 82 44.39 38.09 15.70
C THR C 82 45.04 39.46 15.85
N LEU C 83 46.00 39.76 14.99
CA LEU C 83 46.76 41.01 15.08
C LEU C 83 46.12 42.14 14.30
N HIS C 84 44.97 41.87 13.69
CA HIS C 84 44.19 42.88 12.99
C HIS C 84 44.92 43.53 11.82
N VAL C 85 45.65 42.72 11.05
CA VAL C 85 46.33 43.22 9.86
C VAL C 85 45.60 42.76 8.60
N SER C 86 45.30 43.72 7.73
CA SER C 86 44.54 43.43 6.51
C SER C 86 45.34 42.59 5.52
N PHE C 87 44.69 41.60 4.93
CA PHE C 87 45.33 40.75 3.93
C PHE C 87 44.58 40.78 2.59
N ILE C 88 45.27 41.27 1.57
CA ILE C 88 44.71 41.34 0.22
C ILE C 88 45.28 40.19 -0.62
N THR C 89 44.41 39.45 -1.30
CA THR C 89 44.88 38.27 -2.03
C THR C 89 44.25 38.08 -3.40
N PRO C 90 45.08 37.67 -4.38
CA PRO C 90 44.69 37.15 -5.69
C PRO C 90 44.13 35.72 -5.60
N SER C 91 44.46 35.03 -4.51
CA SER C 91 44.15 33.60 -4.39
C SER C 91 42.67 33.32 -4.21
N PHE C 92 42.35 32.03 -4.08
CA PHE C 92 40.98 31.57 -3.93
C PHE C 92 40.28 32.18 -2.72
N PRO C 93 38.98 32.46 -2.85
CA PRO C 93 38.23 33.03 -1.73
C PRO C 93 38.22 32.07 -0.54
N THR C 94 38.30 32.61 0.67
CA THR C 94 38.28 31.78 1.87
C THR C 94 36.95 31.06 2.00
N ASP C 95 36.96 29.96 2.75
CA ASP C 95 35.82 29.09 2.89
C ASP C 95 34.87 29.61 3.97
N GLY C 96 35.18 30.79 4.50
CA GLY C 96 34.47 31.33 5.63
C GLY C 96 34.47 32.84 5.70
N THR C 97 34.02 33.35 6.84
CA THR C 97 33.76 34.78 7.04
C THR C 97 34.97 35.58 7.50
N HIS C 98 36.14 34.93 7.48
CA HIS C 98 37.35 35.45 8.13
C HIS C 98 37.63 36.92 7.84
N PRO C 99 37.88 37.70 8.92
CA PRO C 99 38.15 39.14 8.92
C PRO C 99 39.58 39.48 8.51
N PHE C 100 39.79 40.71 8.06
CA PHE C 100 41.12 41.18 7.64
C PHE C 100 41.69 40.38 6.48
N VAL C 101 40.81 39.74 5.72
CA VAL C 101 41.19 39.08 4.48
C VAL C 101 40.40 39.71 3.34
N ILE C 102 41.10 40.43 2.46
CA ILE C 102 40.45 41.07 1.34
C ILE C 102 40.72 40.24 0.08
N GLN C 103 39.69 39.57 -0.40
CA GLN C 103 39.85 38.65 -1.52
C GLN C 103 39.54 39.30 -2.85
N MET C 104 40.56 39.44 -3.68
CA MET C 104 40.40 40.05 -5.01
C MET C 104 39.70 39.09 -5.96
N ARG C 105 39.71 37.81 -5.63
CA ARG C 105 39.15 36.79 -6.52
C ARG C 105 37.66 36.56 -6.28
N PRO C 106 36.86 36.70 -7.35
CA PRO C 106 35.43 36.36 -7.32
C PRO C 106 35.24 34.85 -7.36
N ASP C 107 34.17 34.36 -6.73
CA ASP C 107 33.93 32.92 -6.68
C ASP C 107 33.20 32.42 -7.93
N LEU C 108 33.70 31.31 -8.47
CA LEU C 108 33.20 30.78 -9.73
C LEU C 108 32.09 29.74 -9.56
N LYS C 109 31.84 29.34 -8.31
CA LYS C 109 30.90 28.25 -8.01
C LYS C 109 29.54 28.45 -8.68
N GLY C 110 28.95 29.62 -8.49
CA GLY C 110 27.67 29.94 -9.08
C GLY C 110 27.69 29.94 -10.59
N ALA C 111 28.73 30.54 -11.17
CA ALA C 111 28.87 30.62 -12.61
C ALA C 111 29.10 29.25 -13.21
N LEU C 112 29.91 28.44 -12.53
CA LEU C 112 30.19 27.08 -12.98
C LEU C 112 28.91 26.26 -12.98
N LEU C 113 28.23 26.22 -11.83
CA LEU C 113 26.98 25.47 -11.72
C LEU C 113 25.98 25.93 -12.78
N SER C 114 25.89 27.25 -12.95
CA SER C 114 24.97 27.82 -13.93
C SER C 114 25.28 27.40 -15.36
N LEU C 115 26.56 27.35 -15.69
CA LEU C 115 26.96 26.94 -17.05
C LEU C 115 26.72 25.46 -17.27
N ILE C 116 27.01 24.65 -16.25
CA ILE C 116 26.76 23.21 -16.33
C ILE C 116 25.28 22.98 -16.54
N GLU C 117 24.47 23.80 -15.88
CA GLU C 117 23.02 23.74 -16.04
C GLU C 117 22.65 24.16 -17.47
N TYR C 118 23.40 25.11 -18.02
CA TYR C 118 23.14 25.64 -19.35
C TYR C 118 23.30 24.58 -20.44
N TYR C 119 24.30 23.72 -20.29
CA TYR C 119 24.56 22.67 -21.27
C TYR C 119 23.64 21.47 -21.02
N GLN C 120 22.85 21.56 -19.96
CA GLN C 120 21.91 20.51 -19.57
C GLN C 120 22.61 19.16 -19.42
N TRP C 121 23.76 19.17 -18.76
CA TRP C 121 24.48 17.96 -18.46
C TRP C 121 23.79 17.18 -17.36
N ASP C 122 23.68 15.87 -17.53
CA ASP C 122 23.18 15.00 -16.48
C ASP C 122 24.36 14.28 -15.83
N LYS C 123 25.05 13.49 -16.63
CA LYS C 123 26.23 12.75 -16.18
C LYS C 123 27.51 13.40 -16.66
N PHE C 124 28.42 13.68 -15.74
CA PHE C 124 29.71 14.27 -16.11
C PHE C 124 30.81 13.94 -15.11
N ALA C 125 32.06 14.13 -15.54
CA ALA C 125 33.21 13.88 -14.68
C ALA C 125 33.88 15.19 -14.28
N TYR C 126 34.33 15.27 -13.03
CA TYR C 126 34.92 16.48 -12.49
C TYR C 126 36.31 16.19 -11.94
N LEU C 127 37.33 16.76 -12.58
CA LEU C 127 38.72 16.54 -12.17
C LEU C 127 39.21 17.70 -11.33
N TYR C 128 39.41 17.45 -10.04
CA TYR C 128 39.71 18.52 -9.09
C TYR C 128 41.14 18.50 -8.58
N ASP C 129 41.65 19.70 -8.27
CA ASP C 129 42.95 19.85 -7.64
C ASP C 129 42.75 20.16 -6.16
N SER C 130 43.11 19.20 -5.31
CA SER C 130 42.85 19.28 -3.87
C SER C 130 43.59 20.41 -3.17
N ASP C 131 44.73 20.79 -3.74
CA ASP C 131 45.60 21.83 -3.19
C ASP C 131 44.89 23.19 -3.08
N ARG C 132 43.92 23.44 -3.96
CA ARG C 132 43.20 24.71 -3.96
C ARG C 132 41.97 24.69 -3.06
N GLY C 133 41.56 23.50 -2.63
CA GLY C 133 40.42 23.36 -1.74
C GLY C 133 39.18 22.74 -2.35
N LEU C 134 38.25 22.32 -1.49
CA LEU C 134 37.08 21.54 -1.92
C LEU C 134 35.80 22.34 -2.18
N SER C 135 35.88 23.66 -2.12
CA SER C 135 34.69 24.51 -2.25
C SER C 135 33.79 24.15 -3.44
N THR C 136 34.31 24.34 -4.64
CA THR C 136 33.55 24.07 -5.86
C THR C 136 33.13 22.62 -5.99
N LEU C 137 33.91 21.70 -5.43
CA LEU C 137 33.58 20.29 -5.50
C LEU C 137 32.34 19.97 -4.69
N GLN C 138 32.33 20.39 -3.43
CA GLN C 138 31.17 20.18 -2.57
C GLN C 138 29.98 20.92 -3.15
N ALA C 139 30.25 22.07 -3.76
CA ALA C 139 29.22 22.85 -4.43
C ALA C 139 28.54 22.05 -5.52
N VAL C 140 29.34 21.53 -6.45
CA VAL C 140 28.79 20.78 -7.59
C VAL C 140 28.19 19.44 -7.18
N LEU C 141 28.66 18.85 -6.08
CA LEU C 141 28.12 17.57 -5.64
C LEU C 141 26.76 17.74 -4.95
N ASP C 142 26.67 18.71 -4.04
CA ASP C 142 25.42 18.98 -3.36
C ASP C 142 24.39 19.49 -4.36
N SER C 143 24.85 20.35 -5.26
CA SER C 143 23.99 20.86 -6.31
C SER C 143 23.70 19.78 -7.35
N ALA C 144 24.48 18.71 -7.34
CA ALA C 144 24.19 17.54 -8.17
C ALA C 144 23.02 16.79 -7.57
N ALA C 145 23.06 16.56 -6.26
CA ALA C 145 21.96 15.94 -5.56
C ALA C 145 20.68 16.76 -5.73
N GLU C 146 20.85 18.08 -5.73
CA GLU C 146 19.72 18.99 -5.93
C GLU C 146 19.16 18.90 -7.36
N LYS C 147 20.05 19.00 -8.34
CA LYS C 147 19.66 19.12 -9.75
C LYS C 147 19.58 17.79 -10.49
N LYS C 148 19.74 16.69 -9.76
CA LYS C 148 19.76 15.36 -10.35
C LYS C 148 20.89 15.21 -11.36
N TRP C 149 22.12 15.19 -10.85
CA TRP C 149 23.30 14.94 -11.65
C TRP C 149 24.00 13.65 -11.18
N GLN C 150 24.72 13.02 -12.08
CA GLN C 150 25.58 11.89 -11.72
C GLN C 150 27.01 12.32 -11.98
N VAL C 151 27.78 12.50 -10.90
CA VAL C 151 29.12 13.06 -11.01
C VAL C 151 30.21 12.08 -10.63
N THR C 152 31.21 11.94 -11.49
CA THR C 152 32.38 11.14 -11.19
C THR C 152 33.52 12.07 -10.81
N ALA C 153 33.91 12.05 -9.54
CA ALA C 153 34.97 12.93 -9.05
C ALA C 153 36.30 12.20 -8.85
N ILE C 154 37.31 12.60 -9.61
CA ILE C 154 38.61 11.96 -9.53
C ILE C 154 39.72 12.96 -9.21
N ASN C 155 40.53 12.65 -8.22
CA ASN C 155 41.62 13.54 -7.80
C ASN C 155 42.86 13.43 -8.69
N VAL C 156 43.22 14.55 -9.31
CA VAL C 156 44.38 14.60 -10.18
C VAL C 156 45.61 15.16 -9.45
N GLY C 157 45.43 15.57 -8.20
CA GLY C 157 46.44 16.34 -7.49
C GLY C 157 47.63 15.61 -6.87
N ASN C 158 47.51 14.31 -6.66
CA ASN C 158 48.54 13.56 -5.93
C ASN C 158 49.58 12.85 -6.81
N ILE C 159 49.44 12.96 -8.13
CA ILE C 159 50.30 12.19 -9.03
C ILE C 159 51.71 12.77 -9.19
N ASN C 160 52.70 11.88 -9.12
CA ASN C 160 54.12 12.27 -9.16
C ASN C 160 54.63 12.57 -10.57
N ASN C 161 55.53 13.54 -10.65
CA ASN C 161 56.06 14.03 -11.92
C ASN C 161 56.94 12.99 -12.61
N ASP C 162 57.54 12.10 -11.83
CA ASP C 162 58.41 11.05 -12.35
C ASP C 162 57.63 10.04 -13.19
N LYS C 163 56.47 9.63 -12.68
CA LYS C 163 55.61 8.70 -13.41
C LYS C 163 55.07 9.35 -14.68
N LYS C 164 54.69 10.61 -14.57
CA LYS C 164 54.25 11.42 -15.71
C LYS C 164 53.11 10.76 -16.51
N ASP C 165 53.32 10.68 -17.82
CA ASP C 165 52.26 10.35 -18.78
C ASP C 165 51.43 9.18 -18.31
N GLU C 166 52.13 8.13 -17.85
CA GLU C 166 51.50 6.88 -17.50
C GLU C 166 50.26 7.09 -16.65
N THR C 167 50.39 7.85 -15.55
CA THR C 167 49.25 7.99 -14.64
C THR C 167 48.03 8.52 -15.39
N TYR C 168 48.22 9.64 -16.10
CA TYR C 168 47.13 10.26 -16.85
C TYR C 168 46.50 9.23 -17.78
N ARG C 169 47.37 8.52 -18.52
CA ARG C 169 46.91 7.54 -19.49
C ARG C 169 45.94 6.60 -18.78
N SER C 170 46.42 6.00 -17.70
CA SER C 170 45.64 5.01 -16.98
C SER C 170 44.30 5.58 -16.56
N LEU C 171 44.34 6.79 -16.01
CA LEU C 171 43.12 7.42 -15.50
C LEU C 171 42.11 7.55 -16.64
N PHE C 172 42.60 7.97 -17.80
CA PHE C 172 41.71 8.18 -18.93
C PHE C 172 41.15 6.85 -19.44
N GLN C 173 41.94 5.79 -19.31
CA GLN C 173 41.46 4.47 -19.67
C GLN C 173 40.25 4.15 -18.80
N ASP C 174 40.32 4.55 -17.53
CA ASP C 174 39.18 4.34 -16.62
C ASP C 174 38.01 5.19 -17.09
N LEU C 175 38.27 6.39 -17.57
CA LEU C 175 37.21 7.23 -18.11
C LEU C 175 36.66 6.65 -19.40
N GLU C 176 37.45 5.80 -20.05
CA GLU C 176 36.98 5.09 -21.22
C GLU C 176 36.12 3.88 -20.81
N LEU C 177 36.33 3.40 -19.59
CA LEU C 177 35.61 2.24 -19.08
C LEU C 177 34.13 2.57 -18.94
N LYS C 178 33.83 3.68 -18.27
CA LYS C 178 32.46 4.15 -18.14
C LYS C 178 32.05 4.95 -19.38
N LYS C 179 32.98 5.11 -20.31
CA LYS C 179 32.76 5.84 -21.55
C LYS C 179 32.29 7.28 -21.33
N GLU C 180 32.88 7.95 -20.35
CA GLU C 180 32.46 9.31 -20.03
C GLU C 180 33.01 10.32 -21.03
N ARG C 181 32.11 11.03 -21.71
CA ARG C 181 32.47 11.99 -22.74
C ARG C 181 32.47 13.45 -22.29
N ARG C 182 32.11 13.70 -21.02
CA ARG C 182 32.03 15.07 -20.52
C ARG C 182 32.91 15.27 -19.27
N VAL C 183 33.90 16.15 -19.38
CA VAL C 183 34.81 16.40 -18.26
C VAL C 183 34.94 17.88 -17.88
N ILE C 184 35.03 18.13 -16.58
CA ILE C 184 35.31 19.46 -16.08
C ILE C 184 36.67 19.46 -15.39
N LEU C 185 37.54 20.36 -15.85
CA LEU C 185 38.86 20.48 -15.27
C LEU C 185 38.88 21.65 -14.31
N ASP C 186 38.94 21.36 -13.02
CA ASP C 186 39.13 22.42 -12.04
C ASP C 186 40.57 22.37 -11.60
N CYS C 187 41.37 23.28 -12.12
CA CYS C 187 42.81 23.26 -11.93
C CYS C 187 43.38 24.63 -12.21
N GLU C 188 44.61 24.86 -11.75
CA GLU C 188 45.37 26.03 -12.17
C GLU C 188 45.68 25.87 -13.66
N ARG C 189 45.88 26.98 -14.35
CA ARG C 189 46.12 26.99 -15.79
C ARG C 189 47.23 26.05 -16.27
N ASP C 190 48.25 25.86 -15.44
CA ASP C 190 49.38 25.00 -15.79
C ASP C 190 49.00 23.52 -15.86
N LYS C 191 48.40 23.02 -14.79
CA LYS C 191 47.96 21.63 -14.74
C LYS C 191 46.88 21.41 -15.80
N VAL C 192 46.08 22.44 -16.04
CA VAL C 192 45.11 22.44 -17.13
C VAL C 192 45.82 22.21 -18.46
N ASN C 193 46.94 22.92 -18.67
CA ASN C 193 47.75 22.73 -19.88
C ASN C 193 48.22 21.30 -20.00
N ASP C 194 48.76 20.77 -18.91
CA ASP C 194 49.22 19.38 -18.90
C ASP C 194 48.12 18.39 -19.30
N ILE C 195 46.98 18.47 -18.63
CA ILE C 195 45.88 17.55 -18.89
C ILE C 195 45.31 17.71 -20.30
N VAL C 196 45.29 18.94 -20.79
CA VAL C 196 44.90 19.21 -22.18
C VAL C 196 45.83 18.45 -23.11
N ASP C 197 47.12 18.48 -22.79
CA ASP C 197 48.11 17.71 -23.55
C ASP C 197 47.83 16.21 -23.49
N GLN C 198 47.40 15.73 -22.32
CA GLN C 198 47.05 14.31 -22.16
C GLN C 198 45.88 13.94 -23.07
N VAL C 199 44.85 14.80 -23.08
CA VAL C 199 43.69 14.59 -23.93
C VAL C 199 44.11 14.55 -25.40
N ILE C 200 45.00 15.47 -25.77
CA ILE C 200 45.54 15.50 -27.13
C ILE C 200 46.22 14.18 -27.47
N THR C 201 46.98 13.64 -26.53
CA THR C 201 47.77 12.43 -26.74
C THR C 201 46.95 11.15 -26.81
N ILE C 202 45.95 11.01 -25.96
CA ILE C 202 45.13 9.79 -25.96
C ILE C 202 44.03 9.87 -27.03
N GLY C 203 43.95 11.01 -27.71
CA GLY C 203 43.02 11.17 -28.83
C GLY C 203 41.58 11.35 -28.41
N LYS C 204 41.38 11.94 -27.23
CA LYS C 204 40.06 12.24 -26.72
C LYS C 204 39.63 13.67 -27.06
N HIS C 205 40.42 14.34 -27.88
CA HIS C 205 40.13 15.71 -28.30
C HIS C 205 39.22 15.79 -29.52
N VAL C 206 38.79 14.64 -30.02
CA VAL C 206 37.91 14.59 -31.19
C VAL C 206 36.48 15.00 -30.84
N LYS C 207 35.57 14.91 -31.81
CA LYS C 207 34.18 15.26 -31.57
C LYS C 207 33.53 14.27 -30.62
N GLY C 208 32.55 14.74 -29.85
CA GLY C 208 31.87 13.89 -28.89
C GLY C 208 32.38 14.11 -27.48
N TYR C 209 33.52 14.78 -27.36
CA TYR C 209 34.08 15.11 -26.05
C TYR C 209 33.88 16.58 -25.72
N HIS C 210 33.62 16.85 -24.44
CA HIS C 210 33.31 18.20 -23.99
C HIS C 210 34.12 18.53 -22.73
N TYR C 211 34.64 19.75 -22.65
CA TYR C 211 35.47 20.16 -21.52
C TYR C 211 35.10 21.52 -20.95
N ILE C 212 35.02 21.61 -19.62
CA ILE C 212 34.76 22.88 -18.94
C ILE C 212 35.93 23.32 -18.07
N ILE C 213 36.54 24.44 -18.40
CA ILE C 213 37.71 24.93 -17.67
C ILE C 213 37.30 25.82 -16.50
N ALA C 214 37.58 25.33 -15.31
CA ALA C 214 37.03 25.91 -14.08
C ALA C 214 37.87 27.01 -13.46
N ASN C 215 38.90 27.47 -14.17
CA ASN C 215 39.60 28.68 -13.74
C ASN C 215 39.03 29.91 -14.42
N LEU C 216 39.57 31.07 -14.08
CA LEU C 216 39.21 32.33 -14.71
C LEU C 216 40.20 32.65 -15.84
N GLY C 217 41.11 31.70 -16.07
CA GLY C 217 42.21 31.86 -17.00
C GLY C 217 42.04 31.30 -18.40
N PHE C 218 40.80 31.21 -18.89
CA PHE C 218 40.51 30.53 -20.15
C PHE C 218 41.42 30.87 -21.34
N THR C 219 41.68 32.15 -21.56
CA THR C 219 42.56 32.56 -22.67
C THR C 219 44.03 32.64 -22.25
N ASP C 220 44.31 32.43 -20.96
CA ASP C 220 45.68 32.48 -20.47
C ASP C 220 46.50 31.29 -20.95
N GLY C 221 45.92 30.10 -20.87
CA GLY C 221 46.58 28.89 -21.33
C GLY C 221 46.62 28.83 -22.85
N ASP C 222 47.22 27.77 -23.37
CA ASP C 222 47.30 27.60 -24.82
C ASP C 222 46.13 26.76 -25.31
N LEU C 223 45.19 27.42 -26.00
CA LEU C 223 44.04 26.73 -26.54
C LEU C 223 44.27 26.30 -27.98
N LEU C 224 45.36 26.81 -28.57
CA LEU C 224 45.61 26.60 -30.00
C LEU C 224 45.92 25.14 -30.30
N LYS C 225 46.60 24.47 -29.38
CA LYS C 225 46.98 23.08 -29.57
C LYS C 225 45.75 22.17 -29.64
N ILE C 226 44.78 22.41 -28.77
CA ILE C 226 43.56 21.59 -28.74
C ILE C 226 42.44 22.23 -29.54
N GLN C 227 42.74 23.37 -30.17
CA GLN C 227 41.73 24.12 -30.92
C GLN C 227 41.22 23.36 -32.15
N PHE C 228 42.14 22.77 -32.89
CA PHE C 228 41.82 22.07 -34.12
C PHE C 228 41.40 20.63 -33.86
N GLY C 229 41.35 20.26 -32.58
CA GLY C 229 40.97 18.92 -32.17
C GLY C 229 39.54 18.57 -32.54
N GLY C 230 38.62 19.50 -32.32
CA GLY C 230 37.23 19.30 -32.67
C GLY C 230 36.31 19.09 -31.48
N ALA C 231 36.89 18.96 -30.29
CA ALA C 231 36.10 18.82 -29.07
C ALA C 231 35.66 20.19 -28.56
N GLU C 232 34.44 20.26 -28.05
CA GLU C 232 33.93 21.54 -27.55
C GLU C 232 34.56 21.85 -26.20
N VAL C 233 35.20 23.01 -26.11
CA VAL C 233 35.84 23.46 -24.88
C VAL C 233 35.34 24.83 -24.47
N SER C 234 34.71 24.90 -23.30
CA SER C 234 34.20 26.17 -22.79
C SER C 234 34.85 26.52 -21.46
N GLY C 235 34.97 27.83 -21.20
CA GLY C 235 35.61 28.30 -19.99
C GLY C 235 35.18 29.71 -19.61
N PHE C 236 35.82 30.25 -18.59
CA PHE C 236 35.43 31.55 -18.06
C PHE C 236 36.57 32.57 -18.15
N GLN C 237 36.24 33.74 -18.68
CA GLN C 237 37.20 34.84 -18.82
C GLN C 237 36.78 36.02 -17.94
N ILE C 238 37.65 36.37 -16.99
CA ILE C 238 37.40 37.49 -16.10
C ILE C 238 37.77 38.84 -16.72
N VAL C 239 38.78 38.83 -17.59
CA VAL C 239 39.28 40.07 -18.19
C VAL C 239 38.90 40.17 -19.66
N ASP C 240 38.04 41.12 -19.99
CA ASP C 240 37.59 41.32 -21.36
C ASP C 240 38.55 42.28 -22.06
N TYR C 241 39.23 41.79 -23.09
CA TYR C 241 40.25 42.57 -23.78
C TYR C 241 39.66 43.66 -24.67
N ASP C 242 38.35 43.63 -24.85
CA ASP C 242 37.66 44.61 -25.68
C ASP C 242 37.50 45.93 -24.94
N ASP C 243 37.42 45.85 -23.62
CA ASP C 243 37.20 47.02 -22.78
C ASP C 243 38.30 48.07 -22.91
N SER C 244 37.92 49.33 -22.78
CA SER C 244 38.85 50.46 -22.96
C SER C 244 40.02 50.41 -21.99
N LEU C 245 39.71 50.29 -20.70
CA LEU C 245 40.74 50.23 -19.66
C LEU C 245 41.69 49.07 -19.93
N VAL C 246 41.12 47.91 -20.18
CA VAL C 246 41.90 46.70 -20.44
C VAL C 246 42.77 46.86 -21.68
N SER C 247 42.20 47.35 -22.78
CA SER C 247 42.93 47.51 -24.03
C SER C 247 44.09 48.50 -23.90
N LYS C 248 43.83 49.62 -23.23
CA LYS C 248 44.87 50.61 -23.00
C LYS C 248 45.98 50.02 -22.14
N PHE C 249 45.58 49.22 -21.15
CA PHE C 249 46.56 48.52 -20.33
C PHE C 249 47.32 47.48 -21.17
N ILE C 250 46.72 47.02 -22.26
CA ILE C 250 47.36 46.05 -23.13
C ILE C 250 48.43 46.72 -23.98
N GLU C 251 48.12 47.93 -24.45
CA GLU C 251 49.14 48.75 -25.10
C GLU C 251 50.26 49.01 -24.09
N ARG C 252 49.86 49.28 -22.86
CA ARG C 252 50.79 49.50 -21.76
C ARG C 252 51.71 48.29 -21.55
N TRP C 253 51.16 47.09 -21.70
CA TRP C 253 51.91 45.85 -21.59
C TRP C 253 52.92 45.76 -22.73
N SER C 254 52.40 45.96 -23.94
CA SER C 254 53.18 45.80 -25.17
C SER C 254 54.35 46.76 -25.29
N THR C 255 54.22 47.95 -24.73
CA THR C 255 55.33 48.91 -24.75
C THR C 255 56.54 48.40 -23.94
N LEU C 256 56.27 47.66 -22.88
CA LEU C 256 57.32 47.21 -21.96
C LEU C 256 58.28 46.20 -22.57
N GLU C 257 59.45 46.07 -21.96
CA GLU C 257 60.46 45.11 -22.37
C GLU C 257 60.43 43.87 -21.48
N GLU C 258 60.70 42.72 -22.08
CA GLU C 258 60.65 41.43 -21.39
C GLU C 258 61.62 41.34 -20.21
N LYS C 259 62.82 41.86 -20.41
CA LYS C 259 63.90 41.75 -19.42
C LYS C 259 63.53 42.37 -18.08
N GLU C 260 63.05 43.59 -18.10
CA GLU C 260 62.69 44.30 -16.88
C GLU C 260 61.52 43.61 -16.19
N TYR C 261 60.42 43.43 -16.90
CA TYR C 261 59.25 42.76 -16.35
C TYR C 261 58.96 41.46 -17.09
N PRO C 262 59.16 40.31 -16.41
CA PRO C 262 58.79 39.00 -16.94
C PRO C 262 57.32 38.90 -17.34
N GLY C 263 57.07 38.41 -18.56
CA GLY C 263 55.72 38.20 -19.04
C GLY C 263 54.93 39.47 -19.32
N ALA C 264 55.63 40.61 -19.35
CA ALA C 264 55.00 41.89 -19.59
C ALA C 264 54.72 42.15 -21.07
N HIS C 265 55.63 41.68 -21.92
CA HIS C 265 55.55 41.93 -23.35
C HIS C 265 54.30 41.30 -23.96
N THR C 266 53.76 40.30 -23.28
CA THR C 266 52.56 39.59 -23.74
C THR C 266 51.34 40.50 -23.82
N ALA C 267 50.53 40.33 -24.86
CA ALA C 267 49.31 41.12 -25.02
C ALA C 267 48.19 40.59 -24.13
N THR C 268 48.29 39.32 -23.73
CA THR C 268 47.31 38.73 -22.83
C THR C 268 47.89 38.61 -21.43
N ILE C 269 47.07 38.89 -20.42
CA ILE C 269 47.53 38.87 -19.05
C ILE C 269 46.81 37.81 -18.22
N LYS C 270 47.58 37.07 -17.42
CA LYS C 270 47.03 36.09 -16.49
C LYS C 270 46.14 36.81 -15.49
N TYR C 271 45.06 36.15 -15.05
CA TYR C 271 44.11 36.80 -14.15
C TYR C 271 44.72 37.13 -12.80
N THR C 272 45.72 36.35 -12.39
CA THR C 272 46.41 36.62 -11.14
C THR C 272 47.14 37.96 -11.20
N SER C 273 47.85 38.19 -12.29
CA SER C 273 48.60 39.44 -12.48
C SER C 273 47.66 40.64 -12.51
N ALA C 274 46.57 40.52 -13.26
CA ALA C 274 45.58 41.59 -13.35
C ALA C 274 45.01 41.89 -11.96
N LEU C 275 44.70 40.82 -11.22
CA LEU C 275 44.20 40.97 -9.86
C LEU C 275 45.21 41.67 -8.97
N THR C 276 46.50 41.43 -9.21
CA THR C 276 47.57 42.07 -8.45
C THR C 276 47.66 43.56 -8.76
N TYR C 277 47.66 43.90 -10.05
CA TYR C 277 47.61 45.29 -10.51
C TYR C 277 46.44 46.04 -9.86
N ASP C 278 45.25 45.46 -10.00
CA ASP C 278 44.04 46.05 -9.41
C ASP C 278 44.11 46.09 -7.88
N ALA C 279 44.90 45.21 -7.29
CA ALA C 279 45.10 45.21 -5.85
C ALA C 279 45.92 46.43 -5.45
N VAL C 280 46.96 46.71 -6.23
CA VAL C 280 47.75 47.92 -6.04
C VAL C 280 46.83 49.13 -6.10
N GLN C 281 45.95 49.14 -7.12
CA GLN C 281 44.96 50.19 -7.24
C GLN C 281 44.12 50.35 -5.97
N VAL C 282 43.55 49.25 -5.50
CA VAL C 282 42.68 49.25 -4.33
C VAL C 282 43.38 49.78 -3.07
N MET C 283 44.62 49.35 -2.86
CA MET C 283 45.39 49.85 -1.71
C MET C 283 45.62 51.36 -1.83
N THR C 284 46.01 51.78 -3.02
CA THR C 284 46.22 53.19 -3.32
C THR C 284 44.98 54.04 -2.96
N GLU C 285 43.85 53.65 -3.53
CA GLU C 285 42.60 54.38 -3.31
C GLU C 285 42.13 54.28 -1.86
N ALA C 286 42.53 53.22 -1.18
CA ALA C 286 42.17 53.03 0.21
C ALA C 286 42.88 54.06 1.08
N PHE C 287 44.19 54.16 0.91
CA PHE C 287 44.96 55.08 1.74
C PHE C 287 44.72 56.53 1.34
N ARG C 288 44.40 56.76 0.07
CA ARG C 288 43.95 58.08 -0.36
C ARG C 288 42.62 58.42 0.32
N ASN C 289 41.73 57.44 0.42
CA ASN C 289 40.47 57.61 1.13
C ASN C 289 40.71 57.86 2.62
N LEU C 290 41.83 57.37 3.12
CA LEU C 290 42.24 57.66 4.48
C LEU C 290 42.78 59.09 4.57
N ARG C 291 43.29 59.60 3.46
CA ARG C 291 43.77 60.98 3.41
C ARG C 291 42.63 62.01 3.32
N LYS C 292 41.58 61.67 2.58
CA LYS C 292 40.44 62.57 2.44
C LYS C 292 39.54 62.57 3.68
N GLN C 293 39.53 61.45 4.41
CA GLN C 293 38.67 61.31 5.58
C GLN C 293 39.37 61.70 6.87
N ARG C 294 40.59 62.23 6.75
CA ARG C 294 41.37 62.78 7.87
C ARG C 294 41.91 61.71 8.82
N ILE C 295 41.55 60.46 8.58
CA ILE C 295 41.99 59.37 9.45
C ILE C 295 43.45 59.02 9.16
N GLU C 296 44.28 59.10 10.20
CA GLU C 296 45.70 58.78 10.05
C GLU C 296 46.08 57.53 10.84
N ILE C 297 46.53 56.51 10.11
CA ILE C 297 46.78 55.19 10.68
C ILE C 297 48.24 54.98 11.07
N SER C 298 49.06 56.00 10.84
CA SER C 298 50.50 55.91 11.12
C SER C 298 50.76 55.59 12.59
N ARG C 299 51.52 54.53 12.83
CA ARG C 299 51.78 54.07 14.19
C ARG C 299 52.99 54.77 14.79
N ARG C 300 52.90 55.13 16.06
CA ARG C 300 53.99 55.80 16.74
C ARG C 300 55.09 54.82 17.15
N GLY C 301 54.70 53.59 17.47
CA GLY C 301 55.64 52.58 17.94
C GLY C 301 56.02 51.52 16.93
N ASN C 302 57.04 50.75 17.27
CA ASN C 302 57.41 49.57 16.49
C ASN C 302 56.51 48.40 16.90
N ALA C 303 55.98 47.69 15.91
CA ALA C 303 55.03 46.60 16.19
C ALA C 303 55.66 45.51 17.04
N GLY C 304 56.97 45.31 16.90
CA GLY C 304 57.69 44.36 17.71
C GLY C 304 57.41 42.90 17.35
N ASP C 305 57.29 42.06 18.38
CA ASP C 305 57.09 40.63 18.19
C ASP C 305 55.62 40.27 17.98
N CYS C 306 55.36 39.40 17.02
CA CYS C 306 54.00 38.95 16.73
C CYS C 306 53.55 37.86 17.71
N LEU C 307 54.51 37.22 18.36
CA LEU C 307 54.23 36.11 19.27
C LEU C 307 54.07 36.57 20.72
N ALA C 308 54.08 37.89 20.92
CA ALA C 308 53.95 38.46 22.26
C ALA C 308 52.75 37.90 23.01
N ASN C 309 52.95 37.55 24.27
CA ASN C 309 51.91 36.91 25.07
C ASN C 309 51.46 37.77 26.27
N PRO C 310 50.20 38.22 26.28
CA PRO C 310 49.22 38.06 25.21
C PRO C 310 49.47 38.99 24.03
N ALA C 311 48.90 38.67 22.87
CA ALA C 311 49.12 39.46 21.67
C ALA C 311 48.38 40.79 21.71
N VAL C 312 49.08 41.87 21.37
CA VAL C 312 48.49 43.20 21.36
C VAL C 312 48.07 43.63 19.95
N PRO C 313 46.74 43.73 19.73
CA PRO C 313 46.21 44.25 18.47
C PRO C 313 46.32 45.76 18.42
N TRP C 314 46.54 46.31 17.23
CA TRP C 314 46.60 47.76 17.06
C TRP C 314 45.28 48.28 16.49
N GLY C 315 44.80 49.38 17.05
CA GLY C 315 43.46 49.89 16.78
C GLY C 315 43.15 50.33 15.36
N GLN C 316 43.99 51.19 14.80
CA GLN C 316 43.72 51.79 13.49
C GLN C 316 43.59 50.77 12.36
N GLY C 317 44.09 49.56 12.58
CA GLY C 317 43.98 48.50 11.61
C GLY C 317 42.55 48.17 11.22
N VAL C 318 41.62 48.41 12.15
CA VAL C 318 40.21 48.21 11.87
C VAL C 318 39.76 49.19 10.80
N GLU C 319 40.11 50.46 11.00
CA GLU C 319 39.79 51.50 10.05
C GLU C 319 40.51 51.27 8.72
N ILE C 320 41.67 50.64 8.76
CA ILE C 320 42.36 50.24 7.54
C ILE C 320 41.53 49.19 6.79
N GLU C 321 41.01 48.22 7.53
CA GLU C 321 40.16 47.16 6.95
C GLU C 321 38.95 47.75 6.24
N ARG C 322 38.20 48.57 6.98
CA ARG C 322 37.02 49.22 6.41
C ARG C 322 37.41 50.16 5.26
N ALA C 323 38.61 50.71 5.31
CA ALA C 323 39.11 51.59 4.24
C ALA C 323 39.27 50.78 2.96
N LEU C 324 39.93 49.63 3.09
CA LEU C 324 40.16 48.75 1.95
C LEU C 324 38.87 48.17 1.38
N LYS C 325 37.91 47.89 2.26
CA LYS C 325 36.60 47.40 1.81
C LYS C 325 35.79 48.51 1.16
N GLN C 326 36.00 49.75 1.62
CA GLN C 326 35.21 50.90 1.19
C GLN C 326 35.58 51.29 -0.22
N VAL C 327 36.71 50.78 -0.69
CA VAL C 327 37.17 51.10 -2.04
C VAL C 327 36.26 50.46 -3.07
N GLN C 328 35.73 51.29 -3.96
CA GLN C 328 35.00 50.79 -5.12
C GLN C 328 35.60 51.41 -6.38
N VAL C 329 36.23 50.57 -7.19
CA VAL C 329 37.01 51.10 -8.32
C VAL C 329 36.89 50.29 -9.60
N GLU C 330 37.24 50.91 -10.73
CA GLU C 330 37.26 50.22 -12.01
C GLU C 330 38.66 49.71 -12.29
N GLY C 331 38.74 48.51 -12.87
CA GLY C 331 40.02 47.89 -13.14
C GLY C 331 39.92 46.85 -14.24
N LEU C 332 41.01 46.12 -14.45
CA LEU C 332 41.09 45.10 -15.49
C LEU C 332 40.09 43.96 -15.28
N SER C 333 39.75 43.70 -14.03
CA SER C 333 38.83 42.62 -13.69
C SER C 333 37.38 43.09 -13.69
N GLY C 334 37.17 44.35 -14.07
CA GLY C 334 35.84 44.92 -14.08
C GLY C 334 35.56 45.69 -12.80
N ASN C 335 34.27 45.90 -12.50
CA ASN C 335 33.89 46.66 -11.33
C ASN C 335 34.30 45.98 -10.03
N ILE C 336 35.01 46.73 -9.19
CA ILE C 336 35.57 46.20 -7.95
C ILE C 336 34.87 46.77 -6.73
N LYS C 337 34.17 45.88 -6.01
CA LYS C 337 33.48 46.24 -4.78
C LYS C 337 33.65 45.09 -3.77
N PHE C 338 33.55 45.40 -2.48
CA PHE C 338 33.79 44.39 -1.45
C PHE C 338 32.68 44.31 -0.41
N ASP C 339 32.42 43.10 0.07
CA ASP C 339 31.48 42.92 1.18
C ASP C 339 32.22 43.07 2.52
N GLN C 340 31.48 43.01 3.62
CA GLN C 340 32.05 43.21 4.94
C GLN C 340 33.05 42.12 5.34
N ASN C 341 33.03 41.00 4.65
CA ASN C 341 33.95 39.90 4.94
C ASN C 341 35.22 39.94 4.07
N GLY C 342 35.25 40.84 3.10
CA GLY C 342 36.39 40.99 2.23
C GLY C 342 36.24 40.27 0.90
N LYS C 343 35.07 39.67 0.69
CA LYS C 343 34.77 38.94 -0.54
C LYS C 343 34.46 39.90 -1.69
N ARG C 344 34.61 39.42 -2.92
CA ARG C 344 34.26 40.21 -4.10
C ARG C 344 32.76 40.16 -4.36
N ILE C 345 32.18 41.32 -4.67
CA ILE C 345 30.77 41.40 -5.03
C ILE C 345 30.54 42.25 -6.27
N ASN C 346 29.42 42.03 -6.95
CA ASN C 346 29.08 42.71 -8.20
C ASN C 346 30.07 42.45 -9.33
N TYR C 347 30.75 41.31 -9.26
CA TYR C 347 31.70 40.92 -10.31
C TYR C 347 30.96 40.42 -11.56
N THR C 348 31.66 40.42 -12.68
CA THR C 348 31.11 39.96 -13.94
C THR C 348 32.01 38.91 -14.57
N ILE C 349 31.43 37.79 -15.01
CA ILE C 349 32.23 36.71 -15.58
C ILE C 349 31.84 36.39 -17.02
N ASN C 350 32.74 36.61 -17.97
CA ASN C 350 32.43 36.34 -19.37
C ASN C 350 32.52 34.87 -19.72
N ILE C 351 31.42 34.28 -20.14
CA ILE C 351 31.42 32.88 -20.56
C ILE C 351 31.91 32.77 -22.01
N MET C 352 32.95 31.96 -22.19
CA MET C 352 33.65 31.85 -23.47
C MET C 352 33.62 30.42 -24.02
N GLU C 353 33.54 30.31 -25.33
CA GLU C 353 33.63 29.01 -26.00
C GLU C 353 34.81 28.97 -26.97
N LEU C 354 35.26 27.77 -27.31
CA LEU C 354 36.36 27.59 -28.25
C LEU C 354 35.82 27.22 -29.64
N LYS C 355 36.25 27.98 -30.64
CA LYS C 355 35.82 27.74 -32.02
C LYS C 355 37.00 27.74 -33.00
N THR C 356 36.72 27.34 -34.24
CA THR C 356 37.72 27.22 -35.28
C THR C 356 38.58 28.47 -35.46
N ASN C 357 37.94 29.63 -35.58
CA ASN C 357 38.65 30.89 -35.76
C ASN C 357 39.41 31.34 -34.51
N GLY C 358 38.94 30.91 -33.34
CA GLY C 358 39.57 31.27 -32.09
C GLY C 358 38.59 31.35 -30.94
N PRO C 359 39.04 31.83 -29.78
CA PRO C 359 38.19 31.98 -28.60
C PRO C 359 37.11 33.02 -28.82
N ARG C 360 35.87 32.70 -28.43
CA ARG C 360 34.76 33.61 -28.63
C ARG C 360 34.01 33.81 -27.33
N LYS C 361 33.28 34.92 -27.22
CA LYS C 361 32.52 35.21 -26.01
C LYS C 361 31.04 34.92 -26.26
N ILE C 362 30.54 33.86 -25.65
CA ILE C 362 29.13 33.52 -25.79
C ILE C 362 28.24 34.32 -24.85
N GLY C 363 28.68 34.51 -23.61
CA GLY C 363 27.78 35.11 -22.62
C GLY C 363 28.42 35.89 -21.49
N TYR C 364 27.59 36.37 -20.57
CA TYR C 364 28.15 36.96 -19.34
C TYR C 364 27.37 36.53 -18.09
N TRP C 365 27.99 36.70 -16.94
CA TRP C 365 27.42 36.21 -15.68
C TRP C 365 27.51 37.22 -14.54
N SER C 366 26.34 37.50 -13.96
CA SER C 366 26.20 38.26 -12.73
C SER C 366 25.28 37.47 -11.81
N GLU C 367 25.35 37.74 -10.51
CA GLU C 367 24.53 37.01 -9.54
C GLU C 367 23.04 37.11 -9.83
N VAL C 368 22.54 38.34 -9.94
CA VAL C 368 21.12 38.56 -10.23
C VAL C 368 20.78 38.36 -11.71
N ASP C 369 21.66 38.86 -12.58
CA ASP C 369 21.46 38.72 -14.03
C ASP C 369 21.59 37.26 -14.48
N LYS C 370 22.03 36.40 -13.57
CA LYS C 370 22.18 34.96 -13.82
C LYS C 370 23.09 34.67 -15.02
N MET C 371 22.69 33.70 -15.83
CA MET C 371 23.45 33.34 -17.03
C MET C 371 22.86 34.04 -18.24
N VAL C 372 23.62 34.97 -18.82
CA VAL C 372 23.12 35.76 -19.94
C VAL C 372 23.72 35.34 -21.28
N VAL C 373 22.85 34.84 -22.16
CA VAL C 373 23.23 34.53 -23.53
C VAL C 373 23.30 35.80 -24.36
N THR C 374 24.45 36.04 -24.98
CA THR C 374 24.62 37.21 -25.82
C THR C 374 24.39 36.90 -27.29
N LEU C 375 23.95 35.67 -27.57
CA LEU C 375 23.77 35.18 -28.93
C LEU C 375 25.09 35.23 -29.71
N THR C 376 25.12 36.06 -30.74
CA THR C 376 26.31 36.32 -31.58
C THR C 376 26.63 35.19 -32.55
N GLU C 377 25.88 34.10 -32.48
CA GLU C 377 26.10 32.97 -33.38
C GLU C 377 25.95 33.39 -34.84
N ASP C 378 26.89 32.97 -35.67
CA ASP C 378 26.79 33.16 -37.11
C ASP C 378 25.59 32.37 -37.59
N ASP C 379 24.81 32.96 -38.50
CA ASP C 379 23.66 32.24 -39.06
C ASP C 379 24.17 30.99 -39.78
N THR C 380 25.02 31.21 -40.78
CA THR C 380 25.78 30.12 -41.37
C THR C 380 27.27 30.43 -41.25
N SER C 381 27.97 29.70 -40.38
CA SER C 381 29.42 29.85 -40.29
C SER C 381 30.06 29.07 -41.44
N GLY C 382 29.59 27.84 -41.62
CA GLY C 382 29.96 27.03 -42.77
C GLY C 382 28.81 26.95 -43.76
N LEU C 383 29.07 26.39 -44.93
CA LEU C 383 28.05 26.24 -45.96
C LEU C 383 28.38 25.07 -46.89
N LYS C 386 28.20 19.32 -41.07
CA LYS C 386 27.95 19.19 -42.50
C LYS C 386 27.42 17.79 -42.86
N THR C 387 27.98 16.78 -42.21
CA THR C 387 27.57 15.40 -42.46
C THR C 387 27.22 14.65 -41.18
N VAL C 388 25.95 14.25 -41.06
CA VAL C 388 25.50 13.53 -39.88
C VAL C 388 25.80 12.04 -39.97
N VAL C 389 26.01 11.43 -38.82
CA VAL C 389 26.19 9.99 -38.74
C VAL C 389 24.84 9.36 -38.39
N VAL C 390 24.25 8.65 -39.34
CA VAL C 390 22.96 8.02 -39.08
C VAL C 390 23.15 6.57 -38.70
N THR C 391 22.91 6.24 -37.44
CA THR C 391 23.08 4.86 -36.99
C THR C 391 21.83 4.03 -37.18
N THR C 392 21.98 2.92 -37.89
CA THR C 392 20.86 2.04 -38.15
C THR C 392 21.32 0.59 -38.18
N ILE C 393 20.40 -0.33 -37.95
CA ILE C 393 20.71 -1.75 -37.97
C ILE C 393 19.92 -2.42 -39.08
N LEU C 394 20.44 -3.52 -39.62
CA LEU C 394 19.73 -4.23 -40.67
C LEU C 394 18.61 -5.06 -40.03
N GLU C 395 17.38 -4.73 -40.42
CA GLU C 395 16.21 -5.52 -40.03
C GLU C 395 15.22 -5.37 -41.16
N SER C 396 14.51 -6.44 -41.49
CA SER C 396 13.65 -6.44 -42.66
C SER C 396 12.23 -5.96 -42.37
N PRO C 397 11.61 -5.28 -43.34
CA PRO C 397 12.29 -4.71 -44.51
C PRO C 397 12.70 -3.27 -44.25
N TYR C 398 13.28 -2.98 -43.09
CA TYR C 398 13.64 -1.61 -42.74
C TYR C 398 14.96 -1.15 -43.34
N VAL C 399 15.99 -1.97 -43.16
CA VAL C 399 17.29 -1.71 -43.75
C VAL C 399 17.77 -3.02 -44.37
N MET C 400 17.93 -3.02 -45.68
CA MET C 400 18.35 -4.23 -46.39
C MET C 400 19.49 -3.95 -47.37
N MET C 401 20.18 -5.01 -47.78
CA MET C 401 21.27 -4.90 -48.73
C MET C 401 20.77 -5.01 -50.16
N LYS C 402 21.24 -4.12 -51.03
CA LYS C 402 20.93 -4.22 -52.45
C LYS C 402 21.76 -5.34 -53.05
N LYS C 403 21.29 -5.90 -54.16
CA LYS C 403 21.99 -7.00 -54.81
C LYS C 403 23.33 -6.53 -55.38
N ASN C 404 23.39 -5.25 -55.73
CA ASN C 404 24.59 -4.67 -56.32
C ASN C 404 25.57 -4.07 -55.31
N HIS C 405 25.29 -4.27 -54.02
CA HIS C 405 26.05 -3.62 -52.96
C HIS C 405 27.57 -3.87 -53.00
N GLU C 406 28.00 -4.94 -53.65
CA GLU C 406 29.43 -5.21 -53.82
C GLU C 406 30.07 -4.10 -54.64
N MET C 407 29.45 -3.78 -55.77
CA MET C 407 29.88 -2.66 -56.59
C MET C 407 29.35 -1.32 -56.05
N LEU C 408 28.12 -1.34 -55.56
CA LEU C 408 27.49 -0.13 -55.02
C LEU C 408 28.23 0.39 -53.78
N GLU C 409 28.20 1.70 -53.60
CA GLU C 409 28.99 2.34 -52.55
C GLU C 409 28.13 3.20 -51.63
N GLY C 410 28.36 3.07 -50.33
CA GLY C 410 27.72 3.93 -49.34
C GLY C 410 26.21 3.89 -49.33
N ASN C 411 25.60 5.07 -49.34
CA ASN C 411 24.16 5.21 -49.23
C ASN C 411 23.36 4.54 -50.35
N GLU C 412 24.00 4.34 -51.49
CA GLU C 412 23.35 3.66 -52.61
C GLU C 412 23.23 2.16 -52.36
N ARG C 413 24.07 1.62 -51.48
CA ARG C 413 24.10 0.18 -51.26
C ARG C 413 23.05 -0.29 -50.29
N TYR C 414 22.27 0.65 -49.75
CA TYR C 414 21.18 0.31 -48.83
C TYR C 414 19.83 0.68 -49.40
N GLU C 415 18.85 -0.21 -49.20
CA GLU C 415 17.47 0.08 -49.60
C GLU C 415 16.53 -0.29 -48.47
N GLY C 416 15.48 0.49 -48.28
CA GLY C 416 14.52 0.20 -47.24
C GLY C 416 13.67 1.39 -46.81
N TYR C 417 12.70 1.09 -45.96
CA TYR C 417 11.83 2.10 -45.38
C TYR C 417 12.65 3.12 -44.61
N CYS C 418 13.65 2.62 -43.88
CA CYS C 418 14.50 3.48 -43.06
C CYS C 418 15.45 4.33 -43.88
N VAL C 419 15.85 3.83 -45.05
CA VAL C 419 16.75 4.58 -45.91
C VAL C 419 15.98 5.73 -46.56
N ASP C 420 14.75 5.43 -47.00
CA ASP C 420 13.89 6.43 -47.60
C ASP C 420 13.53 7.49 -46.57
N LEU C 421 13.15 7.03 -45.38
CA LEU C 421 12.80 7.93 -44.29
C LEU C 421 13.98 8.81 -43.91
N ALA C 422 15.18 8.22 -43.89
CA ALA C 422 16.40 8.96 -43.58
C ALA C 422 16.67 10.04 -44.63
N ALA C 423 16.51 9.68 -45.90
CA ALA C 423 16.71 10.62 -46.99
C ALA C 423 15.70 11.75 -46.97
N GLU C 424 14.48 11.44 -46.52
CA GLU C 424 13.45 12.47 -46.41
C GLU C 424 13.74 13.42 -45.27
N ILE C 425 14.03 12.86 -44.10
CA ILE C 425 14.42 13.64 -42.92
C ILE C 425 15.54 14.59 -43.29
N ALA C 426 16.55 14.05 -43.97
CA ALA C 426 17.69 14.83 -44.40
C ALA C 426 17.31 15.89 -45.44
N LYS C 427 16.36 15.56 -46.31
CA LYS C 427 15.89 16.51 -47.32
C LYS C 427 15.23 17.72 -46.69
N HIS C 428 14.31 17.47 -45.77
CA HIS C 428 13.57 18.56 -45.15
C HIS C 428 14.45 19.37 -44.20
N CYS C 429 15.31 18.67 -43.46
CA CYS C 429 16.20 19.35 -42.52
C CYS C 429 17.48 19.83 -43.22
N GLY C 430 17.62 19.48 -44.49
CA GLY C 430 18.67 20.01 -45.34
C GLY C 430 20.09 19.63 -44.97
N PHE C 431 20.33 18.35 -44.69
CA PHE C 431 21.69 17.91 -44.36
C PHE C 431 22.13 16.68 -45.14
N LYS C 432 23.45 16.47 -45.19
CA LYS C 432 24.04 15.27 -45.79
C LYS C 432 24.19 14.20 -44.72
N TYR C 433 23.93 12.95 -45.10
CA TYR C 433 23.94 11.86 -44.12
C TYR C 433 24.81 10.68 -44.54
N LYS C 434 25.35 9.97 -43.55
CA LYS C 434 26.08 8.73 -43.78
C LYS C 434 25.47 7.59 -42.97
N LEU C 435 24.91 6.61 -43.65
CA LEU C 435 24.29 5.47 -42.97
C LEU C 435 25.35 4.51 -42.48
N THR C 436 25.40 4.31 -41.17
CA THR C 436 26.34 3.37 -40.59
C THR C 436 25.59 2.29 -39.81
N ILE C 437 26.15 1.10 -39.77
CA ILE C 437 25.55 0.02 -39.03
C ILE C 437 26.18 -0.10 -37.64
N VAL C 438 25.35 -0.35 -36.64
CA VAL C 438 25.83 -0.46 -35.27
C VAL C 438 26.70 -1.71 -35.10
N GLY C 439 27.77 -1.58 -34.32
CA GLY C 439 28.71 -2.66 -34.11
C GLY C 439 28.16 -3.81 -33.28
N ASP C 440 27.40 -3.48 -32.24
CA ASP C 440 26.88 -4.50 -31.32
C ASP C 440 25.79 -5.35 -31.98
N GLY C 441 25.10 -4.79 -32.95
CA GLY C 441 24.02 -5.49 -33.63
C GLY C 441 22.78 -5.49 -32.75
N LYS C 442 22.71 -4.53 -31.83
CA LYS C 442 21.56 -4.41 -30.94
C LYS C 442 20.98 -3.00 -31.00
N TYR C 443 19.73 -2.87 -30.57
CA TYR C 443 19.04 -1.58 -30.61
C TYR C 443 19.41 -0.75 -29.37
N GLY C 444 18.93 -1.16 -28.20
CA GLY C 444 19.48 -0.66 -26.96
C GLY C 444 19.01 -1.37 -25.71
N ALA C 445 19.86 -1.40 -24.70
CA ALA C 445 19.58 -2.00 -23.41
C ALA C 445 20.60 -1.48 -22.41
N ARG C 446 20.32 -1.60 -21.13
CA ARG C 446 21.31 -1.20 -20.12
C ARG C 446 21.77 -2.40 -19.30
N ASP C 447 23.08 -2.61 -19.23
CA ASP C 447 23.62 -3.64 -18.35
C ASP C 447 23.49 -3.15 -16.91
N ALA C 448 22.87 -3.96 -16.05
CA ALA C 448 22.73 -3.58 -14.65
C ALA C 448 24.11 -3.59 -14.00
N ASP C 449 24.97 -4.50 -14.45
CA ASP C 449 26.31 -4.63 -13.91
C ASP C 449 27.21 -3.47 -14.32
N THR C 450 27.32 -3.25 -15.63
CA THR C 450 28.23 -2.25 -16.17
C THR C 450 27.61 -0.86 -16.42
N LYS C 451 26.29 -0.76 -16.32
CA LYS C 451 25.57 0.50 -16.56
C LYS C 451 25.86 1.15 -17.90
N ILE C 452 26.18 0.35 -18.92
CA ILE C 452 26.44 0.90 -20.25
C ILE C 452 25.32 0.59 -21.24
N TRP C 453 24.79 1.63 -21.87
CA TRP C 453 23.85 1.45 -22.97
C TRP C 453 24.58 0.83 -24.15
N ASN C 454 23.91 -0.12 -24.81
CA ASN C 454 24.50 -0.86 -25.92
C ASN C 454 23.75 -0.57 -27.21
N GLY C 455 24.42 -0.76 -28.35
CA GLY C 455 23.78 -0.54 -29.63
C GLY C 455 23.66 0.93 -30.02
N MET C 456 22.63 1.24 -30.81
CA MET C 456 22.42 2.59 -31.32
C MET C 456 22.11 3.58 -30.21
N VAL C 457 21.41 3.13 -29.18
CA VAL C 457 21.15 3.96 -28.02
C VAL C 457 22.50 4.37 -27.45
N GLY C 458 23.43 3.41 -27.40
CA GLY C 458 24.77 3.68 -26.95
C GLY C 458 25.52 4.67 -27.83
N GLU C 459 25.52 4.42 -29.14
CA GLU C 459 26.19 5.32 -30.07
C GLU C 459 25.64 6.73 -30.02
N LEU C 460 24.38 6.85 -29.59
CA LEU C 460 23.74 8.15 -29.42
C LEU C 460 24.15 8.80 -28.10
N VAL C 461 24.18 8.01 -27.03
CA VAL C 461 24.45 8.53 -25.69
C VAL C 461 25.91 8.91 -25.52
N TYR C 462 26.80 8.02 -25.94
CA TYR C 462 28.23 8.23 -25.76
C TYR C 462 28.87 8.98 -26.93
N GLY C 463 28.03 9.42 -27.86
CA GLY C 463 28.43 10.38 -28.87
C GLY C 463 29.28 9.87 -30.02
N LYS C 464 29.05 8.63 -30.42
CA LYS C 464 29.71 8.08 -31.60
C LYS C 464 28.86 8.24 -32.86
N ALA C 465 27.60 8.64 -32.69
CA ALA C 465 26.70 8.79 -33.82
C ALA C 465 25.68 9.92 -33.60
N ASP C 466 25.33 10.61 -34.67
CA ASP C 466 24.46 11.78 -34.58
C ASP C 466 22.96 11.47 -34.50
N ILE C 467 22.50 10.48 -35.26
CA ILE C 467 21.06 10.23 -35.36
C ILE C 467 20.73 8.76 -35.60
N ALA C 468 19.63 8.29 -35.01
CA ALA C 468 19.19 6.91 -35.21
C ALA C 468 17.85 6.82 -35.96
N ILE C 469 17.89 6.25 -37.15
CA ILE C 469 16.67 5.99 -37.91
C ILE C 469 16.55 4.51 -38.21
N ALA C 470 15.58 3.86 -37.57
CA ALA C 470 15.48 2.41 -37.56
C ALA C 470 14.22 2.01 -36.81
N PRO C 471 13.80 0.73 -36.92
CA PRO C 471 12.63 0.30 -36.15
C PRO C 471 12.93 0.25 -34.65
N LEU C 472 13.23 1.41 -34.07
CA LEU C 472 13.60 1.53 -32.68
C LEU C 472 12.36 1.81 -31.82
N THR C 473 12.00 0.87 -30.95
CA THR C 473 10.80 0.98 -30.14
C THR C 473 10.93 2.08 -29.10
N ILE C 474 9.87 2.86 -28.92
CA ILE C 474 9.82 3.88 -27.89
C ILE C 474 9.43 3.29 -26.55
N THR C 475 10.32 3.42 -25.57
CA THR C 475 10.09 2.90 -24.23
C THR C 475 10.58 3.94 -23.24
N LEU C 476 10.05 3.88 -22.01
CA LEU C 476 10.39 4.85 -20.98
C LEU C 476 11.88 4.90 -20.72
N VAL C 477 12.50 3.72 -20.58
CA VAL C 477 13.92 3.61 -20.29
C VAL C 477 14.80 4.24 -21.36
N ARG C 478 14.41 4.10 -22.62
CA ARG C 478 15.17 4.70 -23.71
C ARG C 478 14.93 6.21 -23.79
N GLU C 479 13.69 6.61 -23.62
CA GLU C 479 13.34 8.03 -23.69
C GLU C 479 14.01 8.84 -22.58
N GLU C 480 14.18 8.22 -21.43
CA GLU C 480 14.79 8.91 -20.29
C GLU C 480 16.21 9.38 -20.59
N VAL C 481 16.97 8.58 -21.31
CA VAL C 481 18.33 8.95 -21.71
C VAL C 481 18.44 9.82 -22.97
N ILE C 482 17.63 9.51 -23.99
CA ILE C 482 17.67 10.27 -25.25
C ILE C 482 16.29 10.64 -25.78
N ASP C 483 16.27 11.60 -26.71
CA ASP C 483 15.02 12.15 -27.21
C ASP C 483 14.42 11.36 -28.36
N PHE C 484 13.11 11.11 -28.26
CA PHE C 484 12.38 10.42 -29.31
C PHE C 484 11.44 11.39 -30.00
N SER C 485 11.52 11.42 -31.32
CA SER C 485 10.58 12.17 -32.14
C SER C 485 9.22 11.49 -32.06
N LYS C 486 8.17 12.20 -32.45
CA LYS C 486 6.85 11.62 -32.53
C LYS C 486 6.92 10.38 -33.41
N PRO C 487 6.15 9.34 -33.07
CA PRO C 487 6.28 8.04 -33.76
C PRO C 487 5.92 8.13 -35.23
N PHE C 488 6.75 7.55 -36.10
CA PHE C 488 6.44 7.54 -37.52
C PHE C 488 5.69 6.29 -37.94
N MET C 489 5.60 5.31 -37.05
CA MET C 489 4.88 4.08 -37.34
C MET C 489 4.27 3.47 -36.08
N SER C 490 3.08 2.90 -36.20
CA SER C 490 2.37 2.34 -35.06
C SER C 490 2.55 0.82 -35.01
N LEU C 491 2.81 0.30 -33.81
CA LEU C 491 2.92 -1.15 -33.61
C LEU C 491 2.44 -1.63 -32.24
N GLY C 492 2.28 -2.94 -32.11
CA GLY C 492 1.95 -3.56 -30.84
C GLY C 492 2.53 -4.96 -30.82
N ILE C 493 2.67 -5.53 -29.62
CA ILE C 493 3.17 -6.90 -29.51
C ILE C 493 2.05 -7.86 -29.88
N SER C 494 2.31 -8.71 -30.86
CA SER C 494 1.26 -9.55 -31.42
C SER C 494 1.68 -11.01 -31.53
N ILE C 495 0.68 -11.88 -31.67
CA ILE C 495 0.91 -13.32 -31.74
C ILE C 495 0.90 -13.79 -33.19
N MET C 496 1.91 -14.57 -33.55
CA MET C 496 2.01 -15.17 -34.88
C MET C 496 1.97 -16.68 -34.77
N ILE C 497 1.11 -17.31 -35.55
CA ILE C 497 1.04 -18.77 -35.60
C ILE C 497 0.97 -19.30 -37.03
N LYS C 498 1.26 -20.59 -37.20
CA LYS C 498 1.12 -21.23 -38.50
C LYS C 498 -0.37 -21.31 -38.86
N LYS C 499 -0.69 -21.15 -40.14
CA LYS C 499 -2.07 -21.14 -40.58
C LYS C 499 -2.79 -22.46 -40.30
N VAL C 507 -10.61 -31.30 -57.13
CA VAL C 507 -10.78 -32.64 -56.60
C VAL C 507 -10.79 -32.61 -55.07
N PHE C 508 -10.42 -31.46 -54.50
CA PHE C 508 -10.37 -31.29 -53.05
C PHE C 508 -11.74 -31.46 -52.41
N SER C 509 -12.78 -31.00 -53.10
CA SER C 509 -14.14 -31.04 -52.56
C SER C 509 -14.68 -32.46 -52.43
N PHE C 510 -13.98 -33.42 -53.01
CA PHE C 510 -14.29 -34.83 -52.79
C PHE C 510 -13.66 -35.32 -51.48
N LEU C 511 -12.53 -34.72 -51.12
CA LEU C 511 -11.82 -35.08 -49.90
C LEU C 511 -12.33 -34.31 -48.68
N ASP C 512 -13.08 -33.24 -48.93
CA ASP C 512 -13.71 -32.47 -47.84
C ASP C 512 -14.84 -33.18 -47.05
N PRO C 513 -15.75 -33.87 -47.75
CA PRO C 513 -16.86 -34.52 -47.01
C PRO C 513 -16.37 -35.57 -46.03
N LEU C 514 -15.41 -36.38 -46.45
CA LEU C 514 -14.92 -37.46 -45.60
C LEU C 514 -13.41 -37.62 -45.70
N ALA C 515 -12.84 -38.27 -44.70
CA ALA C 515 -11.40 -38.54 -44.62
C ALA C 515 -10.96 -39.60 -45.65
N TYR C 516 -11.94 -40.09 -46.42
CA TYR C 516 -11.81 -41.23 -47.35
C TYR C 516 -12.00 -42.54 -46.60
N GLU C 517 -12.16 -42.43 -45.29
CA GLU C 517 -12.46 -43.60 -44.47
C GLU C 517 -13.86 -44.09 -44.79
N ILE C 518 -14.80 -43.16 -44.88
CA ILE C 518 -16.18 -43.51 -45.16
C ILE C 518 -16.42 -43.76 -46.65
N TRP C 519 -15.83 -42.90 -47.50
CA TRP C 519 -15.91 -43.05 -48.96
C TRP C 519 -15.64 -44.48 -49.46
N MET C 520 -14.54 -45.09 -49.03
CA MET C 520 -14.24 -46.47 -49.42
C MET C 520 -15.32 -47.40 -48.88
N ALA C 521 -15.86 -47.05 -47.71
CA ALA C 521 -16.93 -47.83 -47.10
C ALA C 521 -18.24 -47.65 -47.86
N ILE C 522 -18.39 -46.50 -48.52
CA ILE C 522 -19.54 -46.25 -49.38
C ILE C 522 -19.44 -47.09 -50.64
N VAL C 523 -18.25 -47.14 -51.22
CA VAL C 523 -18.00 -47.95 -52.40
C VAL C 523 -18.23 -49.43 -52.07
N PHE C 524 -17.73 -49.85 -50.91
CA PHE C 524 -17.91 -51.21 -50.42
C PHE C 524 -19.36 -51.52 -50.09
N ALA C 525 -20.12 -50.48 -49.74
CA ALA C 525 -21.54 -50.64 -49.48
C ALA C 525 -22.29 -50.88 -50.80
N TYR C 526 -21.95 -50.07 -51.79
CA TYR C 526 -22.56 -50.17 -53.12
C TYR C 526 -22.25 -51.52 -53.77
N ILE C 527 -20.99 -51.93 -53.75
CA ILE C 527 -20.60 -53.21 -54.31
C ILE C 527 -21.07 -54.36 -53.44
N GLY C 528 -21.36 -54.05 -52.17
CA GLY C 528 -21.92 -55.03 -51.25
C GLY C 528 -23.35 -55.38 -51.62
N VAL C 529 -24.18 -54.35 -51.75
CA VAL C 529 -25.57 -54.53 -52.18
C VAL C 529 -25.59 -55.15 -53.58
N SER C 530 -24.74 -54.62 -54.46
CA SER C 530 -24.67 -55.08 -55.84
C SER C 530 -24.24 -56.54 -55.93
N VAL C 531 -23.37 -56.99 -55.02
CA VAL C 531 -22.96 -58.39 -55.02
C VAL C 531 -24.01 -59.29 -54.36
N VAL C 532 -24.76 -58.74 -53.41
CA VAL C 532 -25.85 -59.48 -52.80
C VAL C 532 -26.93 -59.76 -53.85
N LEU C 533 -27.18 -58.76 -54.70
CA LEU C 533 -28.09 -58.94 -55.83
C LEU C 533 -27.45 -59.76 -56.95
N PHE C 534 -26.11 -59.75 -56.99
CA PHE C 534 -25.36 -60.48 -58.00
C PHE C 534 -25.43 -61.97 -57.75
N LEU C 535 -25.53 -62.35 -56.48
CA LEU C 535 -25.71 -63.75 -56.12
C LEU C 535 -27.12 -64.21 -56.51
N VAL C 536 -28.07 -63.28 -56.50
CA VAL C 536 -29.44 -63.57 -56.89
C VAL C 536 -29.54 -63.81 -58.40
N LEU C 589 -39.13 -60.72 -53.08
CA LEU C 589 -39.46 -59.86 -51.96
C LEU C 589 -38.19 -59.35 -51.28
N SER C 590 -37.11 -60.11 -51.39
CA SER C 590 -35.83 -59.75 -50.81
C SER C 590 -35.26 -58.46 -51.41
N ALA C 591 -35.10 -58.45 -52.73
CA ALA C 591 -34.52 -57.32 -53.45
C ALA C 591 -35.27 -56.02 -53.21
N ARG C 592 -36.56 -56.11 -52.89
CA ARG C 592 -37.37 -54.94 -52.61
C ARG C 592 -36.90 -54.22 -51.34
N ILE C 593 -36.83 -54.96 -50.23
CA ILE C 593 -36.36 -54.38 -48.98
C ILE C 593 -34.86 -54.10 -49.05
N VAL C 594 -34.17 -54.78 -49.95
CA VAL C 594 -32.77 -54.45 -50.23
C VAL C 594 -32.69 -53.03 -50.78
N ALA C 595 -33.51 -52.75 -51.78
CA ALA C 595 -33.56 -51.43 -52.39
C ALA C 595 -33.99 -50.36 -51.39
N GLY C 596 -34.98 -50.69 -50.57
CA GLY C 596 -35.47 -49.76 -49.56
C GLY C 596 -34.41 -49.42 -48.53
N VAL C 597 -33.81 -50.44 -47.95
CA VAL C 597 -32.75 -50.27 -46.96
C VAL C 597 -31.56 -49.51 -47.53
N TRP C 598 -31.12 -49.89 -48.73
CA TRP C 598 -30.03 -49.20 -49.40
C TRP C 598 -30.36 -47.73 -49.61
N TRP C 599 -31.59 -47.46 -50.02
CA TRP C 599 -32.06 -46.09 -50.21
C TRP C 599 -32.02 -45.29 -48.92
N PHE C 600 -32.46 -45.90 -47.83
CA PHE C 600 -32.40 -45.26 -46.52
C PHE C 600 -30.94 -44.95 -46.16
N PHE C 601 -30.07 -45.90 -46.44
CA PHE C 601 -28.64 -45.77 -46.15
C PHE C 601 -28.01 -44.58 -46.87
N THR C 602 -28.14 -44.57 -48.20
CA THR C 602 -27.59 -43.46 -48.99
C THR C 602 -28.26 -42.14 -48.63
N LEU C 603 -29.52 -42.21 -48.21
CA LEU C 603 -30.26 -41.05 -47.74
C LEU C 603 -29.60 -40.43 -46.51
N ILE C 604 -29.35 -41.26 -45.50
CA ILE C 604 -28.68 -40.82 -44.28
C ILE C 604 -27.29 -40.27 -44.60
N ILE C 605 -26.60 -40.93 -45.52
CA ILE C 605 -25.28 -40.46 -45.94
C ILE C 605 -25.32 -39.05 -46.53
N ILE C 606 -26.17 -38.86 -47.54
CA ILE C 606 -26.24 -37.56 -48.21
C ILE C 606 -26.77 -36.46 -47.29
N SER C 607 -27.68 -36.82 -46.37
CA SER C 607 -28.18 -35.88 -45.39
C SER C 607 -27.04 -35.43 -44.50
N SER C 608 -26.24 -36.40 -44.05
CA SER C 608 -25.09 -36.11 -43.21
C SER C 608 -24.08 -35.24 -43.94
N TYR C 609 -23.93 -35.48 -45.24
CA TYR C 609 -23.03 -34.67 -46.06
C TYR C 609 -23.49 -33.23 -46.17
N THR C 610 -24.78 -33.05 -46.49
CA THR C 610 -25.36 -31.71 -46.61
C THR C 610 -25.21 -30.95 -45.29
N ALA C 611 -25.48 -31.67 -44.19
CA ALA C 611 -25.34 -31.11 -42.85
C ALA C 611 -23.92 -30.64 -42.60
N ASN C 612 -22.96 -31.53 -42.84
CA ASN C 612 -21.55 -31.23 -42.59
C ASN C 612 -21.02 -30.09 -43.44
N LEU C 613 -21.52 -30.01 -44.68
CA LEU C 613 -21.09 -28.95 -45.59
C LEU C 613 -21.66 -27.61 -45.15
N ALA C 614 -22.92 -27.64 -44.70
CA ALA C 614 -23.55 -26.46 -44.11
C ALA C 614 -22.72 -25.99 -42.92
N ALA C 615 -22.22 -26.96 -42.16
CA ALA C 615 -21.35 -26.67 -41.04
C ALA C 615 -20.06 -25.98 -41.50
N PHE C 616 -19.43 -26.55 -42.53
CA PHE C 616 -18.20 -25.97 -43.09
C PHE C 616 -18.40 -24.51 -43.45
N LEU C 617 -19.41 -24.26 -44.28
CA LEU C 617 -19.66 -22.93 -44.80
C LEU C 617 -20.05 -21.92 -43.72
N THR C 618 -20.90 -22.37 -42.79
CA THR C 618 -21.28 -21.52 -41.66
C THR C 618 -20.06 -21.19 -40.80
N VAL C 619 -19.17 -22.15 -40.63
CA VAL C 619 -17.92 -21.94 -39.88
C VAL C 619 -17.06 -20.89 -40.56
N GLU C 620 -16.89 -21.03 -41.87
CA GLU C 620 -16.14 -20.04 -42.66
C GLU C 620 -16.73 -18.66 -42.49
N ARG C 621 -18.06 -18.58 -42.53
CA ARG C 621 -18.73 -17.28 -42.46
C ARG C 621 -18.52 -16.50 -41.17
N MET C 622 -18.35 -17.20 -40.06
CA MET C 622 -18.23 -16.51 -38.78
C MET C 622 -16.83 -15.91 -38.67
N VAL C 623 -16.75 -14.58 -38.61
CA VAL C 623 -15.49 -13.90 -38.37
C VAL C 623 -15.32 -13.40 -36.91
N SER C 624 -16.36 -13.56 -36.11
CA SER C 624 -16.38 -12.98 -34.75
C SER C 624 -17.13 -13.81 -33.72
N PRO C 625 -16.74 -13.68 -32.44
CA PRO C 625 -15.54 -12.98 -31.96
C PRO C 625 -14.23 -13.77 -32.18
N ILE C 626 -13.15 -13.06 -32.51
CA ILE C 626 -11.84 -13.69 -32.69
C ILE C 626 -10.91 -13.31 -31.54
N GLU C 627 -10.31 -14.34 -30.94
CA GLU C 627 -9.58 -14.18 -29.68
C GLU C 627 -8.52 -15.29 -29.56
N SER C 628 -7.42 -15.10 -28.82
CA SER C 628 -6.93 -13.87 -28.16
C SER C 628 -5.61 -14.22 -27.48
N ALA C 629 -5.01 -13.22 -26.85
CA ALA C 629 -3.87 -13.44 -25.96
C ALA C 629 -4.28 -14.35 -24.83
N GLU C 630 -5.49 -14.14 -24.33
CA GLU C 630 -5.99 -14.88 -23.18
C GLU C 630 -6.14 -16.38 -23.46
N ASP C 631 -6.53 -16.71 -24.69
CA ASP C 631 -6.67 -18.11 -25.08
C ASP C 631 -5.31 -18.80 -25.06
N LEU C 632 -4.29 -18.08 -25.48
CA LEU C 632 -2.93 -18.61 -25.54
C LEU C 632 -2.29 -18.69 -24.16
N SER C 633 -2.64 -17.75 -23.30
CA SER C 633 -2.13 -17.71 -21.94
C SER C 633 -2.77 -18.79 -21.07
N LYS C 634 -3.98 -19.16 -21.44
CA LYS C 634 -4.75 -20.15 -20.70
C LYS C 634 -4.56 -21.58 -21.17
N GLN C 635 -3.63 -21.82 -22.10
CA GLN C 635 -3.32 -23.18 -22.53
C GLN C 635 -1.83 -23.46 -22.65
N THR C 636 -1.41 -24.62 -22.16
CA THR C 636 -0.01 -25.03 -22.23
C THR C 636 0.26 -25.94 -23.42
N GLU C 637 -0.80 -26.25 -24.18
CA GLU C 637 -0.70 -27.12 -25.34
C GLU C 637 0.20 -26.52 -26.43
N ILE C 638 0.03 -25.23 -26.67
CA ILE C 638 0.85 -24.52 -27.65
C ILE C 638 1.89 -23.64 -26.95
N ALA C 639 3.16 -23.91 -27.22
CA ALA C 639 4.25 -23.11 -26.67
C ALA C 639 4.27 -21.76 -27.38
N TYR C 640 4.85 -20.76 -26.72
CA TYR C 640 4.97 -19.43 -27.31
C TYR C 640 6.20 -18.72 -26.78
N GLY C 641 6.89 -17.97 -27.64
CA GLY C 641 8.11 -17.30 -27.21
C GLY C 641 8.39 -15.97 -27.89
N THR C 642 9.37 -15.25 -27.38
CA THR C 642 9.76 -13.95 -27.93
C THR C 642 11.24 -13.96 -28.28
N LEU C 643 11.77 -12.79 -28.62
CA LEU C 643 13.18 -12.67 -28.92
C LEU C 643 14.03 -12.83 -27.66
N ASP C 644 15.35 -12.80 -27.83
CA ASP C 644 16.24 -12.97 -26.68
C ASP C 644 16.36 -11.67 -25.89
N SER C 645 16.32 -10.55 -26.60
CA SER C 645 16.38 -9.24 -25.99
C SER C 645 15.58 -8.23 -26.82
N GLY C 646 15.06 -7.19 -26.18
CA GLY C 646 14.31 -6.18 -26.88
C GLY C 646 13.20 -5.57 -26.04
N SER C 647 12.34 -4.78 -26.67
CA SER C 647 11.27 -4.10 -25.96
C SER C 647 10.15 -5.06 -25.57
N THR C 648 10.03 -6.16 -26.32
CA THR C 648 8.99 -7.13 -26.06
C THR C 648 9.27 -7.96 -24.82
N LYS C 649 10.47 -8.53 -24.75
CA LYS C 649 10.88 -9.27 -23.57
C LYS C 649 10.84 -8.38 -22.34
N GLU C 650 11.36 -7.17 -22.47
CA GLU C 650 11.33 -6.21 -21.38
C GLU C 650 9.89 -5.89 -20.97
N PHE C 651 9.00 -5.88 -21.97
CA PHE C 651 7.58 -5.66 -21.70
C PHE C 651 7.02 -6.78 -20.82
N PHE C 652 7.18 -8.01 -21.25
CA PHE C 652 6.66 -9.14 -20.50
C PHE C 652 7.28 -9.25 -19.12
N ARG C 653 8.56 -8.92 -19.04
CA ARG C 653 9.28 -8.92 -17.77
C ARG C 653 8.69 -7.90 -16.80
N ARG C 654 8.65 -6.63 -17.22
CA ARG C 654 8.21 -5.55 -16.33
C ARG C 654 6.70 -5.50 -16.07
N SER C 655 5.91 -6.15 -16.93
CA SER C 655 4.46 -6.01 -16.86
C SER C 655 3.85 -6.67 -15.62
N LYS C 656 3.03 -5.90 -14.91
CA LYS C 656 2.36 -6.39 -13.70
C LYS C 656 0.95 -6.87 -13.97
N ILE C 657 0.50 -6.80 -15.23
CA ILE C 657 -0.82 -7.27 -15.61
C ILE C 657 -0.87 -8.80 -15.60
N ALA C 658 -1.98 -9.35 -15.10
CA ALA C 658 -2.16 -10.78 -14.86
C ALA C 658 -1.72 -11.68 -16.02
N VAL C 659 -2.36 -11.52 -17.17
CA VAL C 659 -2.07 -12.32 -18.35
C VAL C 659 -0.58 -12.33 -18.69
N PHE C 660 0.01 -11.14 -18.68
CA PHE C 660 1.40 -10.97 -19.08
C PHE C 660 2.37 -11.48 -18.02
N ASP C 661 1.99 -11.33 -16.75
CA ASP C 661 2.76 -11.90 -15.65
C ASP C 661 2.82 -13.42 -15.79
N LYS C 662 1.65 -14.00 -16.05
CA LYS C 662 1.52 -15.43 -16.25
C LYS C 662 2.38 -15.92 -17.41
N MET C 663 2.23 -15.26 -18.55
CA MET C 663 3.00 -15.62 -19.74
C MET C 663 4.50 -15.45 -19.51
N TRP C 664 4.86 -14.50 -18.66
CA TRP C 664 6.27 -14.28 -18.34
C TRP C 664 6.80 -15.38 -17.43
N THR C 665 5.94 -15.92 -16.57
CA THR C 665 6.30 -17.07 -15.74
C THR C 665 6.51 -18.31 -16.61
N TYR C 666 5.52 -18.58 -17.45
CA TYR C 666 5.55 -19.68 -18.42
C TYR C 666 6.83 -19.63 -19.22
N MET C 667 7.11 -18.48 -19.81
CA MET C 667 8.31 -18.30 -20.61
C MET C 667 9.58 -18.35 -19.76
N ARG C 668 9.47 -17.97 -18.50
CA ARG C 668 10.62 -17.92 -17.60
C ARG C 668 11.14 -19.31 -17.28
N SER C 669 10.24 -20.21 -16.89
CA SER C 669 10.65 -21.56 -16.48
C SER C 669 10.66 -22.60 -17.62
N ALA C 670 10.17 -22.21 -18.79
CA ALA C 670 9.98 -23.15 -19.89
C ALA C 670 11.27 -23.80 -20.41
N GLU C 671 11.22 -25.11 -20.61
CA GLU C 671 12.28 -25.84 -21.30
C GLU C 671 11.68 -26.83 -22.30
N PRO C 672 12.30 -26.97 -23.49
CA PRO C 672 13.50 -26.27 -23.96
C PRO C 672 13.28 -24.76 -24.12
N SER C 673 14.34 -23.97 -23.89
CA SER C 673 14.22 -22.51 -23.85
C SER C 673 13.54 -21.96 -25.10
N VAL C 674 12.53 -21.12 -24.86
CA VAL C 674 11.61 -20.69 -25.90
C VAL C 674 12.08 -19.42 -26.58
N PHE C 675 13.22 -18.90 -26.15
CA PHE C 675 13.74 -17.63 -26.66
C PHE C 675 14.51 -17.82 -27.96
N VAL C 676 14.33 -16.89 -28.89
CA VAL C 676 15.02 -16.95 -30.18
C VAL C 676 15.84 -15.67 -30.44
N ARG C 677 16.99 -15.84 -31.09
CA ARG C 677 17.94 -14.75 -31.27
C ARG C 677 17.51 -13.73 -32.32
N THR C 678 16.88 -14.20 -33.40
CA THR C 678 16.44 -13.32 -34.47
C THR C 678 14.99 -13.55 -34.84
N THR C 679 14.39 -12.56 -35.50
CA THR C 679 13.01 -12.66 -35.98
C THR C 679 12.84 -13.88 -36.88
N ALA C 680 13.74 -14.00 -37.85
CA ALA C 680 13.72 -15.09 -38.82
C ALA C 680 13.79 -16.46 -38.14
N GLU C 681 14.63 -16.55 -37.12
CA GLU C 681 14.78 -17.79 -36.36
C GLU C 681 13.45 -18.18 -35.72
N GLY C 682 12.87 -17.25 -34.98
CA GLY C 682 11.61 -17.48 -34.29
C GLY C 682 10.50 -17.92 -35.24
N VAL C 683 10.38 -17.21 -36.35
CA VAL C 683 9.35 -17.52 -37.33
C VAL C 683 9.60 -18.89 -37.96
N ALA C 684 10.86 -19.22 -38.19
CA ALA C 684 11.23 -20.54 -38.69
C ALA C 684 10.72 -21.61 -37.72
N ARG C 685 10.97 -21.39 -36.43
CA ARG C 685 10.50 -22.31 -35.40
C ARG C 685 8.98 -22.44 -35.42
N VAL C 686 8.29 -21.33 -35.65
CA VAL C 686 6.83 -21.35 -35.79
C VAL C 686 6.41 -22.22 -36.97
N ARG C 687 7.22 -22.19 -38.02
CA ARG C 687 6.91 -22.92 -39.24
C ARG C 687 7.14 -24.43 -39.12
N LYS C 688 8.16 -24.83 -38.37
CA LYS C 688 8.48 -26.25 -38.25
C LYS C 688 7.59 -26.98 -37.24
N SER C 689 6.88 -26.21 -36.42
CA SER C 689 6.26 -26.73 -35.20
C SER C 689 4.85 -27.33 -35.33
N LYS C 690 4.27 -27.27 -36.52
CA LYS C 690 2.90 -27.73 -36.77
C LYS C 690 1.87 -27.02 -35.89
N GLY C 691 2.17 -25.81 -35.44
CA GLY C 691 1.25 -25.03 -34.64
C GLY C 691 1.40 -25.17 -33.14
N LYS C 692 2.39 -25.96 -32.70
CA LYS C 692 2.65 -26.13 -31.28
C LYS C 692 3.45 -24.96 -30.74
N TYR C 693 4.01 -24.16 -31.65
CA TYR C 693 4.81 -23.00 -31.26
C TYR C 693 4.27 -21.70 -31.87
N ALA C 694 4.34 -20.63 -31.10
CA ALA C 694 3.85 -19.32 -31.52
C ALA C 694 4.89 -18.25 -31.23
N TYR C 695 4.90 -17.20 -32.05
CA TYR C 695 5.90 -16.15 -31.90
C TYR C 695 5.28 -14.81 -31.52
N LEU C 696 5.68 -14.28 -30.36
CA LEU C 696 5.25 -12.96 -29.95
C LEU C 696 6.24 -11.93 -30.49
N LEU C 697 5.77 -11.11 -31.41
CA LEU C 697 6.62 -10.10 -32.04
C LEU C 697 5.81 -8.91 -32.50
N GLU C 698 6.49 -7.79 -32.74
CA GLU C 698 5.84 -6.54 -33.12
C GLU C 698 5.04 -6.69 -34.42
N SER C 699 3.90 -6.02 -34.49
CA SER C 699 2.96 -6.17 -35.60
C SER C 699 3.54 -5.82 -36.98
N THR C 700 4.56 -4.97 -37.01
CA THR C 700 5.19 -4.60 -38.27
C THR C 700 5.84 -5.80 -38.96
N MET C 701 6.76 -6.44 -38.25
CA MET C 701 7.43 -7.63 -38.77
C MET C 701 6.41 -8.70 -39.10
N ASN C 702 5.34 -8.75 -38.30
CA ASN C 702 4.29 -9.75 -38.47
C ASN C 702 3.53 -9.57 -39.77
N GLU C 703 3.03 -8.37 -40.04
CA GLU C 703 2.34 -8.10 -41.30
C GLU C 703 3.32 -8.32 -42.45
N TYR C 704 4.57 -7.93 -42.24
CA TYR C 704 5.61 -8.10 -43.25
C TYR C 704 5.75 -9.54 -43.67
N ILE C 705 6.02 -10.43 -42.70
CA ILE C 705 6.22 -11.84 -42.98
C ILE C 705 4.92 -12.48 -43.48
N GLU C 706 3.80 -12.02 -42.97
CA GLU C 706 2.49 -12.47 -43.45
C GLU C 706 2.37 -12.21 -44.94
N GLN C 707 2.96 -11.11 -45.41
CA GLN C 707 2.97 -10.80 -46.84
C GLN C 707 4.12 -11.45 -47.63
N ARG C 708 5.12 -11.97 -46.94
CA ARG C 708 6.26 -12.60 -47.62
C ARG C 708 6.08 -14.11 -47.71
N LYS C 709 6.55 -14.69 -48.82
CA LYS C 709 6.45 -16.12 -49.08
C LYS C 709 7.05 -16.94 -47.95
N PRO C 710 6.53 -18.16 -47.72
CA PRO C 710 5.41 -18.87 -48.37
C PRO C 710 4.00 -18.30 -48.08
N CYS C 711 3.90 -17.39 -47.11
CA CYS C 711 2.63 -16.94 -46.53
C CYS C 711 1.94 -18.05 -45.74
N ASP C 712 2.71 -18.78 -44.94
CA ASP C 712 2.17 -19.83 -44.09
C ASP C 712 1.82 -19.36 -42.67
N THR C 713 2.20 -18.12 -42.35
CA THR C 713 1.97 -17.58 -41.01
C THR C 713 0.90 -16.51 -40.96
N MET C 714 0.07 -16.54 -39.92
CA MET C 714 -0.92 -15.48 -39.72
C MET C 714 -0.85 -14.88 -38.32
N LYS C 715 -1.23 -13.60 -38.25
CA LYS C 715 -1.29 -12.86 -37.01
C LYS C 715 -2.64 -13.10 -36.37
N VAL C 716 -2.64 -13.67 -35.17
CA VAL C 716 -3.89 -13.97 -34.49
C VAL C 716 -4.13 -13.05 -33.30
N GLY C 717 -5.38 -12.60 -33.17
CA GLY C 717 -5.75 -11.71 -32.08
C GLY C 717 -5.28 -10.30 -32.33
N GLY C 718 -5.79 -9.37 -31.51
CA GLY C 718 -5.34 -7.99 -31.56
C GLY C 718 -4.00 -7.88 -30.88
N ASN C 719 -3.44 -6.67 -30.91
CA ASN C 719 -2.16 -6.41 -30.28
C ASN C 719 -2.25 -6.34 -28.76
N LEU C 720 -1.22 -6.83 -28.09
CA LEU C 720 -1.15 -6.86 -26.63
C LEU C 720 -1.12 -5.46 -26.04
N ASP C 721 -0.49 -4.54 -26.78
CA ASP C 721 -0.43 -3.14 -26.39
C ASP C 721 -0.30 -2.29 -27.64
N SER C 722 0.01 -1.00 -27.45
CA SER C 722 0.27 -0.13 -28.58
C SER C 722 1.48 0.74 -28.34
N LYS C 723 2.48 0.60 -29.20
CA LYS C 723 3.69 1.41 -29.14
C LYS C 723 3.97 2.01 -30.52
N GLY C 724 5.12 2.64 -30.66
CA GLY C 724 5.49 3.25 -31.93
C GLY C 724 6.99 3.32 -32.15
N TYR C 725 7.36 3.39 -33.42
CA TYR C 725 8.76 3.56 -33.80
C TYR C 725 9.05 5.03 -34.05
N GLY C 726 10.20 5.50 -33.59
CA GLY C 726 10.52 6.91 -33.70
C GLY C 726 12.00 7.18 -33.86
N ILE C 727 12.32 8.36 -34.37
CA ILE C 727 13.71 8.76 -34.60
C ILE C 727 14.34 9.29 -33.33
N ALA C 728 15.48 8.71 -32.97
CA ALA C 728 16.16 9.08 -31.73
C ALA C 728 17.35 10.00 -32.00
N THR C 729 17.47 11.05 -31.18
CA THR C 729 18.61 11.94 -31.23
C THR C 729 19.23 11.97 -29.84
N PRO C 730 20.52 12.32 -29.75
CA PRO C 730 21.12 12.43 -28.40
C PRO C 730 20.50 13.61 -27.68
N LYS C 731 20.15 13.44 -26.41
CA LYS C 731 19.42 14.48 -25.69
C LYS C 731 20.18 15.82 -25.66
N GLY C 732 19.52 16.87 -26.13
CA GLY C 732 20.13 18.17 -26.21
C GLY C 732 20.74 18.46 -27.57
N SER C 733 20.42 17.64 -28.56
CA SER C 733 20.90 17.85 -29.92
C SER C 733 20.08 18.91 -30.63
N SER C 734 20.70 19.65 -31.55
CA SER C 734 20.02 20.69 -32.28
C SER C 734 19.17 20.09 -33.40
N LEU C 735 19.38 18.81 -33.67
CA LEU C 735 18.64 18.13 -34.73
C LEU C 735 17.28 17.63 -34.27
N GLY C 736 17.09 17.54 -32.96
CA GLY C 736 15.88 16.93 -32.40
C GLY C 736 14.58 17.55 -32.86
N THR C 737 14.43 18.85 -32.65
CA THR C 737 13.20 19.54 -33.03
C THR C 737 12.96 19.59 -34.55
N PRO C 738 13.99 19.89 -35.36
CA PRO C 738 13.72 19.85 -36.81
C PRO C 738 13.42 18.45 -37.36
N VAL C 739 14.05 17.40 -36.83
CA VAL C 739 13.73 16.05 -37.30
C VAL C 739 12.34 15.66 -36.82
N ASN C 740 11.96 16.11 -35.63
CA ASN C 740 10.60 15.95 -35.14
C ASN C 740 9.60 16.55 -36.13
N LEU C 741 9.72 17.86 -36.34
CA LEU C 741 8.87 18.57 -37.30
C LEU C 741 8.87 17.91 -38.67
N ALA C 742 10.00 17.34 -39.05
CA ALA C 742 10.07 16.61 -40.31
C ALA C 742 9.18 15.37 -40.26
N VAL C 743 9.21 14.65 -39.14
CA VAL C 743 8.38 13.46 -38.99
C VAL C 743 6.92 13.83 -39.05
N LEU C 744 6.56 14.96 -38.45
CA LEU C 744 5.17 15.42 -38.52
C LEU C 744 4.75 15.85 -39.92
N LYS C 745 5.63 16.58 -40.62
CA LYS C 745 5.37 17.01 -41.99
C LYS C 745 5.10 15.78 -42.86
N LEU C 746 6.00 14.81 -42.78
CA LEU C 746 5.87 13.57 -43.53
C LEU C 746 4.61 12.81 -43.13
N SER C 747 4.25 12.88 -41.85
CA SER C 747 3.07 12.19 -41.37
C SER C 747 1.81 12.78 -41.98
N GLU C 748 1.78 14.10 -42.06
CA GLU C 748 0.60 14.79 -42.57
C GLU C 748 0.46 14.71 -44.09
N GLN C 749 1.55 14.92 -44.81
CA GLN C 749 1.42 15.03 -46.27
C GLN C 749 1.38 13.67 -46.96
N GLY C 750 1.40 12.61 -46.17
CA GLY C 750 1.09 11.29 -46.69
C GLY C 750 2.25 10.43 -47.18
N VAL C 751 3.47 10.83 -46.82
CA VAL C 751 4.65 10.08 -47.27
C VAL C 751 4.75 8.74 -46.56
N LEU C 752 4.43 8.73 -45.27
CA LEU C 752 4.57 7.53 -44.45
C LEU C 752 3.60 6.41 -44.79
N ASP C 753 2.32 6.75 -44.97
CA ASP C 753 1.32 5.76 -45.37
C ASP C 753 1.74 5.11 -46.68
N LYS C 754 2.12 5.97 -47.62
CA LYS C 754 2.59 5.55 -48.93
C LYS C 754 3.80 4.63 -48.82
N LEU C 755 4.73 4.98 -47.95
CA LEU C 755 5.97 4.24 -47.79
C LEU C 755 5.75 2.86 -47.19
N LYS C 756 4.90 2.79 -46.16
CA LYS C 756 4.58 1.50 -45.57
C LYS C 756 3.83 0.64 -46.58
N ASN C 757 2.84 1.21 -47.26
CA ASN C 757 2.12 0.45 -48.28
C ASN C 757 3.06 -0.03 -49.39
N LYS C 758 4.09 0.75 -49.66
CA LYS C 758 5.07 0.43 -50.69
C LYS C 758 5.98 -0.73 -50.31
N TRP C 759 6.57 -0.65 -49.12
CA TRP C 759 7.53 -1.66 -48.70
C TRP C 759 6.89 -2.91 -48.09
N TRP C 760 5.61 -2.82 -47.77
CA TRP C 760 4.91 -3.96 -47.18
C TRP C 760 4.05 -4.71 -48.19
N TYR C 761 2.93 -4.10 -48.57
CA TYR C 761 1.91 -4.78 -49.35
C TYR C 761 2.10 -4.70 -50.87
N ASP C 762 2.97 -3.81 -51.33
CA ASP C 762 3.19 -3.64 -52.77
C ASP C 762 4.08 -4.73 -53.35
N LYS C 763 5.14 -5.07 -52.65
CA LYS C 763 6.00 -6.18 -53.04
C LYS C 763 5.50 -7.47 -52.40
N GLY C 764 4.41 -7.35 -51.65
CA GLY C 764 3.80 -8.48 -50.96
C GLY C 764 3.38 -9.55 -51.94
N GLU C 765 3.84 -10.77 -51.70
CA GLU C 765 3.56 -11.89 -52.60
C GLU C 765 2.18 -12.48 -52.41
N CYS C 766 1.64 -12.38 -51.20
CA CYS C 766 0.29 -12.86 -50.92
C CYS C 766 -0.78 -12.05 -51.65
N GLY C 767 -0.52 -10.76 -51.85
CA GLY C 767 -1.46 -9.89 -52.54
C GLY C 767 -1.48 -8.48 -51.99
N ALA C 779 -19.22 -15.24 -50.56
CA ALA C 779 -19.78 -15.96 -51.71
C ALA C 779 -19.17 -17.36 -51.82
N LEU C 780 -19.71 -18.15 -52.74
CA LEU C 780 -19.22 -19.51 -52.95
C LEU C 780 -17.93 -19.52 -53.76
N SER C 781 -17.13 -20.56 -53.58
CA SER C 781 -15.92 -20.76 -54.37
C SER C 781 -16.20 -21.71 -55.53
N LEU C 782 -15.70 -21.36 -56.72
CA LEU C 782 -15.94 -22.16 -57.92
C LEU C 782 -15.16 -23.48 -57.92
N SER C 783 -13.94 -23.44 -57.38
CA SER C 783 -13.04 -24.60 -57.35
C SER C 783 -13.70 -25.85 -56.75
N ASN C 784 -14.50 -25.62 -55.70
CA ASN C 784 -15.19 -26.68 -54.99
C ASN C 784 -16.04 -27.53 -55.93
N VAL C 785 -16.95 -26.90 -56.65
CA VAL C 785 -17.79 -27.60 -57.60
C VAL C 785 -16.97 -27.99 -58.84
N ALA C 786 -15.87 -27.29 -59.06
CA ALA C 786 -15.01 -27.54 -60.22
C ALA C 786 -14.37 -28.93 -60.18
N GLY C 787 -13.88 -29.32 -59.00
CA GLY C 787 -13.31 -30.66 -58.85
C GLY C 787 -14.31 -31.76 -59.18
N VAL C 788 -15.49 -31.65 -58.58
CA VAL C 788 -16.57 -32.60 -58.84
C VAL C 788 -16.95 -32.61 -60.32
N PHE C 789 -16.87 -31.43 -60.95
CA PHE C 789 -17.14 -31.29 -62.37
C PHE C 789 -16.13 -32.09 -63.20
N TYR C 790 -14.87 -32.03 -62.78
CA TYR C 790 -13.80 -32.79 -63.42
C TYR C 790 -14.10 -34.29 -63.31
N ILE C 791 -14.45 -34.71 -62.10
CA ILE C 791 -14.83 -36.11 -61.86
C ILE C 791 -15.98 -36.53 -62.77
N LEU C 792 -16.92 -35.61 -62.97
CA LEU C 792 -18.06 -35.84 -63.86
C LEU C 792 -17.60 -36.08 -65.29
N VAL C 793 -16.71 -35.22 -65.77
CA VAL C 793 -16.16 -35.35 -67.12
C VAL C 793 -15.47 -36.69 -67.30
N GLY C 794 -14.66 -37.07 -66.33
CA GLY C 794 -13.99 -38.37 -66.38
C GLY C 794 -14.99 -39.51 -66.45
N GLY C 795 -15.98 -39.47 -65.57
CA GLY C 795 -17.02 -40.47 -65.54
C GLY C 795 -17.76 -40.63 -66.86
N LEU C 796 -18.16 -39.52 -67.46
CA LEU C 796 -18.88 -39.57 -68.73
C LEU C 796 -17.99 -40.07 -69.87
N GLY C 797 -16.72 -39.70 -69.84
CA GLY C 797 -15.77 -40.20 -70.83
C GLY C 797 -15.66 -41.71 -70.77
N LEU C 798 -15.36 -42.23 -69.58
CA LEU C 798 -15.24 -43.67 -69.37
C LEU C 798 -16.52 -44.40 -69.77
N ALA C 799 -17.66 -43.87 -69.33
CA ALA C 799 -18.95 -44.46 -69.65
C ALA C 799 -19.15 -44.59 -71.16
N MET C 800 -18.95 -43.48 -71.87
CA MET C 800 -19.08 -43.46 -73.33
C MET C 800 -18.18 -44.50 -73.99
N LEU C 801 -16.93 -44.59 -73.50
CA LEU C 801 -16.01 -45.58 -74.03
C LEU C 801 -16.47 -47.03 -73.82
N VAL C 802 -16.90 -47.35 -72.60
CA VAL C 802 -17.29 -48.72 -72.27
C VAL C 802 -18.58 -49.14 -72.99
N ALA C 803 -19.50 -48.21 -73.20
CA ALA C 803 -20.66 -48.52 -74.03
C ALA C 803 -20.25 -48.67 -75.48
N LEU C 804 -19.25 -47.88 -75.89
CA LEU C 804 -18.71 -47.99 -77.24
C LEU C 804 -18.18 -49.40 -77.49
N ILE C 805 -17.53 -49.98 -76.48
CA ILE C 805 -17.05 -51.35 -76.61
C ILE C 805 -18.17 -52.37 -76.38
N GLU C 806 -19.26 -51.92 -75.77
CA GLU C 806 -20.40 -52.78 -75.47
C GLU C 806 -21.32 -53.03 -76.68
N PHE C 807 -21.48 -52.00 -77.51
CA PHE C 807 -22.43 -52.03 -78.62
C PHE C 807 -22.13 -53.12 -79.67
N ALA C 808 -20.85 -53.33 -79.94
CA ALA C 808 -20.44 -54.33 -80.92
C ALA C 808 -20.63 -55.75 -80.40
N ASN D 1 67.77 11.92 36.00
CA ASN D 1 67.63 11.79 34.55
C ASN D 1 66.25 12.23 34.09
N SER D 2 66.04 13.54 34.00
CA SER D 2 64.78 14.08 33.54
C SER D 2 64.79 14.31 32.04
N ILE D 3 63.92 13.58 31.34
CA ILE D 3 63.80 13.72 29.89
C ILE D 3 62.68 14.69 29.56
N GLN D 4 63.04 15.83 28.98
CA GLN D 4 62.11 16.92 28.78
C GLN D 4 61.16 16.70 27.60
N ILE D 5 59.87 16.69 27.88
CA ILE D 5 58.85 16.56 26.85
C ILE D 5 57.81 17.68 26.97
N GLY D 6 57.19 18.04 25.86
CA GLY D 6 56.15 19.06 25.85
C GLY D 6 54.75 18.49 25.70
N GLY D 7 53.74 19.34 25.90
CA GLY D 7 52.37 18.91 25.71
C GLY D 7 51.44 20.01 25.28
N LEU D 8 50.37 19.62 24.58
CA LEU D 8 49.40 20.54 24.02
C LEU D 8 48.00 20.03 24.29
N PHE D 9 47.24 20.75 25.12
CA PHE D 9 45.90 20.32 25.49
C PHE D 9 44.76 21.26 25.13
N PRO D 10 43.83 20.81 24.26
CA PRO D 10 42.65 21.58 23.88
C PRO D 10 41.80 21.85 25.10
N ARG D 11 41.35 23.10 25.26
CA ARG D 11 40.43 23.44 26.32
C ARG D 11 39.12 22.69 26.10
N GLY D 12 38.68 21.96 27.13
CA GLY D 12 37.51 21.13 27.00
C GLY D 12 37.87 19.66 26.85
N ALA D 13 39.18 19.37 26.82
CA ALA D 13 39.64 18.00 26.83
C ALA D 13 40.08 17.69 28.24
N ASP D 14 39.28 16.87 28.93
CA ASP D 14 39.53 16.57 30.33
C ASP D 14 40.13 15.18 30.49
N GLN D 15 39.37 14.17 30.07
CA GLN D 15 39.75 12.78 30.28
C GLN D 15 41.06 12.39 29.57
N GLU D 16 41.43 13.11 28.53
CA GLU D 16 42.70 12.87 27.85
C GLU D 16 43.84 13.24 28.79
N TYR D 17 43.64 14.32 29.53
CA TYR D 17 44.63 14.80 30.49
C TYR D 17 44.71 13.83 31.68
N SER D 18 43.56 13.32 32.09
CA SER D 18 43.51 12.36 33.19
C SER D 18 44.22 11.06 32.81
N ALA D 19 43.94 10.58 31.60
CA ALA D 19 44.57 9.37 31.09
C ALA D 19 46.05 9.62 30.80
N PHE D 20 46.40 10.88 30.60
CA PHE D 20 47.79 11.27 30.39
C PHE D 20 48.57 11.14 31.69
N ARG D 21 48.05 11.77 32.75
CA ARG D 21 48.70 11.73 34.06
C ARG D 21 48.72 10.32 34.63
N VAL D 22 47.59 9.62 34.50
CA VAL D 22 47.52 8.21 34.90
C VAL D 22 48.51 7.40 34.06
N GLY D 23 48.69 7.81 32.80
CA GLY D 23 49.67 7.20 31.93
C GLY D 23 51.07 7.30 32.49
N MET D 24 51.45 8.50 32.92
CA MET D 24 52.74 8.71 33.56
C MET D 24 52.86 7.94 34.88
N VAL D 25 51.78 7.91 35.64
CA VAL D 25 51.77 7.18 36.92
C VAL D 25 52.07 5.70 36.72
N GLN D 26 51.37 5.09 35.77
CA GLN D 26 51.53 3.67 35.48
C GLN D 26 52.88 3.35 34.85
N PHE D 27 53.25 4.13 33.84
CA PHE D 27 54.39 3.80 33.00
C PHE D 27 55.73 4.46 33.35
N SER D 28 55.75 5.27 34.41
CA SER D 28 57.01 5.84 34.87
C SER D 28 57.94 4.76 35.39
N THR D 29 59.23 4.91 35.12
CA THR D 29 60.21 3.95 35.59
C THR D 29 61.36 4.64 36.31
N SER D 30 62.12 3.87 37.09
CA SER D 30 63.24 4.41 37.86
C SER D 30 64.34 4.93 36.94
N GLU D 31 64.43 4.34 35.76
CA GLU D 31 65.46 4.66 34.78
C GLU D 31 65.41 6.14 34.37
N PHE D 32 64.22 6.63 34.03
CA PHE D 32 64.05 8.01 33.61
C PHE D 32 62.68 8.57 33.94
N ARG D 33 62.63 9.88 34.17
CA ARG D 33 61.38 10.56 34.48
C ARG D 33 61.05 11.60 33.41
N LEU D 34 59.98 11.34 32.67
CA LEU D 34 59.52 12.26 31.63
C LEU D 34 58.80 13.46 32.28
N THR D 35 59.26 14.66 31.97
CA THR D 35 58.70 15.86 32.56
C THR D 35 57.88 16.66 31.55
N PRO D 36 56.54 16.61 31.70
CA PRO D 36 55.62 17.35 30.84
C PRO D 36 55.50 18.83 31.21
N HIS D 37 55.31 19.68 30.22
CA HIS D 37 54.84 21.03 30.46
C HIS D 37 53.53 21.23 29.70
N ILE D 38 52.43 21.36 30.44
CA ILE D 38 51.10 21.39 29.84
C ILE D 38 50.64 22.82 29.55
N ASP D 39 50.32 23.07 28.28
CA ASP D 39 49.71 24.34 27.89
C ASP D 39 48.27 24.13 27.40
N ASN D 40 47.31 24.60 28.19
CA ASN D 40 45.91 24.58 27.78
C ASN D 40 45.58 25.78 26.92
N LEU D 41 44.86 25.54 25.82
CA LEU D 41 44.57 26.57 24.82
C LEU D 41 43.64 26.02 23.74
N GLU D 42 43.04 26.92 22.97
CA GLU D 42 42.13 26.52 21.90
C GLU D 42 42.91 25.87 20.77
N VAL D 43 42.52 24.66 20.39
CA VAL D 43 43.24 23.86 19.41
C VAL D 43 43.01 24.33 17.96
N ALA D 44 41.81 24.85 17.70
CA ALA D 44 41.42 25.26 16.36
C ALA D 44 42.14 26.52 15.89
N ASN D 45 42.83 27.18 16.81
CA ASN D 45 43.54 28.42 16.50
C ASN D 45 45.00 28.19 16.10
N SER D 46 45.35 28.56 14.87
CA SER D 46 46.71 28.38 14.37
C SER D 46 47.73 29.27 15.09
N PHE D 47 47.31 30.47 15.44
CA PHE D 47 48.16 31.42 16.14
C PHE D 47 48.54 30.90 17.53
N ALA D 48 47.54 30.38 18.24
CA ALA D 48 47.74 29.84 19.58
C ALA D 48 48.70 28.66 19.54
N VAL D 49 48.46 27.74 18.60
CA VAL D 49 49.32 26.58 18.40
C VAL D 49 50.74 27.02 18.07
N THR D 50 50.87 28.06 17.25
CA THR D 50 52.17 28.63 16.92
C THR D 50 52.90 29.09 18.19
N ASN D 51 52.20 29.86 19.00
CA ASN D 51 52.74 30.35 20.27
C ASN D 51 53.22 29.21 21.18
N ALA D 52 52.33 28.24 21.39
CA ALA D 52 52.63 27.12 22.26
C ALA D 52 53.81 26.30 21.78
N PHE D 53 53.81 25.94 20.49
CA PHE D 53 54.89 25.16 19.91
C PHE D 53 56.22 25.90 19.98
N CYS D 54 56.19 27.21 19.73
CA CYS D 54 57.40 28.01 19.80
C CYS D 54 57.94 28.03 21.24
N SER D 55 57.03 28.14 22.19
CA SER D 55 57.37 28.05 23.61
C SER D 55 58.05 26.70 23.91
N GLN D 56 57.51 25.64 23.32
CA GLN D 56 58.05 24.30 23.51
C GLN D 56 59.46 24.17 22.94
N PHE D 57 59.69 24.78 21.77
CA PHE D 57 61.02 24.75 21.18
C PHE D 57 61.98 25.55 22.03
N SER D 58 61.49 26.62 22.65
CA SER D 58 62.30 27.42 23.58
C SER D 58 62.63 26.63 24.84
N ARG D 59 61.75 25.70 25.22
CA ARG D 59 61.99 24.86 26.38
C ARG D 59 62.93 23.69 26.07
N GLY D 60 63.20 23.49 24.79
CA GLY D 60 64.15 22.47 24.36
C GLY D 60 63.72 21.05 24.69
N VAL D 61 62.46 20.73 24.40
CA VAL D 61 61.93 19.40 24.65
C VAL D 61 62.39 18.42 23.56
N TYR D 62 62.54 17.16 23.94
CA TYR D 62 62.98 16.12 23.00
C TYR D 62 61.81 15.67 22.12
N ALA D 63 60.61 15.67 22.68
CA ALA D 63 59.41 15.31 21.93
C ALA D 63 58.19 16.03 22.49
N ILE D 64 57.18 16.23 21.66
CA ILE D 64 55.96 16.91 22.08
C ILE D 64 54.72 16.04 21.85
N PHE D 65 53.91 15.88 22.90
CA PHE D 65 52.61 15.27 22.71
C PHE D 65 51.59 16.40 22.53
N GLY D 66 50.65 16.23 21.62
CA GLY D 66 49.70 17.31 21.37
C GLY D 66 48.49 16.96 20.53
N PHE D 67 47.54 17.88 20.49
CA PHE D 67 46.35 17.72 19.68
C PHE D 67 46.34 18.80 18.60
N TYR D 68 45.80 18.49 17.44
CA TYR D 68 45.66 19.49 16.38
C TYR D 68 44.29 19.36 15.71
N ASP D 69 43.87 20.43 15.04
CA ASP D 69 42.60 20.45 14.34
C ASP D 69 42.82 20.69 12.84
N LYS D 70 41.73 20.71 12.09
CA LYS D 70 41.78 20.91 10.64
C LYS D 70 42.44 22.22 10.24
N LYS D 71 42.30 23.24 11.07
CA LYS D 71 42.91 24.54 10.81
C LYS D 71 44.39 24.58 11.20
N SER D 72 44.74 23.84 12.25
CA SER D 72 46.09 23.90 12.80
C SER D 72 47.03 22.78 12.31
N VAL D 73 46.51 21.89 11.48
CA VAL D 73 47.25 20.69 11.06
C VAL D 73 48.56 21.01 10.32
N ASN D 74 48.47 21.87 9.32
CA ASN D 74 49.64 22.20 8.51
C ASN D 74 50.68 23.01 9.26
N THR D 75 50.23 23.77 10.27
CA THR D 75 51.15 24.45 11.17
C THR D 75 52.02 23.42 11.87
N ILE D 76 51.36 22.46 12.51
CA ILE D 76 52.03 21.37 13.20
C ILE D 76 52.98 20.59 12.30
N THR D 77 52.47 20.13 11.16
CA THR D 77 53.29 19.32 10.25
C THR D 77 54.47 20.09 9.65
N SER D 78 54.24 21.35 9.28
CA SER D 78 55.32 22.15 8.70
C SER D 78 56.39 22.51 9.74
N PHE D 79 55.96 22.83 10.95
CA PHE D 79 56.90 23.17 12.01
C PHE D 79 57.70 21.95 12.49
N CYS D 80 57.02 20.81 12.59
CA CYS D 80 57.68 19.56 12.94
C CYS D 80 58.65 19.16 11.84
N GLY D 81 58.28 19.46 10.59
CA GLY D 81 59.15 19.21 9.46
C GLY D 81 60.39 20.07 9.49
N THR D 82 60.23 21.34 9.83
CA THR D 82 61.33 22.30 9.84
C THR D 82 62.29 22.08 11.01
N LEU D 83 61.75 22.02 12.22
CA LEU D 83 62.58 21.95 13.41
C LEU D 83 62.94 20.51 13.80
N HIS D 84 62.44 19.56 13.01
CA HIS D 84 62.72 18.13 13.22
C HIS D 84 62.30 17.69 14.62
N VAL D 85 61.15 18.17 15.06
CA VAL D 85 60.62 17.82 16.37
C VAL D 85 59.49 16.80 16.26
N SER D 86 59.52 15.79 17.12
CA SER D 86 58.52 14.73 17.11
C SER D 86 57.19 15.18 17.71
N PHE D 87 56.10 14.85 17.02
CA PHE D 87 54.76 15.19 17.48
C PHE D 87 53.93 13.92 17.64
N ILE D 88 53.34 13.73 18.82
CA ILE D 88 52.57 12.54 19.12
C ILE D 88 51.10 12.90 19.34
N THR D 89 50.21 12.33 18.53
CA THR D 89 48.81 12.70 18.62
C THR D 89 47.79 11.56 18.41
N PRO D 90 46.72 11.56 19.20
CA PRO D 90 45.50 10.78 18.99
C PRO D 90 44.64 11.35 17.86
N SER D 91 44.86 12.61 17.51
CA SER D 91 44.06 13.27 16.48
C SER D 91 44.22 12.60 15.13
N PHE D 92 43.21 12.79 14.27
CA PHE D 92 43.13 12.07 13.01
C PHE D 92 44.32 12.31 12.12
N PRO D 93 44.86 11.22 11.55
CA PRO D 93 46.02 11.15 10.66
C PRO D 93 45.97 12.17 9.52
N THR D 94 47.14 12.68 9.15
CA THR D 94 47.27 13.61 8.04
C THR D 94 47.07 12.88 6.71
N ASP D 95 46.75 13.65 5.66
CA ASP D 95 46.50 13.07 4.35
C ASP D 95 47.74 12.45 3.74
N GLY D 96 48.83 13.21 3.69
CA GLY D 96 50.06 12.73 3.09
C GLY D 96 51.04 12.18 4.10
N THR D 97 52.27 11.93 3.67
CA THR D 97 53.28 11.41 4.57
C THR D 97 54.10 12.56 5.13
N HIS D 98 53.93 12.83 6.42
CA HIS D 98 54.66 13.92 7.08
C HIS D 98 55.70 13.42 8.07
N PRO D 99 56.95 13.83 7.86
CA PRO D 99 58.04 13.43 8.77
C PRO D 99 57.88 14.07 10.14
N PHE D 100 58.46 13.43 11.15
CA PHE D 100 58.46 13.93 12.53
C PHE D 100 57.05 14.11 13.10
N VAL D 101 56.11 13.34 12.57
CA VAL D 101 54.74 13.36 13.09
C VAL D 101 54.31 11.92 13.40
N ILE D 102 53.93 11.69 14.65
CA ILE D 102 53.52 10.36 15.09
C ILE D 102 52.03 10.33 15.39
N GLN D 103 51.29 9.60 14.58
CA GLN D 103 49.84 9.52 14.74
C GLN D 103 49.42 8.26 15.50
N MET D 104 48.80 8.46 16.66
CA MET D 104 48.33 7.34 17.47
C MET D 104 47.03 6.76 16.92
N ARG D 105 46.33 7.54 16.10
CA ARG D 105 45.07 7.10 15.51
C ARG D 105 45.31 6.29 14.25
N PRO D 106 44.77 5.06 14.21
CA PRO D 106 44.79 4.19 13.02
C PRO D 106 43.86 4.71 11.92
N ASP D 107 44.19 4.40 10.67
CA ASP D 107 43.40 4.86 9.54
C ASP D 107 42.13 4.02 9.36
N LEU D 108 41.01 4.71 9.20
CA LEU D 108 39.69 4.09 9.21
C LEU D 108 39.13 3.71 7.83
N LYS D 109 39.80 4.13 6.76
CA LYS D 109 39.29 4.00 5.40
C LYS D 109 38.85 2.59 5.01
N GLY D 110 39.78 1.65 5.13
CA GLY D 110 39.55 0.28 4.74
C GLY D 110 38.43 -0.38 5.51
N ALA D 111 38.34 -0.06 6.79
CA ALA D 111 37.30 -0.61 7.65
C ALA D 111 35.91 -0.18 7.19
N LEU D 112 35.78 1.13 6.92
CA LEU D 112 34.53 1.70 6.47
C LEU D 112 34.12 1.11 5.13
N LEU D 113 35.04 1.10 4.17
CA LEU D 113 34.76 0.51 2.86
C LEU D 113 34.34 -0.95 2.95
N SER D 114 35.08 -1.73 3.74
CA SER D 114 34.81 -3.15 3.89
C SER D 114 33.47 -3.38 4.58
N LEU D 115 33.08 -2.46 5.46
CA LEU D 115 31.77 -2.54 6.12
C LEU D 115 30.64 -2.26 5.13
N ILE D 116 30.81 -1.19 4.35
CA ILE D 116 29.85 -0.87 3.29
C ILE D 116 29.64 -2.08 2.39
N GLU D 117 30.73 -2.73 2.01
CA GLU D 117 30.66 -3.91 1.16
C GLU D 117 30.08 -5.11 1.91
N TYR D 118 30.26 -5.12 3.23
CA TYR D 118 29.68 -6.16 4.09
C TYR D 118 28.16 -6.09 3.97
N TYR D 119 27.61 -4.89 4.22
CA TYR D 119 26.16 -4.72 4.17
C TYR D 119 25.62 -4.71 2.75
N GLN D 120 26.52 -4.70 1.77
CA GLN D 120 26.15 -4.76 0.37
C GLN D 120 25.21 -3.61 -0.02
N TRP D 121 25.54 -2.41 0.47
CA TRP D 121 24.77 -1.20 0.16
C TRP D 121 25.02 -0.73 -1.27
N ASP D 122 23.99 -0.15 -1.89
CA ASP D 122 24.08 0.31 -3.26
C ASP D 122 24.24 1.84 -3.31
N LYS D 123 23.20 2.54 -2.86
CA LYS D 123 23.19 4.00 -2.85
C LYS D 123 22.96 4.55 -1.46
N PHE D 124 23.84 5.45 -1.02
CA PHE D 124 23.73 6.03 0.31
C PHE D 124 24.22 7.48 0.35
N ALA D 125 24.17 8.09 1.54
CA ALA D 125 24.67 9.44 1.73
C ALA D 125 25.82 9.46 2.72
N TYR D 126 26.78 10.37 2.51
CA TYR D 126 28.00 10.40 3.33
C TYR D 126 28.22 11.75 3.98
N LEU D 127 28.15 11.79 5.31
CA LEU D 127 28.38 13.04 6.03
C LEU D 127 29.78 13.06 6.65
N TYR D 128 30.63 13.96 6.15
CA TYR D 128 32.00 14.00 6.62
C TYR D 128 32.41 15.39 7.13
N ASP D 129 33.16 15.40 8.23
CA ASP D 129 33.63 16.65 8.82
C ASP D 129 34.60 17.36 7.87
N SER D 130 35.32 16.58 7.07
CA SER D 130 36.27 17.07 6.08
C SER D 130 37.62 17.45 6.69
N ASP D 131 37.69 17.51 8.02
CA ASP D 131 39.00 17.60 8.66
C ASP D 131 39.78 16.33 8.33
N ARG D 132 39.26 15.20 8.74
CA ARG D 132 39.76 13.92 8.30
C ARG D 132 39.05 13.53 7.01
N GLY D 133 37.92 14.20 6.75
CA GLY D 133 37.00 13.80 5.70
C GLY D 133 37.57 13.62 4.31
N LEU D 134 38.44 14.53 3.89
CA LEU D 134 39.01 14.56 2.55
C LEU D 134 39.57 13.22 2.06
N SER D 135 40.27 12.51 2.95
CA SER D 135 40.99 11.29 2.58
C SER D 135 40.01 10.14 2.35
N THR D 136 39.29 9.78 3.40
CA THR D 136 38.27 8.74 3.33
C THR D 136 37.21 9.08 2.29
N LEU D 137 37.08 10.38 1.97
CA LEU D 137 36.11 10.83 0.97
C LEU D 137 36.60 10.55 -0.44
N GLN D 138 37.85 10.88 -0.72
CA GLN D 138 38.44 10.49 -2.00
C GLN D 138 38.34 8.98 -2.14
N ALA D 139 38.59 8.28 -1.04
CA ALA D 139 38.48 6.83 -1.02
C ALA D 139 37.08 6.33 -1.39
N VAL D 140 36.06 6.82 -0.69
CA VAL D 140 34.69 6.35 -0.93
C VAL D 140 34.10 6.81 -2.26
N LEU D 141 34.58 7.94 -2.78
CA LEU D 141 34.09 8.44 -4.06
C LEU D 141 34.70 7.67 -5.22
N ASP D 142 36.01 7.46 -5.15
CA ASP D 142 36.71 6.67 -6.16
C ASP D 142 36.19 5.23 -6.14
N SER D 143 36.00 4.69 -4.93
CA SER D 143 35.46 3.36 -4.78
C SER D 143 34.00 3.29 -5.24
N ALA D 144 33.29 4.41 -5.11
CA ALA D 144 31.92 4.48 -5.58
C ALA D 144 31.89 4.42 -7.10
N ALA D 145 32.86 5.07 -7.73
CA ALA D 145 32.97 5.03 -9.18
C ALA D 145 33.38 3.63 -9.65
N GLU D 146 34.21 2.97 -8.87
CA GLU D 146 34.68 1.63 -9.18
C GLU D 146 33.59 0.57 -9.00
N LYS D 147 32.93 0.62 -7.85
CA LYS D 147 31.93 -0.38 -7.49
C LYS D 147 30.55 0.03 -7.97
N LYS D 148 30.49 1.11 -8.75
CA LYS D 148 29.27 1.66 -9.36
C LYS D 148 28.23 2.14 -8.33
N TRP D 149 28.70 2.53 -7.16
CA TRP D 149 27.84 3.04 -6.10
C TRP D 149 27.37 4.47 -6.39
N GLN D 150 26.22 4.83 -5.83
CA GLN D 150 25.72 6.19 -5.89
C GLN D 150 25.82 6.82 -4.51
N VAL D 151 26.71 7.79 -4.36
CA VAL D 151 26.96 8.40 -3.06
C VAL D 151 26.68 9.90 -3.04
N THR D 152 25.95 10.34 -2.02
CA THR D 152 25.71 11.75 -1.82
C THR D 152 26.54 12.23 -0.63
N ALA D 153 27.56 13.04 -0.89
CA ALA D 153 28.44 13.51 0.17
C ALA D 153 28.23 14.99 0.48
N ILE D 154 27.82 15.29 1.70
CA ILE D 154 27.58 16.67 2.11
C ILE D 154 28.54 17.07 3.23
N ASN D 155 29.25 18.18 3.03
CA ASN D 155 30.16 18.68 4.04
C ASN D 155 29.40 19.33 5.19
N VAL D 156 29.65 18.83 6.40
CA VAL D 156 28.97 19.31 7.59
C VAL D 156 29.83 20.37 8.29
N GLY D 157 31.02 20.61 7.75
CA GLY D 157 31.97 21.53 8.36
C GLY D 157 31.74 23.00 8.07
N ASN D 158 31.03 23.29 6.98
CA ASN D 158 30.84 24.68 6.57
C ASN D 158 29.75 25.41 7.36
N ILE D 159 28.87 24.65 8.00
CA ILE D 159 27.77 25.25 8.74
C ILE D 159 28.23 25.88 10.06
N ASN D 160 27.74 27.08 10.32
CA ASN D 160 28.06 27.80 11.55
C ASN D 160 27.43 27.13 12.76
N ASN D 161 28.10 27.23 13.91
CA ASN D 161 27.62 26.55 15.12
C ASN D 161 26.26 27.06 15.60
N ASP D 162 26.05 28.36 15.50
CA ASP D 162 24.73 28.92 15.76
C ASP D 162 23.80 28.49 14.63
N LYS D 163 22.56 28.20 14.97
CA LYS D 163 21.57 27.71 14.01
C LYS D 163 22.03 26.43 13.32
N LYS D 164 22.75 25.58 14.05
CA LYS D 164 23.25 24.32 13.50
C LYS D 164 22.13 23.30 13.33
N ASP D 165 21.36 23.06 14.39
CA ASP D 165 20.27 22.09 14.38
C ASP D 165 19.27 22.38 13.25
N GLU D 166 19.02 23.66 13.02
CA GLU D 166 18.12 24.10 11.96
C GLU D 166 18.61 23.58 10.61
N THR D 167 19.87 23.85 10.31
CA THR D 167 20.49 23.38 9.07
C THR D 167 20.51 21.85 9.01
N TYR D 168 20.64 21.19 10.16
CA TYR D 168 20.60 19.74 10.21
C TYR D 168 19.25 19.19 9.76
N ARG D 169 18.17 19.73 10.33
CA ARG D 169 16.82 19.32 9.93
C ARG D 169 16.58 19.64 8.46
N SER D 170 17.00 20.84 8.05
CA SER D 170 16.85 21.30 6.67
C SER D 170 17.60 20.38 5.71
N LEU D 171 18.63 19.72 6.23
CA LEU D 171 19.39 18.73 5.48
C LEU D 171 18.64 17.40 5.41
N PHE D 172 18.13 16.94 6.55
CA PHE D 172 17.48 15.64 6.62
C PHE D 172 16.18 15.55 5.82
N GLN D 173 15.43 16.65 5.77
CA GLN D 173 14.22 16.67 4.95
C GLN D 173 14.60 16.46 3.48
N ASP D 174 15.71 17.07 3.08
CA ASP D 174 16.21 16.94 1.72
C ASP D 174 16.75 15.53 1.50
N LEU D 175 17.15 14.86 2.58
CA LEU D 175 17.52 13.46 2.50
C LEU D 175 16.29 12.58 2.30
N GLU D 176 15.15 13.05 2.81
CA GLU D 176 13.88 12.37 2.60
C GLU D 176 13.40 12.58 1.17
N LEU D 177 13.75 13.73 0.60
CA LEU D 177 13.44 14.01 -0.80
C LEU D 177 14.04 12.95 -1.73
N LYS D 178 15.25 12.51 -1.40
CA LYS D 178 15.92 11.46 -2.15
C LYS D 178 15.58 10.09 -1.58
N LYS D 179 14.77 10.07 -0.52
CA LYS D 179 14.32 8.84 0.11
C LYS D 179 15.49 7.98 0.61
N GLU D 180 16.47 8.61 1.25
CA GLU D 180 17.67 7.90 1.71
C GLU D 180 17.42 7.17 3.03
N ARG D 181 17.54 5.85 3.01
CA ARG D 181 17.35 5.03 4.20
C ARG D 181 18.64 4.60 4.90
N ARG D 182 19.78 4.94 4.30
CA ARG D 182 21.07 4.50 4.84
C ARG D 182 22.09 5.63 4.87
N VAL D 183 22.58 5.96 6.07
CA VAL D 183 23.50 7.08 6.22
C VAL D 183 24.78 6.68 6.96
N ILE D 184 25.90 7.31 6.59
CA ILE D 184 27.18 7.06 7.26
C ILE D 184 27.85 8.37 7.69
N LEU D 185 28.34 8.42 8.93
CA LEU D 185 28.98 9.62 9.47
C LEU D 185 30.36 9.31 10.04
N ASP D 186 31.41 9.86 9.42
CA ASP D 186 32.78 9.66 9.91
C ASP D 186 33.29 10.81 10.78
N CYS D 187 32.42 11.77 11.06
CA CYS D 187 32.79 12.96 11.83
C CYS D 187 33.16 12.60 13.27
N GLU D 188 33.87 13.50 13.94
CA GLU D 188 34.35 13.24 15.30
C GLU D 188 33.20 13.10 16.29
N ARG D 189 33.47 12.43 17.40
CA ARG D 189 32.45 12.04 18.38
C ARG D 189 31.53 13.17 18.85
N ASP D 190 32.11 14.33 19.13
CA ASP D 190 31.36 15.48 19.62
C ASP D 190 30.25 15.89 18.64
N LYS D 191 30.61 15.95 17.37
CA LYS D 191 29.67 16.37 16.34
C LYS D 191 28.60 15.31 16.06
N VAL D 192 29.05 14.08 15.85
CA VAL D 192 28.15 12.97 15.55
C VAL D 192 27.14 12.76 16.69
N ASN D 193 27.53 13.05 17.92
CA ASN D 193 26.56 13.03 19.02
C ASN D 193 25.39 13.99 18.74
N ASP D 194 25.72 15.21 18.35
CA ASP D 194 24.70 16.22 18.06
C ASP D 194 23.84 15.82 16.87
N ILE D 195 24.48 15.33 15.83
CA ILE D 195 23.77 14.91 14.62
C ILE D 195 22.82 13.75 14.92
N VAL D 196 23.25 12.81 15.76
CA VAL D 196 22.40 11.70 16.18
C VAL D 196 21.23 12.22 17.00
N ASP D 197 21.49 13.18 17.87
CA ASP D 197 20.42 13.85 18.62
C ASP D 197 19.37 14.38 17.66
N GLN D 198 19.82 15.07 16.62
CA GLN D 198 18.91 15.59 15.60
C GLN D 198 18.14 14.46 14.93
N VAL D 199 18.84 13.36 14.63
CA VAL D 199 18.23 12.18 14.02
C VAL D 199 17.05 11.68 14.84
N ILE D 200 17.25 11.57 16.15
CA ILE D 200 16.21 11.14 17.05
C ILE D 200 15.09 12.18 17.14
N THR D 201 15.43 13.45 16.98
CA THR D 201 14.42 14.51 17.01
C THR D 201 13.48 14.43 15.80
N ILE D 202 14.03 14.10 14.64
CA ILE D 202 13.28 14.02 13.39
C ILE D 202 12.58 12.65 13.22
N GLY D 203 12.91 11.71 14.11
CA GLY D 203 12.26 10.41 14.09
C GLY D 203 12.66 9.57 12.90
N LYS D 204 13.92 9.70 12.49
CA LYS D 204 14.45 8.92 11.39
C LYS D 204 15.13 7.66 11.91
N HIS D 205 15.01 7.41 13.21
CA HIS D 205 15.57 6.21 13.85
C HIS D 205 14.58 5.04 13.86
N VAL D 206 13.45 5.23 13.19
CA VAL D 206 12.46 4.17 13.00
C VAL D 206 12.99 3.06 12.08
N LYS D 207 12.33 1.91 12.10
CA LYS D 207 12.71 0.77 11.26
C LYS D 207 12.75 1.15 9.78
N GLY D 208 13.63 0.50 9.03
CA GLY D 208 13.81 0.79 7.62
C GLY D 208 14.97 1.74 7.43
N TYR D 209 15.51 2.24 8.54
CA TYR D 209 16.64 3.16 8.52
C TYR D 209 17.88 2.48 9.08
N HIS D 210 19.03 2.81 8.50
CA HIS D 210 20.30 2.24 8.95
C HIS D 210 21.38 3.31 9.06
N TYR D 211 22.02 3.35 10.23
CA TYR D 211 23.10 4.32 10.46
C TYR D 211 24.44 3.64 10.71
N ILE D 212 25.48 4.21 10.14
CA ILE D 212 26.83 3.73 10.38
C ILE D 212 27.71 4.85 10.95
N ILE D 213 28.18 4.66 12.17
CA ILE D 213 29.08 5.62 12.79
C ILE D 213 30.52 5.24 12.50
N ALA D 214 31.23 6.10 11.76
CA ALA D 214 32.63 5.81 11.52
C ALA D 214 33.47 6.65 12.44
N ASN D 215 34.00 5.99 13.47
CA ASN D 215 34.84 6.63 14.46
C ASN D 215 35.59 5.52 15.16
N LEU D 216 36.66 5.86 15.86
CA LEU D 216 37.36 4.83 16.62
C LEU D 216 36.50 4.42 17.82
N GLY D 217 35.71 5.37 18.31
CA GLY D 217 34.76 5.09 19.37
C GLY D 217 33.39 4.69 18.86
N PHE D 218 32.72 3.84 19.63
CA PHE D 218 31.32 3.50 19.37
C PHE D 218 30.53 3.60 20.67
N THR D 219 30.88 2.75 21.63
CA THR D 219 30.29 2.78 22.96
C THR D 219 30.67 4.08 23.68
N ASP D 220 31.66 4.78 23.13
CA ASP D 220 32.05 6.10 23.61
C ASP D 220 30.85 7.06 23.60
N GLY D 221 30.20 7.18 22.44
CA GLY D 221 28.98 7.96 22.32
C GLY D 221 27.81 7.17 22.85
N ASP D 222 26.66 7.82 23.00
CA ASP D 222 25.51 7.17 23.60
C ASP D 222 24.78 6.27 22.62
N LEU D 223 24.75 4.98 22.92
CA LEU D 223 24.02 4.02 22.11
C LEU D 223 22.62 3.80 22.66
N LEU D 224 22.36 4.30 23.86
CA LEU D 224 21.16 3.94 24.60
C LEU D 224 19.89 4.62 24.09
N LYS D 225 19.96 5.92 23.84
CA LYS D 225 18.80 6.68 23.40
C LYS D 225 18.32 6.24 22.02
N ILE D 226 19.26 5.80 21.19
CA ILE D 226 18.95 5.40 19.82
C ILE D 226 18.77 3.88 19.73
N GLN D 227 18.88 3.20 20.88
CA GLN D 227 18.83 1.75 20.92
C GLN D 227 17.44 1.18 20.67
N PHE D 228 16.44 1.78 21.33
CA PHE D 228 15.07 1.29 21.26
C PHE D 228 14.35 1.84 20.04
N GLY D 229 15.08 2.59 19.22
CA GLY D 229 14.52 3.26 18.06
C GLY D 229 13.96 2.33 17.00
N GLY D 230 14.61 1.19 16.83
CA GLY D 230 14.16 0.22 15.84
C GLY D 230 15.05 0.19 14.62
N ALA D 231 15.81 1.26 14.42
CA ALA D 231 16.78 1.32 13.34
C ALA D 231 18.01 0.52 13.70
N GLU D 232 18.73 0.08 12.68
CA GLU D 232 19.96 -0.67 12.88
C GLU D 232 21.18 0.23 12.77
N VAL D 233 22.02 0.18 13.78
CA VAL D 233 23.21 1.02 13.85
C VAL D 233 24.48 0.17 13.90
N SER D 234 25.50 0.56 13.16
CA SER D 234 26.77 -0.16 13.18
C SER D 234 27.98 0.78 13.22
N GLY D 235 28.94 0.47 14.10
CA GLY D 235 30.14 1.27 14.24
C GLY D 235 31.25 0.42 14.82
N PHE D 236 32.46 0.96 14.88
CA PHE D 236 33.60 0.17 15.33
C PHE D 236 34.34 0.80 16.51
N GLN D 237 34.71 -0.04 17.46
CA GLN D 237 35.45 0.40 18.64
C GLN D 237 36.88 -0.16 18.67
N ILE D 238 37.84 0.71 18.94
CA ILE D 238 39.24 0.34 19.06
C ILE D 238 39.57 -0.26 20.44
N VAL D 239 38.86 0.18 21.47
CA VAL D 239 39.13 -0.29 22.83
C VAL D 239 38.20 -1.41 23.24
N ASP D 240 38.76 -2.61 23.38
CA ASP D 240 38.00 -3.79 23.74
C ASP D 240 38.03 -3.96 25.26
N TYR D 241 36.86 -3.83 25.90
CA TYR D 241 36.79 -3.92 27.36
C TYR D 241 36.97 -5.35 27.87
N ASP D 242 37.03 -6.29 26.94
CA ASP D 242 37.22 -7.70 27.27
C ASP D 242 38.65 -7.99 27.72
N ASP D 243 39.62 -7.28 27.15
CA ASP D 243 41.03 -7.51 27.45
C ASP D 243 41.37 -7.30 28.93
N SER D 244 42.26 -8.15 29.45
CA SER D 244 42.66 -8.10 30.85
C SER D 244 43.39 -6.81 31.19
N LEU D 245 44.26 -6.35 30.29
CA LEU D 245 44.95 -5.08 30.45
C LEU D 245 43.90 -3.97 30.53
N VAL D 246 42.99 -3.98 29.58
CA VAL D 246 41.93 -2.98 29.51
C VAL D 246 41.06 -3.02 30.75
N SER D 247 40.57 -4.20 31.12
CA SER D 247 39.66 -4.34 32.25
C SER D 247 40.31 -3.96 33.59
N LYS D 248 41.58 -4.34 33.77
CA LYS D 248 42.31 -3.99 34.99
C LYS D 248 42.51 -2.47 35.04
N PHE D 249 42.86 -1.91 33.88
CA PHE D 249 42.99 -0.46 33.75
C PHE D 249 41.68 0.23 34.07
N ILE D 250 40.57 -0.46 33.78
CA ILE D 250 39.23 0.09 34.00
C ILE D 250 38.85 0.03 35.46
N GLU D 251 39.31 -1.02 36.14
CA GLU D 251 39.11 -1.14 37.58
C GLU D 251 39.88 -0.03 38.30
N ARG D 252 41.15 0.14 37.90
CA ARG D 252 41.97 1.20 38.47
C ARG D 252 41.40 2.58 38.15
N TRP D 253 40.89 2.72 36.94
CA TRP D 253 40.29 3.95 36.44
C TRP D 253 39.09 4.30 37.32
N SER D 254 38.23 3.31 37.54
CA SER D 254 37.03 3.47 38.36
C SER D 254 37.38 3.77 39.82
N THR D 255 38.52 3.23 40.27
CA THR D 255 38.98 3.46 41.64
C THR D 255 39.29 4.95 41.90
N LEU D 256 39.77 5.63 40.87
CA LEU D 256 40.22 7.02 40.99
C LEU D 256 39.11 7.98 41.40
N GLU D 257 39.48 9.04 42.11
CA GLU D 257 38.52 10.04 42.58
C GLU D 257 38.03 10.91 41.43
N GLU D 258 36.72 11.18 41.40
CA GLU D 258 36.12 11.98 40.34
C GLU D 258 36.57 13.44 40.40
N LYS D 259 36.90 13.91 41.61
CA LYS D 259 37.33 15.29 41.80
C LYS D 259 38.79 15.49 41.38
N GLU D 260 39.66 14.57 41.81
CA GLU D 260 41.09 14.65 41.50
C GLU D 260 41.35 14.43 40.02
N TYR D 261 40.86 13.31 39.51
CA TYR D 261 40.96 13.00 38.09
C TYR D 261 39.59 13.16 37.43
N PRO D 262 39.44 14.16 36.55
CA PRO D 262 38.19 14.39 35.82
C PRO D 262 37.81 13.21 34.92
N GLY D 263 36.56 12.77 35.01
CA GLY D 263 36.05 11.69 34.19
C GLY D 263 36.73 10.36 34.44
N ALA D 264 37.19 10.15 35.67
CA ALA D 264 37.94 8.95 36.03
C ALA D 264 37.08 7.72 36.31
N HIS D 265 35.99 7.90 37.06
CA HIS D 265 35.22 6.75 37.56
C HIS D 265 34.51 5.96 36.46
N THR D 266 34.44 6.53 35.26
CA THR D 266 33.77 5.89 34.14
C THR D 266 34.39 4.54 33.79
N ALA D 267 33.57 3.50 33.72
CA ALA D 267 34.05 2.18 33.32
C ALA D 267 34.40 2.20 31.84
N THR D 268 33.86 3.18 31.13
CA THR D 268 34.19 3.36 29.72
C THR D 268 35.16 4.53 29.57
N ILE D 269 36.20 4.33 28.76
CA ILE D 269 37.15 5.40 28.51
C ILE D 269 37.13 5.80 27.03
N LYS D 270 37.17 7.10 26.78
CA LYS D 270 37.19 7.61 25.42
C LYS D 270 38.43 7.09 24.69
N TYR D 271 38.28 6.81 23.41
CA TYR D 271 39.39 6.24 22.63
C TYR D 271 40.55 7.23 22.52
N THR D 272 40.24 8.53 22.60
CA THR D 272 41.26 9.56 22.57
C THR D 272 42.11 9.54 23.84
N SER D 273 41.45 9.35 24.98
CA SER D 273 42.14 9.25 26.26
C SER D 273 43.02 8.01 26.30
N ALA D 274 42.47 6.90 25.83
CA ALA D 274 43.21 5.64 25.77
C ALA D 274 44.42 5.78 24.85
N LEU D 275 44.23 6.48 23.73
CA LEU D 275 45.32 6.76 22.80
C LEU D 275 46.38 7.64 23.43
N THR D 276 45.96 8.56 24.29
CA THR D 276 46.91 9.42 25.01
C THR D 276 47.75 8.61 25.99
N TYR D 277 47.08 7.76 26.77
CA TYR D 277 47.72 6.84 27.71
C TYR D 277 48.76 5.96 27.01
N ASP D 278 48.31 5.28 25.96
CA ASP D 278 49.16 4.42 25.18
C ASP D 278 50.29 5.20 24.51
N ALA D 279 50.03 6.47 24.23
CA ALA D 279 51.05 7.36 23.67
C ALA D 279 52.15 7.61 24.69
N VAL D 280 51.75 7.82 25.93
CA VAL D 280 52.69 7.97 27.03
C VAL D 280 53.56 6.72 27.11
N GLN D 281 52.92 5.55 27.04
CA GLN D 281 53.67 4.30 27.05
C GLN D 281 54.69 4.23 25.90
N VAL D 282 54.23 4.58 24.70
CA VAL D 282 55.08 4.57 23.52
C VAL D 282 56.29 5.49 23.69
N MET D 283 56.08 6.65 24.29
CA MET D 283 57.18 7.57 24.57
C MET D 283 58.19 6.97 25.56
N THR D 284 57.65 6.39 26.64
CA THR D 284 58.49 5.70 27.62
C THR D 284 59.38 4.65 26.95
N GLU D 285 58.77 3.75 26.19
CA GLU D 285 59.51 2.70 25.51
C GLU D 285 60.39 3.27 24.38
N ALA D 286 60.12 4.50 23.98
CA ALA D 286 60.92 5.17 22.94
C ALA D 286 62.24 5.63 23.51
N PHE D 287 62.19 6.32 24.64
CA PHE D 287 63.42 6.77 25.28
C PHE D 287 64.16 5.59 25.91
N ARG D 288 63.41 4.56 26.27
CA ARG D 288 63.97 3.31 26.76
C ARG D 288 64.76 2.65 25.62
N ASN D 289 64.15 2.59 24.45
CA ASN D 289 64.82 2.07 23.26
C ASN D 289 65.99 2.96 22.83
N LEU D 290 65.95 4.22 23.23
CA LEU D 290 67.05 5.14 22.97
C LEU D 290 68.20 4.89 23.94
N ARG D 291 67.88 4.42 25.13
CA ARG D 291 68.91 4.05 26.12
C ARG D 291 69.51 2.66 25.86
N LYS D 292 68.73 1.77 25.25
CA LYS D 292 69.23 0.44 24.94
C LYS D 292 70.12 0.47 23.69
N GLN D 293 69.90 1.45 22.83
CA GLN D 293 70.66 1.57 21.58
C GLN D 293 71.93 2.40 21.77
N ARG D 294 72.18 2.84 23.00
CA ARG D 294 73.39 3.58 23.36
C ARG D 294 73.50 4.89 22.58
N ILE D 295 72.36 5.45 22.19
CA ILE D 295 72.29 6.71 21.46
C ILE D 295 72.04 7.88 22.41
N GLU D 296 72.89 8.89 22.36
CA GLU D 296 72.78 10.03 23.27
C GLU D 296 72.06 11.21 22.64
N ILE D 297 70.84 11.48 23.12
CA ILE D 297 70.04 12.57 22.57
C ILE D 297 70.19 13.91 23.29
N SER D 298 70.80 13.88 24.48
CA SER D 298 70.78 15.04 25.37
C SER D 298 71.45 16.28 24.76
N ARG D 299 70.74 17.41 24.78
CA ARG D 299 71.26 18.63 24.19
C ARG D 299 71.90 19.57 25.22
N ARG D 300 73.07 20.09 24.89
CA ARG D 300 73.71 21.12 25.70
C ARG D 300 73.09 22.46 25.33
N GLY D 301 72.51 22.52 24.13
CA GLY D 301 72.10 23.77 23.55
C GLY D 301 71.01 24.54 24.26
N ASN D 302 71.23 25.84 24.41
CA ASN D 302 70.17 26.77 24.75
C ASN D 302 69.38 26.99 23.46
N ALA D 303 68.10 26.62 23.48
CA ALA D 303 67.35 26.47 22.24
C ALA D 303 66.97 27.78 21.55
N GLY D 304 66.52 28.76 22.33
CA GLY D 304 66.16 30.06 21.80
C GLY D 304 64.89 30.09 20.97
N ASP D 305 64.85 31.00 20.00
CA ASP D 305 63.65 31.26 19.21
C ASP D 305 63.47 30.29 18.05
N CYS D 306 62.23 29.83 17.86
CA CYS D 306 61.90 28.90 16.79
C CYS D 306 61.68 29.60 15.45
N LEU D 307 61.41 30.90 15.51
CA LEU D 307 61.13 31.69 14.31
C LEU D 307 62.42 32.13 13.63
N ALA D 308 63.55 31.93 14.31
CA ALA D 308 64.86 32.40 13.87
C ALA D 308 65.21 31.97 12.44
N ASN D 309 65.61 32.94 11.62
CA ASN D 309 65.95 32.69 10.22
C ASN D 309 67.44 32.88 9.96
N PRO D 310 68.12 31.83 9.47
CA PRO D 310 67.59 30.48 9.25
C PRO D 310 67.52 29.65 10.53
N ALA D 311 66.63 28.66 10.56
CA ALA D 311 66.51 27.79 11.71
C ALA D 311 67.15 26.43 11.46
N VAL D 312 68.13 26.08 12.28
CA VAL D 312 68.78 24.77 12.17
C VAL D 312 68.24 23.80 13.21
N PRO D 313 67.63 22.71 12.73
CA PRO D 313 67.13 21.66 13.63
C PRO D 313 68.29 20.83 14.19
N TRP D 314 68.10 20.25 15.38
CA TRP D 314 69.14 19.43 15.98
C TRP D 314 69.19 18.02 15.37
N GLY D 315 70.39 17.50 15.18
CA GLY D 315 70.57 16.20 14.58
C GLY D 315 70.04 15.10 15.47
N GLN D 316 70.32 15.22 16.77
CA GLN D 316 69.92 14.20 17.74
C GLN D 316 68.41 13.98 17.77
N GLY D 317 67.66 14.94 17.25
CA GLY D 317 66.22 14.83 17.15
C GLY D 317 65.79 13.70 16.22
N VAL D 318 66.50 13.54 15.11
CA VAL D 318 66.12 12.54 14.11
C VAL D 318 66.02 11.15 14.72
N GLU D 319 67.07 10.76 15.44
CA GLU D 319 67.12 9.45 16.08
C GLU D 319 65.99 9.24 17.10
N ILE D 320 65.40 10.32 17.59
CA ILE D 320 64.22 10.18 18.44
C ILE D 320 63.09 9.62 17.58
N GLU D 321 62.81 10.33 16.48
CA GLU D 321 61.72 9.96 15.59
C GLU D 321 61.83 8.52 15.16
N ARG D 322 63.00 8.16 14.63
CA ARG D 322 63.29 6.81 14.20
C ARG D 322 62.97 5.81 15.31
N ALA D 323 63.44 6.12 16.52
CA ALA D 323 63.22 5.24 17.66
C ALA D 323 61.72 5.05 17.89
N LEU D 324 60.99 6.17 17.82
CA LEU D 324 59.54 6.16 18.02
C LEU D 324 58.87 5.25 17.01
N LYS D 325 59.44 5.15 15.82
CA LYS D 325 58.89 4.30 14.77
C LYS D 325 59.26 2.83 14.98
N GLN D 326 60.42 2.59 15.62
CA GLN D 326 60.87 1.23 15.88
C GLN D 326 59.99 0.58 16.94
N VAL D 327 59.51 1.39 17.86
CA VAL D 327 58.79 0.91 19.05
C VAL D 327 57.51 0.15 18.73
N GLN D 328 57.42 -1.06 19.28
CA GLN D 328 56.21 -1.86 19.17
C GLN D 328 55.79 -2.32 20.57
N VAL D 329 54.63 -1.87 21.04
CA VAL D 329 54.23 -2.15 22.42
C VAL D 329 52.77 -2.57 22.59
N GLU D 330 52.46 -3.08 23.78
CA GLU D 330 51.10 -3.48 24.11
C GLU D 330 50.41 -2.40 24.94
N GLY D 331 49.14 -2.12 24.63
CA GLY D 331 48.42 -1.06 25.31
C GLY D 331 46.91 -1.21 25.24
N LEU D 332 46.20 -0.18 25.70
CA LEU D 332 44.74 -0.19 25.70
C LEU D 332 44.15 -0.17 24.29
N SER D 333 44.90 0.39 23.34
CA SER D 333 44.46 0.45 21.96
C SER D 333 44.83 -0.82 21.20
N GLY D 334 45.39 -1.80 21.91
CA GLY D 334 45.81 -3.05 21.31
C GLY D 334 47.27 -3.01 20.91
N ASN D 335 47.63 -3.81 19.92
CA ASN D 335 48.99 -3.82 19.40
C ASN D 335 49.37 -2.49 18.79
N ILE D 336 50.48 -1.91 19.26
CA ILE D 336 50.94 -0.62 18.80
C ILE D 336 52.22 -0.75 17.98
N LYS D 337 52.11 -0.47 16.69
CA LYS D 337 53.22 -0.60 15.75
C LYS D 337 53.11 0.50 14.70
N PHE D 338 54.26 0.95 14.19
CA PHE D 338 54.27 2.07 13.26
C PHE D 338 55.06 1.76 11.98
N ASP D 339 54.62 2.31 10.85
CA ASP D 339 55.38 2.21 9.62
C ASP D 339 56.30 3.42 9.48
N GLN D 340 57.00 3.51 8.35
CA GLN D 340 57.96 4.59 8.13
C GLN D 340 57.31 5.96 8.02
N ASN D 341 56.08 6.01 7.51
CA ASN D 341 55.40 7.28 7.28
C ASN D 341 54.76 7.86 8.54
N GLY D 342 54.66 7.04 9.59
CA GLY D 342 54.10 7.50 10.85
C GLY D 342 52.69 7.02 11.08
N LYS D 343 52.13 6.32 10.11
CA LYS D 343 50.78 5.77 10.22
C LYS D 343 50.74 4.61 11.21
N ARG D 344 49.57 4.33 11.76
CA ARG D 344 49.40 3.17 12.62
C ARG D 344 49.23 1.91 11.77
N ILE D 345 49.94 0.85 12.16
CA ILE D 345 49.75 -0.47 11.56
C ILE D 345 49.64 -1.49 12.67
N ASN D 346 49.24 -2.71 12.31
CA ASN D 346 49.06 -3.80 13.27
C ASN D 346 47.95 -3.48 14.29
N TYR D 347 47.04 -2.60 13.89
CA TYR D 347 45.86 -2.32 14.71
C TYR D 347 44.78 -3.37 14.51
N THR D 348 43.94 -3.54 15.52
CA THR D 348 42.80 -4.43 15.45
C THR D 348 41.57 -3.70 15.97
N ILE D 349 40.58 -3.47 15.10
CA ILE D 349 39.40 -2.73 15.51
C ILE D 349 38.15 -3.61 15.50
N ASN D 350 37.42 -3.61 16.61
CA ASN D 350 36.23 -4.44 16.72
C ASN D 350 35.04 -3.80 16.03
N ILE D 351 34.50 -4.50 15.03
CA ILE D 351 33.29 -4.04 14.36
C ILE D 351 32.08 -4.49 15.17
N MET D 352 31.18 -3.56 15.43
CA MET D 352 30.08 -3.77 16.36
C MET D 352 28.73 -3.29 15.81
N GLU D 353 27.68 -4.03 16.14
CA GLU D 353 26.32 -3.62 15.82
C GLU D 353 25.57 -3.32 17.11
N LEU D 354 24.68 -2.33 17.05
CA LEU D 354 23.88 -1.96 18.20
C LEU D 354 22.58 -2.76 18.24
N LYS D 355 22.35 -3.46 19.35
CA LYS D 355 21.20 -4.33 19.49
C LYS D 355 20.43 -4.05 20.78
N THR D 356 19.21 -4.59 20.87
CA THR D 356 18.33 -4.40 22.02
C THR D 356 19.01 -4.80 23.34
N ASN D 357 19.68 -5.95 23.33
CA ASN D 357 20.39 -6.43 24.51
C ASN D 357 21.55 -5.53 24.93
N GLY D 358 22.09 -4.79 23.96
CA GLY D 358 23.18 -3.86 24.22
C GLY D 358 24.13 -3.80 23.04
N PRO D 359 25.28 -3.13 23.21
CA PRO D 359 26.30 -3.13 22.16
C PRO D 359 26.86 -4.54 21.99
N ARG D 360 26.92 -5.04 20.76
CA ARG D 360 27.37 -6.40 20.50
C ARG D 360 28.62 -6.41 19.63
N LYS D 361 29.34 -7.53 19.68
CA LYS D 361 30.52 -7.71 18.85
C LYS D 361 30.16 -8.59 17.66
N ILE D 362 30.03 -7.98 16.48
CA ILE D 362 29.79 -8.72 15.25
C ILE D 362 31.07 -9.24 14.60
N GLY D 363 32.13 -8.42 14.61
CA GLY D 363 33.34 -8.78 13.91
C GLY D 363 34.60 -8.03 14.32
N TYR D 364 35.66 -8.19 13.53
CA TYR D 364 36.89 -7.44 13.75
C TYR D 364 37.62 -7.17 12.43
N TRP D 365 38.49 -6.17 12.44
CA TRP D 365 39.21 -5.75 11.23
C TRP D 365 40.67 -5.43 11.49
N SER D 366 41.51 -5.91 10.59
CA SER D 366 42.92 -5.53 10.52
C SER D 366 43.24 -5.40 9.03
N GLU D 367 44.29 -4.66 8.70
CA GLU D 367 44.66 -4.48 7.30
C GLU D 367 44.99 -5.81 6.64
N VAL D 368 45.58 -6.72 7.41
CA VAL D 368 45.98 -8.03 6.90
C VAL D 368 44.81 -9.00 6.78
N ASP D 369 43.89 -8.97 7.75
CA ASP D 369 42.82 -9.95 7.83
C ASP D 369 41.50 -9.51 7.20
N LYS D 370 41.48 -8.27 6.69
CA LYS D 370 40.27 -7.67 6.13
C LYS D 370 39.13 -7.68 7.15
N MET D 371 37.92 -7.96 6.68
CA MET D 371 36.73 -7.98 7.52
C MET D 371 36.41 -9.39 7.98
N VAL D 372 36.54 -9.65 9.28
CA VAL D 372 36.32 -11.00 9.78
C VAL D 372 35.11 -11.09 10.72
N VAL D 373 34.20 -12.01 10.41
CA VAL D 373 33.04 -12.25 11.26
C VAL D 373 33.42 -13.10 12.47
N THR D 374 32.71 -12.87 13.57
CA THR D 374 33.01 -13.56 14.83
C THR D 374 31.77 -13.80 15.69
N LEU D 375 32.03 -14.13 16.96
CA LEU D 375 31.01 -14.49 17.94
C LEU D 375 30.18 -15.69 17.53
N THR D 376 28.89 -15.63 17.84
CA THR D 376 27.98 -16.74 17.61
C THR D 376 27.36 -16.80 16.21
N GLU D 377 27.15 -15.63 15.60
CA GLU D 377 26.39 -15.48 14.35
C GLU D 377 24.88 -15.72 14.57
N ASP D 378 24.53 -16.09 15.80
CA ASP D 378 23.17 -16.45 16.17
C ASP D 378 22.12 -15.43 15.75
N ASP D 379 21.08 -15.95 15.10
CA ASP D 379 19.93 -15.15 14.69
C ASP D 379 18.79 -15.31 15.68
N THR D 380 18.32 -16.55 15.84
CA THR D 380 17.19 -16.88 16.70
C THR D 380 15.94 -16.07 16.34
N SER D 381 15.55 -16.15 15.08
CA SER D 381 14.43 -15.37 14.56
C SER D 381 13.07 -15.90 15.04
N GLY D 382 13.06 -17.10 15.62
CA GLY D 382 11.82 -17.72 16.05
C GLY D 382 11.25 -17.12 17.33
N LEU D 383 10.01 -17.50 17.62
CA LEU D 383 9.29 -17.10 18.83
C LEU D 383 9.34 -15.62 19.20
N GLU D 384 9.26 -14.73 18.22
CA GLU D 384 9.29 -13.30 18.50
C GLU D 384 7.90 -12.72 18.76
N GLN D 385 7.78 -12.05 19.90
CA GLN D 385 6.53 -11.49 20.43
C GLN D 385 5.37 -12.49 20.39
N LYS D 386 4.17 -12.00 20.08
CA LYS D 386 3.01 -12.85 19.83
C LYS D 386 2.14 -12.24 18.75
N THR D 387 1.73 -13.06 17.80
CA THR D 387 0.80 -12.62 16.76
C THR D 387 -0.26 -13.70 16.57
N VAL D 388 -1.38 -13.31 15.97
CA VAL D 388 -2.49 -14.22 15.73
C VAL D 388 -2.02 -15.40 14.88
N VAL D 389 -2.26 -16.62 15.35
CA VAL D 389 -1.78 -17.79 14.63
C VAL D 389 -2.89 -18.41 13.79
N VAL D 390 -2.74 -18.29 12.47
CA VAL D 390 -3.68 -18.85 11.53
C VAL D 390 -3.14 -20.18 11.00
N THR D 391 -3.81 -21.28 11.35
CA THR D 391 -3.36 -22.58 10.88
C THR D 391 -4.14 -23.01 9.64
N THR D 392 -3.42 -23.54 8.67
CA THR D 392 -4.01 -23.94 7.39
C THR D 392 -3.38 -25.23 6.87
N ILE D 393 -4.01 -25.82 5.87
CA ILE D 393 -3.52 -27.05 5.28
C ILE D 393 -3.12 -26.83 3.82
N LEU D 394 -2.13 -27.60 3.35
CA LEU D 394 -1.70 -27.46 1.97
C LEU D 394 -2.66 -28.17 1.03
N GLU D 395 -3.30 -27.39 0.17
CA GLU D 395 -4.17 -27.92 -0.86
C GLU D 395 -4.18 -26.93 -2.02
N SER D 396 -4.22 -27.44 -3.25
CA SER D 396 -4.33 -26.56 -4.41
C SER D 396 -5.78 -26.38 -4.86
N PRO D 397 -6.14 -25.14 -5.24
CA PRO D 397 -5.28 -23.97 -5.11
C PRO D 397 -5.52 -23.22 -3.80
N TYR D 398 -5.62 -23.90 -2.67
CA TYR D 398 -5.90 -23.20 -1.41
C TYR D 398 -4.65 -22.64 -0.75
N VAL D 399 -3.60 -23.47 -0.67
CA VAL D 399 -2.30 -23.05 -0.18
C VAL D 399 -1.23 -23.72 -1.03
N MET D 400 -0.28 -22.94 -1.54
CA MET D 400 0.78 -23.51 -2.37
C MET D 400 2.13 -22.88 -2.05
N MET D 401 3.18 -23.67 -2.25
CA MET D 401 4.55 -23.20 -2.09
C MET D 401 4.95 -22.48 -3.36
N LYS D 402 5.48 -21.27 -3.23
CA LYS D 402 6.01 -20.57 -4.39
C LYS D 402 7.28 -21.28 -4.83
N LYS D 403 7.62 -21.16 -6.12
CA LYS D 403 8.79 -21.86 -6.67
C LYS D 403 10.06 -21.48 -5.93
N ASN D 404 10.08 -20.26 -5.41
CA ASN D 404 11.23 -19.70 -4.70
C ASN D 404 11.20 -19.87 -3.17
N HIS D 405 10.25 -20.67 -2.69
CA HIS D 405 9.97 -20.79 -1.26
C HIS D 405 11.19 -21.06 -0.39
N GLU D 406 12.21 -21.69 -0.97
CA GLU D 406 13.47 -21.91 -0.26
C GLU D 406 14.09 -20.57 0.14
N MET D 407 14.00 -19.59 -0.75
CA MET D 407 14.50 -18.25 -0.48
C MET D 407 13.53 -17.43 0.37
N LEU D 408 12.23 -17.52 0.08
CA LEU D 408 11.24 -16.72 0.81
C LEU D 408 11.14 -17.11 2.29
N GLU D 409 10.66 -16.17 3.11
CA GLU D 409 10.61 -16.36 4.55
C GLU D 409 9.26 -15.98 5.14
N GLY D 410 8.72 -16.87 5.96
CA GLY D 410 7.48 -16.61 6.68
C GLY D 410 6.24 -16.61 5.81
N ASN D 411 5.27 -15.76 6.17
CA ASN D 411 3.98 -15.72 5.48
C ASN D 411 4.10 -15.56 3.96
N GLU D 412 5.22 -15.02 3.52
CA GLU D 412 5.45 -14.76 2.10
C GLU D 412 5.56 -16.03 1.26
N ARG D 413 5.96 -17.14 1.89
CA ARG D 413 6.28 -18.36 1.12
C ARG D 413 5.06 -19.19 0.76
N TYR D 414 3.88 -18.74 1.17
CA TYR D 414 2.64 -19.46 0.86
C TYR D 414 1.75 -18.63 -0.08
N GLU D 415 1.37 -19.23 -1.20
CA GLU D 415 0.40 -18.59 -2.08
C GLU D 415 -0.85 -19.46 -2.16
N GLY D 416 -2.00 -18.83 -2.39
CA GLY D 416 -3.23 -19.57 -2.52
C GLY D 416 -4.46 -18.72 -2.25
N TYR D 417 -5.63 -19.30 -2.51
CA TYR D 417 -6.91 -18.65 -2.23
C TYR D 417 -6.98 -18.33 -0.75
N CYS D 418 -6.70 -19.35 0.07
CA CYS D 418 -6.73 -19.23 1.52
C CYS D 418 -5.75 -18.18 2.02
N VAL D 419 -4.60 -18.07 1.37
CA VAL D 419 -3.60 -17.08 1.75
C VAL D 419 -4.11 -15.65 1.56
N ASP D 420 -4.61 -15.37 0.35
CA ASP D 420 -5.18 -14.06 0.05
C ASP D 420 -6.35 -13.75 0.98
N LEU D 421 -7.14 -14.79 1.27
CA LEU D 421 -8.26 -14.63 2.19
C LEU D 421 -7.75 -14.25 3.58
N ALA D 422 -6.66 -14.87 4.01
CA ALA D 422 -6.03 -14.54 5.29
C ALA D 422 -5.61 -13.08 5.30
N ALA D 423 -5.02 -12.65 4.19
CA ALA D 423 -4.63 -11.26 4.03
C ALA D 423 -5.83 -10.34 4.20
N GLU D 424 -6.96 -10.69 3.58
CA GLU D 424 -8.16 -9.87 3.63
C GLU D 424 -8.76 -9.79 5.02
N ILE D 425 -8.91 -10.95 5.66
CA ILE D 425 -9.44 -11.04 7.01
C ILE D 425 -8.56 -10.27 8.00
N ALA D 426 -7.25 -10.30 7.76
CA ALA D 426 -6.32 -9.57 8.62
C ALA D 426 -6.42 -8.07 8.42
N LYS D 427 -6.48 -7.65 7.15
CA LYS D 427 -6.58 -6.23 6.81
C LYS D 427 -7.87 -5.64 7.37
N HIS D 428 -8.97 -6.38 7.28
CA HIS D 428 -10.24 -5.90 7.79
C HIS D 428 -10.33 -5.93 9.32
N CYS D 429 -9.83 -7.00 9.93
CA CYS D 429 -9.90 -7.15 11.39
C CYS D 429 -8.70 -6.54 12.12
N GLY D 430 -7.69 -6.15 11.36
CA GLY D 430 -6.53 -5.45 11.91
C GLY D 430 -5.68 -6.23 12.90
N PHE D 431 -5.18 -7.39 12.47
CA PHE D 431 -4.19 -8.11 13.27
C PHE D 431 -3.03 -8.62 12.41
N LYS D 432 -1.88 -8.82 13.04
CA LYS D 432 -0.75 -9.44 12.37
C LYS D 432 -0.82 -10.95 12.59
N TYR D 433 -0.47 -11.74 11.58
CA TYR D 433 -0.69 -13.18 11.69
C TYR D 433 0.48 -14.08 11.28
N LYS D 434 0.43 -15.32 11.77
CA LYS D 434 1.40 -16.35 11.44
C LYS D 434 0.75 -17.48 10.65
N LEU D 435 1.15 -17.64 9.39
CA LEU D 435 0.64 -18.73 8.57
C LEU D 435 1.37 -20.01 8.93
N THR D 436 0.61 -21.03 9.35
CA THR D 436 1.19 -22.30 9.78
C THR D 436 0.52 -23.51 9.13
N ILE D 437 1.31 -24.55 8.91
CA ILE D 437 0.81 -25.81 8.37
C ILE D 437 0.41 -26.73 9.51
N VAL D 438 -0.74 -27.38 9.37
CA VAL D 438 -1.26 -28.25 10.43
C VAL D 438 -0.38 -29.48 10.64
N GLY D 439 -0.06 -29.76 11.90
CA GLY D 439 0.83 -30.86 12.24
C GLY D 439 0.34 -32.22 11.77
N ASP D 440 -0.94 -32.49 11.96
CA ASP D 440 -1.52 -33.77 11.57
C ASP D 440 -1.76 -33.84 10.07
N GLY D 441 -1.78 -32.67 9.42
CA GLY D 441 -2.03 -32.62 7.99
C GLY D 441 -3.43 -33.08 7.67
N LYS D 442 -4.31 -32.95 8.66
CA LYS D 442 -5.71 -33.37 8.53
C LYS D 442 -6.61 -32.18 8.83
N TYR D 443 -7.85 -32.24 8.35
CA TYR D 443 -8.78 -31.15 8.57
C TYR D 443 -9.36 -31.23 9.98
N GLY D 444 -10.22 -32.23 10.20
CA GLY D 444 -10.69 -32.51 11.54
C GLY D 444 -11.48 -33.80 11.63
N ALA D 445 -11.49 -34.41 12.82
CA ALA D 445 -12.21 -35.65 13.11
C ALA D 445 -11.99 -36.01 14.57
N ARG D 446 -12.87 -36.87 15.09
CA ARG D 446 -12.77 -37.34 16.47
C ARG D 446 -12.37 -38.80 16.51
N ASP D 447 -11.27 -39.10 17.20
CA ASP D 447 -10.87 -40.49 17.39
C ASP D 447 -11.97 -41.18 18.19
N ALA D 448 -12.40 -42.34 17.71
CA ALA D 448 -13.54 -43.01 18.31
C ALA D 448 -13.23 -43.47 19.73
N ASP D 449 -12.03 -44.01 19.94
CA ASP D 449 -11.63 -44.49 21.24
C ASP D 449 -11.37 -43.36 22.23
N THR D 450 -10.50 -42.43 21.86
CA THR D 450 -9.98 -41.45 22.81
C THR D 450 -10.82 -40.17 22.90
N LYS D 451 -11.70 -39.99 21.92
CA LYS D 451 -12.51 -38.76 21.77
C LYS D 451 -11.68 -37.49 21.56
N ILE D 452 -10.44 -37.64 21.08
CA ILE D 452 -9.57 -36.48 20.88
C ILE D 452 -9.62 -36.01 19.43
N TRP D 453 -9.76 -34.71 19.24
CA TRP D 453 -9.84 -34.13 17.91
C TRP D 453 -8.47 -34.12 17.22
N ASN D 454 -8.47 -34.30 15.91
CA ASN D 454 -7.24 -34.28 15.13
C ASN D 454 -7.24 -33.18 14.10
N GLY D 455 -6.06 -32.79 13.64
CA GLY D 455 -5.95 -31.78 12.61
C GLY D 455 -6.23 -30.36 13.09
N MET D 456 -6.68 -29.52 12.17
CA MET D 456 -6.88 -28.10 12.45
C MET D 456 -7.94 -27.82 13.52
N VAL D 457 -8.98 -28.65 13.58
CA VAL D 457 -9.98 -28.48 14.60
C VAL D 457 -9.34 -28.65 15.97
N GLY D 458 -8.52 -29.69 16.09
CA GLY D 458 -7.77 -29.94 17.31
C GLY D 458 -6.81 -28.80 17.62
N GLU D 459 -6.22 -28.24 16.57
CA GLU D 459 -5.34 -27.09 16.72
C GLU D 459 -6.13 -25.92 17.30
N LEU D 460 -7.40 -25.85 16.96
CA LEU D 460 -8.26 -24.76 17.41
C LEU D 460 -8.75 -24.91 18.85
N VAL D 461 -9.20 -26.11 19.20
CA VAL D 461 -9.74 -26.33 20.55
C VAL D 461 -8.64 -26.44 21.59
N TYR D 462 -7.59 -27.16 21.25
CA TYR D 462 -6.54 -27.45 22.21
C TYR D 462 -5.54 -26.30 22.29
N GLY D 463 -5.78 -25.26 21.51
CA GLY D 463 -5.05 -24.00 21.64
C GLY D 463 -3.66 -23.96 21.04
N LYS D 464 -3.49 -24.63 19.90
CA LYS D 464 -2.23 -24.52 19.15
C LYS D 464 -2.32 -23.42 18.10
N ALA D 465 -3.53 -22.92 17.86
CA ALA D 465 -3.76 -21.88 16.86
C ALA D 465 -4.98 -21.02 17.18
N ASP D 466 -4.91 -19.73 16.83
CA ASP D 466 -5.98 -18.79 17.12
C ASP D 466 -7.14 -18.83 16.14
N ILE D 467 -6.86 -19.19 14.89
CA ILE D 467 -7.91 -19.20 13.86
C ILE D 467 -7.63 -20.19 12.73
N ALA D 468 -8.70 -20.61 12.05
CA ALA D 468 -8.57 -21.59 10.98
C ALA D 468 -9.05 -21.04 9.63
N ILE D 469 -8.12 -20.90 8.69
CA ILE D 469 -8.45 -20.52 7.32
C ILE D 469 -7.96 -21.59 6.36
N ALA D 470 -8.90 -22.30 5.74
CA ALA D 470 -8.59 -23.50 4.95
C ALA D 470 -9.89 -24.03 4.34
N PRO D 471 -9.81 -24.97 3.37
CA PRO D 471 -11.06 -25.53 2.86
C PRO D 471 -11.74 -26.43 3.87
N LEU D 472 -12.19 -25.85 4.98
CA LEU D 472 -12.77 -26.62 6.08
C LEU D 472 -14.30 -26.64 5.99
N THR D 473 -14.85 -27.86 5.86
CA THR D 473 -16.29 -28.02 5.70
C THR D 473 -17.03 -27.85 7.01
N ILE D 474 -18.16 -27.13 6.98
CA ILE D 474 -18.99 -27.00 8.17
C ILE D 474 -19.84 -28.26 8.34
N THR D 475 -19.65 -28.95 9.46
CA THR D 475 -20.45 -30.12 9.79
C THR D 475 -20.95 -29.97 11.22
N LEU D 476 -21.93 -30.77 11.60
CA LEU D 476 -22.52 -30.66 12.93
C LEU D 476 -21.49 -30.97 14.03
N VAL D 477 -20.82 -32.12 13.89
CA VAL D 477 -19.86 -32.56 14.89
C VAL D 477 -18.76 -31.55 15.11
N ARG D 478 -18.34 -30.88 14.04
CA ARG D 478 -17.33 -29.83 14.16
C ARG D 478 -17.91 -28.58 14.79
N GLU D 479 -19.12 -28.21 14.38
CA GLU D 479 -19.76 -27.01 14.90
C GLU D 479 -20.00 -27.05 16.41
N GLU D 480 -20.38 -28.22 16.92
CA GLU D 480 -20.53 -28.39 18.36
C GLU D 480 -19.26 -27.96 19.07
N VAL D 481 -18.14 -28.40 18.52
CA VAL D 481 -16.84 -28.22 19.16
C VAL D 481 -16.19 -26.84 18.96
N ILE D 482 -16.36 -26.26 17.76
CA ILE D 482 -15.80 -24.94 17.49
C ILE D 482 -16.83 -24.00 16.87
N ASP D 483 -16.52 -22.70 16.88
CA ASP D 483 -17.42 -21.72 16.28
C ASP D 483 -17.06 -21.46 14.83
N PHE D 484 -18.05 -21.57 13.96
CA PHE D 484 -17.85 -21.32 12.54
C PHE D 484 -18.33 -19.94 12.15
N SER D 485 -17.54 -19.24 11.35
CA SER D 485 -17.97 -18.00 10.71
C SER D 485 -18.98 -18.35 9.62
N LYS D 486 -19.76 -17.36 9.17
CA LYS D 486 -20.65 -17.57 8.04
C LYS D 486 -19.82 -18.12 6.87
N PRO D 487 -20.40 -19.03 6.09
CA PRO D 487 -19.65 -19.70 5.03
C PRO D 487 -19.12 -18.73 3.97
N PHE D 488 -17.83 -18.80 3.65
CA PHE D 488 -17.26 -17.87 2.66
C PHE D 488 -17.24 -18.44 1.24
N MET D 489 -17.60 -19.72 1.12
CA MET D 489 -17.65 -20.38 -0.19
C MET D 489 -18.74 -21.44 -0.25
N SER D 490 -19.38 -21.58 -1.41
CA SER D 490 -20.38 -22.62 -1.59
C SER D 490 -19.76 -23.83 -2.27
N LEU D 491 -20.09 -25.01 -1.76
CA LEU D 491 -19.71 -26.25 -2.44
C LEU D 491 -20.84 -27.26 -2.34
N GLY D 492 -20.75 -28.32 -3.14
CA GLY D 492 -21.69 -29.41 -3.06
C GLY D 492 -20.99 -30.69 -3.44
N ILE D 493 -21.60 -31.83 -3.14
CA ILE D 493 -21.04 -33.09 -3.57
C ILE D 493 -21.42 -33.34 -5.01
N SER D 494 -20.40 -33.43 -5.86
CA SER D 494 -20.59 -33.48 -7.30
C SER D 494 -19.82 -34.60 -7.98
N ILE D 495 -20.19 -34.85 -9.23
CA ILE D 495 -19.62 -35.95 -10.01
C ILE D 495 -18.59 -35.50 -11.03
N MET D 496 -17.41 -36.08 -10.93
CA MET D 496 -16.37 -35.92 -11.92
C MET D 496 -16.28 -37.17 -12.77
N ILE D 497 -16.36 -37.00 -14.08
CA ILE D 497 -16.18 -38.12 -15.01
C ILE D 497 -15.13 -37.76 -16.04
N LYS D 498 -14.63 -38.76 -16.75
CA LYS D 498 -13.71 -38.52 -17.86
C LYS D 498 -14.47 -37.84 -18.99
N LYS D 499 -13.76 -37.02 -19.77
CA LYS D 499 -14.38 -36.41 -20.95
C LYS D 499 -14.23 -37.35 -22.15
N PRO D 500 -15.35 -37.58 -22.87
CA PRO D 500 -15.36 -38.52 -24.00
C PRO D 500 -14.57 -38.01 -25.22
N GLN D 501 -14.46 -36.68 -25.30
CA GLN D 501 -13.82 -35.96 -26.40
C GLN D 501 -14.32 -36.34 -27.81
N LYS D 502 -13.40 -36.35 -28.77
CA LYS D 502 -13.69 -36.66 -30.17
C LYS D 502 -13.69 -38.14 -30.51
N SER D 503 -12.73 -38.87 -29.94
CA SER D 503 -12.47 -40.26 -30.28
C SER D 503 -13.62 -41.20 -29.96
N LYS D 504 -14.48 -40.81 -29.01
CA LYS D 504 -15.67 -41.59 -28.72
C LYS D 504 -16.88 -40.93 -29.40
N PRO D 505 -17.35 -41.55 -30.50
CA PRO D 505 -18.43 -41.04 -31.37
C PRO D 505 -19.83 -41.11 -30.75
N GLY D 506 -20.14 -42.18 -30.02
CA GLY D 506 -21.50 -42.39 -29.55
C GLY D 506 -22.49 -42.60 -30.69
N VAL D 507 -22.28 -43.67 -31.48
CA VAL D 507 -23.09 -43.95 -32.68
C VAL D 507 -24.58 -43.75 -32.47
N PHE D 508 -25.07 -44.17 -31.30
CA PHE D 508 -26.47 -43.97 -30.94
C PHE D 508 -26.86 -42.50 -30.95
N SER D 509 -25.93 -41.63 -30.54
CA SER D 509 -26.20 -40.20 -30.48
C SER D 509 -26.34 -39.59 -31.87
N PHE D 510 -25.54 -40.10 -32.81
CA PHE D 510 -25.60 -39.63 -34.20
C PHE D 510 -26.78 -40.25 -34.91
N LEU D 511 -27.26 -41.36 -34.37
CA LEU D 511 -28.44 -42.03 -34.88
C LEU D 511 -29.71 -41.40 -34.29
N ASP D 512 -29.54 -40.58 -33.26
CA ASP D 512 -30.68 -39.93 -32.62
C ASP D 512 -30.49 -38.44 -32.34
N PRO D 513 -30.26 -37.62 -33.38
CA PRO D 513 -30.54 -36.19 -33.17
C PRO D 513 -32.05 -36.03 -33.02
N LEU D 514 -32.80 -36.88 -33.70
CA LEU D 514 -34.24 -36.99 -33.50
C LEU D 514 -34.48 -37.87 -32.29
N ALA D 515 -35.47 -37.51 -31.48
CA ALA D 515 -35.76 -38.23 -30.25
C ALA D 515 -36.22 -39.65 -30.55
N TYR D 516 -36.03 -40.55 -29.59
CA TYR D 516 -36.43 -41.95 -29.72
C TYR D 516 -37.94 -42.04 -29.89
N GLU D 517 -38.64 -41.03 -29.38
CA GLU D 517 -40.08 -40.90 -29.55
C GLU D 517 -40.40 -40.70 -31.02
N ILE D 518 -39.59 -39.89 -31.70
CA ILE D 518 -39.76 -39.64 -33.13
C ILE D 518 -39.52 -40.91 -33.94
N TRP D 519 -38.61 -41.75 -33.44
CA TRP D 519 -38.35 -43.04 -34.08
C TRP D 519 -39.51 -44.01 -33.88
N MET D 520 -40.06 -44.02 -32.68
CA MET D 520 -41.26 -44.79 -32.38
C MET D 520 -42.37 -44.41 -33.36
N ALA D 521 -42.67 -43.12 -33.39
CA ALA D 521 -43.71 -42.58 -34.25
C ALA D 521 -43.46 -42.83 -35.74
N ILE D 522 -42.20 -42.74 -36.18
CA ILE D 522 -41.88 -42.92 -37.59
C ILE D 522 -41.93 -44.40 -38.02
N VAL D 523 -41.63 -45.31 -37.10
CA VAL D 523 -41.78 -46.73 -37.38
C VAL D 523 -43.27 -47.05 -37.46
N PHE D 524 -44.03 -46.55 -36.49
CA PHE D 524 -45.48 -46.75 -36.48
C PHE D 524 -46.12 -46.19 -37.75
N ALA D 525 -45.61 -45.06 -38.20
CA ALA D 525 -46.07 -44.43 -39.43
C ALA D 525 -45.67 -45.29 -40.63
N TYR D 526 -44.50 -45.90 -40.55
CA TYR D 526 -44.00 -46.73 -41.65
C TYR D 526 -44.89 -47.95 -41.84
N ILE D 527 -45.20 -48.64 -40.75
CA ILE D 527 -46.04 -49.84 -40.82
C ILE D 527 -47.52 -49.50 -41.09
N GLY D 528 -47.97 -48.36 -40.59
CA GLY D 528 -49.33 -47.90 -40.83
C GLY D 528 -49.55 -47.55 -42.29
N VAL D 529 -48.65 -46.75 -42.85
CA VAL D 529 -48.69 -46.41 -44.26
C VAL D 529 -48.46 -47.67 -45.10
N SER D 530 -47.72 -48.63 -44.57
CA SER D 530 -47.51 -49.90 -45.25
C SER D 530 -48.83 -50.67 -45.37
N VAL D 531 -49.62 -50.70 -44.29
CA VAL D 531 -50.90 -51.40 -44.33
C VAL D 531 -51.93 -50.64 -45.18
N VAL D 532 -51.86 -49.32 -45.17
CA VAL D 532 -52.73 -48.50 -46.02
C VAL D 532 -52.38 -48.77 -47.49
N LEU D 533 -51.09 -49.00 -47.75
CA LEU D 533 -50.63 -49.33 -49.09
C LEU D 533 -51.08 -50.71 -49.53
N PHE D 534 -51.01 -51.69 -48.62
CA PHE D 534 -51.41 -53.05 -48.95
C PHE D 534 -52.93 -53.15 -49.10
N LEU D 535 -53.66 -52.24 -48.48
CA LEU D 535 -55.10 -52.18 -48.64
C LEU D 535 -55.48 -51.88 -50.09
N VAL D 536 -54.69 -51.02 -50.73
CA VAL D 536 -54.93 -50.62 -52.11
C VAL D 536 -54.69 -51.78 -53.07
N SER D 588 -56.14 -45.29 -59.38
CA SER D 588 -56.69 -45.00 -58.06
C SER D 588 -55.95 -43.84 -57.40
N LEU D 589 -56.59 -42.68 -57.36
CA LEU D 589 -55.97 -41.47 -56.81
C LEU D 589 -55.82 -41.53 -55.29
N SER D 590 -56.47 -42.50 -54.67
CA SER D 590 -56.27 -42.77 -53.25
C SER D 590 -54.80 -43.13 -53.03
N ALA D 591 -54.26 -43.94 -53.93
CA ALA D 591 -52.86 -44.33 -53.88
C ALA D 591 -51.94 -43.14 -54.09
N ARG D 592 -52.33 -42.24 -54.99
CA ARG D 592 -51.55 -41.04 -55.27
C ARG D 592 -51.52 -40.10 -54.07
N ILE D 593 -52.62 -40.04 -53.33
CA ILE D 593 -52.69 -39.22 -52.13
C ILE D 593 -51.89 -39.86 -50.98
N VAL D 594 -51.93 -41.18 -50.88
CA VAL D 594 -51.12 -41.89 -49.90
C VAL D 594 -49.64 -41.63 -50.15
N ALA D 595 -49.20 -41.92 -51.37
CA ALA D 595 -47.81 -41.77 -51.78
C ALA D 595 -47.33 -40.32 -51.69
N GLY D 596 -48.22 -39.40 -52.03
CA GLY D 596 -47.90 -37.98 -52.00
C GLY D 596 -47.73 -37.46 -50.60
N VAL D 597 -48.71 -37.74 -49.75
CA VAL D 597 -48.66 -37.32 -48.35
C VAL D 597 -47.50 -37.97 -47.61
N TRP D 598 -47.25 -39.25 -47.88
CA TRP D 598 -46.15 -39.95 -47.27
C TRP D 598 -44.80 -39.42 -47.76
N TRP D 599 -44.73 -39.07 -49.04
CA TRP D 599 -43.53 -38.46 -49.60
C TRP D 599 -43.25 -37.14 -48.91
N PHE D 600 -44.31 -36.36 -48.70
CA PHE D 600 -44.23 -35.10 -47.98
C PHE D 600 -43.69 -35.35 -46.57
N PHE D 601 -44.23 -36.38 -45.93
CA PHE D 601 -43.83 -36.78 -44.59
C PHE D 601 -42.33 -37.10 -44.48
N THR D 602 -41.88 -38.04 -45.30
CA THR D 602 -40.48 -38.47 -45.26
C THR D 602 -39.53 -37.35 -45.69
N LEU D 603 -39.97 -36.52 -46.63
CA LEU D 603 -39.18 -35.38 -47.06
C LEU D 603 -38.98 -34.41 -45.91
N ILE D 604 -40.06 -34.10 -45.20
CA ILE D 604 -39.98 -33.21 -44.05
C ILE D 604 -39.08 -33.79 -42.96
N ILE D 605 -39.20 -35.09 -42.73
CA ILE D 605 -38.37 -35.74 -41.72
C ILE D 605 -36.88 -35.68 -42.07
N ILE D 606 -36.53 -36.09 -43.28
CA ILE D 606 -35.13 -36.09 -43.69
C ILE D 606 -34.57 -34.67 -43.78
N SER D 607 -35.44 -33.71 -44.06
CA SER D 607 -35.03 -32.31 -44.13
C SER D 607 -34.77 -31.74 -42.73
N SER D 608 -35.59 -32.13 -41.77
CA SER D 608 -35.40 -31.70 -40.39
C SER D 608 -34.17 -32.37 -39.80
N TYR D 609 -33.94 -33.61 -40.18
CA TYR D 609 -32.75 -34.34 -39.78
C TYR D 609 -31.50 -33.64 -40.32
N THR D 610 -31.51 -33.35 -41.62
CA THR D 610 -30.39 -32.67 -42.26
C THR D 610 -30.11 -31.32 -41.59
N ALA D 611 -31.18 -30.56 -41.39
CA ALA D 611 -31.09 -29.24 -40.78
C ALA D 611 -30.50 -29.30 -39.37
N ASN D 612 -31.00 -30.22 -38.56
CA ASN D 612 -30.57 -30.30 -37.18
C ASN D 612 -29.20 -30.95 -37.01
N LEU D 613 -28.79 -31.75 -37.99
CA LEU D 613 -27.45 -32.32 -37.98
C LEU D 613 -26.47 -31.23 -38.38
N ALA D 614 -26.92 -30.35 -39.27
CA ALA D 614 -26.14 -29.18 -39.66
C ALA D 614 -25.96 -28.25 -38.46
N ALA D 615 -27.04 -28.05 -37.72
CA ALA D 615 -26.99 -27.23 -36.51
C ALA D 615 -26.11 -27.88 -35.46
N PHE D 616 -26.22 -29.20 -35.31
CA PHE D 616 -25.44 -29.95 -34.35
C PHE D 616 -23.95 -29.81 -34.62
N LEU D 617 -23.57 -29.97 -35.89
CA LEU D 617 -22.17 -29.88 -36.27
C LEU D 617 -21.65 -28.44 -36.21
N THR D 618 -22.52 -27.49 -36.53
CA THR D 618 -22.10 -26.09 -36.50
C THR D 618 -21.89 -25.54 -35.09
N VAL D 619 -22.85 -25.80 -34.20
CA VAL D 619 -22.85 -25.16 -32.88
C VAL D 619 -21.84 -25.74 -31.89
N GLU D 620 -21.46 -27.00 -32.06
CA GLU D 620 -20.57 -27.68 -31.11
C GLU D 620 -21.18 -27.78 -29.71
N ARG D 621 -22.17 -28.64 -29.55
CA ARG D 621 -22.77 -28.92 -28.25
C ARG D 621 -21.90 -29.88 -27.43
N MET D 622 -21.96 -29.73 -26.10
CA MET D 622 -21.25 -30.59 -25.17
C MET D 622 -21.82 -32.01 -25.20
N VAL D 623 -20.95 -33.01 -25.17
CA VAL D 623 -21.40 -34.41 -25.20
C VAL D 623 -21.16 -35.09 -23.86
N SER D 624 -22.20 -35.66 -23.26
CA SER D 624 -22.06 -36.37 -21.99
C SER D 624 -22.59 -37.79 -22.04
N PRO D 625 -21.85 -38.74 -21.44
CA PRO D 625 -22.30 -40.12 -21.24
C PRO D 625 -23.37 -40.23 -20.15
N ILE D 626 -23.32 -39.32 -19.18
CA ILE D 626 -24.18 -39.40 -18.01
C ILE D 626 -24.91 -38.08 -17.75
N GLU D 627 -26.22 -38.15 -17.54
CA GLU D 627 -27.03 -36.97 -17.29
C GLU D 627 -26.89 -36.50 -15.84
N SER D 628 -27.35 -37.33 -14.92
CA SER D 628 -27.41 -36.95 -13.51
C SER D 628 -26.95 -38.07 -12.59
N ALA D 629 -26.76 -37.75 -11.31
CA ALA D 629 -26.35 -38.72 -10.30
C ALA D 629 -27.36 -39.85 -10.17
N GLU D 630 -28.64 -39.49 -10.19
CA GLU D 630 -29.71 -40.46 -10.04
C GLU D 630 -29.71 -41.41 -11.24
N ASP D 631 -29.37 -40.87 -12.40
CA ASP D 631 -29.23 -41.68 -13.61
C ASP D 631 -28.03 -42.61 -13.47
N LEU D 632 -27.00 -42.13 -12.77
CA LEU D 632 -25.81 -42.93 -12.50
C LEU D 632 -26.14 -44.08 -11.55
N SER D 633 -27.11 -43.86 -10.67
CA SER D 633 -27.57 -44.93 -9.81
C SER D 633 -28.37 -45.94 -10.63
N LYS D 634 -29.23 -45.41 -11.49
CA LYS D 634 -30.07 -46.24 -12.35
C LYS D 634 -29.24 -47.14 -13.25
N GLN D 635 -28.12 -46.61 -13.76
CA GLN D 635 -27.25 -47.37 -14.65
C GLN D 635 -26.00 -47.83 -13.91
N THR D 636 -25.89 -49.14 -13.70
CA THR D 636 -24.81 -49.73 -12.91
C THR D 636 -23.59 -50.04 -13.76
N GLU D 637 -23.64 -49.64 -15.02
CA GLU D 637 -22.56 -49.89 -15.97
C GLU D 637 -21.23 -49.26 -15.55
N ILE D 638 -21.28 -48.09 -14.93
CA ILE D 638 -20.08 -47.40 -14.48
C ILE D 638 -19.92 -47.42 -12.97
N ALA D 639 -18.75 -47.84 -12.49
CA ALA D 639 -18.46 -47.83 -11.06
C ALA D 639 -18.06 -46.43 -10.63
N TYR D 640 -18.40 -46.06 -9.40
CA TYR D 640 -18.13 -44.72 -8.88
C TYR D 640 -17.74 -44.75 -7.40
N GLY D 641 -16.87 -43.83 -6.98
CA GLY D 641 -16.39 -43.87 -5.61
C GLY D 641 -16.02 -42.54 -4.96
N THR D 642 -15.79 -42.60 -3.65
CA THR D 642 -15.43 -41.42 -2.86
C THR D 642 -14.15 -41.67 -2.07
N LEU D 643 -13.72 -40.68 -1.31
CA LEU D 643 -12.53 -40.81 -0.47
C LEU D 643 -12.84 -41.58 0.81
N ASP D 644 -11.81 -42.21 1.38
CA ASP D 644 -11.99 -43.08 2.53
C ASP D 644 -12.39 -42.32 3.79
N SER D 645 -11.62 -41.30 4.15
CA SER D 645 -11.94 -40.51 5.33
C SER D 645 -12.32 -39.09 4.94
N GLY D 646 -13.59 -38.74 5.12
CA GLY D 646 -14.09 -37.43 4.80
C GLY D 646 -15.57 -37.28 5.05
N SER D 647 -16.07 -36.06 4.89
CA SER D 647 -17.46 -35.77 5.19
C SER D 647 -18.40 -36.14 4.04
N THR D 648 -17.83 -36.45 2.88
CA THR D 648 -18.61 -36.88 1.72
C THR D 648 -19.10 -38.32 1.92
N LYS D 649 -18.16 -39.19 2.29
CA LYS D 649 -18.51 -40.56 2.63
C LYS D 649 -19.52 -40.54 3.77
N GLU D 650 -19.30 -39.62 4.72
CA GLU D 650 -20.22 -39.43 5.83
C GLU D 650 -21.61 -39.08 5.32
N PHE D 651 -21.66 -38.22 4.30
CA PHE D 651 -22.93 -37.85 3.70
C PHE D 651 -23.65 -39.07 3.16
N PHE D 652 -22.96 -39.85 2.32
CA PHE D 652 -23.59 -41.05 1.76
C PHE D 652 -24.03 -42.05 2.83
N ARG D 653 -23.22 -42.15 3.89
CA ARG D 653 -23.48 -43.11 4.96
C ARG D 653 -24.72 -42.75 5.79
N ARG D 654 -24.76 -41.53 6.30
CA ARG D 654 -25.82 -41.15 7.24
C ARG D 654 -27.03 -40.48 6.58
N SER D 655 -27.06 -40.41 5.25
CA SER D 655 -28.20 -39.83 4.54
C SER D 655 -29.40 -40.77 4.47
N LYS D 656 -30.60 -40.19 4.60
CA LYS D 656 -31.84 -40.96 4.51
C LYS D 656 -32.48 -40.91 3.13
N ILE D 657 -31.84 -40.23 2.18
CA ILE D 657 -32.40 -40.09 0.83
C ILE D 657 -32.19 -41.35 -0.03
N ALA D 658 -33.22 -41.69 -0.81
CA ALA D 658 -33.29 -42.96 -1.55
C ALA D 658 -32.12 -43.26 -2.49
N VAL D 659 -32.01 -42.47 -3.55
CA VAL D 659 -31.00 -42.67 -4.60
C VAL D 659 -29.60 -42.83 -4.02
N PHE D 660 -29.27 -41.97 -3.05
CA PHE D 660 -27.97 -42.00 -2.40
C PHE D 660 -27.78 -43.27 -1.57
N ASP D 661 -28.85 -43.75 -0.96
CA ASP D 661 -28.79 -45.02 -0.24
C ASP D 661 -28.49 -46.16 -1.21
N LYS D 662 -29.11 -46.11 -2.39
CA LYS D 662 -28.86 -47.09 -3.43
C LYS D 662 -27.38 -47.08 -3.83
N MET D 663 -26.88 -45.89 -4.15
CA MET D 663 -25.48 -45.72 -4.53
C MET D 663 -24.52 -46.14 -3.42
N TRP D 664 -24.97 -46.01 -2.18
CA TRP D 664 -24.17 -46.40 -1.02
C TRP D 664 -24.11 -47.93 -0.92
N THR D 665 -25.23 -48.57 -1.19
CA THR D 665 -25.29 -50.02 -1.27
C THR D 665 -24.32 -50.51 -2.35
N TYR D 666 -24.29 -49.80 -3.47
CA TYR D 666 -23.35 -50.13 -4.54
C TYR D 666 -21.89 -49.94 -4.10
N MET D 667 -21.63 -48.83 -3.40
CA MET D 667 -20.27 -48.45 -3.04
C MET D 667 -19.64 -49.29 -1.91
N ARG D 668 -20.48 -49.88 -1.06
CA ARG D 668 -19.95 -50.72 0.01
C ARG D 668 -19.33 -52.03 -0.48
N SER D 669 -20.02 -52.71 -1.39
CA SER D 669 -19.70 -54.10 -1.73
C SER D 669 -18.69 -54.30 -2.88
N ALA D 670 -18.34 -53.24 -3.58
CA ALA D 670 -17.54 -53.39 -4.79
C ALA D 670 -16.03 -53.53 -4.54
N GLU D 671 -15.45 -54.57 -5.12
CA GLU D 671 -14.00 -54.75 -5.13
C GLU D 671 -13.50 -54.76 -6.58
N PRO D 672 -12.31 -54.19 -6.83
CA PRO D 672 -11.33 -53.58 -5.92
C PRO D 672 -11.89 -52.37 -5.17
N SER D 673 -11.30 -52.05 -4.03
CA SER D 673 -11.82 -50.98 -3.17
C SER D 673 -11.97 -49.68 -3.94
N VAL D 674 -13.17 -49.11 -3.89
CA VAL D 674 -13.53 -47.95 -4.69
C VAL D 674 -13.11 -46.66 -3.99
N PHE D 675 -12.70 -46.80 -2.72
CA PHE D 675 -12.29 -45.66 -1.92
C PHE D 675 -10.80 -45.36 -2.09
N VAL D 676 -10.46 -44.08 -2.06
CA VAL D 676 -9.07 -43.65 -2.22
C VAL D 676 -8.60 -42.79 -1.05
N ARG D 677 -7.30 -42.86 -0.76
CA ARG D 677 -6.71 -42.12 0.35
C ARG D 677 -6.62 -40.63 0.06
N THR D 678 -6.24 -40.29 -1.17
CA THR D 678 -6.18 -38.88 -1.57
C THR D 678 -7.14 -38.64 -2.74
N THR D 679 -7.57 -37.40 -2.88
CA THR D 679 -8.44 -37.03 -3.99
C THR D 679 -7.68 -37.20 -5.30
N ALA D 680 -6.41 -36.81 -5.30
CA ALA D 680 -5.57 -36.89 -6.49
C ALA D 680 -5.46 -38.32 -7.01
N GLU D 681 -5.38 -39.26 -6.07
CA GLU D 681 -5.30 -40.68 -6.40
C GLU D 681 -6.57 -41.14 -7.09
N GLY D 682 -7.71 -40.75 -6.54
CA GLY D 682 -9.00 -41.10 -7.11
C GLY D 682 -9.18 -40.55 -8.50
N VAL D 683 -8.82 -39.28 -8.69
CA VAL D 683 -8.92 -38.64 -9.99
C VAL D 683 -7.96 -39.33 -10.98
N ALA D 684 -6.81 -39.77 -10.47
CA ALA D 684 -5.89 -40.56 -11.28
C ALA D 684 -6.58 -41.83 -11.75
N ARG D 685 -7.36 -42.44 -10.86
CA ARG D 685 -8.14 -43.62 -11.22
C ARG D 685 -9.21 -43.28 -12.25
N VAL D 686 -9.72 -42.05 -12.20
CA VAL D 686 -10.70 -41.59 -13.18
C VAL D 686 -10.06 -41.46 -14.55
N ARG D 687 -8.82 -41.00 -14.57
CA ARG D 687 -8.10 -40.77 -15.81
C ARG D 687 -7.60 -42.06 -16.45
N LYS D 688 -7.16 -43.02 -15.64
CA LYS D 688 -6.60 -44.26 -16.16
C LYS D 688 -7.66 -45.24 -16.71
N SER D 689 -8.91 -45.09 -16.26
CA SER D 689 -9.93 -46.12 -16.46
C SER D 689 -10.68 -46.05 -17.80
N LYS D 690 -10.53 -44.95 -18.52
CA LYS D 690 -11.20 -44.76 -19.81
C LYS D 690 -12.73 -44.87 -19.73
N GLY D 691 -13.31 -44.36 -18.64
CA GLY D 691 -14.76 -44.36 -18.52
C GLY D 691 -15.30 -45.39 -17.55
N LYS D 692 -14.40 -46.21 -17.00
CA LYS D 692 -14.79 -47.23 -16.02
C LYS D 692 -15.12 -46.60 -14.67
N TYR D 693 -14.45 -45.50 -14.35
CA TYR D 693 -14.50 -44.93 -13.01
C TYR D 693 -15.07 -43.51 -12.97
N ALA D 694 -16.01 -43.29 -12.04
CA ALA D 694 -16.55 -41.98 -11.77
C ALA D 694 -16.20 -41.58 -10.34
N TYR D 695 -15.96 -40.30 -10.11
CA TYR D 695 -15.53 -39.87 -8.78
C TYR D 695 -16.49 -38.87 -8.17
N LEU D 696 -16.86 -39.11 -6.91
CA LEU D 696 -17.71 -38.17 -6.19
C LEU D 696 -16.86 -37.34 -5.24
N LEU D 697 -16.87 -36.03 -5.44
CA LEU D 697 -16.05 -35.16 -4.60
C LEU D 697 -16.67 -33.79 -4.43
N GLU D 698 -16.04 -32.95 -3.62
CA GLU D 698 -16.53 -31.61 -3.40
C GLU D 698 -16.50 -30.86 -4.73
N SER D 699 -17.54 -30.08 -4.99
CA SER D 699 -17.68 -29.39 -6.26
C SER D 699 -16.50 -28.48 -6.58
N THR D 700 -15.92 -27.87 -5.55
CA THR D 700 -14.81 -26.95 -5.73
C THR D 700 -13.54 -27.64 -6.24
N MET D 701 -13.15 -28.71 -5.57
CA MET D 701 -11.99 -29.51 -5.98
C MET D 701 -12.23 -30.06 -7.38
N ASN D 702 -13.47 -30.46 -7.64
CA ASN D 702 -13.88 -30.94 -8.95
C ASN D 702 -13.64 -29.90 -10.03
N GLU D 703 -14.12 -28.68 -9.80
CA GLU D 703 -13.96 -27.57 -10.75
C GLU D 703 -12.48 -27.25 -10.96
N TYR D 704 -11.71 -27.28 -9.88
CA TYR D 704 -10.28 -27.03 -9.99
C TYR D 704 -9.58 -28.04 -10.89
N ILE D 705 -9.77 -29.32 -10.59
CA ILE D 705 -9.13 -30.36 -11.40
C ILE D 705 -9.64 -30.31 -12.84
N GLU D 706 -10.88 -29.85 -12.99
CA GLU D 706 -11.47 -29.61 -14.30
C GLU D 706 -10.65 -28.58 -15.06
N GLN D 707 -10.20 -27.53 -14.36
CA GLN D 707 -9.50 -26.43 -15.01
C GLN D 707 -8.01 -26.66 -15.29
N ARG D 708 -7.44 -27.72 -14.72
CA ARG D 708 -5.99 -27.94 -14.80
C ARG D 708 -5.63 -29.07 -15.77
N LYS D 709 -4.46 -28.96 -16.38
CA LYS D 709 -3.95 -29.93 -17.36
C LYS D 709 -4.04 -31.36 -16.84
N PRO D 710 -4.37 -32.32 -17.72
CA PRO D 710 -4.74 -32.23 -19.15
C PRO D 710 -6.12 -31.60 -19.36
N CYS D 711 -6.90 -31.47 -18.28
CA CYS D 711 -8.31 -31.08 -18.35
C CYS D 711 -9.10 -32.02 -19.25
N ASP D 712 -8.93 -33.32 -18.97
CA ASP D 712 -9.67 -34.39 -19.65
C ASP D 712 -10.85 -34.87 -18.80
N THR D 713 -11.04 -34.22 -17.66
CA THR D 713 -12.10 -34.59 -16.72
C THR D 713 -13.07 -33.44 -16.47
N MET D 714 -14.36 -33.75 -16.49
CA MET D 714 -15.39 -32.73 -16.35
C MET D 714 -16.33 -32.98 -15.18
N LYS D 715 -16.94 -31.89 -14.73
CA LYS D 715 -17.97 -31.94 -13.69
C LYS D 715 -19.34 -32.05 -14.33
N VAL D 716 -20.04 -33.16 -14.08
CA VAL D 716 -21.34 -33.40 -14.69
C VAL D 716 -22.49 -33.45 -13.67
N GLY D 717 -23.64 -32.92 -14.07
CA GLY D 717 -24.81 -32.87 -13.21
C GLY D 717 -24.70 -31.74 -12.20
N GLY D 718 -25.79 -31.47 -11.49
CA GLY D 718 -25.81 -30.43 -10.47
C GLY D 718 -25.35 -30.95 -9.12
N ASN D 719 -25.29 -30.09 -8.12
CA ASN D 719 -24.88 -30.52 -6.79
C ASN D 719 -25.90 -31.47 -6.16
N LEU D 720 -25.38 -32.51 -5.50
CA LEU D 720 -26.21 -33.52 -4.84
C LEU D 720 -26.72 -32.98 -3.51
N ASP D 721 -25.95 -32.08 -2.91
CA ASP D 721 -26.32 -31.45 -1.65
C ASP D 721 -25.71 -30.07 -1.59
N SER D 722 -25.86 -29.38 -0.46
CA SER D 722 -25.23 -28.08 -0.30
C SER D 722 -24.58 -27.90 1.05
N LYS D 723 -23.26 -27.71 1.04
CA LYS D 723 -22.49 -27.45 2.23
C LYS D 723 -21.76 -26.13 2.02
N GLY D 724 -20.93 -25.73 2.98
CA GLY D 724 -20.09 -24.58 2.76
C GLY D 724 -18.82 -24.60 3.61
N TYR D 725 -17.78 -23.98 3.10
CA TYR D 725 -16.55 -23.79 3.87
C TYR D 725 -16.71 -22.55 4.72
N GLY D 726 -16.10 -22.54 5.89
CA GLY D 726 -16.10 -21.33 6.69
C GLY D 726 -14.86 -21.21 7.53
N ILE D 727 -14.53 -19.98 7.94
CA ILE D 727 -13.40 -19.75 8.80
C ILE D 727 -13.78 -20.22 10.20
N ALA D 728 -12.95 -21.09 10.77
CA ALA D 728 -13.23 -21.64 12.08
C ALA D 728 -12.42 -20.94 13.18
N THR D 729 -13.09 -20.70 14.31
CA THR D 729 -12.48 -20.09 15.48
C THR D 729 -12.78 -20.96 16.70
N PRO D 730 -11.91 -20.89 17.72
CA PRO D 730 -12.20 -21.65 18.94
C PRO D 730 -13.42 -21.09 19.65
N LYS D 731 -14.19 -21.95 20.30
CA LYS D 731 -15.46 -21.53 20.89
C LYS D 731 -15.30 -20.49 21.99
N GLY D 732 -16.01 -19.37 21.86
CA GLY D 732 -16.01 -18.33 22.87
C GLY D 732 -14.86 -17.36 22.70
N SER D 733 -14.08 -17.54 21.65
CA SER D 733 -12.94 -16.67 21.36
C SER D 733 -13.40 -15.28 20.92
N SER D 734 -12.48 -14.32 21.02
CA SER D 734 -12.78 -12.93 20.68
C SER D 734 -12.85 -12.68 19.18
N LEU D 735 -12.13 -13.49 18.40
CA LEU D 735 -11.98 -13.22 16.96
C LEU D 735 -13.19 -13.62 16.12
N GLY D 736 -14.01 -14.51 16.64
CA GLY D 736 -15.07 -15.14 15.86
C GLY D 736 -16.05 -14.20 15.18
N THR D 737 -16.68 -13.34 15.96
CA THR D 737 -17.66 -12.40 15.41
C THR D 737 -17.07 -11.33 14.47
N PRO D 738 -15.92 -10.72 14.85
CA PRO D 738 -15.40 -9.75 13.87
C PRO D 738 -14.93 -10.40 12.57
N VAL D 739 -14.30 -11.58 12.63
CA VAL D 739 -13.90 -12.21 11.37
C VAL D 739 -15.13 -12.63 10.59
N ASN D 740 -16.20 -12.97 11.31
CA ASN D 740 -17.47 -13.26 10.66
C ASN D 740 -17.96 -12.05 9.85
N LEU D 741 -18.02 -10.89 10.50
CA LEU D 741 -18.43 -9.67 9.80
C LEU D 741 -17.51 -9.32 8.63
N ALA D 742 -16.21 -9.58 8.81
CA ALA D 742 -15.24 -9.39 7.75
C ALA D 742 -15.62 -10.23 6.54
N VAL D 743 -15.92 -11.51 6.78
CA VAL D 743 -16.36 -12.41 5.72
C VAL D 743 -17.62 -11.88 5.04
N LEU D 744 -18.54 -11.34 5.83
CA LEU D 744 -19.73 -10.71 5.27
C LEU D 744 -19.37 -9.62 4.26
N LYS D 745 -18.59 -8.65 4.73
CA LYS D 745 -18.15 -7.54 3.89
C LYS D 745 -17.49 -8.02 2.61
N LEU D 746 -16.57 -8.97 2.75
CA LEU D 746 -15.85 -9.51 1.60
C LEU D 746 -16.78 -10.18 0.60
N SER D 747 -17.83 -10.83 1.08
CA SER D 747 -18.80 -11.43 0.16
C SER D 747 -19.60 -10.36 -0.54
N GLU D 748 -19.98 -9.32 0.21
CA GLU D 748 -20.84 -8.27 -0.34
C GLU D 748 -20.15 -7.37 -1.38
N GLN D 749 -18.90 -7.00 -1.13
CA GLN D 749 -18.21 -6.08 -2.03
C GLN D 749 -17.48 -6.81 -3.14
N GLY D 750 -17.63 -8.12 -3.19
CA GLY D 750 -17.17 -8.91 -4.32
C GLY D 750 -15.73 -9.40 -4.25
N VAL D 751 -15.11 -9.29 -3.09
CA VAL D 751 -13.73 -9.72 -2.91
C VAL D 751 -13.60 -11.23 -3.04
N LEU D 752 -14.51 -11.96 -2.38
CA LEU D 752 -14.49 -13.42 -2.41
C LEU D 752 -14.69 -13.95 -3.81
N ASP D 753 -15.60 -13.32 -4.55
CA ASP D 753 -15.93 -13.73 -5.90
C ASP D 753 -14.77 -13.48 -6.85
N LYS D 754 -14.18 -12.29 -6.74
CA LYS D 754 -13.05 -11.92 -7.58
C LYS D 754 -11.87 -12.85 -7.32
N LEU D 755 -11.60 -13.10 -6.04
CA LEU D 755 -10.52 -13.99 -5.62
C LEU D 755 -10.75 -15.39 -6.18
N LYS D 756 -12.00 -15.85 -6.08
CA LYS D 756 -12.42 -17.13 -6.65
C LYS D 756 -12.09 -17.20 -8.12
N ASN D 757 -12.56 -16.21 -8.88
CA ASN D 757 -12.27 -16.14 -10.31
C ASN D 757 -10.78 -16.09 -10.60
N LYS D 758 -10.00 -15.53 -9.67
CA LYS D 758 -8.56 -15.44 -9.84
C LYS D 758 -7.90 -16.80 -9.72
N TRP D 759 -8.22 -17.53 -8.65
CA TRP D 759 -7.52 -18.79 -8.36
C TRP D 759 -8.01 -20.01 -9.12
N TRP D 760 -9.25 -19.98 -9.62
CA TRP D 760 -9.80 -21.14 -10.30
C TRP D 760 -9.63 -21.08 -11.81
N TYR D 761 -10.40 -20.20 -12.45
CA TYR D 761 -10.44 -20.14 -13.90
C TYR D 761 -9.31 -19.31 -14.52
N ASP D 762 -8.92 -18.23 -13.86
CA ASP D 762 -7.93 -17.31 -14.41
C ASP D 762 -6.52 -17.89 -14.38
N LYS D 763 -6.22 -18.66 -13.34
CA LYS D 763 -4.94 -19.36 -13.27
C LYS D 763 -5.05 -20.69 -14.01
N GLY D 764 -6.21 -20.93 -14.61
CA GLY D 764 -6.51 -22.16 -15.32
C GLY D 764 -5.52 -22.57 -16.39
N GLU D 765 -5.28 -23.88 -16.46
CA GLU D 765 -4.36 -24.47 -17.43
C GLU D 765 -4.97 -24.68 -18.82
N CYS D 766 -6.28 -24.86 -18.89
CA CYS D 766 -6.90 -25.13 -20.20
C CYS D 766 -8.20 -24.39 -20.50
N GLY D 767 -8.16 -23.55 -21.53
CA GLY D 767 -9.35 -22.99 -22.16
C GLY D 767 -10.38 -22.30 -21.29
N ALA D 768 -11.63 -22.41 -21.70
CA ALA D 768 -12.75 -21.85 -20.96
C ALA D 768 -14.07 -22.52 -21.35
N THR D 777 -14.41 -28.00 -34.84
CA THR D 777 -15.52 -27.37 -35.54
C THR D 777 -15.51 -27.71 -37.03
N SER D 778 -14.83 -28.79 -37.39
CA SER D 778 -14.64 -29.12 -38.80
C SER D 778 -14.44 -30.61 -39.09
N ALA D 779 -14.07 -30.89 -40.34
CA ALA D 779 -13.90 -32.25 -40.87
C ALA D 779 -15.14 -33.14 -40.73
N LEU D 780 -14.93 -34.40 -40.44
CA LEU D 780 -16.02 -35.37 -40.32
C LEU D 780 -15.66 -36.53 -39.40
N SER D 781 -16.67 -37.08 -38.73
CA SER D 781 -16.47 -38.24 -37.86
C SER D 781 -16.82 -39.53 -38.61
N LEU D 782 -15.82 -40.39 -38.80
CA LEU D 782 -16.02 -41.65 -39.52
C LEU D 782 -16.86 -42.59 -38.68
N SER D 783 -16.70 -42.51 -37.35
CA SER D 783 -17.28 -43.49 -36.45
C SER D 783 -18.74 -43.26 -36.08
N ASN D 784 -19.22 -42.03 -36.22
CA ASN D 784 -20.60 -41.70 -35.90
C ASN D 784 -21.60 -42.40 -36.83
N VAL D 785 -21.18 -42.60 -38.08
CA VAL D 785 -22.02 -43.19 -39.11
C VAL D 785 -21.86 -44.70 -39.21
N ALA D 786 -20.89 -45.25 -38.47
CA ALA D 786 -20.53 -46.66 -38.55
C ALA D 786 -21.70 -47.61 -38.22
N GLY D 787 -22.52 -47.22 -37.25
CA GLY D 787 -23.66 -48.03 -36.87
C GLY D 787 -24.63 -48.23 -38.03
N VAL D 788 -24.72 -47.21 -38.87
CA VAL D 788 -25.57 -47.24 -40.05
C VAL D 788 -25.05 -48.25 -41.05
N PHE D 789 -23.73 -48.41 -41.08
CA PHE D 789 -23.08 -49.42 -41.90
C PHE D 789 -23.43 -50.79 -41.35
N TYR D 790 -23.47 -50.88 -40.02
CA TYR D 790 -23.85 -52.13 -39.36
C TYR D 790 -25.27 -52.58 -39.70
N ILE D 791 -26.20 -51.62 -39.78
CA ILE D 791 -27.58 -51.95 -40.18
C ILE D 791 -27.67 -52.19 -41.68
N LEU D 792 -26.71 -51.65 -42.44
CA LEU D 792 -26.59 -51.93 -43.86
C LEU D 792 -26.23 -53.38 -44.13
N VAL D 793 -25.13 -53.81 -43.51
CA VAL D 793 -24.64 -55.17 -43.69
C VAL D 793 -25.60 -56.15 -43.04
N GLY D 794 -26.25 -55.71 -41.96
CA GLY D 794 -27.30 -56.50 -41.34
C GLY D 794 -28.45 -56.68 -42.30
N GLY D 795 -28.77 -55.63 -43.04
CA GLY D 795 -29.80 -55.68 -44.06
C GLY D 795 -29.41 -56.63 -45.17
N LEU D 796 -28.10 -56.70 -45.46
CA LEU D 796 -27.58 -57.62 -46.46
C LEU D 796 -27.69 -59.05 -45.97
N GLY D 797 -27.50 -59.25 -44.67
CA GLY D 797 -27.63 -60.57 -44.07
C GLY D 797 -29.08 -61.02 -44.12
N LEU D 798 -29.98 -60.09 -43.86
CA LEU D 798 -31.41 -60.36 -43.95
C LEU D 798 -31.78 -60.64 -45.41
N ALA D 799 -31.05 -60.01 -46.33
CA ALA D 799 -31.26 -60.23 -47.76
C ALA D 799 -30.88 -61.64 -48.16
N MET D 800 -29.71 -62.08 -47.70
CA MET D 800 -29.24 -63.44 -47.97
C MET D 800 -30.21 -64.45 -47.38
N LEU D 801 -30.57 -64.23 -46.11
CA LEU D 801 -31.48 -65.10 -45.39
C LEU D 801 -32.81 -65.25 -46.12
N VAL D 802 -33.46 -64.12 -46.40
CA VAL D 802 -34.75 -64.10 -47.10
C VAL D 802 -34.67 -64.69 -48.50
N ALA D 803 -33.55 -64.46 -49.19
CA ALA D 803 -33.34 -65.08 -50.50
C ALA D 803 -33.32 -66.60 -50.39
N LEU D 804 -32.59 -67.10 -49.39
CA LEU D 804 -32.49 -68.54 -49.17
C LEU D 804 -33.84 -69.16 -48.81
N ILE D 805 -34.60 -68.48 -47.95
CA ILE D 805 -35.93 -68.98 -47.61
C ILE D 805 -36.88 -68.91 -48.82
N GLU D 806 -36.64 -67.96 -49.71
CA GLU D 806 -37.37 -67.88 -50.97
C GLU D 806 -37.06 -69.11 -51.82
N PHE D 807 -35.80 -69.50 -51.85
CA PHE D 807 -35.40 -70.70 -52.58
C PHE D 807 -36.00 -71.95 -51.92
N ALA D 808 -36.21 -71.87 -50.61
CA ALA D 808 -36.75 -72.99 -49.83
C ALA D 808 -38.25 -73.20 -50.04
N TYR D 809 -38.98 -72.10 -50.23
CA TYR D 809 -40.43 -72.19 -50.44
C TYR D 809 -40.78 -72.93 -51.72
N KAI E . -35.30 -10.97 0.82
CD KAI E . -36.67 -11.43 0.65
CD1 KAI E . -38.78 -11.56 -1.14
CD2 KAI E . -39.65 -9.32 -0.72
CA KAI E . -35.12 -9.57 0.48
CB KAI E . -36.39 -9.20 -0.27
CB1 KAI E . -36.25 -9.47 -1.76
CG KAI E . -37.43 -10.14 0.34
CG1 KAI E . -35.16 -8.68 -2.45
CG2 KAI E . -38.62 -10.39 -0.53
C KAI E . -34.99 -8.73 1.72
O KAI E . -35.90 -7.91 2.00
OD1 KAI E . -34.76 -7.61 -1.96
OD2 KAI E . -34.70 -9.15 -3.52
OXT KAI E . -33.98 -8.89 2.44
C1 NAG F . -0.08 -20.59 49.64
C2 NAG F . 0.11 -21.88 48.85
C3 NAG F . 1.58 -21.99 48.44
C4 NAG F . 2.02 -20.75 47.70
C5 NAG F . 1.68 -19.52 48.53
C6 NAG F . 1.96 -18.18 47.87
C7 NAG F . -1.02 -24.02 49.13
C8 NAG F . -1.33 -23.90 47.66
N2 NAG F . -0.32 -23.01 49.64
O3 NAG F . 1.88 -23.14 47.66
O4 NAG F . 3.42 -20.77 47.42
O5 NAG F . 0.28 -19.51 48.90
O6 NAG F . 1.60 -17.11 48.73
O7 NAG F . -1.49 -24.93 49.80
O3 FWF G . -24.80 -23.73 6.54
S2 FWF G . -25.09 -24.65 5.48
O4 FWF G . -23.99 -24.61 4.56
C20 FWF G . -25.27 -26.18 6.12
N1 FWF G . -26.48 -24.23 4.78
C15 FWF G . -27.18 -25.11 3.85
C14 FWF G . -27.81 -24.30 2.71
C16 FWF G . -28.27 -25.18 1.56
C1 FWF G . -26.80 -23.33 2.25
C6 FWF G . -25.63 -23.73 1.61
C5 FWF G . -24.69 -22.78 1.21
C4 FWF G . -24.94 -21.43 1.47
C3 FWF G . -26.09 -21.05 2.14
C2 FWF G . -27.02 -21.99 2.54
C10 FWF G . -23.97 -20.37 1.10
C9 FWF G . -22.63 -20.59 1.42
C8 FWF G . -21.68 -19.62 1.15
C11 FWF G . -24.37 -19.17 0.56
C12 FWF G . -23.42 -18.20 0.27
C7 FWF G . -22.08 -18.44 0.57
C13 FWF G . -21.07 -17.39 0.30
C17 FWF G . -20.99 -17.07 -1.19
C18 FWF G . -21.49 -16.17 1.13
N2 FWF G . -21.85 -16.60 2.46
S1 FWF G . -23.14 -15.97 3.19
O1 FWF G . -24.32 -16.20 2.41
O2 FWF G . -23.30 -16.57 4.50
C19 FWF G . -22.90 -14.34 3.37
C21 FWF G . -24.05 -13.73 4.15
C22 FWF G . -21.56 -14.13 4.06
C23 FWF G . -23.92 -26.70 6.60
C24 FWF G . -26.25 -26.12 7.29
N KAI H . -10.40 16.59 -32.22
CD KAI H . -11.56 17.19 -31.58
CD1 KAI H . -14.20 17.86 -31.79
CD2 KAI H . -13.96 19.77 -33.29
CA KAI H . -10.14 17.13 -33.54
CB KAI H . -11.42 17.87 -33.89
CB1 KAI H . -12.38 16.90 -34.55
CG KAI H . -11.92 18.33 -32.53
CG1 KAI H . -12.40 17.10 -36.04
CG2 KAI H . -13.40 18.61 -32.51
C KAI H . -8.99 18.09 -33.55
O KAI H . -8.66 18.62 -34.63
OD1 KAI H . -11.75 18.06 -36.53
OD2 KAI H . -13.07 16.31 -36.74
OXT KAI H . -8.42 18.34 -32.46
C1 NAG I . -16.22 37.44 36.15
C2 NAG I . -16.24 38.35 37.36
C3 NAG I . -16.26 39.79 36.90
C4 NAG I . -15.09 40.06 35.98
C5 NAG I . -15.04 39.05 34.84
C6 NAG I . -13.83 39.20 33.97
C7 NAG I . -17.29 37.83 39.51
C8 NAG I . -15.89 37.90 40.12
N2 NAG I . -17.38 38.07 38.21
O3 NAG I . -16.24 40.62 38.06
O4 NAG I . -15.20 41.37 35.41
O5 NAG I . -15.03 37.71 35.36
O6 NAG I . -13.82 38.29 32.87
O7 NAG I . -18.29 37.61 40.21
N KAI J . 12.19 -3.28 -31.91
CD KAI J . 12.97 -4.10 -32.80
CD1 KAI J . 13.58 -6.68 -33.63
CD2 KAI J . 14.91 -7.31 -31.68
CA KAI J . 12.25 -3.71 -30.53
CB KAI J . 12.77 -5.13 -30.64
CB1 KAI J . 11.61 -6.06 -30.96
CG KAI J . 13.70 -5.02 -31.83
CG1 KAI J . 11.23 -6.89 -29.77
CG2 KAI J . 14.04 -6.35 -32.43
C KAI J . 13.23 -2.88 -29.75
O KAI J . 13.89 -2.02 -30.36
OD1 KAI J . 11.67 -6.57 -28.63
OD2 KAI J . 10.50 -7.89 -29.94
OXT KAI J . 13.34 -3.08 -28.52
C1 NAG K . 25.34 44.10 -7.24
C2 NAG K . 24.40 43.44 -8.24
C3 NAG K . 23.12 43.02 -7.54
C4 NAG K . 23.46 42.07 -6.39
C5 NAG K . 24.43 42.76 -5.43
C6 NAG K . 24.88 41.84 -4.32
C7 NAG K . 24.43 44.10 -10.61
C8 NAG K . 25.18 42.83 -10.84
N2 NAG K . 24.10 44.36 -9.34
O3 NAG K . 22.30 42.35 -8.49
O4 NAG K . 22.26 41.74 -5.72
O5 NAG K . 25.61 43.18 -6.14
O6 NAG K . 23.82 41.54 -3.44
O7 NAG K . 24.15 44.87 -11.52
O3 FWF L . 3.54 7.17 -28.08
S2 FWF L . 2.88 5.93 -27.78
O4 FWF L . 3.15 4.99 -28.83
C20 FWF L . 3.45 5.37 -26.33
N1 FWF L . 1.31 6.18 -27.65
C15 FWF L . 0.41 5.08 -27.28
C14 FWF L . -0.88 5.24 -28.08
C16 FWF L . -1.77 4.01 -28.02
C1 FWF L . -0.46 5.53 -29.47
C6 FWF L . 0.34 4.63 -30.18
C5 FWF L . 0.75 4.93 -31.47
C4 FWF L . 0.33 6.12 -32.06
C3 FWF L . -0.44 7.02 -31.34
C2 FWF L . -0.84 6.72 -30.04
C10 FWF L . 0.76 6.51 -33.42
C9 FWF L . 2.09 6.35 -33.77
C8 FWF L . 2.54 6.73 -35.02
C11 FWF L . -0.13 7.08 -34.33
C12 FWF L . 0.33 7.47 -35.59
C7 FWF L . 1.66 7.28 -35.94
C13 FWF L . 2.18 7.70 -37.25
C17 FWF L . 1.40 7.07 -38.40
C18 FWF L . 2.11 9.23 -37.28
N2 FWF L . 2.61 9.75 -36.01
S1 FWF L . 1.89 10.98 -35.26
O1 FWF L . 0.50 10.69 -35.01
O2 FWF L . 2.55 11.23 -34.01
C19 FWF L . 2.01 12.32 -36.23
C21 FWF L . 1.12 13.44 -35.69
C22 FWF L . 3.47 12.75 -36.28
C23 FWF L . 4.92 4.99 -26.45
C24 FWF L . 3.26 6.47 -25.30
N KAI M . -13.18 -30.48 3.00
CD KAI M . -11.92 -30.60 2.30
CD1 KAI M . -10.65 -31.94 0.24
CD2 KAI M . -10.08 -33.95 1.51
CA KAI M . -13.72 -31.74 3.47
CB KAI M . -12.85 -32.79 2.80
CB1 KAI M . -13.52 -33.28 1.51
CG KAI M . -11.54 -32.06 2.53
CG1 KAI M . -14.61 -34.29 1.79
CG2 KAI M . -10.77 -32.62 1.37
C KAI M . -13.58 -31.87 4.96
O KAI M . -13.28 -33.00 5.42
OD1 KAI M . -14.87 -34.60 2.97
OD2 KAI M . -15.21 -34.79 0.81
OXT KAI M . -13.75 -30.87 5.68
C1 NAG N . 51.52 -7.53 14.70
C2 NAG N . 52.40 -8.33 13.76
C3 NAG N . 52.48 -9.78 14.23
C4 NAG N . 52.90 -9.85 15.70
C5 NAG N . 51.99 -8.93 16.53
C6 NAG N . 52.43 -8.83 17.98
C7 NAG N . 52.68 -7.88 11.38
C8 NAG N . 52.02 -7.82 10.03
N2 NAG N . 51.92 -8.26 12.40
O3 NAG N . 53.38 -10.53 13.41
O4 NAG N . 52.77 -11.17 16.18
O5 NAG N . 52.01 -7.59 15.99
O6 NAG N . 51.55 -7.97 18.71
O7 NAG N . 53.87 -7.60 11.52
#